data_7NKG
#
_entry.id   7NKG
#
_cell.length_a   132.615
_cell.length_b   148.177
_cell.length_c   235.415
_cell.angle_alpha   90.000
_cell.angle_beta   90.000
_cell.angle_gamma   90.000
#
_symmetry.space_group_name_H-M   'P 21 21 21'
#
loop_
_entity.id
_entity.type
_entity.pdbx_description
1 polymer 'Methyl-coenzyme M reductase alpha subunit'
2 polymer 'Methyl-coenzyme M reductase beta subunit'
3 polymer 'Methyl-coenzyme M reductase gamma subunit'
4 non-polymer GLYCEROL
5 non-polymer 'POTASSIUM ION'
6 non-polymer '1-THIOETHANESULFONIC ACID'
7 non-polymer 'Coenzyme B'
8 non-polymer 'FACTOR 430'
9 non-polymer 'SULFATE ION'
10 water water
#
loop_
_entity_poly.entity_id
_entity_poly.type
_entity_poly.pdbx_seq_one_letter_code
_entity_poly.pdbx_strand_id
1 'polypeptide(L)'
;MTMVDREQLFKKALEIKFTQEWGENKATEVSTDITSKKAKYLRLGTAQSPRKREFEQYGKEIAAKRGLPGYDPKLHLGGI
PLGQRQITPYVVSSTDTLCDGDDLHFVNNAAMQQMWDDIRRTVIVGMDLAHETLEKRLGKEVTPETINHYLEVLNHAMPG
AAVVQEMMVETHPGLVDDCYVKVFTGDDELADEIDKRFLIDIDKQFGEEKAAQIKAAIGKTTWQAVHVPTIVVRTCDGAT
TSRWTAMQIGMSFIAAYRMCAGEAAVADLAYAAK(MHS)AALVGMGDMLPAR(AGM)ARGPNEPGGLQFGYLADIVQADR
VTDDKVKASLEVVAAGAMLYDQIWLGSYMSGGVGFTQYATAAYTNNILDDFSYYGYEYAVDKYGGPAQAPATLETVKDIA
TETAIYAIEQYEYFPTLLEDQFGGSQRAAVVAAAAGIATGLATGNSQAGLSGWYLAQYLLKEAEGRLGFF(GL3)YDLQD
QCGAANVFSYQSDEGLPLELRGPNYPNYAMNVGHQGEYAGIASSGHIGRGDAFVVNPLVKVAFADPLLNFDFTQVRKEFA
KGAVREFDRCAGERALILPAK
;
A,D,G,J
2 'polypeptide(L)'
;MSDKVDIYSDRGKLLASDVDIMDLAPTRNRAIRTIIHDTKRTAAVNLGGIEKALANGRIGKVKKIPGKEMKLDIVANAER
LAERVKELVQVNEGDDTTVEVLAGGKFLKVQVPSARLESGAEYVSSITASAAAITQAIIELFDVGIFDACMVKAAVWGDY
PQTIGLNGGNVSSILEIPQKDEGLGFTLRNIMANHIAAITQRNAMNAAALSSILEQCGEFEMGNAIGMFERHQLLGLAYQ
GLNANNIVYETVKEQGKSGTIGTVVHSIVERALEDGVISVDKVAPSGYKFYKANDVMLWNAYAAAGSLAATMVNCGAARA
AQCVSSTLLYFNDLLEKETGLPGCDYGKVQGTAVGFSFFSHSIYGGGGPGVFNGNHIVTRHSRGFAIPCVAAAVALDAGT
QMFSPEMTSAVVGTVYGSIPEFREPIKTVAASL
;
B,E,H,K
3 'polypeptide(L)'
;MAYEPQYYPGNTSVAQNRRKHMSGNVEKLREISDEDLTAILGHRAPGSDYPSTHPPLAEMGEPDCPIREIVEPTPGAAAG
DRIRYVQWTDSMYNAPATPYWRSYYAAINHRGVDPGTLSGRQIVEARERDVEVYGKMSIETEMTCPALAGLRGATVHGHS
CRLQEDGVMFDMLDRRRLEGGTIIMDKDQVGVPLDRKVDLGKPMSEEEAAKRTTIYRVDNVPFRSDSEVVEWVQRIWELR
TRYGFQPQ
;
C,F,I,L
#
loop_
_chem_comp.id
_chem_comp.type
_chem_comp.name
_chem_comp.formula
COM non-polymer '1-THIOETHANESULFONIC ACID' 'C2 H6 O3 S2'
F43 non-polymer 'FACTOR 430' 'C42 H51 N6 Ni O13 1'
GOL non-polymer GLYCEROL 'C3 H8 O3'
K non-polymer 'POTASSIUM ION' 'K 1'
SO4 non-polymer 'SULFATE ION' 'O4 S -2'
TP7 non-polymer 'Coenzyme B' 'C11 H22 N O7 P S'
#
# COMPACT_ATOMS: atom_id res chain seq x y z
N ASP A 5 37.90 -32.66 -45.72
CA ASP A 5 37.84 -31.73 -44.59
C ASP A 5 36.77 -32.16 -43.61
N ARG A 6 37.08 -32.19 -42.32
CA ARG A 6 36.12 -32.59 -41.30
C ARG A 6 35.13 -31.43 -41.08
N GLU A 7 33.84 -31.72 -41.16
CA GLU A 7 32.78 -30.74 -40.97
C GLU A 7 32.51 -30.63 -39.46
N GLN A 8 32.75 -29.45 -38.87
CA GLN A 8 32.54 -29.25 -37.44
C GLN A 8 31.07 -29.52 -37.05
N LEU A 9 30.87 -30.32 -36.00
CA LEU A 9 29.52 -30.75 -35.60
C LEU A 9 28.59 -29.66 -35.11
N PHE A 10 29.15 -28.51 -34.75
CA PHE A 10 28.36 -27.39 -34.24
C PHE A 10 27.84 -26.45 -35.34
N LYS A 11 28.34 -26.57 -36.59
CA LYS A 11 27.98 -25.62 -37.63
C LYS A 11 26.49 -25.54 -37.89
N LYS A 12 25.81 -26.69 -37.94
CA LYS A 12 24.36 -26.72 -38.15
C LYS A 12 23.63 -25.92 -37.05
N ALA A 13 24.01 -26.11 -35.78
CA ALA A 13 23.39 -25.39 -34.67
C ALA A 13 23.67 -23.90 -34.76
N LEU A 14 24.91 -23.49 -35.10
CA LEU A 14 25.21 -22.06 -35.22
C LEU A 14 24.38 -21.42 -36.34
N GLU A 15 24.20 -22.14 -37.47
CA GLU A 15 23.38 -21.62 -38.57
C GLU A 15 21.94 -21.37 -38.09
N ILE A 16 21.37 -22.33 -37.35
CA ILE A 16 20.01 -22.21 -36.86
C ILE A 16 19.87 -21.09 -35.82
N LYS A 17 20.72 -21.09 -34.77
CA LYS A 17 20.53 -20.13 -33.68
C LYS A 17 20.90 -18.70 -34.04
N PHE A 18 21.83 -18.48 -35.01
CA PHE A 18 22.22 -17.11 -35.36
C PHE A 18 21.61 -16.56 -36.66
N THR A 19 21.40 -17.39 -37.71
CA THR A 19 20.98 -16.91 -39.02
C THR A 19 19.49 -17.12 -39.36
N GLN A 20 18.76 -17.84 -38.52
CA GLN A 20 17.34 -18.07 -38.73
C GLN A 20 16.59 -17.34 -37.62
N GLU A 21 15.53 -16.61 -37.97
CA GLU A 21 14.82 -15.82 -36.98
C GLU A 21 14.28 -16.65 -35.82
N TRP A 22 14.46 -16.16 -34.61
CA TRP A 22 13.95 -16.76 -33.38
C TRP A 22 13.15 -15.66 -32.71
N GLY A 23 11.85 -15.89 -32.50
CA GLY A 23 10.97 -14.85 -31.99
C GLY A 23 10.84 -13.78 -33.07
N GLU A 24 11.18 -12.52 -32.74
CA GLU A 24 11.18 -11.43 -33.71
CA GLU A 24 11.16 -11.42 -33.70
C GLU A 24 12.54 -10.72 -33.66
N ASN A 25 13.63 -11.52 -33.61
CA ASN A 25 15.00 -10.96 -33.58
C ASN A 25 15.57 -10.57 -34.94
N LYS A 26 14.80 -10.75 -36.05
CA LYS A 26 15.26 -10.35 -37.40
C LYS A 26 16.66 -10.88 -37.74
N ALA A 27 16.95 -12.14 -37.37
CA ALA A 27 18.27 -12.76 -37.55
C ALA A 27 18.91 -12.59 -38.93
N THR A 28 18.12 -12.68 -40.01
CA THR A 28 18.68 -12.54 -41.36
C THR A 28 19.27 -11.14 -41.60
N GLU A 29 18.79 -10.11 -40.87
CA GLU A 29 19.31 -8.74 -40.96
C GLU A 29 20.56 -8.54 -40.08
N VAL A 30 20.78 -9.40 -39.07
CA VAL A 30 21.95 -9.32 -38.20
C VAL A 30 23.14 -9.85 -38.99
N SER A 31 23.04 -11.09 -39.51
CA SER A 31 24.06 -11.71 -40.35
C SER A 31 23.61 -13.08 -40.80
N THR A 32 23.87 -13.44 -42.06
CA THR A 32 23.58 -14.76 -42.61
C THR A 32 24.84 -15.65 -42.73
N ASP A 33 26.03 -15.13 -42.36
CA ASP A 33 27.30 -15.85 -42.48
C ASP A 33 27.86 -16.15 -41.08
N ILE A 34 27.90 -17.43 -40.70
CA ILE A 34 28.40 -17.82 -39.37
C ILE A 34 29.91 -17.56 -39.19
N THR A 35 30.66 -17.28 -40.28
CA THR A 35 32.09 -16.98 -40.20
C THR A 35 32.35 -15.45 -40.11
N SER A 36 31.32 -14.58 -40.32
CA SER A 36 31.52 -13.14 -40.30
C SER A 36 31.83 -12.61 -38.90
N LYS A 37 32.87 -11.79 -38.80
CA LYS A 37 33.27 -11.15 -37.54
C LYS A 37 32.36 -9.97 -37.19
N LYS A 38 31.56 -9.46 -38.15
CA LYS A 38 30.67 -8.32 -37.94
C LYS A 38 29.21 -8.72 -37.97
N ALA A 39 28.40 -7.96 -37.25
CA ALA A 39 26.96 -8.19 -37.18
C ALA A 39 26.26 -6.83 -37.08
N LYS A 40 25.03 -6.76 -37.57
CA LYS A 40 24.25 -5.52 -37.47
C LYS A 40 23.48 -5.56 -36.16
N TYR A 41 23.79 -4.64 -35.23
CA TYR A 41 23.13 -4.56 -33.92
C TYR A 41 21.85 -3.76 -34.04
N LEU A 42 20.69 -4.43 -33.92
CA LEU A 42 19.40 -3.80 -34.06
C LEU A 42 18.82 -3.24 -32.76
N ARG A 43 19.37 -3.63 -31.58
CA ARG A 43 18.91 -3.14 -30.29
C ARG A 43 17.41 -3.24 -30.10
N LEU A 44 16.86 -4.43 -30.36
CA LEU A 44 15.42 -4.65 -30.28
C LEU A 44 14.88 -4.78 -28.86
N GLY A 45 15.74 -5.14 -27.91
CA GLY A 45 15.31 -5.26 -26.52
C GLY A 45 14.24 -6.32 -26.33
N THR A 46 13.30 -6.03 -25.45
CA THR A 46 12.23 -6.99 -25.08
C THR A 46 11.34 -7.43 -26.24
N ALA A 47 11.03 -6.53 -27.17
CA ALA A 47 10.14 -6.79 -28.30
C ALA A 47 10.53 -8.02 -29.13
N GLN A 48 11.83 -8.35 -29.22
CA GLN A 48 12.25 -9.49 -30.03
C GLN A 48 11.93 -10.87 -29.41
N SER A 49 11.67 -10.91 -28.09
CA SER A 49 11.58 -12.15 -27.39
C SER A 49 10.22 -12.47 -26.80
N PRO A 50 9.48 -13.43 -27.35
CA PRO A 50 8.23 -13.88 -26.72
C PRO A 50 8.44 -14.31 -25.26
N ARG A 51 9.61 -14.94 -24.93
CA ARG A 51 9.86 -15.36 -23.55
C ARG A 51 10.02 -14.15 -22.61
N LYS A 52 10.85 -13.14 -22.98
CA LYS A 52 10.99 -11.95 -22.13
C LYS A 52 9.65 -11.19 -22.05
N ARG A 53 8.84 -11.19 -23.13
CA ARG A 53 7.53 -10.53 -23.09
C ARG A 53 6.59 -11.29 -22.15
N GLU A 54 6.68 -12.63 -22.09
CA GLU A 54 5.89 -13.42 -21.13
C GLU A 54 6.27 -12.99 -19.70
N PHE A 55 7.58 -12.89 -19.42
CA PHE A 55 8.05 -12.48 -18.10
C PHE A 55 7.59 -11.05 -17.75
N GLU A 56 7.69 -10.13 -18.71
CA GLU A 56 7.23 -8.75 -18.52
C GLU A 56 5.74 -8.72 -18.18
N GLN A 57 4.92 -9.49 -18.90
CA GLN A 57 3.48 -9.53 -18.67
C GLN A 57 3.16 -10.07 -17.28
N TYR A 58 3.79 -11.18 -16.88
CA TYR A 58 3.58 -11.71 -15.52
C TYR A 58 4.03 -10.66 -14.47
N GLY A 59 5.13 -9.96 -14.72
CA GLY A 59 5.59 -8.92 -13.81
C GLY A 59 4.55 -7.82 -13.61
N LYS A 60 3.83 -7.43 -14.67
CA LYS A 60 2.77 -6.42 -14.56
C LYS A 60 1.63 -6.95 -13.70
N GLU A 61 1.22 -8.21 -13.95
CA GLU A 61 0.11 -8.83 -13.18
C GLU A 61 0.47 -8.92 -11.70
N ILE A 62 1.70 -9.34 -11.40
CA ILE A 62 2.18 -9.50 -10.02
C ILE A 62 2.18 -8.16 -9.31
N ALA A 63 2.75 -7.12 -9.94
CA ALA A 63 2.79 -5.79 -9.34
C ALA A 63 1.37 -5.29 -9.04
N ALA A 64 0.43 -5.48 -9.99
CA ALA A 64 -0.94 -5.04 -9.81
C ALA A 64 -1.63 -5.80 -8.66
N LYS A 65 -1.46 -7.13 -8.60
CA LYS A 65 -2.14 -7.93 -7.58
C LYS A 65 -1.62 -7.67 -6.17
N ARG A 66 -0.30 -7.58 -6.00
CA ARG A 66 0.28 -7.44 -4.67
C ARG A 66 0.36 -6.00 -4.18
N GLY A 67 0.34 -5.02 -5.08
CA GLY A 67 0.61 -3.64 -4.70
C GLY A 67 2.08 -3.43 -4.36
N LEU A 68 2.95 -4.38 -4.79
CA LEU A 68 4.40 -4.34 -4.54
C LEU A 68 5.04 -4.92 -5.81
N PRO A 69 5.90 -4.16 -6.49
CA PRO A 69 6.34 -4.57 -7.83
C PRO A 69 7.34 -5.73 -7.84
N GLY A 70 7.47 -6.34 -9.00
CA GLY A 70 8.38 -7.45 -9.23
C GLY A 70 9.16 -7.22 -10.50
N TYR A 71 9.17 -8.23 -11.38
CA TYR A 71 9.88 -8.17 -12.65
C TYR A 71 9.52 -6.93 -13.49
N ASP A 72 10.54 -6.23 -13.96
CA ASP A 72 10.37 -5.06 -14.80
C ASP A 72 11.64 -4.93 -15.65
N PRO A 73 11.59 -5.26 -16.95
CA PRO A 73 12.82 -5.19 -17.76
C PRO A 73 13.53 -3.85 -17.73
N LYS A 74 12.79 -2.74 -17.50
CA LYS A 74 13.36 -1.41 -17.47
C LYS A 74 14.15 -1.10 -16.19
N LEU A 75 14.13 -1.99 -15.18
CA LEU A 75 14.98 -1.80 -14.00
C LEU A 75 16.42 -2.32 -14.21
N HIS A 76 16.75 -2.79 -15.43
CA HIS A 76 18.13 -3.12 -15.76
C HIS A 76 18.92 -1.81 -15.75
N LEU A 77 20.19 -1.87 -15.36
CA LEU A 77 21.06 -0.69 -15.24
C LEU A 77 20.94 0.26 -16.45
N GLY A 78 20.70 1.54 -16.17
CA GLY A 78 20.52 2.57 -17.18
C GLY A 78 19.14 2.60 -17.84
N GLY A 79 18.21 1.79 -17.36
CA GLY A 79 16.88 1.71 -17.97
C GLY A 79 16.88 1.04 -19.34
N ILE A 80 17.97 0.32 -19.67
CA ILE A 80 18.16 -0.34 -20.96
C ILE A 80 17.89 -1.83 -20.75
N PRO A 81 16.84 -2.40 -21.36
CA PRO A 81 16.52 -3.81 -21.07
C PRO A 81 17.42 -4.80 -21.79
N LEU A 82 17.40 -6.05 -21.32
CA LEU A 82 18.11 -7.16 -21.96
C LEU A 82 17.71 -7.27 -23.44
N GLY A 83 18.67 -7.60 -24.27
CA GLY A 83 18.42 -7.75 -25.69
C GLY A 83 18.88 -6.60 -26.55
N GLN A 84 19.89 -5.82 -26.09
CA GLN A 84 20.49 -4.82 -26.96
C GLN A 84 21.28 -5.55 -28.07
N ARG A 85 21.90 -6.69 -27.71
CA ARG A 85 22.47 -7.60 -28.68
C ARG A 85 21.34 -8.60 -29.03
N GLN A 86 21.39 -9.18 -30.23
CA GLN A 86 20.45 -10.23 -30.69
C GLN A 86 20.27 -11.34 -29.62
N ILE A 87 19.02 -11.64 -29.24
CA ILE A 87 18.72 -12.74 -28.30
C ILE A 87 18.55 -13.98 -29.16
N THR A 88 19.39 -15.00 -28.92
CA THR A 88 19.37 -16.20 -29.73
C THR A 88 18.98 -17.42 -28.92
N PRO A 89 18.46 -18.47 -29.58
CA PRO A 89 18.13 -19.70 -28.86
C PRO A 89 19.34 -20.63 -28.73
N TYR A 90 19.11 -21.80 -28.15
CA TYR A 90 20.10 -22.87 -28.00
C TYR A 90 19.53 -24.16 -28.55
N VAL A 91 20.38 -24.97 -29.18
CA VAL A 91 20.00 -26.31 -29.60
C VAL A 91 20.50 -27.19 -28.45
N VAL A 92 19.65 -28.03 -27.86
CA VAL A 92 20.12 -28.96 -26.81
C VAL A 92 20.90 -30.04 -27.58
N SER A 93 22.20 -30.21 -27.27
CA SER A 93 23.05 -31.15 -28.02
C SER A 93 22.48 -32.55 -28.16
N SER A 94 22.65 -33.11 -29.38
CA SER A 94 22.14 -34.43 -29.79
C SER A 94 20.62 -34.44 -30.05
N THR A 95 19.91 -33.30 -29.87
CA THR A 95 18.46 -33.23 -30.13
C THR A 95 18.17 -32.19 -31.24
N ASP A 96 16.93 -32.17 -31.73
CA ASP A 96 16.46 -31.13 -32.65
C ASP A 96 15.67 -30.04 -31.87
N THR A 97 15.76 -30.00 -30.51
CA THR A 97 15.03 -29.01 -29.74
C THR A 97 15.79 -27.70 -29.71
N LEU A 98 15.10 -26.63 -30.06
CA LEU A 98 15.60 -25.27 -30.06
C LEU A 98 14.78 -24.54 -28.98
N CYS A 99 15.44 -23.87 -28.05
CA CYS A 99 14.74 -23.24 -26.93
C CYS A 99 15.45 -21.98 -26.47
N ASP A 100 14.76 -21.16 -25.67
CA ASP A 100 15.39 -19.99 -25.08
C ASP A 100 16.30 -20.46 -23.95
N GLY A 101 17.35 -19.72 -23.67
CA GLY A 101 18.22 -20.04 -22.55
C GLY A 101 17.47 -20.04 -21.21
N ASP A 102 16.40 -19.22 -21.08
CA ASP A 102 15.55 -19.18 -19.87
C ASP A 102 14.84 -20.52 -19.65
N ASP A 103 14.53 -21.24 -20.74
CA ASP A 103 13.88 -22.55 -20.63
C ASP A 103 14.83 -23.62 -20.03
N LEU A 104 16.14 -23.34 -19.97
CA LEU A 104 17.12 -24.23 -19.37
C LEU A 104 17.53 -23.77 -17.96
N HIS A 105 16.91 -22.71 -17.41
CA HIS A 105 17.14 -22.32 -16.03
C HIS A 105 16.50 -23.42 -15.16
N PHE A 106 17.20 -23.90 -14.11
CA PHE A 106 16.62 -25.01 -13.31
C PHE A 106 15.23 -24.68 -12.75
N VAL A 107 14.98 -23.42 -12.36
CA VAL A 107 13.68 -23.03 -11.81
C VAL A 107 12.58 -23.23 -12.85
N ASN A 108 12.87 -22.98 -14.13
CA ASN A 108 11.88 -23.05 -15.21
C ASN A 108 11.82 -24.40 -15.93
N ASN A 109 12.57 -25.41 -15.43
CA ASN A 109 12.68 -26.68 -16.15
C ASN A 109 12.41 -27.82 -15.19
N ALA A 110 11.21 -28.42 -15.30
CA ALA A 110 10.79 -29.49 -14.40
C ALA A 110 11.62 -30.77 -14.56
N ALA A 111 12.17 -31.03 -15.77
CA ALA A 111 13.02 -32.21 -15.97
C ALA A 111 14.30 -32.09 -15.12
N MET A 112 14.87 -30.86 -15.04
CA MET A 112 16.06 -30.64 -14.25
C MET A 112 15.77 -30.81 -12.77
N GLN A 113 14.64 -30.23 -12.28
CA GLN A 113 14.28 -30.39 -10.87
C GLN A 113 14.01 -31.86 -10.55
N GLN A 114 13.33 -32.58 -11.47
CA GLN A 114 13.04 -33.98 -11.22
C GLN A 114 14.31 -34.82 -11.23
N MET A 115 15.33 -34.45 -12.03
CA MET A 115 16.59 -35.21 -12.03
C MET A 115 17.22 -35.13 -10.64
N TRP A 116 17.29 -33.92 -10.07
CA TRP A 116 17.86 -33.77 -8.74
C TRP A 116 17.00 -34.49 -7.70
N ASP A 117 15.67 -34.36 -7.76
CA ASP A 117 14.81 -35.07 -6.81
C ASP A 117 15.00 -36.58 -6.85
N ASP A 118 15.11 -37.19 -8.05
CA ASP A 118 15.32 -38.64 -8.15
C ASP A 118 16.64 -39.09 -7.51
N ILE A 119 17.67 -38.24 -7.53
CA ILE A 119 18.94 -38.56 -6.88
C ILE A 119 18.76 -38.38 -5.35
N ARG A 120 18.31 -37.19 -4.95
CA ARG A 120 18.09 -36.77 -3.57
C ARG A 120 17.23 -37.78 -2.78
N ARG A 121 16.16 -38.27 -3.41
CA ARG A 121 15.22 -39.19 -2.76
C ARG A 121 15.65 -40.66 -2.84
N THR A 122 16.91 -40.95 -3.23
CA THR A 122 17.35 -42.34 -3.35
C THR A 122 18.45 -42.71 -2.38
N VAL A 123 18.32 -43.90 -1.78
CA VAL A 123 19.38 -44.56 -1.02
C VAL A 123 19.30 -46.05 -1.38
N ILE A 124 20.38 -46.77 -1.12
CA ILE A 124 20.43 -48.21 -1.37
C ILE A 124 20.70 -48.85 -0.01
N VAL A 125 19.89 -49.85 0.37
CA VAL A 125 20.03 -50.46 1.70
C VAL A 125 20.16 -51.98 1.56
N GLY A 126 21.21 -52.54 2.14
CA GLY A 126 21.43 -53.97 2.08
C GLY A 126 20.38 -54.76 2.83
N MET A 127 20.16 -56.00 2.42
CA MET A 127 19.21 -56.90 3.08
C MET A 127 19.91 -57.99 3.89
N ASP A 128 21.16 -58.35 3.53
CA ASP A 128 21.84 -59.50 4.16
C ASP A 128 21.96 -59.39 5.69
N LEU A 129 22.37 -58.23 6.19
CA LEU A 129 22.56 -58.05 7.64
C LEU A 129 21.20 -58.08 8.37
N ALA A 130 20.15 -57.52 7.74
CA ALA A 130 18.79 -57.59 8.30
C ALA A 130 18.33 -59.05 8.37
N HIS A 131 18.54 -59.82 7.29
CA HIS A 131 18.15 -61.23 7.28
C HIS A 131 18.95 -62.02 8.32
N GLU A 132 20.23 -61.72 8.46
CA GLU A 132 21.07 -62.39 9.44
C GLU A 132 20.58 -62.08 10.87
N THR A 133 20.10 -60.85 11.11
CA THR A 133 19.55 -60.43 12.40
C THR A 133 18.34 -61.29 12.73
N LEU A 134 17.43 -61.47 11.74
CA LEU A 134 16.23 -62.27 11.95
C LEU A 134 16.59 -63.72 12.29
N GLU A 135 17.60 -64.26 11.63
CA GLU A 135 18.03 -65.64 11.86
C GLU A 135 18.67 -65.78 13.25
N LYS A 136 19.62 -64.91 13.57
CA LYS A 136 20.36 -64.99 14.83
C LYS A 136 19.47 -64.72 16.04
N ARG A 137 18.76 -63.58 16.04
CA ARG A 137 18.01 -63.17 17.22
C ARG A 137 16.66 -63.86 17.37
N LEU A 138 15.93 -64.08 16.26
CA LEU A 138 14.60 -64.69 16.35
C LEU A 138 14.52 -66.13 15.87
N GLY A 139 15.56 -66.62 15.20
CA GLY A 139 15.51 -67.95 14.62
C GLY A 139 14.50 -68.02 13.48
N LYS A 140 14.31 -66.91 12.75
CA LYS A 140 13.35 -66.88 11.64
C LYS A 140 13.99 -67.36 10.36
N GLU A 141 13.22 -68.03 9.51
CA GLU A 141 13.73 -68.49 8.22
C GLU A 141 13.44 -67.41 7.19
N VAL A 142 14.41 -67.09 6.34
CA VAL A 142 14.22 -66.12 5.26
C VAL A 142 14.25 -66.94 3.98
N THR A 143 13.21 -66.78 3.16
CA THR A 143 13.11 -67.50 1.87
C THR A 143 12.68 -66.52 0.79
N PRO A 144 12.73 -66.90 -0.51
CA PRO A 144 12.19 -66.00 -1.54
C PRO A 144 10.71 -65.65 -1.28
N GLU A 145 9.91 -66.60 -0.74
CA GLU A 145 8.51 -66.36 -0.41
CA GLU A 145 8.51 -66.37 -0.40
C GLU A 145 8.38 -65.24 0.66
N THR A 146 9.18 -65.31 1.75
CA THR A 146 9.11 -64.27 2.79
C THR A 146 9.63 -62.92 2.22
N ILE A 147 10.69 -62.95 1.39
CA ILE A 147 11.21 -61.73 0.78
C ILE A 147 10.15 -61.09 -0.12
N ASN A 148 9.50 -61.88 -1.00
CA ASN A 148 8.48 -61.34 -1.90
C ASN A 148 7.30 -60.75 -1.12
N HIS A 149 6.87 -61.39 -0.02
CA HIS A 149 5.79 -60.83 0.81
C HIS A 149 6.26 -59.51 1.43
N TYR A 150 7.49 -59.50 1.95
CA TYR A 150 8.09 -58.30 2.51
C TYR A 150 8.11 -57.14 1.47
N LEU A 151 8.47 -57.42 0.22
CA LEU A 151 8.51 -56.39 -0.81
C LEU A 151 7.11 -55.81 -1.15
N GLU A 152 6.06 -56.63 -1.08
CA GLU A 152 4.69 -56.14 -1.31
C GLU A 152 4.31 -55.18 -0.18
N VAL A 153 4.59 -55.62 1.07
CA VAL A 153 4.34 -54.81 2.26
C VAL A 153 5.12 -53.50 2.17
N LEU A 154 6.40 -53.59 1.82
CA LEU A 154 7.28 -52.44 1.75
C LEU A 154 6.81 -51.40 0.75
N ASN A 155 6.34 -51.84 -0.41
CA ASN A 155 5.87 -50.89 -1.42
C ASN A 155 4.53 -50.23 -1.04
N HIS A 156 3.76 -50.85 -0.13
CA HIS A 156 2.55 -50.22 0.43
C HIS A 156 2.99 -49.21 1.52
N ALA A 157 3.92 -49.62 2.40
CA ALA A 157 4.33 -48.80 3.54
C ALA A 157 5.25 -47.61 3.20
N MET A 158 6.25 -47.83 2.30
CA MET A 158 7.27 -46.82 1.98
C MET A 158 6.69 -45.41 1.67
N PRO A 159 5.63 -45.29 0.85
CA PRO A 159 5.08 -43.96 0.58
C PRO A 159 4.40 -43.25 1.76
N GLY A 160 4.17 -43.97 2.86
CA GLY A 160 3.56 -43.41 4.07
C GLY A 160 2.21 -44.04 4.41
N ALA A 161 2.13 -45.38 4.38
CA ALA A 161 0.89 -46.11 4.73
C ALA A 161 1.15 -47.11 5.85
N ALA A 162 0.12 -47.38 6.65
CA ALA A 162 0.24 -48.18 7.86
C ALA A 162 0.14 -49.70 7.65
N VAL A 163 0.87 -50.45 8.49
CA VAL A 163 0.85 -51.90 8.47
C VAL A 163 0.67 -52.55 9.83
N VAL A 164 0.86 -51.84 10.97
CA VAL A 164 0.73 -52.48 12.28
C VAL A 164 -0.38 -51.86 13.14
N GLN A 165 -0.34 -50.54 13.34
CA GLN A 165 -1.23 -49.89 14.29
C GLN A 165 -2.64 -49.66 13.78
N GLU A 166 -3.60 -49.51 14.70
CA GLU A 166 -4.96 -49.15 14.34
C GLU A 166 -5.07 -47.62 14.42
N MET A 167 -5.98 -47.06 13.61
CA MET A 167 -6.29 -45.63 13.56
C MET A 167 -5.14 -44.76 13.11
N MET A 168 -4.39 -45.23 12.14
CA MET A 168 -3.32 -44.45 11.52
C MET A 168 -3.90 -43.61 10.40
N VAL A 169 -3.30 -42.46 10.19
CA VAL A 169 -3.65 -41.54 9.11
C VAL A 169 -2.45 -41.59 8.16
N GLU A 170 -2.71 -41.55 6.86
CA GLU A 170 -1.70 -41.88 5.87
C GLU A 170 -1.56 -40.87 4.77
N THR A 171 -0.45 -40.96 4.03
CA THR A 171 -0.23 -40.07 2.90
C THR A 171 -1.18 -40.45 1.77
N HIS A 172 -1.60 -39.46 0.99
CA HIS A 172 -2.49 -39.68 -0.16
C HIS A 172 -1.62 -40.38 -1.23
N PRO A 173 -1.91 -41.64 -1.60
CA PRO A 173 -1.09 -42.33 -2.63
C PRO A 173 -0.90 -41.51 -3.91
N GLY A 174 -1.92 -40.73 -4.31
CA GLY A 174 -1.84 -39.88 -5.50
C GLY A 174 -0.76 -38.81 -5.42
N LEU A 175 -0.32 -38.45 -4.21
CA LEU A 175 0.77 -37.47 -4.03
C LEU A 175 2.15 -38.13 -3.95
N VAL A 176 2.22 -39.47 -3.79
CA VAL A 176 3.47 -40.18 -3.56
C VAL A 176 3.58 -41.39 -4.49
N ASP A 177 3.00 -41.32 -5.70
CA ASP A 177 3.05 -42.46 -6.63
C ASP A 177 4.42 -42.65 -7.32
N ASP A 178 5.34 -41.72 -7.11
CA ASP A 178 6.72 -41.82 -7.58
C ASP A 178 7.59 -42.66 -6.57
N CYS A 179 7.03 -42.98 -5.38
CA CYS A 179 7.75 -43.71 -4.35
C CYS A 179 7.61 -45.21 -4.51
N TYR A 180 8.74 -45.92 -4.53
CA TYR A 180 8.71 -47.39 -4.61
C TYR A 180 10.11 -47.93 -4.24
N VAL A 181 10.19 -49.26 -4.09
CA VAL A 181 11.41 -49.97 -3.80
C VAL A 181 11.55 -51.13 -4.75
N LYS A 182 12.70 -51.25 -5.36
CA LYS A 182 13.05 -52.43 -6.16
C LYS A 182 14.26 -53.09 -5.49
N VAL A 183 14.55 -54.33 -5.88
CA VAL A 183 15.69 -55.07 -5.34
C VAL A 183 16.56 -55.61 -6.45
N PHE A 184 17.83 -55.83 -6.12
CA PHE A 184 18.75 -56.49 -7.01
C PHE A 184 19.68 -57.34 -6.16
N THR A 185 20.28 -58.35 -6.79
CA THR A 185 21.14 -59.27 -6.07
C THR A 185 22.17 -59.90 -6.98
N GLY A 186 23.33 -60.13 -6.42
CA GLY A 186 24.39 -60.86 -7.11
C GLY A 186 24.21 -62.38 -6.98
N ASP A 187 23.18 -62.84 -6.24
CA ASP A 187 22.85 -64.25 -6.07
C ASP A 187 21.85 -64.60 -7.17
N ASP A 188 22.33 -65.22 -8.27
CA ASP A 188 21.46 -65.59 -9.39
C ASP A 188 20.34 -66.54 -9.00
N GLU A 189 20.59 -67.46 -8.05
CA GLU A 189 19.53 -68.39 -7.61
C GLU A 189 18.40 -67.60 -6.95
N LEU A 190 18.75 -66.59 -6.13
CA LEU A 190 17.72 -65.77 -5.47
C LEU A 190 17.04 -64.89 -6.52
N ALA A 191 17.80 -64.26 -7.43
CA ALA A 191 17.21 -63.43 -8.50
C ALA A 191 16.10 -64.15 -9.29
N ASP A 192 16.30 -65.43 -9.64
CA ASP A 192 15.31 -66.19 -10.39
C ASP A 192 14.02 -66.46 -9.60
N GLU A 193 14.01 -66.25 -8.26
CA GLU A 193 12.83 -66.49 -7.44
C GLU A 193 12.18 -65.18 -6.95
N ILE A 194 12.82 -64.02 -7.16
CA ILE A 194 12.22 -62.74 -6.75
C ILE A 194 11.06 -62.43 -7.70
N ASP A 195 9.96 -61.90 -7.14
CA ASP A 195 8.77 -61.48 -7.91
C ASP A 195 9.23 -60.40 -8.89
N LYS A 196 9.07 -60.69 -10.19
CA LYS A 196 9.59 -59.82 -11.27
C LYS A 196 9.15 -58.37 -11.20
N ARG A 197 8.01 -58.08 -10.56
CA ARG A 197 7.55 -56.69 -10.43
C ARG A 197 8.57 -55.81 -9.69
N PHE A 198 9.34 -56.40 -8.75
CA PHE A 198 10.29 -55.64 -7.93
C PHE A 198 11.74 -55.81 -8.33
N LEU A 199 12.06 -56.68 -9.28
CA LEU A 199 13.47 -56.96 -9.58
C LEU A 199 14.11 -56.04 -10.60
N ILE A 200 15.36 -55.62 -10.36
CA ILE A 200 16.17 -54.97 -11.39
C ILE A 200 17.03 -56.14 -11.83
N ASP A 201 16.77 -56.66 -13.03
CA ASP A 201 17.48 -57.83 -13.57
C ASP A 201 18.80 -57.37 -14.18
N ILE A 202 19.92 -57.69 -13.53
CA ILE A 202 21.25 -57.26 -13.98
C ILE A 202 21.56 -57.82 -15.39
N ASP A 203 21.16 -59.05 -15.67
CA ASP A 203 21.44 -59.67 -16.98
C ASP A 203 20.67 -58.96 -18.10
N LYS A 204 19.43 -58.52 -17.85
CA LYS A 204 18.64 -57.82 -18.86
C LYS A 204 19.10 -56.39 -19.06
N GLN A 205 19.46 -55.69 -17.96
CA GLN A 205 19.86 -54.29 -18.06
C GLN A 205 21.26 -54.06 -18.58
N PHE A 206 22.17 -55.02 -18.37
CA PHE A 206 23.56 -54.86 -18.82
C PHE A 206 23.95 -55.98 -19.77
N GLY A 207 24.92 -55.69 -20.63
CA GLY A 207 25.45 -56.71 -21.53
C GLY A 207 26.11 -57.85 -20.76
N GLU A 208 26.34 -58.99 -21.39
CA GLU A 208 26.94 -60.15 -20.73
C GLU A 208 28.24 -59.81 -19.94
N GLU A 209 29.18 -59.09 -20.57
CA GLU A 209 30.45 -58.74 -19.91
C GLU A 209 30.22 -57.83 -18.71
N LYS A 210 29.41 -56.79 -18.88
CA LYS A 210 29.16 -55.84 -17.79
C LYS A 210 28.38 -56.47 -16.64
N ALA A 211 27.40 -57.34 -16.95
CA ALA A 211 26.65 -58.05 -15.92
C ALA A 211 27.58 -58.92 -15.07
N ALA A 212 28.53 -59.62 -15.71
CA ALA A 212 29.49 -60.46 -14.99
C ALA A 212 30.38 -59.58 -14.08
N GLN A 213 30.84 -58.43 -14.59
CA GLN A 213 31.68 -57.53 -13.80
C GLN A 213 30.93 -56.99 -12.57
N ILE A 214 29.65 -56.62 -12.75
CA ILE A 214 28.82 -56.14 -11.64
C ILE A 214 28.66 -57.26 -10.61
N LYS A 215 28.26 -58.46 -11.05
CA LYS A 215 28.06 -59.58 -10.13
C LYS A 215 29.32 -59.93 -9.34
N ALA A 216 30.50 -59.88 -9.99
CA ALA A 216 31.74 -60.20 -9.30
C ALA A 216 32.04 -59.14 -8.22
N ALA A 217 31.74 -57.86 -8.51
CA ALA A 217 31.97 -56.79 -7.54
C ALA A 217 30.98 -56.84 -6.38
N ILE A 218 29.70 -57.15 -6.66
CA ILE A 218 28.65 -57.21 -5.64
C ILE A 218 28.69 -58.49 -4.78
N GLY A 219 29.14 -59.59 -5.39
CA GLY A 219 29.11 -60.88 -4.72
C GLY A 219 27.68 -61.34 -4.54
N LYS A 220 27.46 -62.37 -3.71
CA LYS A 220 26.12 -62.89 -3.48
C LYS A 220 25.41 -62.07 -2.40
N THR A 221 25.28 -60.77 -2.63
CA THR A 221 24.61 -59.85 -1.69
C THR A 221 23.36 -59.29 -2.37
N THR A 222 22.39 -58.87 -1.54
CA THR A 222 21.07 -58.39 -1.97
C THR A 222 20.82 -56.99 -1.44
N TRP A 223 20.23 -56.14 -2.28
CA TRP A 223 20.09 -54.71 -1.98
C TRP A 223 18.75 -54.16 -2.40
N GLN A 224 18.29 -53.15 -1.66
CA GLN A 224 17.03 -52.45 -1.93
C GLN A 224 17.37 -51.09 -2.51
N ALA A 225 16.86 -50.77 -3.70
CA ALA A 225 16.99 -49.47 -4.35
C ALA A 225 15.73 -48.71 -3.93
N VAL A 226 15.86 -47.81 -2.96
CA VAL A 226 14.71 -47.12 -2.40
C VAL A 226 14.58 -45.72 -2.96
N HIS A 227 13.35 -45.32 -3.30
CA HIS A 227 13.09 -43.98 -3.83
C HIS A 227 11.93 -43.41 -3.04
N VAL A 228 12.24 -42.55 -2.06
CA VAL A 228 11.21 -41.98 -1.19
C VAL A 228 10.42 -40.89 -1.97
N PRO A 229 9.27 -40.42 -1.45
CA PRO A 229 8.47 -39.47 -2.26
C PRO A 229 9.17 -38.15 -2.53
N THR A 230 9.07 -37.67 -3.79
CA THR A 230 9.62 -36.37 -4.21
C THR A 230 9.03 -35.27 -3.33
N ILE A 231 7.73 -35.34 -3.02
CA ILE A 231 7.09 -34.31 -2.18
C ILE A 231 7.77 -34.20 -0.80
N VAL A 232 8.30 -35.33 -0.29
CA VAL A 232 8.96 -35.34 1.03
C VAL A 232 10.30 -34.61 0.96
N VAL A 233 11.14 -34.92 -0.04
CA VAL A 233 12.46 -34.26 -0.13
C VAL A 233 12.31 -32.78 -0.51
N ARG A 234 11.24 -32.42 -1.22
CA ARG A 234 10.98 -31.02 -1.55
C ARG A 234 10.55 -30.27 -0.28
N THR A 235 9.64 -30.86 0.52
CA THR A 235 9.20 -30.23 1.78
C THR A 235 10.38 -30.21 2.80
N CYS A 236 11.21 -31.26 2.78
CA CYS A 236 12.29 -31.44 3.74
C CYS A 236 13.67 -31.33 3.07
N ASP A 237 14.53 -32.36 3.12
CA ASP A 237 15.86 -32.27 2.52
C ASP A 237 16.39 -33.67 2.15
N GLY A 238 17.58 -33.73 1.57
CA GLY A 238 18.20 -35.01 1.22
C GLY A 238 18.51 -35.88 2.43
N ALA A 239 18.89 -35.26 3.56
CA ALA A 239 19.21 -36.01 4.78
C ALA A 239 17.97 -36.73 5.38
N THR A 240 16.77 -36.39 4.88
CA THR A 240 15.54 -37.08 5.29
C THR A 240 15.52 -38.51 4.71
N THR A 241 16.03 -38.67 3.48
CA THR A 241 15.87 -39.90 2.73
C THR A 241 16.27 -41.20 3.45
N SER A 242 17.50 -41.27 4.00
CA SER A 242 17.93 -42.52 4.67
C SER A 242 17.08 -42.81 5.91
N ARG A 243 16.59 -41.76 6.59
CA ARG A 243 15.77 -41.95 7.78
C ARG A 243 14.38 -42.43 7.36
N TRP A 244 13.76 -41.78 6.36
CA TRP A 244 12.43 -42.19 5.86
C TRP A 244 12.45 -43.64 5.40
N THR A 245 13.49 -43.97 4.65
CA THR A 245 13.71 -45.33 4.15
C THR A 245 13.78 -46.34 5.32
N ALA A 246 14.62 -46.05 6.34
CA ALA A 246 14.81 -46.98 7.45
C ALA A 246 13.54 -47.17 8.24
N MET A 247 12.73 -46.10 8.41
CA MET A 247 11.50 -46.25 9.21
C MET A 247 10.56 -47.27 8.58
N GLN A 248 10.37 -47.18 7.25
CA GLN A 248 9.42 -48.06 6.56
C GLN A 248 9.99 -49.45 6.27
N ILE A 249 11.32 -49.57 6.18
CA ILE A 249 11.96 -50.89 6.15
C ILE A 249 11.69 -51.59 7.49
N GLY A 250 11.88 -50.87 8.60
CA GLY A 250 11.65 -51.42 9.93
C GLY A 250 10.21 -51.90 10.11
N MET A 251 9.24 -51.06 9.70
CA MET A 251 7.82 -51.44 9.81
C MET A 251 7.51 -52.66 8.96
N SER A 252 8.09 -52.72 7.77
CA SER A 252 7.82 -53.83 6.85
C SER A 252 8.41 -55.15 7.37
N PHE A 253 9.59 -55.14 8.01
CA PHE A 253 10.16 -56.35 8.61
C PHE A 253 9.28 -56.80 9.78
N ILE A 254 8.82 -55.83 10.61
CA ILE A 254 7.94 -56.18 11.72
C ILE A 254 6.69 -56.90 11.25
N ALA A 255 5.99 -56.32 10.26
CA ALA A 255 4.73 -56.89 9.79
C ALA A 255 4.95 -58.17 9.01
N ALA A 256 5.94 -58.20 8.09
CA ALA A 256 6.15 -59.37 7.23
C ALA A 256 6.69 -60.60 7.95
N TYR A 257 7.48 -60.43 9.02
CA TYR A 257 8.04 -61.57 9.75
C TYR A 257 7.37 -61.79 11.13
N ARG A 258 6.26 -61.05 11.43
CA ARG A 258 5.54 -61.15 12.70
C ARG A 258 6.46 -61.11 13.90
N MET A 259 7.29 -60.07 13.88
CA MET A 259 8.15 -59.81 15.02
C MET A 259 7.27 -59.15 16.07
N CYS A 260 7.79 -58.99 17.31
CA CYS A 260 7.15 -58.08 18.27
C CYS A 260 7.33 -56.67 17.65
N ALA A 261 6.28 -55.86 17.64
CA ALA A 261 6.35 -54.53 17.03
C ALA A 261 7.03 -53.58 17.99
N GLY A 262 8.35 -53.76 18.12
CA GLY A 262 9.18 -52.98 19.02
C GLY A 262 9.87 -53.83 20.07
N GLU A 263 10.82 -54.67 19.64
CA GLU A 263 11.67 -55.45 20.54
C GLU A 263 13.15 -55.12 20.24
N ALA A 264 14.07 -55.57 21.10
CA ALA A 264 15.50 -55.29 20.93
C ALA A 264 16.03 -55.60 19.50
N ALA A 265 15.58 -56.69 18.86
CA ALA A 265 16.04 -57.05 17.51
C ALA A 265 15.65 -55.98 16.47
N VAL A 266 14.55 -55.26 16.71
CA VAL A 266 14.13 -54.19 15.80
C VAL A 266 15.22 -53.08 15.76
N ALA A 267 15.89 -52.80 16.89
CA ALA A 267 16.95 -51.77 16.90
C ALA A 267 18.13 -52.21 16.04
N ASP A 268 18.43 -53.52 15.95
CA ASP A 268 19.52 -54.00 15.07
C ASP A 268 19.13 -53.75 13.62
N LEU A 269 17.85 -53.98 13.25
CA LEU A 269 17.40 -53.70 11.89
C LEU A 269 17.51 -52.19 11.61
N ALA A 270 17.20 -51.33 12.59
CA ALA A 270 17.31 -49.87 12.43
C ALA A 270 18.77 -49.47 12.24
N TYR A 271 19.70 -50.01 13.06
CA TYR A 271 21.11 -49.68 12.91
C TYR A 271 21.64 -50.17 11.56
N ALA A 272 21.16 -51.34 11.09
CA ALA A 272 21.57 -51.86 9.79
C ALA A 272 21.07 -50.94 8.66
N ALA A 273 19.80 -50.55 8.69
CA ALA A 273 19.23 -49.71 7.64
C ALA A 273 19.78 -48.29 7.62
N LYS A 274 20.05 -47.71 8.81
CA LYS A 274 20.48 -46.33 8.90
C LYS A 274 21.98 -46.11 8.82
N MHS A 275 22.80 -47.16 9.06
CA MHS A 275 24.25 -46.95 9.18
C MHS A 275 25.00 -48.17 8.54
O MHS A 275 25.68 -47.98 7.53
CB MHS A 275 24.64 -46.85 10.66
CG MHS A 275 23.98 -45.64 11.27
ND1 MHS A 275 24.27 -44.36 11.02
CD2 MHS A 275 22.93 -45.66 12.18
CE1 MHS A 275 23.46 -43.58 11.75
NE2 MHS A 275 22.64 -44.37 12.47
CM MHS A 275 25.33 -43.88 10.10
N ALA A 276 24.93 -49.40 9.14
CA ALA A 276 25.82 -50.47 8.71
C ALA A 276 25.64 -50.96 7.28
N ALA A 277 24.40 -51.01 6.78
CA ALA A 277 24.14 -51.47 5.40
C ALA A 277 23.55 -50.35 4.52
N LEU A 278 23.73 -49.08 4.91
CA LEU A 278 23.23 -47.96 4.15
C LEU A 278 24.27 -47.52 3.13
N VAL A 279 23.81 -47.26 1.92
CA VAL A 279 24.66 -46.74 0.86
C VAL A 279 23.91 -45.53 0.32
N GLY A 280 24.21 -44.37 0.88
CA GLY A 280 23.58 -43.12 0.45
C GLY A 280 24.27 -42.53 -0.77
N MET A 281 23.76 -41.39 -1.23
CA MET A 281 24.34 -40.71 -2.39
C MET A 281 25.51 -39.79 -2.03
N GLY A 282 25.74 -39.52 -0.75
CA GLY A 282 26.83 -38.65 -0.35
C GLY A 282 26.79 -38.32 1.12
N ASP A 283 27.95 -38.04 1.70
CA ASP A 283 28.08 -37.73 3.11
C ASP A 283 27.94 -36.24 3.37
N MET A 284 27.89 -35.87 4.65
CA MET A 284 27.71 -34.49 5.07
C MET A 284 28.86 -33.55 4.65
N LEU A 285 28.64 -32.24 4.79
CA LEU A 285 29.62 -31.20 4.47
C LEU A 285 30.02 -30.44 5.74
N PRO A 286 31.24 -29.83 5.75
CA PRO A 286 31.71 -29.13 6.96
C PRO A 286 30.96 -27.83 7.25
N ALA A 287 31.20 -27.26 8.44
CA ALA A 287 30.44 -26.14 9.01
C ALA A 287 30.17 -24.97 8.06
N ARG A 288 31.19 -24.46 7.34
CA ARG A 288 30.97 -23.28 6.48
C ARG A 288 29.86 -23.51 5.44
N AGM A 289 29.76 -24.72 4.89
CA AGM A 289 28.72 -25.04 3.89
CB AGM A 289 29.38 -25.31 2.54
CG AGM A 289 30.48 -26.36 2.65
CD AGM A 289 31.41 -26.32 1.44
CE2 AGM A 289 30.68 -26.76 0.18
NE1 AGM A 289 32.55 -27.16 1.67
CZ AGM A 289 33.68 -26.69 2.22
NH1 AGM A 289 34.75 -27.47 2.32
NH2 AGM A 289 33.72 -25.44 2.67
C AGM A 289 27.96 -26.31 4.37
O AGM A 289 27.53 -27.18 3.62
N ALA A 290 27.59 -26.22 5.68
CA ALA A 290 26.92 -27.28 6.40
C ALA A 290 25.68 -27.78 5.71
N ARG A 291 25.62 -29.09 5.54
CA ARG A 291 24.48 -29.84 5.01
C ARG A 291 24.64 -31.28 5.43
N GLY A 292 23.51 -31.96 5.56
CA GLY A 292 23.52 -33.37 5.87
C GLY A 292 23.73 -34.20 4.62
N PRO A 293 23.61 -35.53 4.76
CA PRO A 293 23.80 -36.41 3.59
C PRO A 293 22.81 -36.21 2.44
N ASN A 294 23.12 -36.81 1.28
CA ASN A 294 22.26 -36.76 0.10
C ASN A 294 22.00 -35.35 -0.41
N GLU A 295 23.03 -34.49 -0.34
CA GLU A 295 22.96 -33.16 -0.95
C GLU A 295 23.99 -33.11 -2.09
N PRO A 296 23.85 -32.19 -3.05
CA PRO A 296 24.76 -32.23 -4.22
C PRO A 296 26.22 -32.11 -3.85
N GLY A 297 26.54 -31.35 -2.80
CA GLY A 297 27.93 -31.18 -2.41
C GLY A 297 28.62 -32.47 -1.98
N GLY A 298 27.84 -33.43 -1.45
CA GLY A 298 28.38 -34.72 -1.04
C GLY A 298 28.43 -35.75 -2.17
N LEU A 299 27.87 -35.43 -3.35
CA LEU A 299 27.81 -36.38 -4.44
C LEU A 299 29.16 -36.48 -5.18
N GLN A 300 29.88 -37.58 -4.94
CA GLN A 300 31.16 -37.78 -5.62
C GLN A 300 30.99 -37.84 -7.13
N PHE A 301 31.98 -37.33 -7.87
CA PHE A 301 31.91 -37.33 -9.33
C PHE A 301 31.65 -38.73 -9.92
N GLY A 302 32.28 -39.77 -9.35
CA GLY A 302 32.04 -41.13 -9.81
C GLY A 302 30.60 -41.56 -9.59
N TYR A 303 29.96 -41.09 -8.52
CA TYR A 303 28.56 -41.44 -8.25
C TYR A 303 27.66 -40.85 -9.33
N LEU A 304 27.94 -39.58 -9.75
CA LEU A 304 27.11 -39.01 -10.81
C LEU A 304 27.28 -39.80 -12.11
N ALA A 305 28.51 -40.23 -12.40
CA ALA A 305 28.75 -41.06 -13.58
C ALA A 305 27.97 -42.39 -13.50
N ASP A 306 27.87 -43.01 -12.29
CA ASP A 306 27.11 -44.25 -12.13
C ASP A 306 25.60 -44.06 -12.10
N ILE A 307 25.14 -42.86 -11.73
CA ILE A 307 23.72 -42.53 -11.77
C ILE A 307 23.30 -42.42 -13.26
N VAL A 308 24.08 -41.71 -14.06
CA VAL A 308 23.80 -41.56 -15.49
C VAL A 308 23.96 -42.95 -16.16
N GLN A 309 23.13 -43.24 -17.16
CA GLN A 309 23.05 -44.58 -17.74
C GLN A 309 23.20 -44.64 -19.24
N ALA A 310 23.67 -43.55 -19.90
CA ALA A 310 23.82 -43.56 -21.35
C ALA A 310 24.80 -44.65 -21.80
N ASP A 311 25.91 -44.87 -21.06
CA ASP A 311 26.91 -45.91 -21.41
C ASP A 311 26.35 -47.33 -21.40
N ARG A 312 25.25 -47.54 -20.65
CA ARG A 312 24.63 -48.85 -20.58
C ARG A 312 23.85 -49.16 -21.88
N VAL A 313 23.38 -48.12 -22.65
CA VAL A 313 22.55 -48.30 -23.84
C VAL A 313 23.17 -47.82 -25.15
N THR A 314 24.36 -47.19 -25.13
CA THR A 314 25.01 -46.79 -26.37
C THR A 314 26.47 -47.24 -26.36
N ASP A 315 26.96 -47.66 -27.53
CA ASP A 315 28.36 -47.99 -27.71
C ASP A 315 29.20 -46.75 -28.10
N ASP A 316 28.57 -45.58 -28.31
CA ASP A 316 29.28 -44.36 -28.66
C ASP A 316 29.87 -43.83 -27.35
N LYS A 317 31.19 -44.03 -27.19
CA LYS A 317 31.89 -43.65 -25.97
C LYS A 317 31.88 -42.15 -25.67
N VAL A 318 32.09 -41.29 -26.69
CA VAL A 318 32.06 -39.84 -26.47
C VAL A 318 30.66 -39.42 -26.05
N LYS A 319 29.63 -39.90 -26.78
CA LYS A 319 28.25 -39.56 -26.44
C LYS A 319 27.90 -39.92 -24.98
N ALA A 320 28.29 -41.13 -24.56
CA ALA A 320 28.01 -41.57 -23.20
C ALA A 320 28.70 -40.66 -22.17
N SER A 321 29.95 -40.23 -22.44
CA SER A 321 30.67 -39.36 -21.51
CA SER A 321 30.70 -39.35 -21.55
C SER A 321 30.01 -37.98 -21.46
N LEU A 322 29.50 -37.47 -22.60
CA LEU A 322 28.87 -36.14 -22.61
C LEU A 322 27.48 -36.10 -22.01
N GLU A 323 26.79 -37.24 -21.93
CA GLU A 323 25.52 -37.29 -21.19
C GLU A 323 25.83 -37.11 -19.68
N VAL A 324 26.99 -37.66 -19.21
CA VAL A 324 27.44 -37.47 -17.83
C VAL A 324 27.75 -35.98 -17.63
N VAL A 325 28.48 -35.36 -18.57
CA VAL A 325 28.80 -33.93 -18.46
C VAL A 325 27.52 -33.09 -18.38
N ALA A 326 26.51 -33.39 -19.19
CA ALA A 326 25.26 -32.63 -19.17
C ALA A 326 24.59 -32.73 -17.79
N ALA A 327 24.47 -33.95 -17.23
CA ALA A 327 23.84 -34.12 -15.92
C ALA A 327 24.61 -33.35 -14.84
N GLY A 328 25.95 -33.42 -14.90
CA GLY A 328 26.81 -32.78 -13.92
C GLY A 328 26.87 -31.27 -14.04
N ALA A 329 26.96 -30.73 -15.25
CA ALA A 329 27.00 -29.27 -15.44
C ALA A 329 25.70 -28.65 -14.90
N MET A 330 24.55 -29.30 -15.19
CA MET A 330 23.27 -28.83 -14.70
C MET A 330 23.22 -28.96 -13.16
N LEU A 331 23.38 -30.18 -12.62
CA LEU A 331 23.26 -30.37 -11.17
C LEU A 331 24.27 -29.53 -10.37
N TYR A 332 25.55 -29.66 -10.72
CA TYR A 332 26.60 -29.04 -9.94
C TYR A 332 26.68 -27.53 -10.10
N ASP A 333 26.53 -27.00 -11.35
CA ASP A 333 26.62 -25.55 -11.53
C ASP A 333 25.29 -24.83 -11.36
N GLN A 334 24.20 -25.36 -11.94
CA GLN A 334 22.90 -24.64 -11.90
C GLN A 334 22.21 -24.76 -10.54
N ILE A 335 22.05 -25.99 -10.04
CA ILE A 335 21.32 -26.21 -8.79
C ILE A 335 22.24 -26.02 -7.58
N TRP A 336 23.38 -26.71 -7.57
CA TRP A 336 24.27 -26.68 -6.42
C TRP A 336 24.99 -25.34 -6.30
N LEU A 337 25.93 -25.02 -7.20
CA LEU A 337 26.65 -23.74 -7.07
C LEU A 337 25.76 -22.54 -7.30
N GLY A 338 24.81 -22.67 -8.24
CA GLY A 338 23.93 -21.59 -8.62
C GLY A 338 22.72 -21.33 -7.75
N SER A 339 22.45 -22.20 -6.75
CA SER A 339 21.31 -21.98 -5.86
C SER A 339 21.72 -22.33 -4.43
N TYR A 340 21.94 -23.63 -4.12
CA TYR A 340 22.36 -24.03 -2.75
C TYR A 340 23.53 -23.17 -2.22
N MET A 341 24.54 -22.86 -3.07
CA MET A 341 25.71 -22.09 -2.64
C MET A 341 25.72 -20.63 -3.08
N SER A 342 24.67 -20.16 -3.76
CA SER A 342 24.62 -18.75 -4.16
C SER A 342 23.14 -18.35 -4.37
N GLY A 343 22.61 -18.38 -5.59
CA GLY A 343 21.24 -18.01 -5.86
C GLY A 343 21.10 -16.76 -6.71
N GLY A 344 19.86 -16.48 -7.06
CA GLY A 344 19.44 -15.37 -7.91
C GLY A 344 19.28 -15.87 -9.32
N VAL A 345 19.63 -15.01 -10.30
CA VAL A 345 19.65 -15.40 -11.73
C VAL A 345 20.50 -16.71 -11.90
N GLY A 346 21.59 -16.79 -11.17
CA GLY A 346 22.36 -18.02 -11.15
C GLY A 346 23.22 -18.30 -12.36
N PHE A 347 23.49 -19.59 -12.61
CA PHE A 347 24.52 -20.03 -13.53
C PHE A 347 24.04 -20.94 -14.68
N THR A 348 22.91 -20.60 -15.31
CA THR A 348 22.39 -21.43 -16.40
C THR A 348 23.42 -21.59 -17.54
N GLN A 349 23.93 -20.48 -18.10
CA GLN A 349 24.78 -20.54 -19.29
C GLN A 349 26.21 -20.98 -18.98
N TYR A 350 26.69 -20.84 -17.72
CA TYR A 350 27.98 -21.46 -17.34
C TYR A 350 27.87 -23.01 -17.57
N ALA A 351 26.66 -23.58 -17.35
CA ALA A 351 26.39 -25.00 -17.55
C ALA A 351 25.97 -25.32 -19.00
N THR A 352 25.05 -24.52 -19.61
CA THR A 352 24.56 -24.83 -20.97
C THR A 352 25.71 -24.92 -21.98
N ALA A 353 26.84 -24.22 -21.72
CA ALA A 353 28.00 -24.28 -22.62
C ALA A 353 28.45 -25.75 -22.85
N ALA A 354 28.26 -26.61 -21.83
CA ALA A 354 28.67 -28.00 -21.89
C ALA A 354 27.59 -28.96 -22.45
N TYR A 355 26.38 -28.48 -22.78
CA TYR A 355 25.34 -29.37 -23.31
C TYR A 355 24.50 -28.74 -24.43
N THR A 356 25.02 -27.71 -25.13
CA THR A 356 24.29 -27.09 -26.23
C THR A 356 25.12 -26.93 -27.48
N ASN A 357 24.40 -26.88 -28.61
CA ASN A 357 24.93 -26.60 -29.93
C ASN A 357 25.97 -27.58 -30.45
N ASN A 358 26.10 -28.76 -29.80
CA ASN A 358 27.05 -29.81 -30.23
C ASN A 358 28.51 -29.32 -30.25
N ILE A 359 28.83 -28.30 -29.41
CA ILE A 359 30.17 -27.70 -29.40
C ILE A 359 31.12 -28.62 -28.65
N LEU A 360 30.81 -28.95 -27.37
CA LEU A 360 31.66 -29.88 -26.63
C LEU A 360 31.75 -31.24 -27.38
N ASP A 361 30.68 -31.63 -28.09
CA ASP A 361 30.65 -32.85 -28.90
C ASP A 361 31.70 -32.74 -30.00
N ASP A 362 31.72 -31.64 -30.75
CA ASP A 362 32.72 -31.46 -31.82
C ASP A 362 34.15 -31.61 -31.28
N PHE A 363 34.47 -30.89 -30.19
CA PHE A 363 35.82 -30.90 -29.63
C PHE A 363 36.22 -32.27 -29.09
N SER A 364 35.28 -32.96 -28.42
CA SER A 364 35.52 -34.27 -27.81
C SER A 364 35.67 -35.36 -28.86
N TYR A 365 34.81 -35.36 -29.90
CA TYR A 365 34.94 -36.33 -31.00
C TYR A 365 36.26 -36.08 -31.73
N TYR A 366 36.64 -34.81 -31.93
CA TYR A 366 37.91 -34.51 -32.60
C TYR A 366 39.11 -35.12 -31.82
N GLY A 367 39.20 -34.84 -30.52
CA GLY A 367 40.28 -35.32 -29.68
C GLY A 367 40.33 -36.83 -29.57
N TYR A 368 39.16 -37.44 -29.38
CA TYR A 368 39.07 -38.88 -29.26
C TYR A 368 39.44 -39.56 -30.58
N GLU A 369 38.93 -39.05 -31.71
CA GLU A 369 39.25 -39.62 -33.02
C GLU A 369 40.75 -39.49 -33.30
N TYR A 370 41.36 -38.36 -32.89
CA TYR A 370 42.81 -38.17 -33.04
C TYR A 370 43.55 -39.27 -32.24
N ALA A 371 43.14 -39.47 -30.98
CA ALA A 371 43.78 -40.46 -30.10
C ALA A 371 43.58 -41.90 -30.60
N VAL A 372 42.40 -42.25 -31.10
CA VAL A 372 42.12 -43.59 -31.62
C VAL A 372 43.03 -43.86 -32.82
N ASP A 373 43.16 -42.90 -33.73
CA ASP A 373 44.00 -43.06 -34.91
C ASP A 373 45.47 -43.23 -34.51
N LYS A 374 45.94 -42.41 -33.55
CA LYS A 374 47.35 -42.45 -33.15
C LYS A 374 47.72 -43.64 -32.26
N TYR A 375 46.92 -43.94 -31.23
CA TYR A 375 47.23 -44.99 -30.25
C TYR A 375 46.52 -46.33 -30.48
N GLY A 376 45.54 -46.40 -31.38
CA GLY A 376 44.90 -47.66 -31.75
C GLY A 376 43.45 -47.82 -31.40
N GLY A 377 43.03 -47.26 -30.26
CA GLY A 377 41.66 -47.45 -29.80
C GLY A 377 41.49 -47.03 -28.35
N PRO A 378 40.27 -47.16 -27.83
CA PRO A 378 40.03 -46.77 -26.44
C PRO A 378 40.86 -47.58 -25.46
N ALA A 379 41.35 -46.93 -24.39
CA ALA A 379 42.17 -47.56 -23.35
C ALA A 379 43.47 -48.22 -23.87
N GLN A 380 43.98 -47.82 -25.05
CA GLN A 380 45.23 -48.36 -25.61
C GLN A 380 46.41 -47.40 -25.47
N ALA A 381 46.16 -46.09 -25.24
CA ALA A 381 47.26 -45.14 -25.11
C ALA A 381 47.96 -45.31 -23.76
N PRO A 382 49.30 -45.31 -23.67
CA PRO A 382 49.95 -45.44 -22.36
C PRO A 382 49.52 -44.35 -21.37
N ALA A 383 49.33 -44.69 -20.10
CA ALA A 383 48.93 -43.71 -19.08
C ALA A 383 50.21 -43.06 -18.56
N THR A 384 50.73 -42.11 -19.34
CA THR A 384 51.98 -41.38 -19.04
C THR A 384 51.80 -39.88 -19.30
N LEU A 385 52.66 -39.04 -18.72
CA LEU A 385 52.57 -37.59 -18.98
C LEU A 385 52.83 -37.26 -20.46
N GLU A 386 53.62 -38.10 -21.16
N GLU A 386 53.59 -38.11 -21.17
CA GLU A 386 53.87 -37.89 -22.59
CA GLU A 386 53.84 -37.89 -22.59
C GLU A 386 52.55 -38.02 -23.38
C GLU A 386 52.55 -38.05 -23.40
N THR A 387 51.72 -39.03 -23.05
CA THR A 387 50.44 -39.22 -23.74
C THR A 387 49.50 -38.07 -23.41
N VAL A 388 49.44 -37.67 -22.12
CA VAL A 388 48.56 -36.58 -21.70
C VAL A 388 48.93 -35.30 -22.45
N LYS A 389 50.22 -34.97 -22.47
CA LYS A 389 50.70 -33.80 -23.17
C LYS A 389 50.30 -33.82 -24.65
N ASP A 390 50.44 -34.97 -25.31
CA ASP A 390 50.08 -35.09 -26.71
C ASP A 390 48.57 -34.86 -26.95
N ILE A 391 47.71 -35.66 -26.35
CA ILE A 391 46.28 -35.60 -26.62
C ILE A 391 45.67 -34.29 -26.15
N ALA A 392 45.99 -33.88 -24.92
CA ALA A 392 45.39 -32.65 -24.40
C ALA A 392 45.84 -31.41 -25.18
N THR A 393 47.11 -31.32 -25.61
CA THR A 393 47.56 -30.17 -26.41
C THR A 393 46.87 -30.17 -27.77
N GLU A 394 46.82 -31.32 -28.44
CA GLU A 394 46.19 -31.43 -29.77
C GLU A 394 44.71 -31.02 -29.70
N THR A 395 44.00 -31.56 -28.71
CA THR A 395 42.58 -31.28 -28.56
C THR A 395 42.34 -29.80 -28.16
N ALA A 396 43.10 -29.30 -27.18
CA ALA A 396 42.93 -27.93 -26.72
C ALA A 396 43.20 -26.91 -27.83
N ILE A 397 44.31 -27.06 -28.59
CA ILE A 397 44.62 -26.08 -29.63
C ILE A 397 43.58 -26.13 -30.75
N TYR A 398 43.08 -27.33 -31.10
CA TYR A 398 42.00 -27.44 -32.10
C TYR A 398 40.76 -26.65 -31.62
N ALA A 399 40.37 -26.85 -30.36
CA ALA A 399 39.20 -26.20 -29.79
C ALA A 399 39.38 -24.68 -29.71
N ILE A 400 40.56 -24.21 -29.26
CA ILE A 400 40.90 -22.79 -29.21
C ILE A 400 40.70 -22.14 -30.60
N GLU A 401 41.21 -22.79 -31.64
CA GLU A 401 41.11 -22.25 -33.00
C GLU A 401 39.67 -22.18 -33.51
N GLN A 402 38.75 -23.08 -33.05
CA GLN A 402 37.37 -23.04 -33.56
C GLN A 402 36.68 -21.72 -33.21
N TYR A 403 36.93 -21.17 -31.99
CA TYR A 403 36.34 -19.87 -31.62
C TYR A 403 36.83 -18.73 -32.55
N GLU A 404 38.00 -18.89 -33.18
CA GLU A 404 38.61 -17.89 -34.05
C GLU A 404 38.14 -18.10 -35.50
N TYR A 405 37.95 -19.36 -35.94
CA TYR A 405 37.40 -19.63 -37.27
C TYR A 405 35.91 -19.24 -37.32
N PHE A 406 35.19 -19.35 -36.19
CA PHE A 406 33.77 -19.07 -36.15
C PHE A 406 33.43 -17.99 -35.12
N PRO A 407 33.33 -16.72 -35.54
CA PRO A 407 32.91 -15.65 -34.61
C PRO A 407 31.57 -15.92 -33.93
N THR A 408 30.64 -16.63 -34.60
CA THR A 408 29.36 -16.99 -33.97
C THR A 408 29.59 -17.98 -32.80
N LEU A 409 30.59 -18.87 -32.92
CA LEU A 409 30.89 -19.81 -31.83
C LEU A 409 31.38 -19.01 -30.62
N LEU A 410 32.26 -18.03 -30.85
CA LEU A 410 32.79 -17.19 -29.79
C LEU A 410 31.69 -16.36 -29.13
N GLU A 411 30.75 -15.82 -29.92
CA GLU A 411 29.64 -15.03 -29.38
C GLU A 411 28.66 -15.91 -28.59
N ASP A 412 28.47 -17.18 -29.02
CA ASP A 412 27.59 -18.11 -28.31
C ASP A 412 28.17 -18.39 -26.92
N GLN A 413 29.45 -18.79 -26.85
CA GLN A 413 30.15 -19.08 -25.58
C GLN A 413 30.92 -17.84 -25.23
N PHE A 414 30.15 -16.78 -24.96
CA PHE A 414 30.69 -15.44 -24.75
C PHE A 414 31.56 -15.28 -23.50
N GLY A 415 31.33 -16.07 -22.48
CA GLY A 415 32.13 -15.98 -21.25
C GLY A 415 33.35 -16.87 -21.35
N GLY A 416 34.51 -16.36 -20.93
CA GLY A 416 35.74 -17.14 -20.97
C GLY A 416 35.64 -18.45 -20.17
N SER A 417 34.90 -18.44 -19.05
CA SER A 417 34.72 -19.65 -18.25
C SER A 417 33.97 -20.72 -19.04
N GLN A 418 33.06 -20.33 -19.96
CA GLN A 418 32.33 -21.28 -20.79
C GLN A 418 33.33 -21.93 -21.75
N ARG A 419 34.19 -21.12 -22.40
CA ARG A 419 35.22 -21.62 -23.30
C ARG A 419 36.19 -22.54 -22.54
N ALA A 420 36.62 -22.13 -21.34
CA ALA A 420 37.55 -22.92 -20.54
C ALA A 420 36.95 -24.29 -20.17
N ALA A 421 35.70 -24.32 -19.69
CA ALA A 421 35.07 -25.58 -19.31
C ALA A 421 34.99 -26.57 -20.48
N VAL A 422 34.63 -26.08 -21.67
CA VAL A 422 34.42 -26.91 -22.86
CA VAL A 422 34.43 -26.95 -22.84
C VAL A 422 35.76 -27.35 -23.49
N VAL A 423 36.71 -26.42 -23.64
CA VAL A 423 38.04 -26.73 -24.19
C VAL A 423 38.72 -27.80 -23.30
N ALA A 424 38.74 -27.57 -21.98
CA ALA A 424 39.38 -28.49 -21.07
C ALA A 424 38.61 -29.80 -20.91
N ALA A 425 37.25 -29.79 -20.95
CA ALA A 425 36.50 -31.04 -20.85
C ALA A 425 36.83 -31.94 -22.05
N ALA A 426 36.91 -31.37 -23.26
CA ALA A 426 37.23 -32.15 -24.44
C ALA A 426 38.64 -32.75 -24.32
N ALA A 427 39.63 -31.96 -23.88
CA ALA A 427 41.00 -32.47 -23.71
C ALA A 427 41.04 -33.58 -22.65
N GLY A 428 40.35 -33.38 -21.53
CA GLY A 428 40.32 -34.37 -20.46
C GLY A 428 39.61 -35.64 -20.82
N ILE A 429 38.45 -35.52 -21.48
CA ILE A 429 37.66 -36.69 -21.88
C ILE A 429 38.37 -37.49 -23.00
N ALA A 430 38.98 -36.80 -23.97
CA ALA A 430 39.72 -37.50 -25.04
C ALA A 430 40.90 -38.28 -24.41
N THR A 431 41.61 -37.64 -23.45
CA THR A 431 42.73 -38.26 -22.77
C THR A 431 42.29 -39.46 -21.91
N GLY A 432 41.21 -39.29 -21.14
CA GLY A 432 40.68 -40.36 -20.30
C GLY A 432 40.20 -41.55 -21.10
N LEU A 433 39.42 -41.31 -22.19
CA LEU A 433 38.96 -42.40 -23.05
C LEU A 433 40.13 -43.13 -23.70
N ALA A 434 41.15 -42.39 -24.14
CA ALA A 434 42.29 -42.99 -24.83
C ALA A 434 43.17 -43.83 -23.90
N THR A 435 43.43 -43.37 -22.67
CA THR A 435 44.28 -44.08 -21.72
C THR A 435 43.53 -45.08 -20.82
N GLY A 436 42.21 -44.95 -20.73
CA GLY A 436 41.43 -45.74 -19.79
C GLY A 436 41.73 -45.32 -18.34
N ASN A 437 42.36 -44.13 -18.12
CA ASN A 437 42.73 -43.64 -16.80
C ASN A 437 42.16 -42.24 -16.62
N SER A 438 41.16 -42.09 -15.75
CA SER A 438 40.52 -40.78 -15.52
C SER A 438 41.46 -39.77 -14.85
N GLN A 439 42.47 -40.24 -14.10
CA GLN A 439 43.46 -39.34 -13.48
C GLN A 439 44.31 -38.72 -14.61
N ALA A 440 44.64 -39.50 -15.67
CA ALA A 440 45.37 -38.97 -16.84
C ALA A 440 44.47 -37.87 -17.49
N GLY A 441 43.17 -38.13 -17.60
CA GLY A 441 42.23 -37.15 -18.13
C GLY A 441 42.24 -35.86 -17.33
N LEU A 442 42.29 -35.97 -16.00
CA LEU A 442 42.29 -34.80 -15.14
C LEU A 442 43.56 -33.98 -15.37
N SER A 443 44.71 -34.67 -15.50
CA SER A 443 45.97 -33.98 -15.81
C SER A 443 45.84 -33.20 -17.16
N GLY A 444 45.17 -33.79 -18.14
CA GLY A 444 44.96 -33.18 -19.44
C GLY A 444 44.10 -31.94 -19.34
N TRP A 445 43.06 -31.99 -18.48
CA TRP A 445 42.19 -30.84 -18.23
C TRP A 445 43.04 -29.61 -17.78
N TYR A 446 43.95 -29.79 -16.80
CA TYR A 446 44.74 -28.64 -16.32
C TYR A 446 45.70 -28.12 -17.37
N LEU A 447 46.32 -29.01 -18.16
CA LEU A 447 47.20 -28.53 -19.25
C LEU A 447 46.39 -27.70 -20.27
N ALA A 448 45.15 -28.14 -20.60
CA ALA A 448 44.30 -27.41 -21.55
C ALA A 448 43.94 -26.01 -21.01
N GLN A 449 43.71 -25.89 -19.69
CA GLN A 449 43.39 -24.61 -19.06
C GLN A 449 44.57 -23.65 -19.24
N TYR A 450 45.80 -24.14 -19.00
CA TYR A 450 46.97 -23.30 -19.11
C TYR A 450 47.22 -22.85 -20.55
N LEU A 451 46.95 -23.74 -21.52
CA LEU A 451 47.13 -23.40 -22.94
C LEU A 451 46.13 -22.31 -23.32
N LEU A 452 44.85 -22.46 -22.93
CA LEU A 452 43.84 -21.46 -23.25
C LEU A 452 44.20 -20.08 -22.71
N LYS A 453 44.70 -20.00 -21.46
CA LYS A 453 45.09 -18.72 -20.86
C LYS A 453 46.12 -17.97 -21.71
N GLU A 454 47.20 -18.66 -22.12
CA GLU A 454 48.24 -18.02 -22.91
C GLU A 454 47.74 -17.74 -24.35
N ALA A 455 46.80 -18.53 -24.87
CA ALA A 455 46.32 -18.36 -26.24
C ALA A 455 45.44 -17.09 -26.37
N GLU A 456 44.42 -16.93 -25.49
CA GLU A 456 43.52 -15.78 -25.58
C GLU A 456 43.96 -14.59 -24.70
N GLY A 457 44.98 -14.74 -23.85
CA GLY A 457 45.38 -13.67 -22.93
C GLY A 457 44.33 -13.40 -21.86
N ARG A 458 43.54 -14.42 -21.56
CA ARG A 458 42.43 -14.41 -20.61
C ARG A 458 41.99 -15.85 -20.41
N LEU A 459 41.33 -16.14 -19.27
CA LEU A 459 40.87 -17.50 -19.04
C LEU A 459 39.38 -17.45 -18.66
N GLY A 460 39.02 -17.49 -17.38
CA GLY A 460 37.61 -17.44 -17.00
C GLY A 460 37.31 -16.21 -16.18
N PHE A 461 36.27 -16.30 -15.34
CA PHE A 461 35.92 -15.19 -14.45
C PHE A 461 37.04 -14.99 -13.41
N PHE A 462 36.91 -13.95 -12.58
CA PHE A 462 37.89 -13.54 -11.57
C PHE A 462 38.54 -14.70 -10.79
CA GL3 A 463 38.18 -16.71 -9.50
N GL3 A 463 37.70 -15.62 -10.33
C GL3 A 463 38.11 -18.08 -10.13
S GL3 A 463 38.23 -19.38 -9.13
N TYR A 464 38.04 -18.13 -11.47
CA TYR A 464 37.81 -19.37 -12.17
C TYR A 464 38.93 -20.37 -11.96
N ASP A 465 40.19 -19.93 -12.08
CA ASP A 465 41.31 -20.87 -12.11
C ASP A 465 42.00 -21.08 -10.78
N LEU A 466 41.31 -20.94 -9.62
CA LEU A 466 41.94 -21.30 -8.32
C LEU A 466 42.32 -22.78 -8.37
N GLN A 467 41.36 -23.65 -8.73
CA GLN A 467 41.62 -25.08 -8.78
C GLN A 467 42.50 -25.49 -9.93
N ASP A 468 42.53 -24.71 -11.02
CA ASP A 468 43.35 -25.07 -12.17
C ASP A 468 44.81 -24.74 -11.91
N GLN A 469 45.10 -23.60 -11.25
CA GLN A 469 46.50 -23.28 -10.91
C GLN A 469 46.99 -24.23 -9.81
N CYS A 470 46.11 -24.61 -8.86
CA CYS A 470 46.44 -25.67 -7.87
C CYS A 470 46.52 -27.07 -8.54
N GLY A 471 45.82 -27.22 -9.66
CA GLY A 471 45.44 -28.46 -10.31
C GLY A 471 46.53 -29.41 -10.71
N ALA A 472 47.46 -28.97 -11.55
CA ALA A 472 48.51 -29.86 -12.04
C ALA A 472 49.27 -30.57 -10.88
N ALA A 473 49.65 -29.79 -9.85
CA ALA A 473 50.36 -30.30 -8.69
C ALA A 473 49.50 -31.26 -7.85
N ASN A 474 48.19 -31.02 -7.75
CA ASN A 474 47.32 -31.87 -6.93
C ASN A 474 46.73 -33.08 -7.63
N VAL A 475 46.99 -33.28 -8.95
CA VAL A 475 46.45 -34.48 -9.62
C VAL A 475 47.05 -35.75 -9.01
N PHE A 476 48.38 -35.80 -8.88
CA PHE A 476 49.08 -36.99 -8.42
C PHE A 476 49.69 -36.85 -7.02
N SER A 477 49.38 -35.75 -6.30
CA SER A 477 49.84 -35.61 -4.94
C SER A 477 49.26 -36.72 -4.05
N TYR A 478 50.01 -37.15 -3.03
CA TYR A 478 49.50 -38.11 -2.04
C TYR A 478 49.40 -37.42 -0.64
N GLN A 479 49.49 -36.06 -0.58
CA GLN A 479 49.38 -35.34 0.68
C GLN A 479 47.94 -35.34 1.17
N SER A 480 47.79 -35.35 2.50
CA SER A 480 46.53 -35.42 3.25
C SER A 480 45.27 -34.89 2.52
N ASP A 481 45.17 -33.57 2.29
CA ASP A 481 43.98 -32.97 1.69
C ASP A 481 44.19 -32.59 0.23
N GLU A 482 45.15 -33.24 -0.46
CA GLU A 482 45.44 -33.00 -1.86
C GLU A 482 45.19 -34.25 -2.68
N GLY A 483 45.71 -35.39 -2.22
CA GLY A 483 45.62 -36.63 -2.99
C GLY A 483 44.27 -37.30 -2.93
N LEU A 484 43.81 -37.78 -4.09
CA LEU A 484 42.57 -38.54 -4.17
C LEU A 484 42.27 -38.89 -5.64
N PRO A 485 41.92 -40.14 -5.99
CA PRO A 485 41.50 -40.43 -7.37
C PRO A 485 40.26 -39.59 -7.73
N LEU A 486 40.17 -39.14 -8.98
CA LEU A 486 39.10 -38.26 -9.42
C LEU A 486 37.71 -38.82 -9.15
N GLU A 487 37.54 -40.15 -9.30
CA GLU A 487 36.25 -40.82 -9.06
C GLU A 487 35.69 -40.50 -7.67
N LEU A 488 36.58 -40.35 -6.67
CA LEU A 488 36.20 -40.06 -5.29
C LEU A 488 36.19 -38.57 -4.97
N ARG A 489 36.71 -37.71 -5.88
CA ARG A 489 36.61 -36.29 -5.69
C ARG A 489 35.16 -35.89 -5.88
N GLY A 490 34.83 -34.70 -5.42
CA GLY A 490 33.49 -34.17 -5.54
C GLY A 490 33.48 -32.70 -5.21
N PRO A 491 32.28 -32.12 -5.07
CA PRO A 491 32.21 -30.68 -4.78
C PRO A 491 32.75 -30.27 -3.40
N ASN A 492 33.13 -31.23 -2.52
CA ASN A 492 33.74 -30.90 -1.22
C ASN A 492 35.27 -31.06 -1.26
N TYR A 493 35.86 -31.55 -2.41
CA TYR A 493 37.31 -31.60 -2.57
C TYR A 493 37.77 -30.12 -2.49
N PRO A 494 38.69 -29.77 -1.57
CA PRO A 494 38.90 -28.33 -1.23
C PRO A 494 39.03 -27.38 -2.40
N ASN A 495 39.91 -27.68 -3.37
CA ASN A 495 40.11 -26.81 -4.52
C ASN A 495 38.82 -26.63 -5.34
N TYR A 496 37.91 -27.61 -5.32
CA TYR A 496 36.72 -27.60 -6.16
C TYR A 496 35.48 -27.04 -5.46
N ALA A 497 35.55 -26.69 -4.17
CA ALA A 497 34.35 -26.37 -3.41
C ALA A 497 33.60 -25.09 -3.75
N MET A 498 34.13 -24.21 -4.63
CA MET A 498 33.48 -22.93 -4.85
C MET A 498 33.06 -22.57 -6.24
N ASN A 499 33.78 -23.05 -7.29
CA ASN A 499 33.66 -22.43 -8.60
C ASN A 499 32.98 -23.21 -9.72
N VAL A 500 32.23 -22.45 -10.55
CA VAL A 500 31.51 -22.97 -11.73
C VAL A 500 32.49 -23.48 -12.81
N GLY A 501 31.95 -24.15 -13.83
CA GLY A 501 32.68 -24.57 -15.01
C GLY A 501 33.77 -25.60 -14.78
N HIS A 502 33.60 -26.46 -13.74
CA HIS A 502 34.58 -27.54 -13.49
C HIS A 502 33.89 -28.85 -13.08
N GLN A 503 32.98 -28.82 -12.10
CA GLN A 503 32.45 -30.03 -11.45
C GLN A 503 31.76 -31.02 -12.41
N GLY A 504 30.83 -30.52 -13.22
CA GLY A 504 30.16 -31.38 -14.18
C GLY A 504 31.08 -31.96 -15.22
N GLU A 505 32.06 -31.14 -15.65
CA GLU A 505 33.05 -31.59 -16.60
C GLU A 505 33.94 -32.69 -15.95
N TYR A 506 34.29 -32.54 -14.66
CA TYR A 506 35.03 -33.55 -13.93
C TYR A 506 34.23 -34.85 -13.83
N ALA A 507 32.89 -34.78 -13.70
CA ALA A 507 32.07 -36.00 -13.70
C ALA A 507 32.24 -36.76 -15.05
N GLY A 508 32.25 -36.02 -16.15
CA GLY A 508 32.51 -36.62 -17.46
C GLY A 508 33.90 -37.23 -17.54
N ILE A 509 34.93 -36.51 -17.04
CA ILE A 509 36.29 -37.04 -17.04
C ILE A 509 36.38 -38.29 -16.16
N ALA A 510 35.71 -38.29 -14.99
CA ALA A 510 35.69 -39.47 -14.10
C ALA A 510 35.13 -40.68 -14.87
N SER A 511 34.06 -40.45 -15.65
CA SER A 511 33.46 -41.52 -16.43
C SER A 511 34.36 -41.98 -17.58
N SER A 512 35.16 -41.07 -18.13
CA SER A 512 35.88 -41.31 -19.37
C SER A 512 36.82 -42.52 -19.34
N GLY A 513 37.65 -42.66 -18.30
CA GLY A 513 38.57 -43.81 -18.21
C GLY A 513 37.83 -45.14 -18.21
N HIS A 514 36.71 -45.16 -17.52
CA HIS A 514 35.87 -46.35 -17.37
C HIS A 514 35.10 -46.66 -18.65
N ILE A 515 34.56 -45.63 -19.30
CA ILE A 515 33.88 -45.83 -20.60
C ILE A 515 34.92 -46.32 -21.63
N GLY A 516 36.14 -45.76 -21.62
CA GLY A 516 37.22 -46.21 -22.49
C GLY A 516 37.53 -47.69 -22.33
N ARG A 517 37.55 -48.15 -21.07
CA ARG A 517 37.80 -49.56 -20.73
C ARG A 517 36.59 -50.48 -20.93
N GLY A 518 35.40 -49.93 -21.13
CA GLY A 518 34.19 -50.73 -21.24
C GLY A 518 33.69 -51.20 -19.88
N ASP A 519 34.10 -50.53 -18.78
CA ASP A 519 33.67 -50.92 -17.44
C ASP A 519 32.16 -50.70 -17.26
N ALA A 520 31.53 -51.59 -16.49
CA ALA A 520 30.10 -51.51 -16.18
C ALA A 520 29.79 -50.32 -15.27
N PHE A 521 30.74 -49.94 -14.39
CA PHE A 521 30.57 -48.83 -13.46
C PHE A 521 31.92 -48.14 -13.22
N VAL A 522 31.87 -47.00 -12.52
CA VAL A 522 33.02 -46.13 -12.24
C VAL A 522 33.51 -46.29 -10.81
N VAL A 523 32.58 -46.27 -9.84
CA VAL A 523 32.99 -46.29 -8.43
C VAL A 523 32.03 -47.05 -7.52
N ASN A 524 30.76 -47.27 -7.88
CA ASN A 524 29.87 -47.98 -6.99
C ASN A 524 28.90 -48.81 -7.82
N PRO A 525 29.10 -50.14 -7.89
CA PRO A 525 28.21 -50.97 -8.72
C PRO A 525 26.76 -50.98 -8.23
N LEU A 526 26.56 -50.74 -6.93
CA LEU A 526 25.22 -50.72 -6.37
C LEU A 526 24.47 -49.50 -6.92
N VAL A 527 25.16 -48.35 -7.03
CA VAL A 527 24.54 -47.15 -7.61
C VAL A 527 24.21 -47.41 -9.07
N LYS A 528 25.13 -48.02 -9.82
CA LYS A 528 24.90 -48.27 -11.24
C LYS A 528 23.64 -49.12 -11.47
N VAL A 529 23.47 -50.18 -10.68
CA VAL A 529 22.30 -51.04 -10.84
C VAL A 529 21.04 -50.31 -10.38
N ALA A 530 21.07 -49.60 -9.23
CA ALA A 530 19.90 -48.91 -8.71
C ALA A 530 19.28 -47.93 -9.70
N PHE A 531 20.10 -47.24 -10.51
CA PHE A 531 19.59 -46.28 -11.48
C PHE A 531 19.34 -46.89 -12.88
N ALA A 532 19.58 -48.20 -13.07
CA ALA A 532 19.30 -48.87 -14.36
C ALA A 532 17.84 -49.32 -14.29
N ASP A 533 16.95 -48.34 -14.07
CA ASP A 533 15.55 -48.61 -13.80
C ASP A 533 14.64 -47.66 -14.60
N PRO A 534 13.84 -48.18 -15.55
CA PRO A 534 12.99 -47.29 -16.35
C PRO A 534 11.81 -46.70 -15.59
N LEU A 535 11.46 -47.25 -14.40
CA LEU A 535 10.36 -46.71 -13.61
C LEU A 535 10.73 -45.37 -12.97
N LEU A 536 12.03 -45.03 -12.83
CA LEU A 536 12.41 -43.72 -12.27
C LEU A 536 11.84 -42.59 -13.14
N ASN A 537 11.41 -41.51 -12.52
CA ASN A 537 10.75 -40.42 -13.24
C ASN A 537 11.63 -39.81 -14.32
N PHE A 538 12.89 -39.60 -14.02
CA PHE A 538 13.84 -39.04 -14.97
C PHE A 538 14.52 -40.19 -15.73
N ASP A 539 14.64 -40.07 -17.05
CA ASP A 539 15.28 -41.10 -17.85
C ASP A 539 16.79 -40.86 -17.86
N PHE A 540 17.50 -41.52 -16.95
CA PHE A 540 18.95 -41.35 -16.85
C PHE A 540 19.75 -41.89 -18.06
N THR A 541 19.10 -42.61 -19.01
CA THR A 541 19.82 -43.04 -20.22
C THR A 541 19.90 -41.89 -21.26
N GLN A 542 19.07 -40.84 -21.13
CA GLN A 542 19.01 -39.76 -22.12
C GLN A 542 18.85 -38.42 -21.41
N VAL A 543 19.92 -37.99 -20.73
CA VAL A 543 19.91 -36.76 -19.95
C VAL A 543 19.54 -35.54 -20.81
N ARG A 544 20.26 -35.33 -21.93
CA ARG A 544 20.03 -34.14 -22.76
C ARG A 544 18.63 -34.14 -23.36
N LYS A 545 18.12 -35.30 -23.79
CA LYS A 545 16.76 -35.40 -24.31
C LYS A 545 15.74 -34.97 -23.24
N GLU A 546 15.96 -35.40 -21.99
CA GLU A 546 15.07 -35.02 -20.88
C GLU A 546 15.11 -33.51 -20.61
N PHE A 547 16.32 -32.91 -20.62
CA PHE A 547 16.42 -31.45 -20.41
C PHE A 547 15.69 -30.69 -21.52
N ALA A 548 15.78 -31.19 -22.77
CA ALA A 548 15.09 -30.59 -23.89
C ALA A 548 13.56 -30.69 -23.70
N LYS A 549 13.05 -31.82 -23.21
CA LYS A 549 11.61 -32.00 -22.91
C LYS A 549 11.14 -30.98 -21.87
N GLY A 550 11.93 -30.83 -20.79
CA GLY A 550 11.61 -29.85 -19.76
C GLY A 550 11.62 -28.43 -20.31
N ALA A 551 12.59 -28.10 -21.20
CA ALA A 551 12.70 -26.76 -21.77
C ALA A 551 11.43 -26.33 -22.50
N VAL A 552 10.84 -27.25 -23.30
CA VAL A 552 9.62 -26.93 -24.04
C VAL A 552 8.33 -27.27 -23.24
N ARG A 553 8.44 -27.43 -21.91
CA ARG A 553 7.30 -27.66 -21.03
C ARG A 553 6.48 -28.91 -21.43
N GLU A 554 7.18 -29.96 -21.89
CA GLU A 554 6.59 -31.25 -22.29
C GLU A 554 7.04 -32.42 -21.38
N PHE A 555 7.89 -32.19 -20.36
CA PHE A 555 8.31 -33.27 -19.45
C PHE A 555 7.07 -33.66 -18.63
N ASP A 556 6.58 -34.89 -18.81
CA ASP A 556 5.33 -35.36 -18.21
C ASP A 556 5.48 -36.33 -17.04
N ARG A 557 6.67 -36.43 -16.44
CA ARG A 557 6.89 -37.32 -15.30
C ARG A 557 7.36 -36.53 -14.06
N CYS A 558 6.89 -35.26 -13.93
CA CYS A 558 7.26 -34.46 -12.77
C CYS A 558 6.45 -34.95 -11.59
N ALA A 559 7.12 -35.27 -10.50
CA ALA A 559 6.53 -35.77 -9.28
C ALA A 559 6.46 -34.64 -8.22
N GLY A 560 5.68 -34.85 -7.16
CA GLY A 560 5.65 -33.95 -6.04
C GLY A 560 4.69 -32.78 -6.09
N GLU A 561 3.90 -32.64 -7.18
CA GLU A 561 2.95 -31.52 -7.25
C GLU A 561 1.82 -31.73 -6.24
N ARG A 562 1.17 -30.64 -5.85
CA ARG A 562 0.10 -30.70 -4.88
C ARG A 562 -1.25 -30.32 -5.44
N ALA A 563 -1.44 -30.43 -6.77
CA ALA A 563 -2.71 -30.13 -7.41
C ALA A 563 -3.88 -30.90 -6.77
N LEU A 564 -3.67 -32.17 -6.38
CA LEU A 564 -4.73 -32.96 -5.76
C LEU A 564 -5.26 -32.40 -4.44
N ILE A 565 -4.44 -31.62 -3.71
CA ILE A 565 -4.86 -31.05 -2.43
C ILE A 565 -5.05 -29.52 -2.50
N LEU A 566 -5.15 -28.95 -3.72
CA LEU A 566 -5.37 -27.51 -3.90
C LEU A 566 -6.69 -27.27 -4.60
N PRO A 567 -7.30 -26.08 -4.43
CA PRO A 567 -8.58 -25.83 -5.12
C PRO A 567 -8.44 -25.93 -6.64
N ALA A 568 -9.47 -26.45 -7.31
CA ALA A 568 -9.47 -26.67 -8.74
C ALA A 568 -9.40 -25.34 -9.52
N SER B 2 71.95 -31.45 5.58
CA SER B 2 71.37 -30.54 6.57
C SER B 2 71.24 -29.12 5.99
N ASP B 3 70.26 -28.37 6.46
CA ASP B 3 70.01 -27.00 6.02
C ASP B 3 70.17 -26.02 7.17
N LYS B 4 71.02 -25.00 6.97
CA LYS B 4 71.29 -23.98 7.98
C LYS B 4 70.80 -22.62 7.48
N VAL B 5 70.41 -21.74 8.42
CA VAL B 5 69.96 -20.39 8.14
C VAL B 5 70.43 -19.44 9.25
N ASP B 6 70.50 -18.14 8.95
CA ASP B 6 70.73 -17.11 9.96
C ASP B 6 69.37 -16.43 10.13
N ILE B 7 68.91 -16.23 11.37
CA ILE B 7 67.62 -15.60 11.61
C ILE B 7 67.84 -14.13 11.87
N TYR B 8 67.08 -13.29 11.15
CA TYR B 8 67.15 -11.84 11.29
C TYR B 8 65.83 -11.31 11.84
N SER B 9 65.92 -10.20 12.56
CA SER B 9 64.80 -9.57 13.24
C SER B 9 63.84 -8.84 12.28
N ASP B 10 62.71 -8.34 12.84
CA ASP B 10 61.76 -7.51 12.09
C ASP B 10 62.43 -6.25 11.51
N ARG B 11 63.57 -5.79 12.09
CA ARG B 11 64.33 -4.62 11.62
C ARG B 11 65.61 -5.00 10.86
N GLY B 12 65.73 -6.26 10.41
CA GLY B 12 66.89 -6.70 9.64
C GLY B 12 68.19 -6.84 10.40
N LYS B 13 68.13 -7.10 11.71
CA LYS B 13 69.34 -7.29 12.53
C LYS B 13 69.53 -8.76 12.85
N LEU B 14 70.79 -9.23 12.85
CA LEU B 14 71.07 -10.64 13.12
C LEU B 14 70.67 -11.03 14.55
N LEU B 15 69.91 -12.14 14.71
CA LEU B 15 69.49 -12.64 16.02
C LEU B 15 70.12 -13.99 16.35
N ALA B 16 70.32 -14.84 15.34
CA ALA B 16 70.91 -16.17 15.55
C ALA B 16 71.59 -16.63 14.28
N SER B 17 72.78 -17.25 14.41
CA SER B 17 73.56 -17.72 13.28
C SER B 17 73.63 -19.24 13.21
N ASP B 18 73.80 -19.78 12.00
CA ASP B 18 74.01 -21.21 11.75
C ASP B 18 72.95 -22.09 12.44
N VAL B 19 71.69 -21.71 12.27
CA VAL B 19 70.56 -22.41 12.86
C VAL B 19 70.12 -23.54 11.93
N ASP B 20 70.08 -24.77 12.44
CA ASP B 20 69.56 -25.89 11.67
C ASP B 20 68.04 -25.70 11.60
N ILE B 21 67.45 -25.74 10.38
CA ILE B 21 66.00 -25.53 10.24
C ILE B 21 65.19 -26.56 11.04
N MET B 22 65.75 -27.76 11.28
CA MET B 22 65.08 -28.77 12.10
C MET B 22 64.79 -28.23 13.53
N ASP B 23 65.67 -27.35 14.04
CA ASP B 23 65.50 -26.74 15.36
C ASP B 23 64.43 -25.62 15.39
N LEU B 24 63.91 -25.20 14.22
CA LEU B 24 62.80 -24.24 14.15
C LEU B 24 61.44 -24.97 14.00
N ALA B 25 61.42 -26.30 13.95
CA ALA B 25 60.17 -27.02 13.70
C ALA B 25 59.17 -26.87 14.81
N PRO B 26 57.86 -26.83 14.49
CA PRO B 26 56.85 -26.85 15.57
C PRO B 26 57.05 -27.98 16.58
N THR B 27 57.56 -29.13 16.11
CA THR B 27 57.78 -30.31 16.96
C THR B 27 59.07 -30.26 17.81
N ARG B 28 59.96 -29.27 17.59
CA ARG B 28 61.22 -29.20 18.33
C ARG B 28 61.48 -27.86 19.00
N ASN B 29 61.09 -26.75 18.37
CA ASN B 29 61.34 -25.43 18.89
C ASN B 29 60.53 -25.14 20.16
N ARG B 30 61.22 -24.79 21.27
CA ARG B 30 60.56 -24.52 22.55
C ARG B 30 59.62 -23.32 22.51
N ALA B 31 60.03 -22.24 21.83
CA ALA B 31 59.18 -21.05 21.76
C ALA B 31 57.89 -21.35 21.02
N ILE B 32 57.94 -22.11 19.91
CA ILE B 32 56.72 -22.44 19.17
C ILE B 32 55.82 -23.32 20.03
N ARG B 33 56.39 -24.31 20.73
CA ARG B 33 55.58 -25.16 21.63
C ARG B 33 54.89 -24.32 22.71
N THR B 34 55.61 -23.36 23.30
CA THR B 34 55.04 -22.52 24.33
C THR B 34 53.93 -21.63 23.75
N ILE B 35 54.12 -21.10 22.51
CA ILE B 35 53.09 -20.30 21.84
C ILE B 35 51.81 -21.16 21.67
N ILE B 36 51.96 -22.40 21.21
CA ILE B 36 50.80 -23.29 21.02
C ILE B 36 50.15 -23.64 22.36
N HIS B 37 50.95 -23.91 23.38
CA HIS B 37 50.45 -24.20 24.71
C HIS B 37 49.60 -23.04 25.24
N ASP B 38 50.11 -21.81 25.13
CA ASP B 38 49.39 -20.62 25.57
C ASP B 38 48.19 -20.30 24.68
N THR B 39 48.27 -20.62 23.38
CA THR B 39 47.13 -20.43 22.47
C THR B 39 45.97 -21.33 22.94
N LYS B 40 46.28 -22.57 23.31
CA LYS B 40 45.26 -23.53 23.73
C LYS B 40 44.67 -23.25 25.11
N ARG B 41 45.49 -22.76 26.05
CA ARG B 41 45.03 -22.57 27.44
C ARG B 41 44.47 -21.18 27.74
N THR B 42 44.66 -20.19 26.86
CA THR B 42 44.21 -18.84 27.13
C THR B 42 42.86 -18.55 26.51
N ALA B 43 41.96 -17.94 27.28
CA ALA B 43 40.64 -17.52 26.81
C ALA B 43 40.36 -16.11 27.34
N ALA B 44 39.40 -15.43 26.71
CA ALA B 44 38.99 -14.08 27.06
C ALA B 44 37.57 -14.08 27.59
N VAL B 45 37.33 -13.45 28.75
CA VAL B 45 36.00 -13.30 29.31
C VAL B 45 35.66 -11.82 29.16
N ASN B 46 34.57 -11.50 28.48
CA ASN B 46 34.20 -10.10 28.26
C ASN B 46 33.21 -9.69 29.36
N LEU B 47 33.74 -9.14 30.46
CA LEU B 47 32.92 -8.70 31.57
C LEU B 47 32.00 -7.54 31.17
N GLY B 48 32.50 -6.63 30.33
CA GLY B 48 31.67 -5.52 29.85
C GLY B 48 30.48 -6.02 29.05
N GLY B 49 30.72 -7.03 28.22
CA GLY B 49 29.68 -7.67 27.43
C GLY B 49 28.69 -8.38 28.33
N ILE B 50 29.16 -9.08 29.38
CA ILE B 50 28.27 -9.78 30.32
C ILE B 50 27.37 -8.76 31.02
N GLU B 51 27.98 -7.65 31.49
CA GLU B 51 27.23 -6.58 32.15
C GLU B 51 26.10 -6.04 31.25
N LYS B 52 26.40 -5.72 29.97
CA LYS B 52 25.39 -5.20 29.03
C LYS B 52 24.32 -6.26 28.75
N ALA B 53 24.73 -7.54 28.56
CA ALA B 53 23.80 -8.63 28.28
C ALA B 53 22.82 -8.78 29.45
N LEU B 54 23.33 -8.73 30.69
CA LEU B 54 22.47 -8.81 31.86
C LEU B 54 21.54 -7.60 31.97
N ALA B 55 22.08 -6.39 31.87
CA ALA B 55 21.29 -5.16 32.03
C ALA B 55 20.15 -5.06 31.03
N ASN B 56 20.32 -5.60 29.82
CA ASN B 56 19.31 -5.48 28.76
C ASN B 56 18.60 -6.81 28.43
N GLY B 57 18.92 -7.91 29.11
CA GLY B 57 18.34 -9.21 28.79
C GLY B 57 18.65 -9.64 27.36
N ARG B 58 19.85 -9.26 26.86
CA ARG B 58 20.26 -9.50 25.48
C ARG B 58 21.21 -10.67 25.34
N ILE B 59 21.10 -11.38 24.22
CA ILE B 59 21.95 -12.51 23.91
C ILE B 59 22.46 -12.27 22.49
N GLY B 60 23.73 -11.94 22.38
CA GLY B 60 24.30 -11.64 21.08
C GLY B 60 23.86 -10.29 20.56
N LYS B 61 23.96 -10.12 19.26
CA LYS B 61 23.68 -8.86 18.59
C LYS B 61 22.21 -8.42 18.50
N VAL B 62 21.23 -9.36 18.44
CA VAL B 62 19.83 -8.95 18.24
C VAL B 62 18.81 -9.61 19.19
N LYS B 63 19.11 -10.76 19.80
CA LYS B 63 18.12 -11.43 20.67
C LYS B 63 17.97 -10.67 21.98
N LYS B 64 16.73 -10.55 22.44
CA LYS B 64 16.40 -9.81 23.68
C LYS B 64 15.15 -10.44 24.26
N ILE B 65 15.21 -10.89 25.52
CA ILE B 65 14.07 -11.51 26.19
C ILE B 65 13.50 -10.45 27.15
N PRO B 66 12.36 -9.82 26.82
CA PRO B 66 11.80 -8.80 27.74
C PRO B 66 11.53 -9.33 29.15
N GLY B 67 11.75 -8.47 30.15
CA GLY B 67 11.50 -8.80 31.54
C GLY B 67 12.60 -9.53 32.27
N LYS B 68 13.71 -9.83 31.61
CA LYS B 68 14.83 -10.56 32.21
C LYS B 68 15.98 -9.65 32.68
N GLU B 69 15.86 -8.33 32.59
CA GLU B 69 16.93 -7.41 32.97
C GLU B 69 17.42 -7.56 34.43
N MET B 70 18.75 -7.48 34.60
CA MET B 70 19.42 -7.55 35.89
C MET B 70 20.55 -6.53 35.88
N LYS B 71 20.47 -5.52 36.75
CA LYS B 71 21.46 -4.45 36.80
C LYS B 71 22.55 -4.82 37.80
N LEU B 72 23.56 -5.59 37.36
CA LEU B 72 24.66 -6.01 38.23
C LEU B 72 25.92 -5.26 37.86
N ASP B 73 26.65 -4.73 38.86
CA ASP B 73 27.89 -3.99 38.63
C ASP B 73 29.05 -4.95 38.45
N ILE B 74 29.14 -5.58 37.26
CA ILE B 74 30.17 -6.56 36.97
C ILE B 74 31.57 -5.92 36.83
N VAL B 75 31.71 -4.93 35.93
CA VAL B 75 32.99 -4.29 35.64
C VAL B 75 33.58 -3.61 36.89
N ALA B 76 32.75 -2.93 37.71
CA ALA B 76 33.24 -2.31 38.95
C ALA B 76 33.75 -3.36 39.97
N ASN B 77 33.31 -4.63 39.84
CA ASN B 77 33.76 -5.72 40.69
C ASN B 77 34.72 -6.67 39.93
N ALA B 78 35.37 -6.21 38.84
CA ALA B 78 36.26 -7.06 38.06
C ALA B 78 37.36 -7.74 38.88
N GLU B 79 38.01 -7.01 39.80
CA GLU B 79 39.09 -7.61 40.60
C GLU B 79 38.56 -8.73 41.51
N ARG B 80 37.43 -8.48 42.18
CA ARG B 80 36.78 -9.45 43.07
C ARG B 80 36.39 -10.71 42.27
N LEU B 81 35.82 -10.52 41.07
CA LEU B 81 35.40 -11.64 40.23
C LEU B 81 36.63 -12.38 39.67
N ALA B 82 37.70 -11.67 39.31
CA ALA B 82 38.93 -12.31 38.82
C ALA B 82 39.52 -13.24 39.87
N GLU B 83 39.52 -12.82 41.15
CA GLU B 83 40.04 -13.64 42.24
C GLU B 83 39.23 -14.94 42.36
N ARG B 84 37.89 -14.83 42.30
CA ARG B 84 37.04 -16.01 42.42
C ARG B 84 37.17 -16.91 41.20
N VAL B 85 37.25 -16.31 40.00
CA VAL B 85 37.44 -17.06 38.76
C VAL B 85 38.76 -17.86 38.86
N LYS B 86 39.83 -17.25 39.39
CA LYS B 86 41.10 -17.97 39.56
C LYS B 86 40.94 -19.18 40.48
N GLU B 87 40.23 -19.01 41.60
CA GLU B 87 39.99 -20.13 42.53
C GLU B 87 39.26 -21.28 41.86
N LEU B 88 38.32 -20.97 40.96
CA LEU B 88 37.52 -21.99 40.29
C LEU B 88 38.21 -22.64 39.10
N VAL B 89 39.05 -21.88 38.38
CA VAL B 89 39.77 -22.39 37.22
C VAL B 89 41.00 -23.19 37.64
N GLN B 90 41.68 -22.78 38.71
CA GLN B 90 42.88 -23.49 39.15
C GLN B 90 42.54 -24.91 39.59
N VAL B 91 43.54 -25.79 39.53
CA VAL B 91 43.39 -27.17 39.96
C VAL B 91 43.99 -27.26 41.37
N ASN B 92 45.20 -26.71 41.57
CA ASN B 92 45.85 -26.67 42.87
C ASN B 92 46.32 -25.26 43.15
N GLU B 93 46.41 -24.91 44.43
CA GLU B 93 46.91 -23.59 44.84
C GLU B 93 48.38 -23.46 44.37
N GLY B 94 48.73 -22.33 43.79
CA GLY B 94 50.09 -22.10 43.33
C GLY B 94 50.44 -22.76 42.01
N ASP B 95 49.42 -23.31 41.28
CA ASP B 95 49.68 -23.91 39.97
C ASP B 95 49.85 -22.80 38.88
N ASP B 96 50.00 -23.19 37.60
CA ASP B 96 50.22 -22.26 36.49
C ASP B 96 48.95 -21.53 35.97
N THR B 97 47.88 -21.42 36.78
CA THR B 97 46.68 -20.67 36.38
C THR B 97 46.97 -19.19 36.52
N THR B 98 46.48 -18.39 35.58
CA THR B 98 46.59 -16.93 35.70
C THR B 98 45.25 -16.31 35.31
N VAL B 99 44.87 -15.23 36.00
CA VAL B 99 43.70 -14.46 35.65
C VAL B 99 44.15 -13.02 35.77
N GLU B 100 44.04 -12.26 34.68
CA GLU B 100 44.48 -10.87 34.68
C GLU B 100 43.33 -9.99 34.21
N VAL B 101 43.06 -8.90 34.95
CA VAL B 101 42.05 -7.92 34.59
C VAL B 101 42.68 -6.98 33.57
N LEU B 102 42.03 -6.77 32.41
CA LEU B 102 42.53 -5.86 31.37
C LEU B 102 41.43 -4.86 30.94
N ALA B 103 41.80 -3.85 30.13
CA ALA B 103 40.90 -2.84 29.58
C ALA B 103 39.97 -2.20 30.62
N GLY B 104 40.56 -1.77 31.73
CA GLY B 104 39.86 -1.09 32.80
C GLY B 104 38.72 -1.88 33.43
N GLY B 105 38.85 -3.20 33.49
CA GLY B 105 37.81 -4.05 34.07
C GLY B 105 36.89 -4.70 33.06
N LYS B 106 36.97 -4.31 31.79
CA LYS B 106 36.08 -4.86 30.77
C LYS B 106 36.40 -6.31 30.40
N PHE B 107 37.68 -6.74 30.48
CA PHE B 107 38.03 -8.13 30.10
C PHE B 107 38.84 -8.84 31.16
N LEU B 108 38.79 -10.18 31.14
CA LEU B 108 39.69 -11.02 31.92
C LEU B 108 40.41 -11.90 30.94
N LYS B 109 41.75 -11.95 31.05
CA LYS B 109 42.59 -12.90 30.32
C LYS B 109 42.66 -14.08 31.30
N VAL B 110 42.19 -15.26 30.91
CA VAL B 110 42.26 -16.45 31.76
C VAL B 110 43.20 -17.43 31.08
N GLN B 111 44.15 -17.97 31.84
CA GLN B 111 45.04 -19.01 31.32
C GLN B 111 44.83 -20.20 32.23
N VAL B 112 44.14 -21.21 31.71
CA VAL B 112 43.84 -22.41 32.50
C VAL B 112 45.14 -23.18 32.76
N PRO B 113 45.25 -23.93 33.88
CA PRO B 113 46.48 -24.67 34.14
C PRO B 113 46.67 -25.82 33.14
N SER B 114 47.93 -26.20 32.90
CA SER B 114 48.30 -27.29 31.98
C SER B 114 47.52 -28.57 32.28
N ALA B 115 47.22 -28.82 33.56
CA ALA B 115 46.47 -30.00 33.99
C ALA B 115 45.12 -30.13 33.28
N ARG B 116 44.42 -29.02 32.98
CA ARG B 116 43.14 -29.11 32.26
C ARG B 116 43.34 -29.57 30.80
N LEU B 117 44.43 -29.12 30.14
CA LEU B 117 44.72 -29.57 28.78
C LEU B 117 45.22 -31.02 28.77
N GLU B 118 46.02 -31.41 29.77
CA GLU B 118 46.57 -32.76 29.85
C GLU B 118 45.49 -33.83 30.04
N SER B 119 44.40 -33.52 30.75
CA SER B 119 43.29 -34.45 30.97
C SER B 119 42.11 -34.26 29.97
N GLY B 120 42.24 -33.31 29.04
CA GLY B 120 41.27 -33.07 27.98
C GLY B 120 41.86 -33.48 26.64
N ALA B 121 41.02 -33.62 25.63
CA ALA B 121 41.48 -34.00 24.29
C ALA B 121 41.82 -32.80 23.42
N GLU B 122 41.24 -31.63 23.70
CA GLU B 122 41.39 -30.45 22.86
C GLU B 122 41.79 -29.22 23.75
N TYR B 123 41.58 -28.00 23.21
CA TYR B 123 41.83 -26.74 23.91
C TYR B 123 40.60 -26.21 24.67
N VAL B 124 39.40 -26.76 24.37
CA VAL B 124 38.13 -26.20 24.76
C VAL B 124 37.93 -26.00 26.25
N SER B 125 38.74 -26.64 27.13
CA SER B 125 38.59 -26.36 28.57
C SER B 125 38.96 -24.89 28.85
N SER B 126 39.76 -24.21 27.98
CA SER B 126 40.04 -22.77 28.18
C SER B 126 38.73 -21.98 28.13
N ILE B 127 37.81 -22.37 27.25
CA ILE B 127 36.50 -21.73 27.14
C ILE B 127 35.56 -22.23 28.24
N THR B 128 35.38 -23.56 28.38
CA THR B 128 34.39 -24.09 29.32
C THR B 128 34.73 -23.82 30.79
N ALA B 129 36.00 -23.96 31.20
CA ALA B 129 36.35 -23.67 32.59
C ALA B 129 36.16 -22.17 32.86
N SER B 130 36.54 -21.31 31.91
CA SER B 130 36.37 -19.87 32.08
C SER B 130 34.90 -19.47 32.17
N ALA B 131 34.04 -20.04 31.27
CA ALA B 131 32.63 -19.72 31.24
C ALA B 131 31.94 -20.21 32.51
N ALA B 132 32.23 -21.47 32.93
CA ALA B 132 31.65 -22.00 34.15
C ALA B 132 32.12 -21.19 35.36
N ALA B 133 33.41 -20.79 35.39
CA ALA B 133 33.95 -20.04 36.51
C ALA B 133 33.29 -18.65 36.66
N ILE B 134 33.15 -17.89 35.56
CA ILE B 134 32.55 -16.57 35.67
C ILE B 134 31.05 -16.66 35.96
N THR B 135 30.37 -17.69 35.43
CA THR B 135 28.95 -17.88 35.71
C THR B 135 28.75 -18.09 37.22
N GLN B 136 29.54 -18.99 37.81
CA GLN B 136 29.47 -19.28 39.22
C GLN B 136 29.87 -18.06 40.06
N ALA B 137 30.95 -17.36 39.69
CA ALA B 137 31.41 -16.20 40.45
C ALA B 137 30.35 -15.10 40.51
N ILE B 138 29.65 -14.84 39.39
CA ILE B 138 28.61 -13.81 39.37
C ILE B 138 27.43 -14.26 40.20
N ILE B 139 27.02 -15.52 40.06
CA ILE B 139 25.90 -16.05 40.87
C ILE B 139 26.18 -15.87 42.37
N GLU B 140 27.43 -16.14 42.79
CA GLU B 140 27.80 -16.00 44.20
C GLU B 140 27.85 -14.55 44.63
N LEU B 141 28.59 -13.70 43.87
CA LEU B 141 28.77 -12.32 44.29
C LEU B 141 27.47 -11.54 44.42
N PHE B 142 26.53 -11.75 43.49
CA PHE B 142 25.25 -11.05 43.52
C PHE B 142 24.11 -11.89 44.11
N ASP B 143 24.40 -13.05 44.78
CA ASP B 143 23.40 -13.92 45.39
CA ASP B 143 23.39 -13.91 45.40
C ASP B 143 22.21 -14.15 44.47
N VAL B 144 22.51 -14.58 43.24
CA VAL B 144 21.49 -14.79 42.23
C VAL B 144 20.67 -16.03 42.59
N GLY B 145 19.34 -15.88 42.56
CA GLY B 145 18.43 -16.95 42.92
C GLY B 145 18.22 -17.97 41.81
N ILE B 146 17.61 -19.10 42.18
CA ILE B 146 17.33 -20.22 41.29
C ILE B 146 16.63 -19.80 39.99
N PHE B 147 15.62 -18.90 40.07
CA PHE B 147 14.89 -18.48 38.85
C PHE B 147 15.69 -17.63 37.89
N ASP B 148 16.65 -16.84 38.39
CA ASP B 148 17.40 -15.89 37.58
C ASP B 148 18.79 -16.36 37.12
N ALA B 149 19.33 -17.46 37.68
CA ALA B 149 20.65 -17.93 37.30
C ALA B 149 20.74 -18.28 35.80
N CYS B 150 19.65 -18.74 35.19
CA CYS B 150 19.63 -19.07 33.76
C CYS B 150 19.94 -17.82 32.89
N MET B 151 19.67 -16.60 33.38
CA MET B 151 20.01 -15.38 32.65
C MET B 151 21.49 -15.04 32.75
N VAL B 152 22.13 -15.35 33.90
CA VAL B 152 23.58 -15.21 34.04
C VAL B 152 24.23 -16.22 33.09
N LYS B 153 23.71 -17.46 33.06
CA LYS B 153 24.18 -18.53 32.19
C LYS B 153 24.12 -18.06 30.72
N ALA B 154 22.98 -17.49 30.30
CA ALA B 154 22.81 -17.01 28.92
C ALA B 154 23.75 -15.84 28.63
N ALA B 155 23.96 -14.94 29.60
CA ALA B 155 24.86 -13.79 29.39
C ALA B 155 26.30 -14.24 29.14
N VAL B 156 26.72 -15.37 29.75
CA VAL B 156 28.08 -15.88 29.59
C VAL B 156 28.20 -16.84 28.38
N TRP B 157 27.38 -17.90 28.35
CA TRP B 157 27.46 -18.97 27.36
C TRP B 157 26.63 -18.73 26.08
N GLY B 158 25.81 -17.69 26.04
CA GLY B 158 25.00 -17.40 24.88
C GLY B 158 23.90 -18.44 24.63
N ASP B 159 23.73 -18.84 23.38
CA ASP B 159 22.69 -19.81 22.98
C ASP B 159 23.08 -21.28 23.26
N TYR B 160 24.29 -21.54 23.76
CA TYR B 160 24.74 -22.92 24.03
C TYR B 160 23.87 -23.55 25.15
N PRO B 161 23.36 -24.81 25.02
CA PRO B 161 23.63 -25.82 23.99
C PRO B 161 22.66 -25.95 22.81
N GLN B 162 21.72 -24.98 22.60
CA GLN B 162 20.89 -25.00 21.40
C GLN B 162 21.81 -24.83 20.16
N THR B 163 22.85 -23.98 20.28
CA THR B 163 23.89 -23.85 19.25
C THR B 163 25.06 -24.76 19.63
N ILE B 164 25.85 -25.16 18.65
CA ILE B 164 27.00 -26.05 18.91
C ILE B 164 28.04 -25.39 19.83
N GLY B 165 28.25 -24.08 19.66
CA GLY B 165 29.19 -23.33 20.48
C GLY B 165 28.52 -22.23 21.30
N LEU B 166 29.34 -21.36 21.92
CA LEU B 166 28.84 -20.25 22.74
C LEU B 166 28.43 -19.07 21.85
N ASN B 167 27.51 -19.32 20.93
CA ASN B 167 27.01 -18.30 20.01
C ASN B 167 26.34 -17.17 20.78
N GLY B 168 26.78 -15.93 20.56
CA GLY B 168 26.21 -14.79 21.25
C GLY B 168 26.62 -14.68 22.71
N GLY B 169 27.61 -15.49 23.14
CA GLY B 169 28.11 -15.45 24.50
C GLY B 169 29.21 -14.42 24.70
N ASN B 170 29.90 -14.50 25.84
CA ASN B 170 30.97 -13.56 26.17
C ASN B 170 32.26 -14.25 26.59
N VAL B 171 32.51 -15.47 26.10
CA VAL B 171 33.77 -16.16 26.37
C VAL B 171 34.26 -16.62 25.02
N SER B 172 35.48 -16.22 24.67
CA SER B 172 36.02 -16.50 23.36
C SER B 172 37.52 -16.79 23.44
N SER B 173 38.09 -17.24 22.32
CA SER B 173 39.51 -17.51 22.23
C SER B 173 40.02 -17.02 20.87
N ILE B 174 41.35 -16.98 20.72
CA ILE B 174 41.98 -16.76 19.42
C ILE B 174 41.54 -17.92 18.45
N LEU B 175 41.25 -19.12 19.01
CA LEU B 175 40.77 -20.28 18.27
C LEU B 175 39.26 -20.32 18.22
N GLU B 176 38.74 -21.03 17.23
CA GLU B 176 37.30 -21.31 17.08
C GLU B 176 37.04 -22.74 17.48
N ILE B 177 35.77 -23.11 17.70
CA ILE B 177 35.40 -24.45 18.14
C ILE B 177 35.92 -25.53 17.15
N PRO B 178 36.24 -26.74 17.64
CA PRO B 178 36.75 -27.77 16.73
C PRO B 178 35.79 -28.18 15.63
N GLN B 179 34.47 -28.06 15.86
CA GLN B 179 33.48 -28.40 14.85
C GLN B 179 33.54 -27.53 13.62
N LYS B 180 34.21 -26.37 13.68
CA LYS B 180 34.33 -25.52 12.49
C LYS B 180 35.50 -25.91 11.58
N ASP B 181 36.37 -26.87 11.99
CA ASP B 181 37.48 -27.30 11.15
C ASP B 181 36.99 -27.96 9.88
N GLU B 182 37.61 -27.59 8.76
CA GLU B 182 37.27 -28.17 7.47
C GLU B 182 37.68 -29.64 7.39
N GLY B 183 38.83 -29.98 7.97
CA GLY B 183 39.38 -31.31 7.94
C GLY B 183 40.20 -31.60 9.18
N LEU B 184 41.15 -32.55 9.07
CA LEU B 184 41.98 -32.94 10.22
C LEU B 184 43.24 -32.07 10.30
N GLY B 185 43.44 -31.41 11.45
CA GLY B 185 44.62 -30.59 11.69
C GLY B 185 44.45 -29.12 11.38
N PHE B 186 43.19 -28.65 11.28
CA PHE B 186 42.91 -27.26 10.90
C PHE B 186 42.64 -26.29 12.07
N THR B 187 42.67 -26.74 13.35
CA THR B 187 42.32 -25.83 14.44
C THR B 187 43.23 -24.61 14.50
N LEU B 188 44.54 -24.82 14.42
CA LEU B 188 45.50 -23.69 14.45
C LEU B 188 45.48 -22.86 13.16
N ARG B 189 44.78 -23.31 12.12
CA ARG B 189 44.62 -22.58 10.88
C ARG B 189 43.37 -21.69 10.92
N ASN B 190 42.42 -21.92 11.86
CA ASN B 190 41.18 -21.13 11.89
C ASN B 190 41.32 -19.89 12.74
N ILE B 191 42.25 -19.01 12.35
CA ILE B 191 42.51 -17.78 13.07
C ILE B 191 42.50 -16.64 12.06
N MET B 192 41.51 -15.72 12.15
CA MET B 192 41.38 -14.56 11.25
C MET B 192 42.70 -13.81 11.11
N ALA B 193 43.02 -13.34 9.90
CA ALA B 193 44.22 -12.52 9.71
C ALA B 193 44.14 -11.24 10.57
N ASN B 194 42.91 -10.69 10.76
CA ASN B 194 42.71 -9.53 11.62
C ASN B 194 43.19 -9.80 13.05
N HIS B 195 42.93 -11.00 13.58
CA HIS B 195 43.40 -11.33 14.95
C HIS B 195 44.94 -11.23 15.00
N ILE B 196 45.63 -11.80 14.00
CA ILE B 196 47.09 -11.79 13.97
C ILE B 196 47.63 -10.37 13.93
N ALA B 197 47.10 -9.53 13.02
CA ALA B 197 47.58 -8.15 12.90
C ALA B 197 47.33 -7.38 14.20
N ALA B 198 46.17 -7.59 14.86
CA ALA B 198 45.88 -6.89 16.12
C ALA B 198 46.83 -7.33 17.24
N ILE B 199 47.05 -8.64 17.37
CA ILE B 199 47.95 -9.20 18.38
C ILE B 199 49.36 -8.64 18.23
N THR B 200 49.88 -8.62 17.01
CA THR B 200 51.23 -8.14 16.72
C THR B 200 51.31 -6.61 16.56
N GLN B 201 50.28 -5.86 16.98
CA GLN B 201 50.32 -4.39 16.99
C GLN B 201 50.58 -3.80 15.60
N ARG B 202 50.09 -4.47 14.54
CA ARG B 202 50.25 -4.02 13.16
C ARG B 202 51.72 -3.89 12.71
N ASN B 203 52.62 -4.66 13.33
CA ASN B 203 54.01 -4.75 12.90
C ASN B 203 53.93 -5.84 11.84
N ALA B 204 54.10 -5.48 10.55
CA ALA B 204 53.93 -6.42 9.45
C ALA B 204 54.85 -7.65 9.48
N MET B 205 56.11 -7.49 9.94
CA MET B 205 57.03 -8.63 10.00
C MET B 205 56.57 -9.60 11.07
N ASN B 206 56.25 -9.10 12.28
CA ASN B 206 55.78 -9.97 13.36
C ASN B 206 54.42 -10.58 13.00
N ALA B 207 53.57 -9.87 12.24
CA ALA B 207 52.28 -10.41 11.80
C ALA B 207 52.53 -11.63 10.88
N ALA B 208 53.44 -11.49 9.90
CA ALA B 208 53.76 -12.59 9.00
C ALA B 208 54.39 -13.75 9.78
N ALA B 209 55.27 -13.45 10.76
CA ALA B 209 55.93 -14.49 11.55
C ALA B 209 54.93 -15.29 12.40
N LEU B 210 54.02 -14.62 13.14
CA LEU B 210 53.06 -15.34 13.99
C LEU B 210 52.13 -16.19 13.13
N SER B 211 51.66 -15.62 12.01
CA SER B 211 50.81 -16.35 11.08
C SER B 211 51.56 -17.56 10.50
N SER B 212 52.82 -17.39 10.07
CA SER B 212 53.58 -18.49 9.49
C SER B 212 53.77 -19.61 10.53
N ILE B 213 54.07 -19.25 11.79
CA ILE B 213 54.22 -20.25 12.86
C ILE B 213 52.90 -21.06 13.00
N LEU B 214 51.77 -20.37 13.14
CA LEU B 214 50.48 -21.06 13.33
C LEU B 214 50.09 -21.88 12.11
N GLU B 215 50.28 -21.33 10.91
CA GLU B 215 49.98 -22.06 9.68
C GLU B 215 50.83 -23.33 9.57
N GLN B 216 52.14 -23.24 9.87
CA GLN B 216 52.99 -24.42 9.77
C GLN B 216 52.73 -25.40 10.89
N CYS B 217 52.30 -24.94 12.10
CA CYS B 217 51.84 -25.89 13.14
C CYS B 217 50.61 -26.65 12.61
N GLY B 218 49.73 -25.94 11.90
CA GLY B 218 48.58 -26.55 11.25
C GLY B 218 48.99 -27.56 10.18
N GLU B 219 49.93 -27.19 9.29
CA GLU B 219 50.40 -28.11 8.24
C GLU B 219 51.05 -29.37 8.85
N PHE B 220 51.77 -29.22 9.97
CA PHE B 220 52.35 -30.37 10.66
C PHE B 220 51.22 -31.25 11.22
N GLU B 221 50.23 -30.65 11.90
CA GLU B 221 49.11 -31.41 12.45
C GLU B 221 48.25 -32.09 11.37
N MET B 222 48.21 -31.51 10.17
CA MET B 222 47.48 -32.07 9.04
C MET B 222 48.16 -33.33 8.44
N GLY B 223 49.45 -33.53 8.73
CA GLY B 223 50.23 -34.61 8.15
C GLY B 223 50.95 -34.20 6.87
N ASN B 224 51.12 -32.86 6.64
CA ASN B 224 51.77 -32.34 5.44
C ASN B 224 53.25 -31.99 5.64
N ALA B 225 53.89 -32.51 6.70
CA ALA B 225 55.32 -32.25 6.93
C ALA B 225 56.00 -33.54 7.40
N ILE B 226 55.68 -34.66 6.70
CA ILE B 226 56.25 -35.97 6.99
C ILE B 226 57.28 -36.32 5.91
N GLY B 227 58.36 -36.96 6.32
CA GLY B 227 59.40 -37.38 5.41
C GLY B 227 60.04 -36.19 4.72
N MET B 228 60.18 -36.26 3.39
CA MET B 228 60.79 -35.18 2.61
C MET B 228 60.01 -33.85 2.78
N PHE B 229 58.72 -33.93 3.10
CA PHE B 229 57.89 -32.72 3.26
C PHE B 229 58.21 -31.95 4.55
N GLU B 230 58.96 -32.54 5.50
CA GLU B 230 59.35 -31.79 6.70
C GLU B 230 60.32 -30.69 6.26
N ARG B 231 61.37 -31.06 5.50
CA ARG B 231 62.33 -30.10 4.96
C ARG B 231 61.58 -29.02 4.13
N HIS B 232 60.63 -29.45 3.29
CA HIS B 232 59.86 -28.55 2.43
C HIS B 232 59.15 -27.45 3.23
N GLN B 233 58.42 -27.84 4.28
CA GLN B 233 57.68 -26.87 5.09
C GLN B 233 58.61 -26.03 5.99
N LEU B 234 59.68 -26.64 6.53
CA LEU B 234 60.61 -25.89 7.39
C LEU B 234 61.39 -24.83 6.63
N LEU B 235 61.74 -25.10 5.36
CA LEU B 235 62.41 -24.09 4.53
C LEU B 235 61.45 -22.91 4.31
N GLY B 236 60.17 -23.20 4.08
CA GLY B 236 59.17 -22.16 3.91
C GLY B 236 58.99 -21.36 5.20
N LEU B 237 58.91 -22.04 6.36
CA LEU B 237 58.78 -21.38 7.66
C LEU B 237 59.97 -20.43 7.89
N ALA B 238 61.20 -20.92 7.65
CA ALA B 238 62.40 -20.11 7.92
C ALA B 238 62.52 -18.91 6.97
N TYR B 239 62.41 -19.13 5.64
CA TYR B 239 62.58 -18.06 4.67
C TYR B 239 61.41 -17.07 4.57
N GLN B 240 60.16 -17.57 4.66
CA GLN B 240 59.01 -16.68 4.58
C GLN B 240 58.62 -16.14 5.96
N GLY B 241 58.54 -17.01 6.95
CA GLY B 241 58.07 -16.61 8.27
C GLY B 241 59.09 -15.96 9.19
N LEU B 242 60.35 -16.41 9.15
CA LEU B 242 61.35 -15.94 10.11
C LEU B 242 62.51 -15.18 9.49
N ASN B 243 62.30 -14.56 8.31
CA ASN B 243 63.30 -13.71 7.68
C ASN B 243 64.70 -14.34 7.60
N ALA B 244 64.76 -15.62 7.17
CA ALA B 244 66.06 -16.32 7.07
C ALA B 244 66.96 -15.62 6.09
N ASN B 245 68.23 -15.46 6.48
CA ASN B 245 69.27 -14.78 5.72
C ASN B 245 68.87 -13.34 5.32
N ASN B 246 67.89 -12.75 6.03
CA ASN B 246 67.41 -11.39 5.82
C ASN B 246 66.84 -11.18 4.40
N ILE B 247 66.44 -12.25 3.70
CA ILE B 247 65.96 -12.11 2.32
C ILE B 247 64.68 -11.28 2.26
N VAL B 248 63.70 -11.55 3.12
CA VAL B 248 62.44 -10.77 3.10
C VAL B 248 62.73 -9.29 3.40
N TYR B 249 63.37 -9.00 4.55
CA TYR B 249 63.63 -7.62 4.93
C TYR B 249 64.49 -6.86 3.91
N GLU B 250 65.61 -7.44 3.47
CA GLU B 250 66.48 -6.76 2.50
C GLU B 250 65.82 -6.59 1.13
N THR B 251 64.97 -7.54 0.70
CA THR B 251 64.26 -7.38 -0.58
C THR B 251 63.28 -6.22 -0.46
N VAL B 252 62.55 -6.15 0.66
CA VAL B 252 61.62 -5.05 0.89
C VAL B 252 62.37 -3.72 0.99
N LYS B 253 63.51 -3.67 1.69
CA LYS B 253 64.27 -2.42 1.82
C LYS B 253 64.78 -1.96 0.45
N GLU B 254 65.36 -2.88 -0.35
CA GLU B 254 65.88 -2.58 -1.68
C GLU B 254 64.77 -2.09 -2.62
N GLN B 255 63.56 -2.63 -2.50
CA GLN B 255 62.43 -2.30 -3.37
C GLN B 255 61.40 -1.33 -2.73
N GLY B 256 61.66 -0.84 -1.53
CA GLY B 256 60.71 -0.03 -0.79
C GLY B 256 60.41 1.36 -1.32
N LYS B 257 61.41 2.03 -1.90
CA LYS B 257 61.20 3.39 -2.39
C LYS B 257 60.40 3.45 -3.69
N SER B 258 60.75 2.61 -4.69
CA SER B 258 60.11 2.69 -6.01
C SER B 258 59.70 1.32 -6.62
N GLY B 259 59.82 0.26 -5.85
CA GLY B 259 59.52 -1.08 -6.31
C GLY B 259 58.05 -1.37 -6.53
N THR B 260 57.81 -2.43 -7.31
CA THR B 260 56.49 -2.92 -7.69
C THR B 260 56.47 -4.45 -7.49
N ILE B 261 55.33 -5.10 -7.76
CA ILE B 261 55.24 -6.56 -7.73
C ILE B 261 56.33 -7.14 -8.71
N GLY B 262 56.41 -6.57 -9.92
CA GLY B 262 57.33 -7.04 -10.94
C GLY B 262 58.79 -6.87 -10.61
N THR B 263 59.19 -5.71 -10.03
CA THR B 263 60.61 -5.53 -9.68
C THR B 263 60.99 -6.48 -8.55
N VAL B 264 60.04 -6.87 -7.66
CA VAL B 264 60.32 -7.84 -6.61
C VAL B 264 60.55 -9.22 -7.25
N VAL B 265 59.78 -9.58 -8.30
CA VAL B 265 59.99 -10.82 -9.06
C VAL B 265 61.44 -10.84 -9.59
N HIS B 266 61.86 -9.75 -10.24
CA HIS B 266 63.20 -9.66 -10.83
C HIS B 266 64.28 -9.76 -9.77
N SER B 267 64.08 -9.15 -8.60
CA SER B 267 65.05 -9.21 -7.52
C SER B 267 65.22 -10.64 -7.01
N ILE B 268 64.11 -11.36 -6.84
CA ILE B 268 64.14 -12.73 -6.33
C ILE B 268 64.82 -13.66 -7.34
N VAL B 269 64.55 -13.51 -8.65
CA VAL B 269 65.20 -14.34 -9.67
C VAL B 269 66.71 -14.07 -9.66
N GLU B 270 67.10 -12.79 -9.60
CA GLU B 270 68.51 -12.42 -9.54
C GLU B 270 69.20 -13.06 -8.32
N ARG B 271 68.56 -13.00 -7.15
CA ARG B 271 69.11 -13.56 -5.92
C ARG B 271 69.20 -15.09 -5.98
N ALA B 272 68.14 -15.77 -6.47
CA ALA B 272 68.16 -17.23 -6.59
C ALA B 272 69.30 -17.69 -7.51
N LEU B 273 69.54 -16.95 -8.59
CA LEU B 273 70.62 -17.26 -9.52
C LEU B 273 72.00 -17.02 -8.87
N GLU B 274 72.16 -15.89 -8.15
CA GLU B 274 73.41 -15.56 -7.46
C GLU B 274 73.75 -16.60 -6.38
N ASP B 275 72.73 -17.06 -5.63
CA ASP B 275 72.91 -18.06 -4.57
C ASP B 275 73.00 -19.52 -5.07
N GLY B 276 72.92 -19.75 -6.39
CA GLY B 276 73.01 -21.08 -6.95
C GLY B 276 71.77 -21.93 -6.80
N VAL B 277 70.64 -21.33 -6.40
CA VAL B 277 69.37 -22.05 -6.23
C VAL B 277 68.80 -22.46 -7.60
N ILE B 278 69.00 -21.60 -8.63
CA ILE B 278 68.56 -21.87 -10.00
C ILE B 278 69.73 -21.63 -10.96
N SER B 279 69.66 -22.23 -12.14
CA SER B 279 70.66 -22.06 -13.20
C SER B 279 69.95 -22.12 -14.56
N VAL B 280 70.61 -21.62 -15.62
CA VAL B 280 70.04 -21.71 -16.97
C VAL B 280 70.05 -23.18 -17.37
N ASP B 281 68.91 -23.70 -17.83
CA ASP B 281 68.79 -25.07 -18.29
C ASP B 281 69.10 -25.06 -19.78
N LYS B 282 68.39 -24.25 -20.56
CA LYS B 282 68.61 -24.15 -21.99
C LYS B 282 68.08 -22.82 -22.52
N VAL B 283 68.67 -22.36 -23.63
CA VAL B 283 68.33 -21.10 -24.26
C VAL B 283 67.56 -21.40 -25.53
N ALA B 284 66.38 -20.79 -25.64
CA ALA B 284 65.52 -20.97 -26.80
C ALA B 284 66.04 -20.12 -27.98
N PRO B 285 65.60 -20.40 -29.23
CA PRO B 285 66.06 -19.59 -30.37
C PRO B 285 65.84 -18.07 -30.23
N SER B 286 64.78 -17.64 -29.55
CA SER B 286 64.53 -16.20 -29.33
C SER B 286 65.52 -15.54 -28.33
N GLY B 287 66.26 -16.35 -27.58
CA GLY B 287 67.15 -15.85 -26.53
C GLY B 287 66.57 -16.05 -25.14
N TYR B 288 65.27 -16.46 -25.03
CA TYR B 288 64.65 -16.70 -23.74
C TYR B 288 65.35 -17.85 -23.05
N LYS B 289 65.68 -17.68 -21.77
CA LYS B 289 66.36 -18.69 -20.98
C LYS B 289 65.38 -19.47 -20.11
N PHE B 290 65.30 -20.78 -20.32
CA PHE B 290 64.49 -21.64 -19.46
C PHE B 290 65.41 -22.00 -18.29
N TYR B 291 65.00 -21.77 -17.05
CA TYR B 291 65.81 -22.08 -15.87
C TYR B 291 65.43 -23.43 -15.27
N LYS B 292 66.39 -24.02 -14.55
CA LYS B 292 66.17 -25.26 -13.79
C LYS B 292 66.41 -24.98 -12.31
N ALA B 293 65.68 -25.68 -11.44
CA ALA B 293 65.87 -25.55 -9.99
C ALA B 293 66.91 -26.56 -9.55
N ASN B 294 68.05 -26.09 -9.04
CA ASN B 294 69.10 -26.97 -8.52
C ASN B 294 68.66 -27.61 -7.18
N ASP B 295 67.81 -26.90 -6.42
CA ASP B 295 67.22 -27.38 -5.17
C ASP B 295 65.76 -26.92 -5.20
N VAL B 296 64.86 -27.83 -5.53
CA VAL B 296 63.44 -27.52 -5.72
C VAL B 296 62.81 -26.92 -4.45
N MET B 297 63.08 -27.53 -3.28
CA MET B 297 62.48 -27.06 -2.03
C MET B 297 63.01 -25.69 -1.66
N LEU B 298 64.30 -25.43 -1.91
CA LEU B 298 64.87 -24.13 -1.60
C LEU B 298 64.33 -23.07 -2.58
N TRP B 299 64.13 -23.42 -3.86
CA TRP B 299 63.50 -22.53 -4.83
C TRP B 299 62.08 -22.17 -4.35
N ASN B 300 61.31 -23.17 -3.87
CA ASN B 300 59.98 -22.94 -3.34
C ASN B 300 60.01 -21.93 -2.19
N ALA B 301 61.02 -22.05 -1.32
CA ALA B 301 61.19 -21.17 -0.16
C ALA B 301 61.53 -19.76 -0.60
N TYR B 302 62.35 -19.61 -1.63
CA TYR B 302 62.68 -18.28 -2.17
C TYR B 302 61.40 -17.65 -2.76
N ALA B 303 60.56 -18.44 -3.43
CA ALA B 303 59.30 -17.93 -3.99
C ALA B 303 58.32 -17.56 -2.87
N ALA B 304 58.35 -18.27 -1.72
CA ALA B 304 57.51 -17.94 -0.55
C ALA B 304 57.99 -16.63 0.07
N ALA B 305 59.33 -16.46 0.24
CA ALA B 305 59.90 -15.22 0.76
C ALA B 305 59.54 -14.06 -0.21
N GLY B 306 59.65 -14.31 -1.51
CA GLY B 306 59.33 -13.32 -2.53
C GLY B 306 57.88 -12.92 -2.52
N SER B 307 56.98 -13.88 -2.31
CA SER B 307 55.55 -13.62 -2.24
C SER B 307 55.26 -12.64 -1.08
N LEU B 308 55.93 -12.85 0.07
CA LEU B 308 55.77 -11.95 1.21
C LEU B 308 56.40 -10.60 0.96
N ALA B 309 57.64 -10.56 0.45
CA ALA B 309 58.31 -9.29 0.16
C ALA B 309 57.48 -8.45 -0.85
N ALA B 310 56.92 -9.09 -1.89
CA ALA B 310 56.08 -8.39 -2.86
C ALA B 310 54.82 -7.83 -2.18
N THR B 311 54.23 -8.57 -1.24
CA THR B 311 53.05 -8.10 -0.50
C THR B 311 53.41 -6.83 0.29
N MET B 312 54.55 -6.86 0.97
CA MET B 312 54.99 -5.72 1.77
C MET B 312 55.27 -4.50 0.89
N VAL B 313 55.90 -4.70 -0.26
CA VAL B 313 56.20 -3.59 -1.18
C VAL B 313 54.92 -3.02 -1.78
N ASN B 314 54.01 -3.89 -2.26
CA ASN B 314 52.81 -3.42 -2.95
C ASN B 314 51.73 -2.91 -1.98
N CYS B 315 51.32 -3.72 -0.98
CA CYS B 315 50.37 -3.26 0.04
C CYS B 315 50.97 -2.09 0.82
N GLY B 316 52.27 -2.12 1.10
CA GLY B 316 52.92 -1.04 1.82
C GLY B 316 52.87 0.28 1.08
N ALA B 317 53.08 0.25 -0.25
CA ALA B 317 53.07 1.47 -1.05
C ALA B 317 51.68 2.08 -1.07
N ALA B 318 50.63 1.27 -1.27
CA ALA B 318 49.26 1.78 -1.26
C ALA B 318 48.74 2.00 0.16
N ARG B 319 49.40 1.44 1.21
CA ARG B 319 48.91 1.35 2.60
C ARG B 319 47.48 0.79 2.56
N ALA B 320 47.31 -0.29 1.75
CA ALA B 320 45.99 -0.85 1.47
C ALA B 320 46.07 -2.38 1.44
N ALA B 321 45.33 -3.04 2.33
CA ALA B 321 45.39 -4.49 2.43
C ALA B 321 44.91 -5.21 1.20
N GLN B 322 43.91 -4.67 0.47
CA GLN B 322 43.32 -5.41 -0.65
C GLN B 322 44.31 -5.87 -1.70
N CYS B 323 45.45 -5.16 -1.87
CA CYS B 323 46.44 -5.51 -2.88
C CYS B 323 47.06 -6.89 -2.66
N VAL B 324 46.92 -7.50 -1.47
CA VAL B 324 47.56 -8.81 -1.23
C VAL B 324 47.07 -9.91 -2.16
N SER B 325 45.75 -9.95 -2.46
CA SER B 325 45.21 -11.03 -3.29
C SER B 325 45.84 -10.99 -4.69
N SER B 326 45.90 -9.81 -5.31
CA SER B 326 46.51 -9.67 -6.62
C SER B 326 48.04 -9.81 -6.52
N THR B 327 48.67 -9.39 -5.42
CA THR B 327 50.12 -9.52 -5.29
C THR B 327 50.52 -11.00 -5.30
N LEU B 328 49.84 -11.83 -4.51
CA LEU B 328 50.17 -13.24 -4.46
C LEU B 328 49.96 -13.91 -5.83
N LEU B 329 48.95 -13.44 -6.59
CA LEU B 329 48.67 -13.99 -7.90
C LEU B 329 49.76 -13.61 -8.89
N TYR B 330 49.99 -12.31 -9.09
CA TYR B 330 50.88 -11.83 -10.13
C TYR B 330 52.37 -11.98 -9.78
N PHE B 331 52.76 -12.03 -8.49
CA PHE B 331 54.17 -12.32 -8.15
C PHE B 331 54.53 -13.73 -8.69
N ASN B 332 53.66 -14.71 -8.44
CA ASN B 332 53.92 -16.09 -8.86
C ASN B 332 53.68 -16.31 -10.36
N ASP B 333 52.63 -15.70 -10.94
CA ASP B 333 52.37 -15.82 -12.38
C ASP B 333 53.57 -15.22 -13.16
N LEU B 334 53.99 -14.00 -12.78
CA LEU B 334 55.13 -13.37 -13.44
C LEU B 334 56.44 -14.11 -13.16
N LEU B 335 56.60 -14.71 -11.98
CA LEU B 335 57.82 -15.48 -11.67
C LEU B 335 57.96 -16.66 -12.65
N GLU B 336 56.84 -17.36 -12.92
CA GLU B 336 56.84 -18.48 -13.87
C GLU B 336 57.14 -17.99 -15.28
N LYS B 337 56.52 -16.87 -15.69
CA LYS B 337 56.76 -16.35 -17.03
C LYS B 337 58.21 -15.85 -17.20
N GLU B 338 58.83 -15.37 -16.11
CA GLU B 338 60.21 -14.87 -16.14
C GLU B 338 61.23 -16.00 -16.18
N THR B 339 60.93 -17.18 -15.60
CA THR B 339 61.93 -18.24 -15.46
C THR B 339 61.66 -19.57 -16.14
N GLY B 340 60.40 -19.91 -16.38
CA GLY B 340 60.05 -21.22 -16.87
C GLY B 340 60.02 -22.25 -15.73
N LEU B 341 60.02 -21.79 -14.45
CA LEU B 341 59.93 -22.66 -13.29
C LEU B 341 58.62 -22.44 -12.55
N PRO B 342 58.07 -23.46 -11.87
CA PRO B 342 56.82 -23.24 -11.12
C PRO B 342 56.96 -22.20 -10.01
N GLY B 343 55.87 -21.51 -9.73
CA GLY B 343 55.81 -20.52 -8.66
C GLY B 343 55.67 -21.18 -7.31
N CYS B 344 55.48 -20.37 -6.25
CA CYS B 344 55.40 -20.88 -4.90
C CYS B 344 54.33 -21.94 -4.72
N ASP B 345 54.69 -23.04 -4.08
CA ASP B 345 53.80 -24.16 -3.84
C ASP B 345 53.28 -24.77 -5.16
N TYR B 346 54.09 -24.67 -6.24
CA TYR B 346 53.84 -25.32 -7.54
C TYR B 346 52.49 -24.96 -8.12
N GLY B 347 52.13 -23.68 -8.00
CA GLY B 347 50.86 -23.16 -8.51
C GLY B 347 49.81 -22.95 -7.44
N LYS B 348 49.99 -23.50 -6.22
CA LYS B 348 48.95 -23.39 -5.18
C LYS B 348 48.89 -22.01 -4.49
N VAL B 349 49.99 -21.21 -4.46
CA VAL B 349 49.88 -19.85 -3.93
C VAL B 349 49.12 -19.02 -4.98
N GLN B 350 49.50 -19.15 -6.27
CA GLN B 350 48.80 -18.42 -7.33
C GLN B 350 47.32 -18.82 -7.38
N GLY B 351 47.03 -20.12 -7.28
CA GLY B 351 45.64 -20.60 -7.29
C GLY B 351 44.86 -20.06 -6.12
N THR B 352 45.43 -20.13 -4.92
CA THR B 352 44.80 -19.56 -3.72
C THR B 352 44.48 -18.06 -3.96
N ALA B 353 45.45 -17.34 -4.53
CA ALA B 353 45.32 -15.92 -4.82
C ALA B 353 44.22 -15.63 -5.85
N VAL B 354 44.00 -16.54 -6.82
CA VAL B 354 42.94 -16.36 -7.82
C VAL B 354 41.57 -16.34 -7.09
N GLY B 355 41.28 -17.37 -6.29
CA GLY B 355 40.00 -17.44 -5.59
C GLY B 355 39.87 -16.38 -4.51
N PHE B 356 40.99 -16.08 -3.86
CA PHE B 356 41.03 -15.05 -2.83
C PHE B 356 40.72 -13.66 -3.46
N SER B 357 41.28 -13.37 -4.66
CA SER B 357 40.96 -12.11 -5.35
C SER B 357 39.46 -12.05 -5.66
N PHE B 358 38.93 -13.13 -6.23
CA PHE B 358 37.52 -13.24 -6.54
C PHE B 358 36.63 -13.01 -5.31
N PHE B 359 36.92 -13.72 -4.21
CA PHE B 359 36.12 -13.63 -2.98
C PHE B 359 36.45 -12.43 -2.09
N SER B 360 37.27 -11.50 -2.57
CA SER B 360 37.50 -10.23 -1.89
C SER B 360 37.08 -9.04 -2.83
N HIS B 361 36.42 -9.33 -3.99
CA HIS B 361 35.97 -8.32 -4.95
C HIS B 361 34.63 -8.71 -5.60
N SER B 362 33.83 -9.64 -5.02
CA SER B 362 32.60 -10.10 -5.66
C SER B 362 31.42 -10.18 -4.67
N ILE B 363 30.23 -10.52 -5.19
CA ILE B 363 29.03 -10.64 -4.36
C ILE B 363 28.95 -11.97 -3.61
N TYR B 364 29.74 -12.98 -3.99
CA TYR B 364 29.46 -14.36 -3.56
C TYR B 364 29.83 -14.76 -2.14
N GLY B 365 30.77 -14.08 -1.53
CA GLY B 365 31.19 -14.42 -0.18
C GLY B 365 32.48 -13.74 0.17
N GLY B 366 33.24 -14.36 1.08
CA GLY B 366 34.51 -13.79 1.49
C GLY B 366 34.35 -12.50 2.27
N GLY B 367 35.05 -11.47 1.83
CA GLY B 367 35.06 -10.17 2.49
C GLY B 367 36.40 -9.49 2.25
N GLY B 368 36.78 -8.58 3.13
CA GLY B 368 38.09 -7.94 3.06
C GLY B 368 39.16 -8.94 3.46
N PRO B 369 40.45 -8.66 3.18
CA PRO B 369 41.51 -9.63 3.54
C PRO B 369 41.51 -10.11 5.00
N GLY B 370 41.13 -9.22 5.92
CA GLY B 370 41.12 -9.53 7.34
C GLY B 370 40.30 -10.71 7.81
N VAL B 371 39.23 -11.06 7.09
CA VAL B 371 38.36 -12.17 7.49
C VAL B 371 38.93 -13.54 7.11
N PHE B 372 39.93 -13.60 6.21
CA PHE B 372 40.45 -14.89 5.75
C PHE B 372 41.40 -15.53 6.77
N ASN B 373 41.57 -16.84 6.61
CA ASN B 373 42.40 -17.65 7.50
C ASN B 373 42.74 -18.99 6.80
N GLY B 374 43.65 -19.75 7.38
CA GLY B 374 44.07 -21.01 6.78
C GLY B 374 42.99 -22.09 6.74
N ASN B 375 41.92 -21.94 7.53
CA ASN B 375 40.76 -22.87 7.51
C ASN B 375 39.64 -22.36 6.58
N HIS B 376 39.74 -21.12 6.07
CA HIS B 376 38.70 -20.56 5.21
C HIS B 376 38.74 -21.33 3.89
N ILE B 377 37.57 -21.74 3.37
CA ILE B 377 37.54 -22.49 2.11
C ILE B 377 38.24 -21.77 0.97
N VAL B 378 38.22 -20.43 0.97
CA VAL B 378 38.84 -19.67 -0.09
C VAL B 378 40.37 -19.72 -0.02
N THR B 379 40.95 -19.63 1.19
CA THR B 379 42.39 -19.47 1.34
C THR B 379 43.17 -20.64 1.96
N ARG B 380 42.53 -21.80 2.13
CA ARG B 380 43.20 -22.96 2.74
C ARG B 380 44.21 -23.73 1.86
N HIS B 381 44.16 -23.54 0.54
CA HIS B 381 44.77 -24.41 -0.47
C HIS B 381 46.28 -24.45 -0.44
N SER B 382 46.96 -23.32 -0.22
CA SER B 382 48.42 -23.33 -0.13
C SER B 382 48.83 -23.96 1.22
N ARG B 383 50.00 -24.59 1.25
CA ARG B 383 50.52 -25.22 2.46
C ARG B 383 51.17 -24.20 3.39
N GLY B 384 50.35 -23.25 3.85
CA GLY B 384 50.75 -22.24 4.82
C GLY B 384 51.52 -21.05 4.27
N PHE B 385 51.61 -20.90 2.93
CA PHE B 385 52.42 -19.82 2.34
C PHE B 385 51.62 -18.59 1.91
N ALA B 386 50.29 -18.58 2.10
CA ALA B 386 49.45 -17.45 1.67
C ALA B 386 49.01 -16.54 2.83
N ILE B 387 48.49 -17.13 3.94
CA ILE B 387 47.97 -16.33 5.05
C ILE B 387 49.04 -15.43 5.71
N PRO B 388 50.33 -15.81 5.83
CA PRO B 388 51.32 -14.88 6.41
C PRO B 388 51.39 -13.56 5.64
N CYS B 389 51.22 -13.62 4.31
CA CYS B 389 51.19 -12.42 3.48
C CYS B 389 49.90 -11.61 3.75
N VAL B 390 48.78 -12.30 3.96
CA VAL B 390 47.51 -11.65 4.27
C VAL B 390 47.64 -10.91 5.61
N ALA B 391 48.26 -11.54 6.62
CA ALA B 391 48.42 -10.91 7.93
C ALA B 391 49.29 -9.65 7.82
N ALA B 392 50.38 -9.69 7.03
CA ALA B 392 51.23 -8.52 6.81
C ALA B 392 50.44 -7.42 6.10
N ALA B 393 49.64 -7.78 5.08
CA ALA B 393 48.85 -6.81 4.32
C ALA B 393 47.83 -6.10 5.19
N VAL B 394 47.14 -6.85 6.06
CA VAL B 394 46.18 -6.29 6.99
C VAL B 394 46.88 -5.30 7.93
N ALA B 395 48.07 -5.66 8.42
CA ALA B 395 48.84 -4.79 9.30
C ALA B 395 49.19 -3.47 8.62
N LEU B 396 49.53 -3.51 7.32
CA LEU B 396 49.93 -2.32 6.54
C LEU B 396 48.80 -1.39 6.10
N ASP B 397 47.53 -1.80 6.31
CA ASP B 397 46.43 -0.96 5.87
C ASP B 397 46.30 0.35 6.64
N ALA B 398 46.01 1.44 5.93
CA ALA B 398 45.76 2.74 6.53
C ALA B 398 44.35 3.18 6.14
N GLY B 399 43.40 2.68 6.92
CA GLY B 399 42.00 3.08 6.90
C GLY B 399 41.17 2.83 5.66
N THR B 400 41.44 1.75 4.89
CA THR B 400 40.60 1.46 3.72
C THR B 400 39.52 0.42 4.03
N GLN B 401 39.68 -0.37 5.11
CA GLN B 401 38.78 -1.49 5.41
C GLN B 401 37.61 -1.17 6.33
N MET B 402 36.44 -1.74 6.03
CA MET B 402 35.28 -1.62 6.90
C MET B 402 35.46 -2.61 8.05
N PHE B 403 35.82 -3.87 7.72
CA PHE B 403 35.98 -4.93 8.72
C PHE B 403 37.45 -5.06 9.08
N SER B 404 37.92 -4.04 9.78
CA SER B 404 39.30 -3.88 10.21
C SER B 404 39.59 -4.67 11.53
N PRO B 405 40.86 -4.82 11.94
CA PRO B 405 41.13 -5.49 13.22
C PRO B 405 40.55 -4.74 14.41
N GLU B 406 40.41 -3.41 14.32
CA GLU B 406 39.81 -2.61 15.40
C GLU B 406 38.31 -2.92 15.53
N MET B 407 37.64 -3.36 14.44
CA MET B 407 36.23 -3.72 14.45
C MET B 407 36.01 -5.16 14.89
N THR B 408 36.79 -6.12 14.36
CA THR B 408 36.58 -7.55 14.59
C THR B 408 37.42 -8.20 15.70
N SER B 409 38.57 -7.61 16.05
CA SER B 409 39.53 -8.27 16.92
C SER B 409 39.95 -7.48 18.15
N ALA B 410 39.07 -6.63 18.71
CA ALA B 410 39.42 -5.85 19.89
C ALA B 410 39.73 -6.74 21.09
N VAL B 411 38.88 -7.76 21.36
CA VAL B 411 39.08 -8.61 22.53
C VAL B 411 40.35 -9.48 22.37
N VAL B 412 40.44 -10.26 21.27
CA VAL B 412 41.61 -11.12 21.02
C VAL B 412 42.91 -10.29 20.97
N GLY B 413 42.87 -9.14 20.32
CA GLY B 413 44.04 -8.27 20.22
C GLY B 413 44.55 -7.81 21.58
N THR B 414 43.63 -7.41 22.47
CA THR B 414 44.01 -6.95 23.81
C THR B 414 44.53 -8.12 24.66
N VAL B 415 43.78 -9.24 24.68
CA VAL B 415 44.14 -10.39 25.51
C VAL B 415 45.45 -11.08 25.06
N TYR B 416 45.55 -11.55 23.80
CA TYR B 416 46.76 -12.25 23.33
C TYR B 416 47.89 -11.28 23.01
N GLY B 417 47.57 -10.06 22.60
CA GLY B 417 48.57 -9.03 22.36
C GLY B 417 49.30 -8.61 23.64
N SER B 418 48.71 -8.88 24.82
CA SER B 418 49.37 -8.58 26.09
C SER B 418 50.49 -9.60 26.41
N ILE B 419 50.62 -10.71 25.62
CA ILE B 419 51.61 -11.75 25.86
C ILE B 419 52.84 -11.48 24.95
N PRO B 420 54.05 -11.29 25.51
CA PRO B 420 55.21 -10.98 24.66
C PRO B 420 55.55 -11.95 23.53
N GLU B 421 55.45 -13.29 23.75
CA GLU B 421 55.79 -14.26 22.70
C GLU B 421 54.91 -14.10 21.44
N PHE B 422 53.66 -13.65 21.64
CA PHE B 422 52.72 -13.41 20.53
C PHE B 422 53.06 -12.11 19.82
N ARG B 423 53.39 -11.05 20.59
CA ARG B 423 53.74 -9.74 20.03
C ARG B 423 55.05 -9.78 19.25
N GLU B 424 56.06 -10.51 19.75
CA GLU B 424 57.39 -10.54 19.14
C GLU B 424 57.83 -11.99 18.89
N PRO B 425 57.18 -12.67 17.93
CA PRO B 425 57.50 -14.08 17.69
C PRO B 425 58.88 -14.36 17.09
N ILE B 426 59.41 -13.50 16.19
CA ILE B 426 60.74 -13.75 15.60
C ILE B 426 61.80 -13.74 16.72
N LYS B 427 61.80 -12.69 17.54
CA LYS B 427 62.72 -12.53 18.67
C LYS B 427 62.59 -13.71 19.63
N THR B 428 61.36 -14.11 19.97
CA THR B 428 61.11 -15.20 20.91
C THR B 428 61.64 -16.53 20.37
N VAL B 429 61.38 -16.83 19.09
CA VAL B 429 61.84 -18.08 18.47
C VAL B 429 63.37 -18.15 18.46
N ALA B 430 64.05 -17.10 17.99
CA ALA B 430 65.50 -17.10 17.91
C ALA B 430 66.12 -17.22 19.30
N ALA B 431 65.54 -16.54 20.31
CA ALA B 431 66.09 -16.57 21.66
C ALA B 431 65.98 -17.93 22.34
N SER B 432 64.99 -18.76 21.96
CA SER B 432 64.82 -20.08 22.58
C SER B 432 65.73 -21.18 22.02
N LEU B 433 66.57 -20.86 21.00
CA LEU B 433 67.46 -21.85 20.40
C LEU B 433 68.52 -22.30 21.41
N ALA C 2 73.75 -7.71 -11.26
CA ALA C 2 72.85 -7.22 -12.30
C ALA C 2 71.95 -8.34 -12.83
N TYR C 3 70.82 -7.97 -13.43
CA TYR C 3 69.89 -8.95 -14.01
C TYR C 3 69.01 -8.25 -15.04
N GLU C 4 68.96 -8.77 -16.28
CA GLU C 4 68.17 -8.19 -17.36
C GLU C 4 66.86 -8.99 -17.47
N PRO C 5 65.69 -8.43 -17.09
CA PRO C 5 64.45 -9.19 -17.21
C PRO C 5 64.14 -9.63 -18.65
N GLN C 6 63.64 -10.85 -18.82
CA GLN C 6 63.27 -11.41 -20.13
C GLN C 6 61.74 -11.48 -20.31
N TYR C 7 60.97 -11.45 -19.20
CA TYR C 7 59.51 -11.33 -19.14
C TYR C 7 58.69 -12.52 -19.60
N TYR C 8 58.92 -12.99 -20.84
CA TYR C 8 58.06 -13.99 -21.45
C TYR C 8 58.74 -14.59 -22.68
N PRO C 9 58.51 -15.87 -22.97
CA PRO C 9 59.13 -16.49 -24.17
C PRO C 9 58.38 -16.11 -25.46
N GLY C 10 58.79 -16.71 -26.59
CA GLY C 10 58.12 -16.48 -27.87
C GLY C 10 58.84 -15.48 -28.75
N ASN C 11 58.63 -15.61 -30.07
CA ASN C 11 59.29 -14.76 -31.06
C ASN C 11 58.34 -14.10 -32.08
N THR C 12 57.02 -14.31 -31.95
CA THR C 12 56.07 -13.70 -32.89
C THR C 12 55.78 -12.24 -32.48
N SER C 13 55.06 -11.47 -33.33
CA SER C 13 54.67 -10.09 -32.99
C SER C 13 53.85 -10.09 -31.69
N VAL C 14 53.00 -11.11 -31.46
CA VAL C 14 52.19 -11.20 -30.26
C VAL C 14 53.09 -11.28 -29.02
N ALA C 15 54.11 -12.15 -29.05
CA ALA C 15 55.04 -12.29 -27.92
C ALA C 15 55.83 -10.99 -27.73
N GLN C 16 56.24 -10.34 -28.82
CA GLN C 16 56.97 -9.08 -28.73
C GLN C 16 56.10 -7.99 -28.08
N ASN C 17 54.80 -7.95 -28.46
CA ASN C 17 53.86 -6.98 -27.89
C ASN C 17 53.59 -7.29 -26.43
N ARG C 18 53.50 -8.57 -26.07
CA ARG C 18 53.32 -8.97 -24.67
C ARG C 18 54.50 -8.47 -23.81
N ARG C 19 55.74 -8.58 -24.32
CA ARG C 19 56.91 -8.05 -23.59
C ARG C 19 56.91 -6.52 -23.56
N LYS C 20 56.39 -5.86 -24.60
CA LYS C 20 56.26 -4.39 -24.59
C LYS C 20 55.29 -3.96 -23.46
N HIS C 21 54.13 -4.61 -23.36
CA HIS C 21 53.15 -4.27 -22.32
C HIS C 21 53.72 -4.57 -20.94
N MET C 22 54.40 -5.73 -20.77
CA MET C 22 54.99 -6.08 -19.49
C MET C 22 56.06 -5.07 -19.07
N SER C 23 56.99 -4.73 -19.98
CA SER C 23 58.08 -3.81 -19.67
C SER C 23 57.68 -2.32 -19.66
N GLY C 24 56.46 -1.99 -20.09
CA GLY C 24 56.03 -0.61 -20.18
C GLY C 24 56.59 0.13 -21.40
N ASN C 25 57.18 -0.60 -22.38
CA ASN C 25 57.71 0.01 -23.59
CA ASN C 25 57.73 -0.01 -23.60
C ASN C 25 56.59 0.10 -24.61
N VAL C 26 55.63 0.97 -24.30
CA VAL C 26 54.43 1.19 -25.09
C VAL C 26 54.41 2.62 -25.65
N GLU C 27 54.06 2.74 -26.92
CA GLU C 27 54.02 4.01 -27.63
C GLU C 27 52.79 4.83 -27.22
N LYS C 28 52.94 6.15 -27.12
CA LYS C 28 51.84 7.05 -26.84
C LYS C 28 51.16 7.38 -28.18
N LEU C 29 49.85 7.07 -28.34
CA LEU C 29 49.15 7.32 -29.60
C LEU C 29 48.10 8.42 -29.55
N ARG C 30 47.68 8.85 -28.34
CA ARG C 30 46.64 9.88 -28.22
C ARG C 30 46.79 10.59 -26.88
N GLU C 31 46.08 11.72 -26.73
CA GLU C 31 46.14 12.51 -25.52
C GLU C 31 44.76 12.66 -24.89
N ILE C 32 44.72 12.66 -23.56
CA ILE C 32 43.50 12.92 -22.80
C ILE C 32 43.87 13.95 -21.73
N SER C 33 43.03 14.99 -21.58
CA SER C 33 43.28 15.99 -20.53
C SER C 33 43.00 15.39 -19.14
N ASP C 34 43.53 16.02 -18.10
CA ASP C 34 43.30 15.55 -16.73
C ASP C 34 41.81 15.58 -16.38
N GLU C 35 41.09 16.65 -16.76
CA GLU C 35 39.67 16.75 -16.42
C GLU C 35 38.81 15.79 -17.21
N ASP C 36 39.15 15.53 -18.50
CA ASP C 36 38.40 14.56 -19.28
C ASP C 36 38.62 13.15 -18.70
N LEU C 37 39.85 12.84 -18.23
CA LEU C 37 40.09 11.52 -17.61
C LEU C 37 39.24 11.37 -16.35
N THR C 38 39.21 12.42 -15.52
CA THR C 38 38.41 12.37 -14.27
C THR C 38 36.93 12.21 -14.60
N ALA C 39 36.45 12.92 -15.64
CA ALA C 39 35.03 12.84 -16.01
C ALA C 39 34.67 11.38 -16.41
N ILE C 40 35.46 10.73 -17.28
CA ILE C 40 35.11 9.38 -17.75
C ILE C 40 35.28 8.32 -16.65
N LEU C 41 36.15 8.55 -15.65
CA LEU C 41 36.26 7.57 -14.54
C LEU C 41 35.03 7.65 -13.56
N GLY C 42 34.37 8.81 -13.46
CA GLY C 42 33.15 8.97 -12.67
C GLY C 42 33.27 8.88 -11.15
N HIS C 43 34.45 9.14 -10.60
CA HIS C 43 34.66 9.03 -9.14
C HIS C 43 34.43 10.36 -8.42
N ARG C 44 34.69 11.48 -9.10
CA ARG C 44 34.51 12.81 -8.51
C ARG C 44 34.34 13.85 -9.63
N ALA C 45 33.91 15.08 -9.27
CA ALA C 45 33.72 16.12 -10.26
C ALA C 45 35.07 16.51 -10.92
N PRO C 46 35.16 16.65 -12.26
CA PRO C 46 36.44 17.07 -12.87
C PRO C 46 36.93 18.40 -12.29
N GLY C 47 38.23 18.47 -12.02
CA GLY C 47 38.85 19.67 -11.45
C GLY C 47 38.82 19.71 -9.94
N SER C 48 37.97 18.90 -9.28
CA SER C 48 37.87 18.89 -7.81
C SER C 48 39.05 18.17 -7.17
N ASP C 49 39.30 18.45 -5.89
CA ASP C 49 40.38 17.78 -5.17
C ASP C 49 39.96 16.32 -4.86
N TYR C 50 40.97 15.45 -4.70
CA TYR C 50 40.74 14.05 -4.40
C TYR C 50 40.20 13.92 -2.96
N PRO C 51 38.99 13.36 -2.74
CA PRO C 51 38.53 13.17 -1.35
C PRO C 51 39.40 12.18 -0.59
N SER C 52 39.34 12.24 0.74
CA SER C 52 40.10 11.36 1.63
C SER C 52 39.18 10.33 2.26
N THR C 53 39.79 9.29 2.82
CA THR C 53 39.08 8.31 3.62
C THR C 53 38.76 9.02 4.98
N HIS C 54 37.81 8.48 5.74
CA HIS C 54 37.44 9.00 7.07
C HIS C 54 37.27 7.80 7.99
N PRO C 55 38.38 7.16 8.37
CA PRO C 55 38.27 5.96 9.21
C PRO C 55 37.96 6.29 10.66
N PRO C 56 37.48 5.31 11.45
CA PRO C 56 37.18 5.61 12.86
C PRO C 56 38.42 5.99 13.64
N LEU C 57 38.22 6.69 14.77
CA LEU C 57 39.26 7.19 15.66
C LEU C 57 40.30 6.09 16.02
N ALA C 58 39.82 4.87 16.35
CA ALA C 58 40.65 3.72 16.73
C ALA C 58 41.64 3.24 15.64
N GLU C 59 41.45 3.64 14.38
CA GLU C 59 42.34 3.27 13.28
C GLU C 59 43.19 4.44 12.76
N MET C 60 43.12 5.63 13.39
CA MET C 60 43.88 6.79 12.92
C MET C 60 45.39 6.63 13.21
N GLY C 61 45.73 5.99 14.31
CA GLY C 61 47.12 5.84 14.72
C GLY C 61 48.01 5.05 13.78
N GLU C 62 49.14 5.65 13.40
CA GLU C 62 50.13 4.99 12.56
C GLU C 62 50.89 4.03 13.51
N PRO C 63 50.97 2.72 13.22
CA PRO C 63 51.69 1.81 14.12
C PRO C 63 53.20 1.91 13.96
N ASP C 64 53.95 1.45 14.96
CA ASP C 64 55.39 1.33 14.86
C ASP C 64 55.62 0.08 14.04
N CYS C 65 55.97 0.23 12.75
CA CYS C 65 56.17 -0.93 11.89
C CYS C 65 57.44 -0.74 11.09
N PRO C 66 58.37 -1.71 11.13
CA PRO C 66 59.60 -1.57 10.36
C PRO C 66 59.40 -1.55 8.85
N ILE C 67 58.31 -2.15 8.35
CA ILE C 67 58.03 -2.19 6.92
C ILE C 67 57.48 -0.84 6.48
N ARG C 68 56.56 -0.24 7.26
CA ARG C 68 56.06 1.10 6.95
C ARG C 68 57.22 2.12 6.88
N GLU C 69 58.24 1.94 7.72
CA GLU C 69 59.40 2.82 7.75
C GLU C 69 60.30 2.72 6.51
N ILE C 70 60.29 1.57 5.79
CA ILE C 70 61.16 1.37 4.62
C ILE C 70 60.38 1.28 3.29
N VAL C 71 59.04 1.23 3.30
CA VAL C 71 58.26 1.22 2.07
C VAL C 71 57.61 2.59 1.97
N GLU C 72 58.05 3.38 0.99
CA GLU C 72 57.54 4.73 0.81
C GLU C 72 56.09 4.67 0.33
N PRO C 73 55.16 5.38 0.97
CA PRO C 73 53.79 5.41 0.42
C PRO C 73 53.78 6.10 -0.94
N THR C 74 52.83 5.69 -1.79
CA THR C 74 52.61 6.35 -3.07
C THR C 74 52.02 7.76 -2.75
N PRO C 75 51.96 8.70 -3.72
CA PRO C 75 51.33 10.00 -3.43
C PRO C 75 49.88 9.85 -2.94
N GLY C 76 49.14 8.93 -3.53
CA GLY C 76 47.76 8.66 -3.13
C GLY C 76 47.64 8.12 -1.72
N ALA C 77 48.54 7.21 -1.33
CA ALA C 77 48.50 6.64 0.02
C ALA C 77 48.90 7.72 1.05
N ALA C 78 49.93 8.52 0.75
CA ALA C 78 50.36 9.58 1.64
C ALA C 78 49.23 10.60 1.90
N ALA C 79 48.40 10.89 0.88
CA ALA C 79 47.28 11.83 1.01
C ALA C 79 46.01 11.21 1.60
N GLY C 80 45.95 9.89 1.71
CA GLY C 80 44.77 9.22 2.25
C GLY C 80 43.63 9.16 1.26
N ASP C 81 43.91 9.11 -0.06
CA ASP C 81 42.84 9.05 -1.07
C ASP C 81 41.98 7.83 -0.89
N ARG C 82 40.74 7.89 -1.39
CA ARG C 82 39.87 6.74 -1.40
C ARG C 82 40.39 5.74 -2.47
N ILE C 83 40.08 4.46 -2.30
CA ILE C 83 40.46 3.47 -3.29
C ILE C 83 39.42 3.58 -4.42
N ARG C 84 39.88 3.83 -5.65
CA ARG C 84 39.04 3.91 -6.84
C ARG C 84 39.56 2.97 -7.93
N TYR C 85 38.84 2.88 -9.06
CA TYR C 85 39.19 1.90 -10.08
C TYR C 85 39.15 2.41 -11.52
N VAL C 86 39.83 1.66 -12.40
CA VAL C 86 39.85 1.85 -13.85
C VAL C 86 39.59 0.45 -14.41
N GLN C 87 38.47 0.24 -15.12
CA GLN C 87 38.15 -1.08 -15.65
C GLN C 87 37.99 -1.02 -17.16
N TRP C 88 38.64 -1.95 -17.87
CA TRP C 88 38.67 -2.03 -19.33
C TRP C 88 38.09 -3.33 -19.86
N THR C 89 37.41 -3.26 -20.99
CA THR C 89 36.93 -4.41 -21.75
C THR C 89 37.65 -4.31 -23.09
N ASP C 90 38.21 -5.43 -23.58
CA ASP C 90 39.01 -5.42 -24.81
C ASP C 90 38.51 -6.48 -25.78
N SER C 91 38.19 -6.10 -27.03
CA SER C 91 37.73 -7.05 -28.03
C SER C 91 38.73 -8.15 -28.29
N MET C 92 38.23 -9.37 -28.51
CA MET C 92 39.08 -10.46 -28.95
C MET C 92 39.46 -10.33 -30.45
N TYR C 93 38.88 -9.34 -31.18
CA TYR C 93 39.22 -9.08 -32.56
C TYR C 93 40.41 -8.13 -32.62
N ASN C 94 41.51 -8.63 -32.08
CA ASN C 94 42.81 -7.95 -32.09
C ASN C 94 42.83 -6.60 -31.43
N ALA C 95 42.05 -6.42 -30.32
CA ALA C 95 42.27 -5.21 -29.48
C ALA C 95 43.73 -5.31 -28.98
N PRO C 96 44.53 -4.23 -28.99
CA PRO C 96 45.93 -4.36 -28.57
C PRO C 96 46.10 -5.09 -27.22
N ALA C 97 45.20 -4.77 -26.28
CA ALA C 97 45.29 -5.33 -24.95
C ALA C 97 44.59 -6.65 -24.78
N THR C 98 45.12 -7.47 -23.88
CA THR C 98 44.46 -8.66 -23.39
C THR C 98 44.37 -8.50 -21.87
N PRO C 99 43.34 -9.03 -21.23
CA PRO C 99 43.19 -8.83 -19.78
C PRO C 99 44.43 -9.16 -18.95
N TYR C 100 45.06 -10.36 -19.13
CA TYR C 100 46.24 -10.69 -18.30
C TYR C 100 47.38 -9.69 -18.52
N TRP C 101 47.57 -9.22 -19.76
CA TRP C 101 48.69 -8.31 -20.05
C TRP C 101 48.42 -6.87 -19.55
N ARG C 102 47.15 -6.43 -19.39
CA ARG C 102 46.89 -5.14 -18.74
C ARG C 102 47.29 -5.31 -17.23
N SER C 103 46.96 -6.48 -16.63
CA SER C 103 47.33 -6.73 -15.23
C SER C 103 48.85 -6.83 -15.07
N TYR C 104 49.56 -7.49 -16.01
CA TYR C 104 51.04 -7.58 -15.90
C TYR C 104 51.65 -6.19 -16.07
N TYR C 105 51.11 -5.37 -16.99
CA TYR C 105 51.58 -3.99 -17.15
C TYR C 105 51.47 -3.23 -15.81
N ALA C 106 50.31 -3.33 -15.14
CA ALA C 106 50.08 -2.63 -13.89
C ALA C 106 50.98 -3.18 -12.79
N ALA C 107 51.10 -4.51 -12.65
CA ALA C 107 51.91 -5.14 -11.61
C ALA C 107 53.40 -4.81 -11.74
N ILE C 108 53.89 -4.64 -12.97
CA ILE C 108 55.30 -4.36 -13.19
C ILE C 108 55.65 -2.87 -13.11
N ASN C 109 54.79 -2.02 -13.67
CA ASN C 109 55.10 -0.62 -13.85
C ASN C 109 54.45 0.37 -12.88
N HIS C 110 53.49 -0.07 -12.05
CA HIS C 110 52.83 0.84 -11.11
C HIS C 110 52.92 0.32 -9.68
N ARG C 111 53.18 1.22 -8.73
CA ARG C 111 53.28 0.83 -7.32
C ARG C 111 51.92 0.84 -6.65
N GLY C 112 51.74 0.00 -5.63
CA GLY C 112 50.52 0.00 -4.84
C GLY C 112 49.24 -0.17 -5.63
N VAL C 113 49.21 -1.19 -6.48
CA VAL C 113 48.04 -1.46 -7.35
C VAL C 113 47.40 -2.80 -7.02
N ASP C 114 46.12 -2.92 -7.32
CA ASP C 114 45.36 -4.14 -7.09
C ASP C 114 44.69 -4.57 -8.41
N PRO C 115 45.46 -5.18 -9.32
CA PRO C 115 44.90 -5.62 -10.61
C PRO C 115 44.08 -6.90 -10.52
N GLY C 116 43.06 -6.99 -11.36
CA GLY C 116 42.18 -8.16 -11.43
C GLY C 116 41.93 -8.51 -12.88
N THR C 117 42.14 -9.79 -13.25
CA THR C 117 41.94 -10.25 -14.61
C THR C 117 40.71 -11.16 -14.71
N LEU C 118 39.88 -10.87 -15.70
CA LEU C 118 38.71 -11.68 -16.04
C LEU C 118 38.65 -11.74 -17.58
N SER C 119 37.78 -12.57 -18.17
CA SER C 119 37.72 -12.64 -19.63
C SER C 119 37.12 -11.37 -20.29
N GLY C 120 36.04 -10.85 -19.74
CA GLY C 120 35.34 -9.70 -20.31
C GLY C 120 35.59 -8.38 -19.65
N ARG C 121 36.52 -8.32 -18.70
CA ARG C 121 36.83 -7.11 -17.97
C ARG C 121 38.17 -7.29 -17.26
N GLN C 122 38.90 -6.21 -17.13
CA GLN C 122 40.17 -6.18 -16.40
C GLN C 122 40.12 -4.90 -15.57
N ILE C 123 40.49 -4.99 -14.29
CA ILE C 123 40.41 -3.86 -13.39
C ILE C 123 41.70 -3.56 -12.67
N VAL C 124 41.90 -2.29 -12.31
CA VAL C 124 42.98 -1.92 -11.42
C VAL C 124 42.34 -1.03 -10.37
N GLU C 125 42.46 -1.42 -9.09
CA GLU C 125 42.03 -0.58 -7.99
C GLU C 125 43.31 -0.02 -7.35
N ALA C 126 43.27 1.24 -6.95
CA ALA C 126 44.43 1.88 -6.31
C ALA C 126 43.94 3.18 -5.64
N ARG C 127 44.78 3.83 -4.81
CA ARG C 127 44.49 5.16 -4.25
C ARG C 127 44.17 6.10 -5.43
N GLU C 128 43.07 6.85 -5.33
CA GLU C 128 42.54 7.57 -6.48
C GLU C 128 43.58 8.29 -7.39
N ARG C 129 44.45 9.18 -6.84
CA ARG C 129 45.41 9.87 -7.73
C ARG C 129 46.35 8.89 -8.43
N ASP C 130 46.72 7.77 -7.75
CA ASP C 130 47.57 6.73 -8.35
C ASP C 130 46.81 6.03 -9.48
N VAL C 131 45.52 5.73 -9.27
CA VAL C 131 44.74 5.05 -10.30
C VAL C 131 44.55 5.97 -11.53
N GLU C 132 44.54 7.31 -11.35
CA GLU C 132 44.44 8.23 -12.48
C GLU C 132 45.75 8.25 -13.27
N VAL C 133 46.91 8.16 -12.59
CA VAL C 133 48.21 8.08 -13.29
C VAL C 133 48.23 6.82 -14.15
N TYR C 134 47.77 5.68 -13.59
CA TYR C 134 47.66 4.43 -14.32
C TYR C 134 46.64 4.60 -15.47
N GLY C 135 45.45 5.13 -15.16
CA GLY C 135 44.37 5.31 -16.12
C GLY C 135 44.79 6.09 -17.35
N LYS C 136 45.58 7.15 -17.15
CA LYS C 136 46.09 7.98 -18.26
C LYS C 136 46.95 7.11 -19.20
N MET C 137 47.89 6.33 -18.65
CA MET C 137 48.73 5.45 -19.49
CA MET C 137 48.73 5.42 -19.44
C MET C 137 47.88 4.36 -20.13
N SER C 138 46.87 3.82 -19.42
CA SER C 138 46.01 2.77 -19.98
C SER C 138 45.21 3.24 -21.20
N ILE C 139 44.91 4.55 -21.29
CA ILE C 139 44.10 5.07 -22.40
C ILE C 139 44.91 5.79 -23.48
N GLU C 140 46.01 6.44 -23.11
CA GLU C 140 46.81 7.19 -24.09
C GLU C 140 47.74 6.32 -24.93
N THR C 141 48.19 5.18 -24.38
CA THR C 141 49.15 4.33 -25.08
C THR C 141 48.51 3.33 -26.06
N GLU C 142 49.37 2.66 -26.83
CA GLU C 142 48.96 1.62 -27.75
C GLU C 142 48.28 0.44 -27.09
N MET C 143 48.27 0.35 -25.73
CA MET C 143 47.53 -0.70 -25.05
C MET C 143 46.02 -0.56 -25.33
N THR C 144 45.56 0.60 -25.82
CA THR C 144 44.15 0.81 -26.14
C THR C 144 43.96 1.22 -27.60
N CYS C 145 42.86 0.72 -28.18
CA CYS C 145 42.26 1.23 -29.42
C CYS C 145 40.91 1.70 -28.90
N PRO C 146 40.49 2.94 -29.19
CA PRO C 146 39.22 3.43 -28.63
C PRO C 146 37.96 2.79 -29.21
N ALA C 147 38.06 2.06 -30.36
CA ALA C 147 36.92 1.34 -30.92
C ALA C 147 36.89 -0.10 -30.37
N LEU C 148 38.04 -0.81 -30.39
CA LEU C 148 38.07 -2.20 -29.94
C LEU C 148 38.09 -2.35 -28.44
N ALA C 149 38.27 -1.26 -27.68
CA ALA C 149 38.29 -1.32 -26.22
C ALA C 149 37.34 -0.27 -25.67
N GLY C 150 36.91 -0.44 -24.42
CA GLY C 150 36.07 0.53 -23.76
C GLY C 150 36.18 0.45 -22.25
N LEU C 151 36.15 1.61 -21.59
CA LEU C 151 36.18 1.67 -20.13
C LEU C 151 34.76 1.32 -19.70
N ARG C 152 34.63 0.27 -18.90
CA ARG C 152 33.33 -0.23 -18.45
C ARG C 152 33.44 -0.74 -17.05
N GLY C 153 32.93 0.01 -16.08
CA GLY C 153 32.89 -0.43 -14.69
C GLY C 153 31.70 -1.33 -14.40
N ALA C 154 30.77 -1.48 -15.34
CA ALA C 154 29.57 -2.33 -15.19
C ALA C 154 28.96 -2.60 -16.58
N THR C 155 28.26 -3.74 -16.74
CA THR C 155 27.63 -4.14 -18.01
C THR C 155 28.72 -4.21 -19.11
N VAL C 156 29.67 -5.10 -18.87
CA VAL C 156 30.89 -5.20 -19.67
C VAL C 156 30.75 -5.96 -20.98
N HIS C 157 29.69 -6.77 -21.14
CA HIS C 157 29.47 -7.64 -22.31
C HIS C 157 29.93 -7.06 -23.65
N GLY C 158 30.75 -7.80 -24.38
CA GLY C 158 31.23 -7.35 -25.67
C GLY C 158 32.58 -7.89 -26.13
N HIS C 159 33.47 -8.30 -25.18
CA HIS C 159 34.81 -8.77 -25.58
C HIS C 159 34.78 -9.88 -26.64
N SER C 160 33.83 -10.81 -26.49
CA SER C 160 33.69 -11.99 -27.35
C SER C 160 32.56 -11.86 -28.39
N CYS C 161 31.88 -10.70 -28.46
CA CYS C 161 30.81 -10.49 -29.42
C CYS C 161 31.37 -10.10 -30.76
N ARG C 162 30.60 -10.37 -31.81
CA ARG C 162 30.97 -9.91 -33.16
C ARG C 162 30.99 -8.37 -33.15
N LEU C 163 31.94 -7.76 -33.86
CA LEU C 163 32.01 -6.31 -33.92
C LEU C 163 30.78 -5.75 -34.64
N GLN C 164 30.46 -4.49 -34.36
CA GLN C 164 29.38 -3.81 -35.09
C GLN C 164 29.85 -3.60 -36.54
N GLU C 165 28.92 -3.27 -37.45
CA GLU C 165 29.30 -3.03 -38.85
C GLU C 165 30.36 -1.91 -38.98
N ASP C 166 30.38 -0.95 -38.03
CA ASP C 166 31.38 0.13 -38.05
C ASP C 166 32.73 -0.24 -37.40
N GLY C 167 32.90 -1.49 -36.95
CA GLY C 167 34.15 -1.96 -36.35
C GLY C 167 34.29 -1.69 -34.87
N VAL C 168 33.27 -1.08 -34.24
CA VAL C 168 33.32 -0.76 -32.82
C VAL C 168 32.77 -1.93 -32.01
N MET C 169 33.39 -2.22 -30.87
CA MET C 169 32.93 -3.30 -30.02
C MET C 169 31.62 -2.87 -29.33
N PHE C 170 30.60 -3.72 -29.41
CA PHE C 170 29.29 -3.50 -28.80
C PHE C 170 29.38 -3.09 -27.33
N ASP C 171 28.53 -2.14 -26.94
CA ASP C 171 28.41 -1.70 -25.54
C ASP C 171 26.91 -1.61 -25.27
N MET C 172 26.36 -2.44 -24.37
CA MET C 172 24.93 -2.38 -24.05
C MET C 172 24.52 -0.98 -23.56
N LEU C 173 25.42 -0.27 -22.83
CA LEU C 173 25.11 1.07 -22.30
C LEU C 173 25.54 2.21 -23.21
N ASP C 174 26.09 1.93 -24.40
CA ASP C 174 26.44 2.95 -25.37
C ASP C 174 27.25 4.13 -24.78
N ARG C 175 28.33 3.82 -24.03
CA ARG C 175 29.15 4.89 -23.42
C ARG C 175 30.03 5.60 -24.43
N ARG C 176 30.45 4.90 -25.47
CA ARG C 176 31.32 5.48 -26.49
C ARG C 176 30.96 4.90 -27.85
N ARG C 177 31.13 5.71 -28.87
CA ARG C 177 30.78 5.31 -30.22
C ARG C 177 31.54 6.12 -31.24
N LEU C 178 31.58 5.63 -32.48
CA LEU C 178 32.24 6.31 -33.57
C LEU C 178 31.23 7.33 -34.09
N GLU C 179 31.53 8.62 -33.85
CA GLU C 179 30.67 9.76 -34.23
C GLU C 179 31.46 10.67 -35.13
N GLY C 180 31.10 10.70 -36.41
CA GLY C 180 31.73 11.57 -37.39
C GLY C 180 33.24 11.52 -37.44
N GLY C 181 33.79 10.32 -37.65
CA GLY C 181 35.21 10.10 -37.83
C GLY C 181 36.07 10.05 -36.57
N THR C 182 35.46 10.05 -35.37
CA THR C 182 36.25 9.94 -34.13
C THR C 182 35.46 9.20 -33.06
N ILE C 183 36.16 8.65 -32.05
CA ILE C 183 35.46 7.95 -30.97
C ILE C 183 35.10 8.99 -29.91
N ILE C 184 33.81 9.06 -29.59
CA ILE C 184 33.31 9.97 -28.57
C ILE C 184 32.82 9.15 -27.40
N MET C 185 33.26 9.51 -26.19
CA MET C 185 32.77 8.92 -24.96
C MET C 185 32.03 10.05 -24.23
N ASP C 186 30.71 9.91 -24.06
CA ASP C 186 29.88 10.95 -23.42
C ASP C 186 29.09 10.43 -22.19
N LYS C 187 29.56 9.32 -21.60
CA LYS C 187 29.05 8.75 -20.36
C LYS C 187 30.28 8.28 -19.58
N ASP C 188 30.19 8.24 -18.25
CA ASP C 188 31.33 7.73 -17.46
C ASP C 188 31.41 6.19 -17.59
N GLN C 189 32.42 5.57 -16.96
CA GLN C 189 32.63 4.14 -17.11
C GLN C 189 31.47 3.30 -16.54
N VAL C 190 30.56 3.87 -15.70
CA VAL C 190 29.38 3.10 -15.25
C VAL C 190 28.07 3.56 -15.94
N GLY C 191 28.18 4.26 -17.08
CA GLY C 191 27.04 4.62 -17.88
C GLY C 191 26.29 5.88 -17.51
N VAL C 192 26.81 6.71 -16.59
CA VAL C 192 26.11 7.96 -16.22
C VAL C 192 26.42 8.99 -17.28
N PRO C 193 25.40 9.59 -17.95
CA PRO C 193 25.70 10.63 -18.94
C PRO C 193 26.55 11.76 -18.40
N LEU C 194 27.56 12.18 -19.17
CA LEU C 194 28.41 13.31 -18.80
C LEU C 194 27.83 14.59 -19.37
N ASP C 195 28.22 15.73 -18.78
CA ASP C 195 27.82 17.04 -19.33
C ASP C 195 28.85 17.51 -20.39
N ARG C 196 29.64 16.58 -20.97
CA ARG C 196 30.65 16.87 -21.97
C ARG C 196 30.81 15.67 -22.91
N LYS C 197 31.47 15.91 -24.03
CA LYS C 197 31.84 14.89 -24.98
C LYS C 197 33.36 14.76 -24.85
N VAL C 198 33.87 13.54 -24.62
CA VAL C 198 35.30 13.34 -24.52
C VAL C 198 35.73 12.67 -25.83
N ASP C 199 36.69 13.28 -26.52
CA ASP C 199 37.19 12.79 -27.79
C ASP C 199 38.38 11.86 -27.57
N LEU C 200 38.16 10.55 -27.76
CA LEU C 200 39.21 9.55 -27.65
C LEU C 200 39.99 9.29 -28.95
N GLY C 201 39.73 10.08 -30.00
CA GLY C 201 40.50 9.99 -31.23
C GLY C 201 40.11 8.87 -32.13
N LYS C 202 40.93 8.67 -33.15
CA LYS C 202 40.64 7.71 -34.19
C LYS C 202 40.83 6.26 -33.75
N PRO C 203 40.05 5.32 -34.32
CA PRO C 203 40.35 3.91 -34.06
C PRO C 203 41.61 3.47 -34.80
N MET C 204 42.21 2.35 -34.37
CA MET C 204 43.31 1.76 -35.13
C MET C 204 42.73 1.13 -36.38
N SER C 205 43.54 1.01 -37.44
CA SER C 205 43.11 0.25 -38.63
C SER C 205 43.16 -1.25 -38.27
N GLU C 206 42.52 -2.11 -39.06
CA GLU C 206 42.56 -3.56 -38.82
C GLU C 206 44.01 -4.07 -38.87
N GLU C 207 44.81 -3.58 -39.82
CA GLU C 207 46.22 -3.98 -39.95
C GLU C 207 47.04 -3.53 -38.72
N GLU C 208 46.85 -2.28 -38.25
CA GLU C 208 47.58 -1.80 -37.07
C GLU C 208 47.22 -2.64 -35.84
N ALA C 209 45.92 -2.91 -35.61
CA ALA C 209 45.49 -3.72 -34.48
C ALA C 209 46.12 -5.12 -34.54
N ALA C 210 46.14 -5.75 -35.73
CA ALA C 210 46.75 -7.07 -35.90
C ALA C 210 48.26 -7.06 -35.58
N LYS C 211 48.96 -5.99 -35.92
CA LYS C 211 50.40 -5.86 -35.66
C LYS C 211 50.72 -5.53 -34.21
N ARG C 212 49.81 -4.81 -33.52
CA ARG C 212 50.04 -4.38 -32.14
C ARG C 212 49.42 -5.28 -31.08
N THR C 213 48.57 -6.25 -31.47
CA THR C 213 47.87 -7.05 -30.48
C THR C 213 48.69 -8.07 -29.71
N THR C 214 48.32 -8.25 -28.43
CA THR C 214 48.86 -9.26 -27.53
C THR C 214 47.96 -10.52 -27.55
N ILE C 215 46.93 -10.62 -28.44
CA ILE C 215 46.10 -11.84 -28.50
C ILE C 215 46.56 -12.67 -29.71
N TYR C 216 46.56 -13.99 -29.56
CA TYR C 216 46.85 -14.88 -30.68
C TYR C 216 45.51 -15.15 -31.39
N ARG C 217 45.55 -15.33 -32.72
CA ARG C 217 44.36 -15.69 -33.50
C ARG C 217 44.81 -16.52 -34.68
N VAL C 218 44.08 -17.59 -34.99
CA VAL C 218 44.43 -18.49 -36.09
C VAL C 218 44.50 -17.74 -37.45
N ASP C 219 43.74 -16.64 -37.60
CA ASP C 219 43.73 -15.84 -38.83
C ASP C 219 44.65 -14.61 -38.78
N ASN C 220 45.57 -14.56 -37.80
CA ASN C 220 46.54 -13.47 -37.71
C ASN C 220 47.89 -14.11 -37.33
N VAL C 221 48.13 -14.35 -36.01
CA VAL C 221 49.35 -14.98 -35.53
C VAL C 221 48.82 -16.15 -34.69
N PRO C 222 48.76 -17.37 -35.24
CA PRO C 222 48.19 -18.48 -34.46
C PRO C 222 49.00 -18.80 -33.21
N PHE C 223 48.31 -19.15 -32.13
CA PHE C 223 48.96 -19.55 -30.88
C PHE C 223 49.89 -20.76 -31.13
N ARG C 224 49.41 -21.70 -31.94
CA ARG C 224 50.15 -22.91 -32.33
C ARG C 224 51.52 -22.57 -32.95
N SER C 225 51.63 -21.43 -33.65
CA SER C 225 52.88 -21.04 -34.32
C SER C 225 53.98 -20.53 -33.39
N ASP C 226 53.65 -20.10 -32.14
CA ASP C 226 54.68 -19.60 -31.24
C ASP C 226 55.14 -20.77 -30.37
N SER C 227 55.98 -21.63 -30.98
CA SER C 227 56.47 -22.86 -30.38
C SER C 227 57.01 -22.70 -28.93
N GLU C 228 57.80 -21.65 -28.65
CA GLU C 228 58.36 -21.48 -27.30
C GLU C 228 57.30 -21.24 -26.25
N VAL C 229 56.18 -20.58 -26.62
CA VAL C 229 55.09 -20.33 -25.67
C VAL C 229 54.38 -21.64 -25.35
N VAL C 230 54.08 -22.46 -26.38
CA VAL C 230 53.45 -23.78 -26.17
C VAL C 230 54.38 -24.65 -25.30
N GLU C 231 55.69 -24.61 -25.60
CA GLU C 231 56.69 -25.35 -24.83
C GLU C 231 56.71 -24.87 -23.37
N TRP C 232 56.68 -23.56 -23.15
CA TRP C 232 56.69 -22.97 -21.80
C TRP C 232 55.48 -23.47 -21.00
N VAL C 233 54.30 -23.49 -21.62
CA VAL C 233 53.08 -23.98 -20.95
C VAL C 233 53.27 -25.43 -20.52
N GLN C 234 53.74 -26.28 -21.45
CA GLN C 234 53.95 -27.70 -21.19
C GLN C 234 54.99 -27.91 -20.11
N ARG C 235 56.05 -27.08 -20.08
CA ARG C 235 57.10 -27.19 -19.08
CA ARG C 235 57.11 -27.18 -19.09
C ARG C 235 56.56 -26.84 -17.71
N ILE C 236 55.81 -25.74 -17.58
CA ILE C 236 55.22 -25.35 -16.30
C ILE C 236 54.25 -26.43 -15.83
N TRP C 237 53.42 -26.94 -16.74
CA TRP C 237 52.48 -28.01 -16.41
C TRP C 237 53.23 -29.26 -15.90
N GLU C 238 54.27 -29.69 -16.64
CA GLU C 238 55.00 -30.91 -16.26
C GLU C 238 55.72 -30.73 -14.92
N LEU C 239 56.44 -29.61 -14.72
CA LEU C 239 57.17 -29.41 -13.48
C LEU C 239 56.23 -29.23 -12.30
N ARG C 240 55.09 -28.52 -12.47
CA ARG C 240 54.11 -28.39 -11.38
C ARG C 240 53.56 -29.77 -11.02
N THR C 241 53.28 -30.60 -12.05
CA THR C 241 52.76 -31.95 -11.86
C THR C 241 53.75 -32.81 -11.08
N ARG C 242 55.02 -32.81 -11.49
CA ARG C 242 56.05 -33.64 -10.86
C ARG C 242 56.33 -33.19 -9.43
N TYR C 243 56.48 -31.87 -9.21
CA TYR C 243 56.78 -31.37 -7.86
C TYR C 243 55.60 -31.50 -6.89
N GLY C 244 54.38 -31.51 -7.40
CA GLY C 244 53.20 -31.74 -6.57
C GLY C 244 53.18 -33.15 -6.00
N PHE C 245 53.74 -34.12 -6.76
CA PHE C 245 53.89 -35.50 -6.34
C PHE C 245 55.04 -35.55 -5.33
N GLN C 246 56.26 -35.14 -5.75
CA GLN C 246 57.44 -35.10 -4.90
C GLN C 246 58.29 -33.90 -5.34
N PRO C 247 58.50 -32.90 -4.45
CA PRO C 247 59.29 -31.72 -4.86
C PRO C 247 60.79 -31.96 -4.83
N GLN C 248 61.25 -32.67 -5.85
CA GLN C 248 62.66 -33.00 -6.04
C GLN C 248 62.95 -33.23 -7.53
N ASP D 5 -22.02 -24.86 37.07
CA ASP D 5 -21.04 -25.83 36.61
C ASP D 5 -20.42 -25.37 35.31
N ARG D 6 -19.09 -25.43 35.20
CA ARG D 6 -18.38 -25.01 34.00
C ARG D 6 -18.57 -26.08 32.92
N GLU D 7 -19.03 -25.66 31.74
CA GLU D 7 -19.24 -26.55 30.60
C GLU D 7 -17.90 -26.74 29.87
N GLN D 8 -17.37 -27.97 29.85
CA GLN D 8 -16.09 -28.25 29.19
C GLN D 8 -16.13 -27.87 27.71
N LEU D 9 -15.12 -27.13 27.23
CA LEU D 9 -15.11 -26.60 25.87
C LEU D 9 -15.01 -27.65 24.77
N PHE D 10 -14.61 -28.86 25.12
CA PHE D 10 -14.46 -29.94 24.14
C PHE D 10 -15.73 -30.78 23.95
N LYS D 11 -16.76 -30.61 24.79
CA LYS D 11 -17.95 -31.45 24.70
C LYS D 11 -18.66 -31.38 23.35
N LYS D 12 -18.84 -30.16 22.79
CA LYS D 12 -19.48 -30.03 21.48
C LYS D 12 -18.70 -30.80 20.40
N ALA D 13 -17.36 -30.70 20.39
CA ALA D 13 -16.56 -31.43 19.41
C ALA D 13 -16.69 -32.95 19.61
N LEU D 14 -16.71 -33.44 20.88
CA LEU D 14 -16.86 -34.88 21.13
C LEU D 14 -18.21 -35.38 20.63
N GLU D 15 -19.26 -34.58 20.83
CA GLU D 15 -20.61 -34.95 20.36
C GLU D 15 -20.61 -35.10 18.83
N ILE D 16 -19.98 -34.14 18.13
CA ILE D 16 -19.93 -34.16 16.67
C ILE D 16 -19.10 -35.33 16.15
N LYS D 17 -17.84 -35.47 16.61
CA LYS D 17 -16.94 -36.47 16.05
C LYS D 17 -17.29 -37.90 16.43
N PHE D 18 -17.97 -38.15 17.57
CA PHE D 18 -18.31 -39.52 17.97
C PHE D 18 -19.77 -39.93 17.76
N THR D 19 -20.74 -39.01 17.93
CA THR D 19 -22.15 -39.39 17.90
C THR D 19 -22.89 -39.06 16.61
N GLN D 20 -22.28 -38.28 15.71
CA GLN D 20 -22.89 -37.92 14.44
C GLN D 20 -22.12 -38.65 13.35
N GLU D 21 -22.82 -39.26 12.40
CA GLU D 21 -22.16 -40.05 11.37
C GLU D 21 -21.16 -39.23 10.56
N TRP D 22 -19.98 -39.82 10.32
CA TRP D 22 -18.92 -39.25 9.50
C TRP D 22 -18.62 -40.31 8.46
N GLY D 23 -18.79 -39.99 7.19
CA GLY D 23 -18.67 -40.99 6.13
C GLY D 23 -19.83 -41.97 6.28
N GLU D 24 -19.54 -43.27 6.42
N GLU D 24 -19.54 -43.28 6.42
CA GLU D 24 -20.57 -44.31 6.64
CA GLU D 24 -20.57 -44.31 6.63
C GLU D 24 -20.19 -45.12 7.88
C GLU D 24 -20.21 -45.12 7.89
N ASN D 25 -19.75 -44.43 8.95
CA ASN D 25 -19.34 -45.10 10.20
C ASN D 25 -20.49 -45.44 11.14
N LYS D 26 -21.77 -45.15 10.76
CA LYS D 26 -22.95 -45.49 11.56
C LYS D 26 -22.80 -45.07 13.04
N ALA D 27 -22.25 -43.87 13.27
CA ALA D 27 -21.96 -43.35 14.62
C ALA D 27 -23.09 -43.48 15.64
N THR D 28 -24.36 -43.26 15.23
CA THR D 28 -25.49 -43.35 16.16
C THR D 28 -25.67 -44.78 16.70
N GLU D 29 -25.21 -45.81 15.96
CA GLU D 29 -25.26 -47.22 16.39
C GLU D 29 -24.07 -47.59 17.30
N VAL D 30 -22.96 -46.81 17.26
CA VAL D 30 -21.78 -47.06 18.09
C VAL D 30 -22.14 -46.59 19.50
N SER D 31 -22.56 -45.31 19.64
CA SER D 31 -22.99 -44.74 20.91
C SER D 31 -23.42 -43.29 20.71
N THR D 32 -24.51 -42.88 21.37
CA THR D 32 -25.01 -41.51 21.35
C THR D 32 -24.66 -40.73 22.65
N ASP D 33 -24.01 -41.38 23.63
CA ASP D 33 -23.66 -40.77 24.92
C ASP D 33 -22.14 -40.61 25.02
N ILE D 34 -21.64 -39.36 25.02
CA ILE D 34 -20.21 -39.12 25.12
C ILE D 34 -19.60 -39.52 26.49
N THR D 35 -20.43 -39.78 27.52
CA THR D 35 -19.94 -40.22 28.82
C THR D 35 -19.92 -41.76 28.95
N SER D 36 -20.51 -42.51 27.99
CA SER D 36 -20.57 -43.97 28.08
C SER D 36 -19.19 -44.61 27.90
N LYS D 37 -18.86 -45.54 28.80
CA LYS D 37 -17.60 -46.29 28.75
C LYS D 37 -17.65 -47.41 27.69
N LYS D 38 -18.84 -47.78 27.19
CA LYS D 38 -19.00 -48.85 26.23
C LYS D 38 -19.44 -48.32 24.87
N ALA D 39 -19.07 -49.05 23.82
CA ALA D 39 -19.41 -48.71 22.45
C ALA D 39 -19.65 -50.00 21.67
N LYS D 40 -20.49 -49.93 20.63
CA LYS D 40 -20.74 -51.08 19.79
C LYS D 40 -19.72 -51.05 18.66
N TYR D 41 -18.82 -52.06 18.61
CA TYR D 41 -17.79 -52.16 17.58
C TYR D 41 -18.37 -52.85 16.34
N LEU D 42 -18.54 -52.09 15.26
CA LEU D 42 -19.13 -52.60 14.01
C LEU D 42 -18.11 -53.19 13.04
N ARG D 43 -16.80 -52.92 13.22
CA ARG D 43 -15.75 -53.46 12.36
C ARG D 43 -16.02 -53.23 10.87
N LEU D 44 -16.32 -51.99 10.51
CA LEU D 44 -16.65 -51.64 9.13
C LEU D 44 -15.44 -51.56 8.20
N GLY D 45 -14.25 -51.33 8.74
CA GLY D 45 -13.06 -51.25 7.92
C GLY D 45 -13.10 -50.12 6.92
N THR D 46 -12.58 -50.34 5.74
CA THR D 46 -12.47 -49.32 4.68
C THR D 46 -13.81 -48.75 4.23
N ALA D 47 -14.85 -49.59 4.16
CA ALA D 47 -16.16 -49.17 3.69
C ALA D 47 -16.72 -47.93 4.41
N GLN D 48 -16.40 -47.72 5.71
CA GLN D 48 -16.93 -46.55 6.42
C GLN D 48 -16.30 -45.23 5.99
N SER D 49 -15.12 -45.27 5.36
CA SER D 49 -14.34 -44.09 5.13
C SER D 49 -14.19 -43.69 3.68
N PRO D 50 -14.82 -42.58 3.24
CA PRO D 50 -14.55 -42.08 1.88
C PRO D 50 -13.06 -41.76 1.67
N ARG D 51 -12.36 -41.28 2.72
CA ARG D 51 -10.93 -40.96 2.57
C ARG D 51 -10.09 -42.24 2.35
N LYS D 52 -10.29 -43.29 3.18
CA LYS D 52 -9.53 -44.54 2.98
C LYS D 52 -9.91 -45.17 1.64
N ARG D 53 -11.19 -45.04 1.20
CA ARG D 53 -11.60 -45.55 -0.12
C ARG D 53 -10.89 -44.78 -1.24
N GLU D 54 -10.71 -43.45 -1.07
CA GLU D 54 -9.96 -42.63 -2.04
C GLU D 54 -8.52 -43.19 -2.14
N PHE D 55 -7.88 -43.44 -1.00
CA PHE D 55 -6.50 -43.96 -0.98
C PHE D 55 -6.43 -45.35 -1.63
N GLU D 56 -7.40 -46.22 -1.32
CA GLU D 56 -7.46 -47.55 -1.91
C GLU D 56 -7.56 -47.47 -3.44
N GLN D 57 -8.43 -46.60 -3.94
CA GLN D 57 -8.63 -46.48 -5.38
C GLN D 57 -7.39 -45.90 -6.08
N TYR D 58 -6.71 -44.91 -5.48
CA TYR D 58 -5.46 -44.41 -6.06
C TYR D 58 -4.39 -45.52 -6.03
N GLY D 59 -4.36 -46.32 -4.96
CA GLY D 59 -3.44 -47.46 -4.87
C GLY D 59 -3.63 -48.44 -6.01
N LYS D 60 -4.89 -48.75 -6.38
N LYS D 60 -4.89 -48.72 -6.36
CA LYS D 60 -5.12 -49.67 -7.49
CA LYS D 60 -5.17 -49.64 -7.44
C LYS D 60 -4.65 -49.06 -8.80
C LYS D 60 -4.70 -49.07 -8.77
N GLU D 61 -4.92 -47.77 -9.02
N GLU D 61 -4.93 -47.77 -9.00
CA GLU D 61 -4.50 -47.09 -10.25
CA GLU D 61 -4.52 -47.09 -10.23
C GLU D 61 -2.99 -47.08 -10.37
C GLU D 61 -3.00 -47.08 -10.37
N ILE D 62 -2.31 -46.81 -9.27
CA ILE D 62 -0.84 -46.75 -9.25
C ILE D 62 -0.28 -48.12 -9.59
N ALA D 63 -0.81 -49.19 -8.96
CA ALA D 63 -0.34 -50.55 -9.23
C ALA D 63 -0.53 -50.91 -10.71
N ALA D 64 -1.68 -50.55 -11.29
CA ALA D 64 -1.97 -50.84 -12.68
C ALA D 64 -1.04 -50.06 -13.62
N LYS D 65 -0.81 -48.77 -13.35
CA LYS D 65 0.02 -47.95 -14.23
C LYS D 65 1.49 -48.34 -14.21
N ARG D 66 2.05 -48.59 -13.02
CA ARG D 66 3.48 -48.88 -12.89
C ARG D 66 3.85 -50.33 -13.10
N GLY D 67 2.91 -51.25 -12.91
CA GLY D 67 3.23 -52.67 -12.89
C GLY D 67 3.99 -53.05 -11.61
N LEU D 68 3.91 -52.20 -10.56
CA LEU D 68 4.57 -52.40 -9.27
C LEU D 68 3.61 -51.83 -8.23
N PRO D 69 3.13 -52.64 -7.27
CA PRO D 69 2.05 -52.20 -6.40
C PRO D 69 2.44 -51.15 -5.37
N GLY D 70 1.41 -50.50 -4.82
CA GLY D 70 1.58 -49.49 -3.78
C GLY D 70 0.59 -49.73 -2.66
N TYR D 71 -0.15 -48.68 -2.30
CA TYR D 71 -1.14 -48.72 -1.23
C TYR D 71 -2.15 -49.87 -1.42
N ASP D 72 -2.37 -50.64 -0.37
CA ASP D 72 -3.34 -51.73 -0.36
C ASP D 72 -3.78 -51.94 1.08
N PRO D 73 -4.99 -51.52 1.47
CA PRO D 73 -5.42 -51.65 2.89
C PRO D 73 -5.28 -53.06 3.45
N LYS D 74 -5.39 -54.09 2.59
CA LYS D 74 -5.31 -55.48 3.03
C LYS D 74 -3.89 -55.94 3.38
N LEU D 75 -2.84 -55.11 3.12
CA LEU D 75 -1.50 -55.46 3.54
C LEU D 75 -1.23 -55.07 5.01
N HIS D 76 -2.25 -54.54 5.74
CA HIS D 76 -2.14 -54.33 7.17
C HIS D 76 -2.02 -55.71 7.82
N LEU D 77 -1.26 -55.81 8.91
CA LEU D 77 -1.01 -57.07 9.60
C LEU D 77 -2.28 -57.93 9.80
N GLY D 78 -2.19 -59.19 9.40
CA GLY D 78 -3.32 -60.11 9.47
C GLY D 78 -4.36 -59.97 8.37
N GLY D 79 -4.10 -59.12 7.37
CA GLY D 79 -5.06 -58.87 6.30
C GLY D 79 -6.29 -58.11 6.77
N ILE D 80 -6.23 -57.49 7.96
CA ILE D 80 -7.33 -56.77 8.58
C ILE D 80 -7.07 -55.27 8.37
N PRO D 81 -7.92 -54.56 7.60
CA PRO D 81 -7.61 -53.15 7.31
C PRO D 81 -7.96 -52.22 8.46
N LEU D 82 -7.39 -50.99 8.39
CA LEU D 82 -7.70 -49.92 9.33
C LEU D 82 -9.20 -49.68 9.41
N GLY D 83 -9.69 -49.38 10.60
CA GLY D 83 -11.10 -49.13 10.79
C GLY D 83 -11.87 -50.27 11.41
N GLN D 84 -11.21 -51.16 12.17
CA GLN D 84 -11.96 -52.15 12.96
C GLN D 84 -12.70 -51.42 14.08
N ARG D 85 -12.09 -50.37 14.63
CA ARG D 85 -12.75 -49.43 15.53
C ARG D 85 -13.31 -48.31 14.63
N GLN D 86 -14.39 -47.65 15.10
CA GLN D 86 -15.01 -46.51 14.42
C GLN D 86 -13.97 -45.45 13.99
N ILE D 87 -13.93 -45.06 12.70
CA ILE D 87 -13.03 -44.02 12.22
C ILE D 87 -13.81 -42.71 12.40
N THR D 88 -13.24 -41.79 13.18
CA THR D 88 -13.91 -40.53 13.48
C THR D 88 -13.12 -39.33 12.95
N PRO D 89 -13.81 -38.19 12.72
CA PRO D 89 -13.12 -36.99 12.27
C PRO D 89 -12.55 -36.18 13.44
N TYR D 90 -11.95 -35.02 13.12
CA TYR D 90 -11.42 -34.06 14.09
C TYR D 90 -12.02 -32.69 13.80
N VAL D 91 -12.28 -31.92 14.85
CA VAL D 91 -12.66 -30.53 14.71
C VAL D 91 -11.34 -29.77 14.89
N VAL D 92 -10.96 -28.89 13.95
CA VAL D 92 -9.74 -28.08 14.15
C VAL D 92 -10.14 -27.01 15.20
N SER D 93 -9.44 -26.98 16.35
CA SER D 93 -9.81 -26.09 17.45
C SER D 93 -10.00 -24.63 17.05
N SER D 94 -11.03 -24.01 17.62
CA SER D 94 -11.46 -22.63 17.36
C SER D 94 -12.17 -22.46 16.00
N THR D 95 -12.32 -23.54 15.18
CA THR D 95 -13.00 -23.47 13.88
C THR D 95 -14.24 -24.39 13.89
N ASP D 96 -15.08 -24.28 12.85
CA ASP D 96 -16.18 -25.20 12.63
C ASP D 96 -15.79 -26.27 11.57
N THR D 97 -14.48 -26.41 11.24
CA THR D 97 -14.05 -27.37 10.23
C THR D 97 -13.91 -28.76 10.84
N LEU D 98 -14.58 -29.73 10.22
CA LEU D 98 -14.56 -31.15 10.59
C LEU D 98 -13.84 -31.88 9.44
N CYS D 99 -12.78 -32.63 9.74
CA CYS D 99 -11.98 -33.27 8.70
C CYS D 99 -11.45 -34.61 9.15
N ASP D 100 -10.97 -35.41 8.20
CA ASP D 100 -10.32 -36.67 8.55
C ASP D 100 -8.93 -36.35 9.09
N GLY D 101 -8.41 -37.21 9.95
CA GLY D 101 -7.05 -37.04 10.46
C GLY D 101 -6.01 -37.04 9.34
N ASP D 102 -6.28 -37.78 8.24
CA ASP D 102 -5.38 -37.82 7.06
C ASP D 102 -5.28 -36.44 6.39
N ASP D 103 -6.34 -35.61 6.48
CA ASP D 103 -6.32 -34.26 5.92
C ASP D 103 -5.37 -33.32 6.71
N LEU D 104 -4.93 -33.73 7.92
CA LEU D 104 -3.99 -32.97 8.73
C LEU D 104 -2.58 -33.55 8.64
N HIS D 105 -2.32 -34.59 7.81
CA HIS D 105 -0.98 -35.08 7.59
C HIS D 105 -0.25 -33.98 6.80
N PHE D 106 1.00 -33.63 7.16
CA PHE D 106 1.68 -32.54 6.46
C PHE D 106 1.78 -32.76 4.93
N VAL D 107 1.96 -34.03 4.49
CA VAL D 107 2.05 -34.33 3.06
C VAL D 107 0.75 -33.95 2.34
N ASN D 108 -0.41 -34.15 3.00
CA ASN D 108 -1.71 -33.94 2.39
C ASN D 108 -2.29 -32.54 2.67
N ASN D 109 -1.51 -31.64 3.29
CA ASN D 109 -2.03 -30.34 3.70
C ASN D 109 -1.11 -29.24 3.21
N ALA D 110 -1.51 -28.52 2.14
CA ALA D 110 -0.70 -27.48 1.55
C ALA D 110 -0.49 -26.27 2.46
N ALA D 111 -1.45 -25.99 3.38
CA ALA D 111 -1.27 -24.88 4.32
C ALA D 111 -0.10 -25.17 5.27
N MET D 112 0.04 -26.44 5.69
CA MET D 112 1.14 -26.83 6.58
C MET D 112 2.46 -26.73 5.85
N GLN D 113 2.54 -27.22 4.59
CA GLN D 113 3.77 -27.12 3.83
C GLN D 113 4.13 -25.66 3.56
N GLN D 114 3.14 -24.83 3.25
CA GLN D 114 3.40 -23.42 3.00
C GLN D 114 3.84 -22.70 4.27
N MET D 115 3.35 -23.11 5.46
CA MET D 115 3.80 -22.47 6.70
C MET D 115 5.31 -22.69 6.87
N TRP D 116 5.76 -23.95 6.67
CA TRP D 116 7.17 -24.23 6.79
C TRP D 116 7.97 -23.49 5.71
N ASP D 117 7.50 -23.51 4.45
CA ASP D 117 8.22 -22.80 3.39
C ASP D 117 8.38 -21.29 3.67
N ASP D 118 7.32 -20.63 4.19
CA ASP D 118 7.43 -19.19 4.52
C ASP D 118 8.47 -18.92 5.60
N ILE D 119 8.68 -19.86 6.53
CA ILE D 119 9.72 -19.69 7.55
C ILE D 119 11.09 -19.96 6.90
N ARG D 120 11.21 -21.14 6.23
CA ARG D 120 12.43 -21.61 5.59
C ARG D 120 13.02 -20.58 4.61
N ARG D 121 12.15 -19.96 3.82
CA ARG D 121 12.57 -19.00 2.79
C ARG D 121 12.75 -17.57 3.31
N THR D 122 12.77 -17.36 4.63
CA THR D 122 12.94 -16.02 5.19
C THR D 122 14.23 -15.83 5.97
N VAL D 123 14.86 -14.69 5.74
CA VAL D 123 15.95 -14.17 6.58
C VAL D 123 15.72 -12.66 6.70
N ILE D 124 16.35 -12.05 7.71
CA ILE D 124 16.26 -10.62 7.93
C ILE D 124 17.69 -10.08 7.80
N VAL D 125 17.90 -9.05 6.98
CA VAL D 125 19.26 -8.53 6.75
C VAL D 125 19.31 -7.03 7.01
N GLY D 126 20.23 -6.62 7.87
CA GLY D 126 20.36 -5.20 8.19
C GLY D 126 20.84 -4.38 7.01
N MET D 127 20.46 -3.08 7.01
CA MET D 127 20.90 -2.15 5.97
C MET D 127 21.96 -1.19 6.47
N ASP D 128 22.04 -0.94 7.80
CA ASP D 128 22.94 0.09 8.33
C ASP D 128 24.41 -0.10 7.96
N LEU D 129 24.93 -1.32 8.10
CA LEU D 129 26.34 -1.59 7.81
C LEU D 129 26.61 -1.48 6.31
N ALA D 130 25.65 -1.89 5.47
CA ALA D 130 25.77 -1.75 4.02
C ALA D 130 25.80 -0.24 3.66
N HIS D 131 24.89 0.56 4.27
CA HIS D 131 24.85 2.00 4.00
C HIS D 131 26.12 2.68 4.47
N GLU D 132 26.68 2.23 5.61
CA GLU D 132 27.93 2.76 6.16
C GLU D 132 29.08 2.44 5.22
N THR D 133 29.10 1.22 4.63
CA THR D 133 30.13 0.87 3.66
C THR D 133 30.05 1.81 2.45
N LEU D 134 28.85 2.06 1.94
CA LEU D 134 28.67 2.97 0.80
C LEU D 134 29.14 4.38 1.13
N GLU D 135 28.84 4.88 2.32
CA GLU D 135 29.23 6.24 2.71
C GLU D 135 30.72 6.36 3.04
N LYS D 136 31.24 5.52 3.92
CA LYS D 136 32.62 5.64 4.39
C LYS D 136 33.63 5.13 3.38
N ARG D 137 33.36 3.95 2.81
CA ARG D 137 34.31 3.37 1.89
C ARG D 137 34.25 3.96 0.50
N LEU D 138 33.05 4.23 -0.04
CA LEU D 138 32.93 4.77 -1.39
C LEU D 138 32.56 6.27 -1.48
N GLY D 139 32.27 6.92 -0.36
CA GLY D 139 31.88 8.32 -0.37
C GLY D 139 30.56 8.54 -1.08
N LYS D 140 29.67 7.52 -1.10
CA LYS D 140 28.36 7.62 -1.75
C LYS D 140 27.34 8.12 -0.75
N GLU D 141 26.38 8.92 -1.21
CA GLU D 141 25.34 9.45 -0.34
C GLU D 141 24.18 8.45 -0.33
N VAL D 142 23.63 8.16 0.85
CA VAL D 142 22.46 7.30 0.99
C VAL D 142 21.32 8.20 1.41
N THR D 143 20.26 8.24 0.60
CA THR D 143 19.10 9.09 0.88
C THR D 143 17.83 8.24 0.81
N PRO D 144 16.65 8.77 1.19
CA PRO D 144 15.41 8.00 0.99
C PRO D 144 15.18 7.69 -0.49
N GLU D 145 15.58 8.60 -1.41
CA GLU D 145 15.45 8.37 -2.85
C GLU D 145 16.29 7.15 -3.28
N THR D 146 17.59 7.09 -2.88
CA THR D 146 18.44 5.96 -3.26
C THR D 146 17.92 4.67 -2.66
N ILE D 147 17.44 4.72 -1.40
CA ILE D 147 16.88 3.52 -0.74
C ILE D 147 15.64 3.03 -1.51
N ASN D 148 14.72 3.96 -1.85
CA ASN D 148 13.48 3.57 -2.55
C ASN D 148 13.77 2.99 -3.92
N HIS D 149 14.76 3.54 -4.64
CA HIS D 149 15.14 3.01 -5.95
C HIS D 149 15.75 1.62 -5.75
N TYR D 150 16.61 1.47 -4.74
CA TYR D 150 17.22 0.19 -4.40
C TYR D 150 16.13 -0.87 -4.12
N LEU D 151 15.05 -0.51 -3.41
CA LEU D 151 13.98 -1.47 -3.10
C LEU D 151 13.18 -1.90 -4.32
N GLU D 152 12.97 -1.01 -5.30
CA GLU D 152 12.31 -1.40 -6.55
C GLU D 152 13.21 -2.37 -7.30
N VAL D 153 14.51 -2.05 -7.42
CA VAL D 153 15.49 -2.92 -8.08
C VAL D 153 15.53 -4.28 -7.36
N LEU D 154 15.58 -4.26 -6.02
CA LEU D 154 15.66 -5.47 -5.22
C LEU D 154 14.45 -6.38 -5.41
N ASN D 155 13.25 -5.82 -5.53
CA ASN D 155 12.06 -6.68 -5.71
C ASN D 155 11.96 -7.24 -7.14
N HIS D 156 12.67 -6.62 -8.12
CA HIS D 156 12.77 -7.15 -9.47
C HIS D 156 13.85 -8.27 -9.46
N ALA D 157 14.99 -8.01 -8.83
CA ALA D 157 16.12 -8.95 -8.83
C ALA D 157 15.97 -10.17 -7.95
N MET D 158 15.44 -9.99 -6.71
CA MET D 158 15.36 -11.08 -5.74
C MET D 158 14.75 -12.38 -6.27
N PRO D 159 13.65 -12.35 -7.03
CA PRO D 159 13.09 -13.61 -7.56
C PRO D 159 13.95 -14.33 -8.60
N GLY D 160 14.99 -13.67 -9.12
CA GLY D 160 15.89 -14.25 -10.11
C GLY D 160 15.88 -13.53 -11.45
N ALA D 161 15.93 -12.17 -11.44
CA ALA D 161 15.96 -11.37 -12.66
C ALA D 161 17.19 -10.46 -12.68
N ALA D 162 17.66 -10.14 -13.89
CA ALA D 162 18.94 -9.45 -14.07
C ALA D 162 18.86 -7.94 -14.03
N VAL D 163 19.96 -7.32 -13.56
CA VAL D 163 20.05 -5.88 -13.47
C VAL D 163 21.35 -5.32 -14.01
N VAL D 164 22.44 -6.11 -14.19
CA VAL D 164 23.71 -5.54 -14.69
C VAL D 164 24.12 -6.12 -16.06
N GLN D 165 24.22 -7.44 -16.15
CA GLN D 165 24.77 -8.08 -17.34
C GLN D 165 23.85 -8.15 -18.53
N GLU D 166 24.40 -8.29 -19.72
CA GLU D 166 23.63 -8.50 -20.95
C GLU D 166 23.54 -10.03 -21.17
N MET D 167 22.45 -10.45 -21.82
CA MET D 167 22.17 -11.83 -22.19
C MET D 167 22.01 -12.77 -21.01
N MET D 168 21.34 -12.29 -19.96
CA MET D 168 21.01 -13.10 -18.81
C MET D 168 19.69 -13.81 -19.07
N VAL D 169 19.58 -15.01 -18.51
CA VAL D 169 18.36 -15.81 -18.56
C VAL D 169 17.79 -15.77 -17.15
N GLU D 170 16.46 -15.69 -17.03
CA GLU D 170 15.84 -15.37 -15.76
C GLU D 170 14.74 -16.32 -15.36
N THR D 171 14.39 -16.29 -14.07
CA THR D 171 13.30 -17.13 -13.58
C THR D 171 11.99 -16.60 -14.11
N HIS D 172 11.03 -17.49 -14.33
CA HIS D 172 9.70 -17.11 -14.80
C HIS D 172 9.02 -16.41 -13.60
N PRO D 173 8.68 -15.11 -13.68
CA PRO D 173 8.03 -14.44 -12.54
C PRO D 173 6.79 -15.17 -12.01
N GLY D 174 6.03 -15.82 -12.91
CA GLY D 174 4.85 -16.60 -12.52
C GLY D 174 5.15 -17.76 -11.59
N LEU D 175 6.40 -18.25 -11.57
CA LEU D 175 6.81 -19.33 -10.66
C LEU D 175 7.36 -18.82 -9.33
N VAL D 176 7.67 -17.50 -9.22
CA VAL D 176 8.32 -16.91 -8.06
C VAL D 176 7.59 -15.66 -7.59
N ASP D 177 6.25 -15.58 -7.78
CA ASP D 177 5.51 -14.38 -7.37
C ASP D 177 5.28 -14.27 -5.85
N ASP D 178 5.68 -15.31 -5.08
CA ASP D 178 5.66 -15.30 -3.62
C ASP D 178 6.94 -14.62 -3.06
N CYS D 179 7.93 -14.31 -3.92
CA CYS D 179 9.20 -13.74 -3.50
C CYS D 179 9.15 -12.22 -3.50
N TYR D 180 9.54 -11.62 -2.38
CA TYR D 180 9.60 -10.17 -2.28
C TYR D 180 10.40 -9.77 -1.02
N VAL D 181 10.70 -8.47 -0.90
CA VAL D 181 11.42 -7.90 0.22
C VAL D 181 10.66 -6.69 0.72
N LYS D 182 10.43 -6.63 2.02
CA LYS D 182 9.88 -5.45 2.66
C LYS D 182 10.94 -4.95 3.65
N VAL D 183 10.76 -3.75 4.17
CA VAL D 183 11.68 -3.18 5.13
C VAL D 183 10.95 -2.63 6.34
N PHE D 184 11.66 -2.53 7.45
CA PHE D 184 11.14 -1.89 8.65
C PHE D 184 12.29 -1.17 9.34
N THR D 185 11.96 -0.15 10.12
CA THR D 185 13.00 0.64 10.77
C THR D 185 12.51 1.15 12.11
N GLY D 186 13.44 1.27 13.04
CA GLY D 186 13.16 1.92 14.32
C GLY D 186 13.36 3.42 14.24
N ASP D 187 13.82 3.96 13.06
CA ASP D 187 14.03 5.39 12.82
C ASP D 187 12.73 5.94 12.21
N ASP D 188 11.90 6.58 13.04
CA ASP D 188 10.61 7.10 12.56
C ASP D 188 10.75 8.12 11.44
N GLU D 189 11.81 8.96 11.47
CA GLU D 189 12.02 9.95 10.41
C GLU D 189 12.27 9.22 9.08
N LEU D 190 13.05 8.13 9.09
CA LEU D 190 13.28 7.35 7.90
C LEU D 190 12.00 6.59 7.47
N ALA D 191 11.23 6.03 8.43
CA ALA D 191 9.99 5.31 8.12
C ALA D 191 9.02 6.17 7.31
N ASP D 192 8.93 7.47 7.65
CA ASP D 192 8.04 8.39 6.95
C ASP D 192 8.51 8.74 5.52
N GLU D 193 9.77 8.41 5.16
CA GLU D 193 10.34 8.70 3.84
C GLU D 193 10.49 7.44 2.95
N ILE D 194 10.34 6.23 3.51
CA ILE D 194 10.44 5.02 2.72
C ILE D 194 9.16 4.86 1.90
N ASP D 195 9.30 4.34 0.68
CA ASP D 195 8.18 4.04 -0.22
C ASP D 195 7.21 3.07 0.49
N LYS D 196 5.99 3.55 0.76
CA LYS D 196 5.00 2.78 1.53
C LYS D 196 4.73 1.37 1.00
N ARG D 197 4.93 1.13 -0.32
CA ARG D 197 4.69 -0.21 -0.87
C ARG D 197 5.55 -1.29 -0.20
N PHE D 198 6.76 -0.92 0.23
CA PHE D 198 7.72 -1.86 0.81
C PHE D 198 7.78 -1.81 2.35
N LEU D 199 7.05 -0.91 3.00
CA LEU D 199 7.18 -0.76 4.45
C LEU D 199 6.30 -1.67 5.27
N ILE D 200 6.86 -2.20 6.38
CA ILE D 200 6.07 -2.85 7.42
C ILE D 200 6.03 -1.74 8.47
N ASP D 201 4.88 -1.10 8.62
CA ASP D 201 4.69 0.02 9.54
C ASP D 201 4.46 -0.52 10.94
N ILE D 202 5.44 -0.35 11.83
CA ILE D 202 5.37 -0.86 13.21
C ILE D 202 4.19 -0.25 13.98
N ASP D 203 3.91 1.04 13.76
CA ASP D 203 2.81 1.71 14.47
C ASP D 203 1.45 1.15 14.06
N LYS D 204 1.28 0.80 12.76
CA LYS D 204 0.02 0.25 12.27
C LYS D 204 -0.16 -1.21 12.69
N GLN D 205 0.91 -2.00 12.65
CA GLN D 205 0.82 -3.43 12.97
C GLN D 205 0.73 -3.74 14.44
N PHE D 206 1.27 -2.86 15.31
CA PHE D 206 1.27 -3.12 16.75
C PHE D 206 0.58 -1.98 17.49
N GLY D 207 0.03 -2.28 18.66
CA GLY D 207 -0.56 -1.26 19.51
C GLY D 207 0.49 -0.24 19.97
N GLU D 208 0.05 0.91 20.48
CA GLU D 208 0.97 1.97 20.91
C GLU D 208 2.09 1.47 21.87
N GLU D 209 1.71 0.71 22.90
CA GLU D 209 2.68 0.21 23.89
C GLU D 209 3.67 -0.77 23.24
N LYS D 210 3.17 -1.72 22.45
CA LYS D 210 4.03 -2.71 21.81
C LYS D 210 4.94 -2.09 20.75
N ALA D 211 4.43 -1.12 19.98
CA ALA D 211 5.25 -0.43 18.98
C ALA D 211 6.42 0.30 19.67
N ALA D 212 6.17 0.96 20.81
CA ALA D 212 7.21 1.65 21.56
C ALA D 212 8.26 0.63 22.06
N GLN D 213 7.82 -0.51 22.58
CA GLN D 213 8.72 -1.55 23.07
C GLN D 213 9.61 -2.09 21.93
N ILE D 214 9.02 -2.34 20.75
CA ILE D 214 9.78 -2.82 19.58
C ILE D 214 10.82 -1.76 19.19
N LYS D 215 10.39 -0.50 19.04
CA LYS D 215 11.32 0.56 18.62
C LYS D 215 12.47 0.75 19.60
N ALA D 216 12.21 0.65 20.92
CA ALA D 216 13.27 0.80 21.90
C ALA D 216 14.27 -0.35 21.79
N ALA D 217 13.79 -1.58 21.52
CA ALA D 217 14.68 -2.73 21.38
C ALA D 217 15.50 -2.68 20.07
N ILE D 218 14.87 -2.25 18.95
CA ILE D 218 15.55 -2.18 17.65
C ILE D 218 16.49 -0.98 17.53
N GLY D 219 16.13 0.14 18.17
CA GLY D 219 16.89 1.38 18.03
C GLY D 219 16.70 1.98 16.64
N LYS D 220 17.54 2.94 16.26
CA LYS D 220 17.46 3.59 14.96
C LYS D 220 18.18 2.75 13.90
N THR D 221 17.67 1.56 13.67
CA THR D 221 18.26 0.64 12.69
C THR D 221 17.20 0.19 11.70
N THR D 222 17.64 -0.19 10.50
CA THR D 222 16.78 -0.53 9.38
C THR D 222 17.09 -1.94 8.89
N TRP D 223 16.04 -2.68 8.54
CA TRP D 223 16.16 -4.10 8.22
C TRP D 223 15.31 -4.50 7.04
N GLN D 224 15.79 -5.50 6.30
CA GLN D 224 15.09 -6.07 5.15
C GLN D 224 14.53 -7.42 5.55
N ALA D 225 13.21 -7.60 5.41
CA ALA D 225 12.52 -8.86 5.66
C ALA D 225 12.47 -9.53 4.28
N VAL D 226 13.35 -10.50 4.04
CA VAL D 226 13.47 -11.12 2.73
C VAL D 226 12.78 -12.45 2.68
N HIS D 227 12.04 -12.71 1.59
CA HIS D 227 11.33 -13.98 1.42
C HIS D 227 11.69 -14.49 0.03
N VAL D 228 12.63 -15.44 -0.04
CA VAL D 228 13.10 -15.98 -1.33
C VAL D 228 12.03 -16.92 -1.90
N PRO D 229 12.11 -17.33 -3.19
CA PRO D 229 11.01 -18.14 -3.74
C PRO D 229 10.84 -19.49 -3.04
N THR D 230 9.59 -19.88 -2.83
CA THR D 230 9.24 -21.18 -2.27
C THR D 230 9.81 -22.29 -3.17
N ILE D 231 9.71 -22.13 -4.51
CA ILE D 231 10.23 -23.16 -5.43
C ILE D 231 11.74 -23.42 -5.21
N VAL D 232 12.49 -22.38 -4.80
CA VAL D 232 13.91 -22.50 -4.56
C VAL D 232 14.20 -23.34 -3.30
N VAL D 233 13.56 -23.03 -2.15
CA VAL D 233 13.81 -23.83 -0.94
C VAL D 233 13.27 -25.26 -1.09
N ARG D 234 12.21 -25.45 -1.90
CA ARG D 234 11.69 -26.79 -2.13
C ARG D 234 12.70 -27.59 -2.98
N THR D 235 13.25 -26.98 -4.05
CA THR D 235 14.26 -27.65 -4.88
C THR D 235 15.58 -27.86 -4.08
N CYS D 236 15.91 -26.88 -3.23
CA CYS D 236 17.15 -26.87 -2.48
C CYS D 236 16.91 -27.07 -0.96
N ASP D 237 17.31 -26.12 -0.10
CA ASP D 237 17.14 -26.29 1.34
C ASP D 237 17.08 -24.91 2.05
N GLY D 238 16.91 -24.91 3.35
CA GLY D 238 16.85 -23.67 4.11
C GLY D 238 18.18 -22.92 4.10
N ALA D 239 19.30 -23.67 4.08
CA ALA D 239 20.64 -23.02 4.05
C ALA D 239 20.90 -22.25 2.75
N THR D 240 20.04 -22.44 1.73
CA THR D 240 20.13 -21.67 0.49
C THR D 240 19.69 -20.21 0.75
N THR D 241 18.69 -20.01 1.60
CA THR D 241 18.03 -18.72 1.77
C THR D 241 18.97 -17.51 2.02
N SER D 242 19.85 -17.58 3.02
CA SER D 242 20.73 -16.43 3.30
C SER D 242 21.68 -16.15 2.14
N ARG D 243 22.10 -17.20 1.40
CA ARG D 243 23.00 -17.02 0.28
C ARG D 243 22.23 -16.38 -0.89
N TRP D 244 21.03 -16.90 -1.21
CA TRP D 244 20.19 -16.35 -2.29
C TRP D 244 19.88 -14.88 -2.04
N THR D 245 19.52 -14.59 -0.81
CA THR D 245 19.23 -13.23 -0.35
C THR D 245 20.46 -12.31 -0.58
N ALA D 246 21.65 -12.74 -0.11
CA ALA D 246 22.84 -11.91 -0.21
C ALA D 246 23.23 -11.65 -1.64
N MET D 247 23.07 -12.66 -2.54
CA MET D 247 23.46 -12.46 -3.94
C MET D 247 22.67 -11.32 -4.57
N GLN D 248 21.33 -11.31 -4.36
CA GLN D 248 20.47 -10.31 -4.99
C GLN D 248 20.50 -8.97 -4.26
N ILE D 249 20.83 -8.95 -2.97
CA ILE D 249 21.10 -7.70 -2.27
C ILE D 249 22.38 -7.07 -2.89
N GLY D 250 23.41 -7.88 -3.09
CA GLY D 250 24.66 -7.40 -3.68
C GLY D 250 24.46 -6.81 -5.07
N MET D 251 23.70 -7.52 -5.92
CA MET D 251 23.42 -7.04 -7.27
C MET D 251 22.61 -5.73 -7.23
N SER D 252 21.66 -5.65 -6.30
CA SER D 252 20.82 -4.46 -6.21
C SER D 252 21.61 -3.24 -5.73
N PHE D 253 22.56 -3.40 -4.80
CA PHE D 253 23.40 -2.28 -4.36
C PHE D 253 24.29 -1.83 -5.53
N ILE D 254 24.87 -2.80 -6.28
CA ILE D 254 25.70 -2.46 -7.44
C ILE D 254 24.91 -1.61 -8.46
N ALA D 255 23.68 -2.04 -8.78
CA ALA D 255 22.89 -1.36 -9.79
C ALA D 255 22.31 -0.03 -9.28
N ALA D 256 21.74 -0.02 -8.07
CA ALA D 256 21.13 1.18 -7.50
C ALA D 256 22.11 2.29 -7.13
N TYR D 257 23.33 1.95 -6.73
CA TYR D 257 24.34 2.97 -6.39
C TYR D 257 25.41 3.15 -7.44
N ARG D 258 25.28 2.49 -8.61
CA ARG D 258 26.23 2.63 -9.72
C ARG D 258 27.66 2.44 -9.28
N MET D 259 27.87 1.35 -8.56
CA MET D 259 29.19 0.97 -8.11
C MET D 259 29.89 0.30 -9.29
N CYS D 260 31.20 0.01 -9.15
CA CYS D 260 31.84 -0.92 -10.09
C CYS D 260 31.17 -2.29 -9.81
N ALA D 261 30.77 -3.01 -10.84
CA ALA D 261 30.10 -4.29 -10.68
C ALA D 261 31.14 -5.37 -10.39
N GLY D 262 31.69 -5.31 -9.18
CA GLY D 262 32.72 -6.22 -8.72
C GLY D 262 34.00 -5.51 -8.34
N GLU D 263 33.95 -4.74 -7.25
CA GLU D 263 35.13 -4.08 -6.68
C GLU D 263 35.27 -4.54 -5.21
N ALA D 264 36.41 -4.23 -4.58
CA ALA D 264 36.68 -4.66 -3.20
C ALA D 264 35.53 -4.31 -2.22
N ALA D 265 34.92 -3.10 -2.36
CA ALA D 265 33.81 -2.73 -1.46
C ALA D 265 32.63 -3.69 -1.58
N VAL D 266 32.39 -4.29 -2.76
CA VAL D 266 31.29 -5.25 -2.94
C VAL D 266 31.47 -6.45 -1.98
N ALA D 267 32.72 -6.85 -1.69
CA ALA D 267 32.94 -7.96 -0.76
C ALA D 267 32.52 -7.58 0.67
N ASP D 268 32.64 -6.29 1.05
CA ASP D 268 32.17 -5.84 2.38
C ASP D 268 30.64 -5.95 2.43
N LEU D 269 29.94 -5.62 1.34
CA LEU D 269 28.48 -5.77 1.31
C LEU D 269 28.08 -7.25 1.40
N ALA D 270 28.86 -8.14 0.75
CA ALA D 270 28.60 -9.58 0.82
C ALA D 270 28.82 -10.08 2.25
N TYR D 271 29.93 -9.69 2.90
CA TYR D 271 30.19 -10.12 4.27
C TYR D 271 29.11 -9.59 5.22
N ALA D 272 28.63 -8.35 4.98
CA ALA D 272 27.55 -7.80 5.80
C ALA D 272 26.24 -8.60 5.60
N ALA D 273 25.86 -8.87 4.36
CA ALA D 273 24.60 -9.59 4.10
C ALA D 273 24.62 -11.05 4.53
N LYS D 274 25.77 -11.72 4.40
CA LYS D 274 25.86 -13.15 4.68
C LYS D 274 26.23 -13.48 6.11
N MHS D 275 26.79 -12.53 6.85
CA MHS D 275 27.40 -12.87 8.12
C MHS D 275 27.07 -11.69 9.15
O MHS D 275 26.23 -11.85 10.02
CB MHS D 275 28.92 -12.98 7.96
CG MHS D 275 29.24 -14.07 6.98
ND1 MHS D 275 29.05 -15.39 7.16
CD2 MHS D 275 29.79 -13.90 5.72
CE1 MHS D 275 29.47 -16.03 6.06
NE2 MHS D 275 29.93 -15.12 5.17
CM MHS D 275 28.48 -16.05 8.36
N ALA D 276 27.74 -10.51 9.02
CA ALA D 276 27.68 -9.51 10.07
C ALA D 276 26.30 -8.90 10.36
N ALA D 277 25.46 -8.71 9.35
CA ALA D 277 24.11 -8.14 9.55
C ALA D 277 23.00 -9.14 9.22
N LEU D 278 23.31 -10.44 9.19
CA LEU D 278 22.32 -11.46 8.87
C LEU D 278 21.63 -11.90 10.14
N VAL D 279 20.32 -12.08 10.06
CA VAL D 279 19.53 -12.59 11.16
C VAL D 279 18.67 -13.70 10.54
N GLY D 280 19.20 -14.92 10.58
CA GLY D 280 18.49 -16.07 10.03
C GLY D 280 17.48 -16.63 11.01
N MET D 281 16.77 -17.70 10.60
CA MET D 281 15.79 -18.34 11.45
C MET D 281 16.40 -19.39 12.40
N GLY D 282 17.66 -19.77 12.20
CA GLY D 282 18.28 -20.76 13.05
C GLY D 282 19.63 -21.18 12.53
N ASP D 283 20.51 -21.56 13.45
CA ASP D 283 21.86 -21.97 13.11
C ASP D 283 21.94 -23.48 12.80
N MET D 284 23.10 -23.91 12.34
CA MET D 284 23.32 -25.31 11.95
C MET D 284 23.18 -26.31 13.10
N LEU D 285 23.14 -27.60 12.76
CA LEU D 285 23.03 -28.69 13.71
C LEU D 285 24.28 -29.58 13.67
N PRO D 286 24.59 -30.28 14.78
CA PRO D 286 25.82 -31.11 14.82
C PRO D 286 25.77 -32.34 13.92
N ALA D 287 26.92 -33.01 13.75
CA ALA D 287 27.14 -34.09 12.78
C ALA D 287 26.06 -35.17 12.72
N ARG D 288 25.63 -35.71 13.88
CA ARG D 288 24.64 -36.81 13.84
C ARG D 288 23.35 -36.44 13.13
N AGM D 289 22.89 -35.17 13.28
CA AGM D 289 21.65 -34.70 12.63
CB AGM D 289 20.59 -34.40 13.68
CG AGM D 289 21.13 -33.48 14.77
CD AGM D 289 20.26 -33.52 16.02
CE2 AGM D 289 18.88 -32.95 15.73
NE1 AGM D 289 20.89 -32.79 17.10
CZ AGM D 289 21.69 -33.40 17.97
NH1 AGM D 289 22.19 -32.71 18.99
NH2 AGM D 289 21.99 -34.69 17.82
C AGM D 289 22.00 -33.40 11.85
O AGM D 289 21.24 -32.45 11.72
N ALA D 290 23.14 -33.55 11.10
CA ALA D 290 23.73 -32.47 10.31
C ALA D 290 22.73 -31.82 9.37
N ARG D 291 22.68 -30.50 9.45
CA ARG D 291 21.88 -29.64 8.59
C ARG D 291 22.46 -28.24 8.70
N GLY D 292 22.30 -27.48 7.63
CA GLY D 292 22.73 -26.10 7.65
C GLY D 292 21.67 -25.21 8.29
N PRO D 293 21.89 -23.90 8.21
CA PRO D 293 20.92 -22.95 8.82
C PRO D 293 19.52 -22.99 8.21
N ASN D 294 18.56 -22.36 8.90
CA ASN D 294 17.18 -22.24 8.45
C ASN D 294 16.48 -23.59 8.27
N GLU D 295 16.79 -24.54 9.17
CA GLU D 295 16.05 -25.81 9.21
C GLU D 295 15.28 -25.88 10.53
N PRO D 296 14.23 -26.73 10.63
CA PRO D 296 13.41 -26.69 11.84
C PRO D 296 14.19 -26.96 13.11
N GLY D 297 15.21 -27.82 13.04
CA GLY D 297 15.98 -28.13 14.24
C GLY D 297 16.71 -26.94 14.84
N GLY D 298 17.07 -25.96 14.00
CA GLY D 298 17.74 -24.76 14.48
C GLY D 298 16.78 -23.66 14.94
N LEU D 299 15.46 -23.84 14.76
CA LEU D 299 14.49 -22.81 15.10
C LEU D 299 14.21 -22.78 16.61
N GLN D 300 14.75 -21.79 17.29
CA GLN D 300 14.51 -21.65 18.74
C GLN D 300 13.02 -21.47 19.04
N PHE D 301 12.57 -22.00 20.18
CA PHE D 301 11.16 -21.91 20.56
C PHE D 301 10.63 -20.45 20.59
N GLY D 302 11.45 -19.50 21.06
CA GLY D 302 11.05 -18.09 21.07
C GLY D 302 10.90 -17.53 19.67
N TYR D 303 11.69 -18.05 18.69
CA TYR D 303 11.56 -17.61 17.30
C TYR D 303 10.21 -18.05 16.76
N LEU D 304 9.78 -19.30 17.05
CA LEU D 304 8.47 -19.73 16.56
C LEU D 304 7.36 -18.88 17.18
N ALA D 305 7.48 -18.54 18.46
CA ALA D 305 6.51 -17.66 19.11
C ALA D 305 6.48 -16.27 18.42
N ASP D 306 7.64 -15.72 18.02
CA ASP D 306 7.71 -14.43 17.34
C ASP D 306 7.25 -14.49 15.86
N ILE D 307 7.34 -15.66 15.23
CA ILE D 307 6.85 -15.86 13.87
C ILE D 307 5.32 -15.84 13.92
N VAL D 308 4.72 -16.56 14.87
CA VAL D 308 3.25 -16.59 15.03
C VAL D 308 2.80 -15.18 15.48
N GLN D 309 1.63 -14.75 15.01
CA GLN D 309 1.17 -13.37 15.20
C GLN D 309 -0.22 -13.24 15.80
N ALA D 310 -0.79 -14.31 16.38
CA ALA D 310 -2.12 -14.23 16.95
C ALA D 310 -2.18 -13.20 18.10
N ASP D 311 -1.12 -13.12 18.94
CA ASP D 311 -1.08 -12.16 20.06
C ASP D 311 -1.13 -10.69 19.62
N ARG D 312 -0.76 -10.42 18.38
CA ARG D 312 -0.78 -9.07 17.83
C ARG D 312 -2.21 -8.63 17.49
N VAL D 313 -3.15 -9.59 17.21
CA VAL D 313 -4.50 -9.27 16.78
C VAL D 313 -5.61 -9.74 17.74
N THR D 314 -5.29 -10.49 18.81
CA THR D 314 -6.31 -10.87 19.79
C THR D 314 -5.82 -10.56 21.18
N ASP D 315 -6.75 -10.10 22.05
CA ASP D 315 -6.45 -9.87 23.46
C ASP D 315 -6.67 -11.14 24.30
N ASP D 316 -7.18 -12.24 23.69
CA ASP D 316 -7.39 -13.50 24.39
C ASP D 316 -6.01 -14.17 24.53
N LYS D 317 -5.45 -14.08 25.73
CA LYS D 317 -4.11 -14.58 26.00
C LYS D 317 -3.95 -16.09 25.82
N VAL D 318 -4.93 -16.90 26.27
CA VAL D 318 -4.86 -18.35 26.09
C VAL D 318 -4.90 -18.68 24.59
N LYS D 319 -5.85 -18.08 23.85
CA LYS D 319 -5.97 -18.32 22.41
C LYS D 319 -4.68 -18.00 21.66
N ALA D 320 -4.06 -16.86 22.00
CA ALA D 320 -2.80 -16.48 21.36
C ALA D 320 -1.68 -17.51 21.65
N SER D 321 -1.60 -18.01 22.90
CA SER D 321 -0.62 -19.04 23.26
C SER D 321 -0.88 -20.34 22.49
N LEU D 322 -2.16 -20.74 22.32
CA LEU D 322 -2.47 -21.99 21.65
C LEU D 322 -2.32 -21.95 20.14
N GLU D 323 -2.35 -20.75 19.52
CA GLU D 323 -2.03 -20.63 18.10
C GLU D 323 -0.51 -20.94 17.93
N VAL D 324 0.33 -20.54 18.92
CA VAL D 324 1.75 -20.84 18.92
C VAL D 324 1.92 -22.37 19.05
N VAL D 325 1.17 -23.00 19.98
CA VAL D 325 1.25 -24.46 20.16
C VAL D 325 0.88 -25.17 18.86
N ALA D 326 -0.18 -24.73 18.16
CA ALA D 326 -0.61 -25.38 16.92
C ALA D 326 0.50 -25.30 15.87
N ALA D 327 1.13 -24.11 15.67
CA ALA D 327 2.20 -23.97 14.69
C ALA D 327 3.38 -24.88 15.04
N GLY D 328 3.73 -24.93 16.33
CA GLY D 328 4.86 -25.71 16.80
C GLY D 328 4.63 -27.20 16.79
N ALA D 329 3.45 -27.66 17.20
CA ALA D 329 3.16 -29.10 17.21
C ALA D 329 3.23 -29.64 15.76
N MET D 330 2.67 -28.88 14.81
CA MET D 330 2.70 -29.26 13.42
C MET D 330 4.17 -29.23 12.91
N LEU D 331 4.83 -28.07 12.98
CA LEU D 331 6.18 -27.96 12.43
C LEU D 331 7.17 -28.93 13.09
N TYR D 332 7.25 -28.89 14.43
CA TYR D 332 8.25 -29.67 15.14
C TYR D 332 7.97 -31.16 15.15
N ASP D 333 6.70 -31.59 15.37
CA ASP D 333 6.42 -33.03 15.42
C ASP D 333 6.11 -33.64 14.05
N GLN D 334 5.30 -32.98 13.23
CA GLN D 334 4.88 -33.57 11.95
C GLN D 334 5.96 -33.48 10.86
N ILE D 335 6.50 -32.28 10.65
CA ILE D 335 7.50 -32.07 9.60
C ILE D 335 8.90 -32.41 10.07
N TRP D 336 9.32 -31.83 11.20
CA TRP D 336 10.68 -32.01 11.70
C TRP D 336 10.90 -33.42 12.25
N LEU D 337 10.29 -33.77 13.40
CA LEU D 337 10.51 -35.11 13.96
C LEU D 337 9.91 -36.22 13.10
N GLY D 338 8.75 -35.94 12.50
CA GLY D 338 8.02 -36.91 11.70
C GLY D 338 8.47 -37.12 10.27
N SER D 339 9.42 -36.30 9.77
CA SER D 339 9.90 -36.47 8.40
C SER D 339 11.40 -36.24 8.36
N TYR D 340 11.88 -35.00 8.57
CA TYR D 340 13.34 -34.73 8.57
C TYR D 340 14.14 -35.73 9.45
N MET D 341 13.60 -36.06 10.66
CA MET D 341 14.29 -36.96 11.60
C MET D 341 13.74 -38.38 11.65
N SER D 342 12.73 -38.72 10.83
CA SER D 342 12.21 -40.08 10.79
C SER D 342 11.53 -40.32 9.44
N GLY D 343 10.21 -40.18 9.32
CA GLY D 343 9.50 -40.41 8.07
C GLY D 343 8.54 -41.57 8.10
N GLY D 344 7.82 -41.72 7.00
CA GLY D 344 6.79 -42.73 6.80
C GLY D 344 5.44 -42.14 7.12
N VAL D 345 4.53 -42.95 7.69
CA VAL D 345 3.22 -42.47 8.17
C VAL D 345 3.43 -41.26 9.12
N GLY D 346 4.47 -41.32 9.94
CA GLY D 346 4.84 -40.16 10.75
C GLY D 346 3.97 -39.89 11.96
N PHE D 347 3.93 -38.61 12.36
CA PHE D 347 3.40 -38.20 13.65
C PHE D 347 2.26 -37.19 13.62
N THR D 348 1.28 -37.38 12.71
CA THR D 348 0.16 -36.43 12.62
C THR D 348 -0.59 -36.30 13.96
N GLN D 349 -1.10 -37.41 14.53
CA GLN D 349 -1.96 -37.35 15.71
C GLN D 349 -1.19 -37.07 17.00
N TYR D 350 0.14 -37.33 17.05
CA TYR D 350 0.93 -36.85 18.21
C TYR D 350 0.83 -35.29 18.27
N ALA D 351 0.72 -34.62 17.09
CA ALA D 351 0.58 -33.16 17.00
C ALA D 351 -0.89 -32.71 17.05
N THR D 352 -1.82 -33.39 16.31
CA THR D 352 -3.23 -32.97 16.31
C THR D 352 -3.84 -32.92 17.70
N ALA D 353 -3.32 -33.74 18.64
CA ALA D 353 -3.82 -33.70 20.03
C ALA D 353 -3.77 -32.28 20.62
N ALA D 354 -2.78 -31.46 20.18
CA ALA D 354 -2.58 -30.12 20.68
C ALA D 354 -3.35 -29.03 19.91
N TYR D 355 -4.08 -29.38 18.81
CA TYR D 355 -4.81 -28.36 18.06
C TYR D 355 -6.17 -28.85 17.55
N THR D 356 -6.76 -29.88 18.19
CA THR D 356 -8.08 -30.37 17.79
C THR D 356 -9.05 -30.54 18.96
N ASN D 357 -10.34 -30.43 18.62
CA ASN D 357 -11.47 -30.66 19.50
C ASN D 357 -11.56 -29.75 20.72
N ASN D 358 -10.80 -28.63 20.73
CA ASN D 358 -10.83 -27.66 21.83
C ASN D 358 -10.45 -28.27 23.19
N ILE D 359 -9.67 -29.37 23.17
CA ILE D 359 -9.29 -30.08 24.39
C ILE D 359 -8.22 -29.31 25.13
N LEU D 360 -7.07 -29.02 24.46
CA LEU D 360 -6.03 -28.22 25.10
C LEU D 360 -6.59 -26.84 25.52
N ASP D 361 -7.55 -26.31 24.73
CA ASP D 361 -8.22 -25.04 25.04
C ASP D 361 -8.96 -25.15 26.36
N ASP D 362 -9.77 -26.21 26.54
CA ASP D 362 -10.49 -26.41 27.80
C ASP D 362 -9.54 -26.43 29.00
N PHE D 363 -8.47 -27.22 28.92
CA PHE D 363 -7.54 -27.36 30.02
C PHE D 363 -6.78 -26.06 30.31
N SER D 364 -6.35 -25.35 29.27
CA SER D 364 -5.59 -24.12 29.43
C SER D 364 -6.47 -22.98 29.97
N TYR D 365 -7.70 -22.84 29.46
CA TYR D 365 -8.63 -21.82 29.97
C TYR D 365 -8.95 -22.14 31.44
N TYR D 366 -9.15 -23.43 31.78
CA TYR D 366 -9.43 -23.80 33.18
C TYR D 366 -8.28 -23.34 34.11
N GLY D 367 -7.04 -23.72 33.77
CA GLY D 367 -5.88 -23.38 34.57
C GLY D 367 -5.63 -21.90 34.69
N TYR D 368 -5.74 -21.20 33.55
CA TYR D 368 -5.54 -19.76 33.53
C TYR D 368 -6.62 -19.03 34.32
N GLU D 369 -7.90 -19.42 34.16
CA GLU D 369 -9.01 -18.81 34.91
C GLU D 369 -8.83 -19.05 36.40
N TYR D 370 -8.35 -20.25 36.79
CA TYR D 370 -8.06 -20.55 38.19
C TYR D 370 -6.99 -19.59 38.72
N ALA D 371 -5.90 -19.42 37.97
CA ALA D 371 -4.79 -18.55 38.35
C ALA D 371 -5.19 -17.07 38.41
N VAL D 372 -6.00 -16.59 37.47
CA VAL D 372 -6.46 -15.19 37.45
C VAL D 372 -7.32 -14.93 38.71
N ASP D 373 -8.23 -15.85 39.03
CA ASP D 373 -9.06 -15.69 40.22
C ASP D 373 -8.21 -15.68 41.49
N LYS D 374 -7.25 -16.59 41.61
CA LYS D 374 -6.42 -16.70 42.80
C LYS D 374 -5.36 -15.60 42.96
N TYR D 375 -4.65 -15.26 41.89
CA TYR D 375 -3.54 -14.31 41.94
C TYR D 375 -3.85 -12.90 41.42
N GLY D 376 -5.00 -12.69 40.80
CA GLY D 376 -5.41 -11.35 40.37
C GLY D 376 -5.50 -11.11 38.88
N GLY D 377 -4.59 -11.71 38.12
CA GLY D 377 -4.54 -11.48 36.68
C GLY D 377 -3.25 -11.96 36.05
N PRO D 378 -3.09 -11.72 34.74
CA PRO D 378 -1.87 -12.16 34.07
C PRO D 378 -0.63 -11.47 34.61
N ALA D 379 0.47 -12.24 34.72
CA ALA D 379 1.77 -11.78 35.22
C ALA D 379 1.72 -11.20 36.66
N GLN D 380 0.68 -11.55 37.47
CA GLN D 380 0.57 -11.08 38.86
C GLN D 380 0.95 -12.17 39.89
N ALA D 381 1.01 -13.44 39.47
CA ALA D 381 1.37 -14.51 40.39
C ALA D 381 2.89 -14.50 40.64
N PRO D 382 3.39 -14.61 41.90
CA PRO D 382 4.85 -14.61 42.10
C PRO D 382 5.57 -15.73 41.32
N ALA D 383 6.74 -15.45 40.76
CA ALA D 383 7.51 -16.44 40.01
C ALA D 383 8.34 -17.25 41.01
N THR D 384 7.68 -18.19 41.68
CA THR D 384 8.28 -19.05 42.70
C THR D 384 7.84 -20.50 42.51
N LEU D 385 8.58 -21.47 43.09
CA LEU D 385 8.19 -22.87 43.01
C LEU D 385 6.84 -23.12 43.71
N GLU D 386 6.49 -22.30 44.73
CA GLU D 386 5.20 -22.43 45.40
C GLU D 386 4.06 -22.17 44.39
N THR D 387 4.18 -21.10 43.59
CA THR D 387 3.16 -20.76 42.60
C THR D 387 3.09 -21.86 41.54
N VAL D 388 4.25 -22.33 41.05
CA VAL D 388 4.30 -23.36 40.01
C VAL D 388 3.60 -24.62 40.51
N LYS D 389 3.93 -25.06 41.73
CA LYS D 389 3.32 -26.24 42.35
C LYS D 389 1.80 -26.09 42.42
N ASP D 390 1.33 -24.92 42.80
CA ASP D 390 -0.11 -24.68 42.93
C ASP D 390 -0.82 -24.77 41.55
N ILE D 391 -0.43 -23.92 40.60
CA ILE D 391 -1.13 -23.85 39.31
C ILE D 391 -0.99 -25.13 38.52
N ALA D 392 0.24 -25.64 38.42
CA ALA D 392 0.46 -26.84 37.62
C ALA D 392 -0.26 -28.07 38.19
N THR D 393 -0.30 -28.24 39.54
CA THR D 393 -1.02 -29.38 40.12
C THR D 393 -2.52 -29.23 39.88
N GLU D 394 -3.08 -28.03 40.13
CA GLU D 394 -4.51 -27.79 39.94
C GLU D 394 -4.93 -28.07 38.49
N THR D 395 -4.17 -27.53 37.55
CA THR D 395 -4.48 -27.71 36.13
C THR D 395 -4.29 -29.18 35.70
N ALA D 396 -3.17 -29.81 36.08
CA ALA D 396 -2.91 -31.19 35.68
C ALA D 396 -3.97 -32.16 36.21
N ILE D 397 -4.34 -32.05 37.51
CA ILE D 397 -5.32 -33.00 38.06
C ILE D 397 -6.69 -32.78 37.42
N TYR D 398 -7.07 -31.51 37.13
CA TYR D 398 -8.34 -31.25 36.43
C TYR D 398 -8.32 -31.96 35.05
N ALA D 399 -7.23 -31.80 34.31
CA ALA D 399 -7.10 -32.38 32.97
C ALA D 399 -7.11 -33.91 33.03
N ILE D 400 -6.37 -34.50 33.97
CA ILE D 400 -6.34 -35.97 34.18
C ILE D 400 -7.76 -36.50 34.38
N GLU D 401 -8.55 -35.83 35.22
CA GLU D 401 -9.91 -36.27 35.50
C GLU D 401 -10.84 -36.19 34.30
N GLN D 402 -10.59 -35.26 33.34
CA GLN D 402 -11.48 -35.12 32.18
C GLN D 402 -11.48 -36.37 31.30
N TYR D 403 -10.31 -37.04 31.16
CA TYR D 403 -10.25 -38.30 30.41
C TYR D 403 -11.10 -39.41 31.07
N GLU D 404 -11.32 -39.33 32.39
CA GLU D 404 -12.07 -40.30 33.16
C GLU D 404 -13.56 -39.97 33.17
N TYR D 405 -13.93 -38.67 33.23
CA TYR D 405 -15.33 -38.27 33.13
C TYR D 405 -15.86 -38.51 31.70
N PHE D 406 -14.99 -38.39 30.68
CA PHE D 406 -15.41 -38.55 29.31
C PHE D 406 -14.63 -39.67 28.59
N PRO D 407 -15.18 -40.90 28.55
CA PRO D 407 -14.51 -41.98 27.80
C PRO D 407 -14.24 -41.64 26.33
N THR D 408 -15.09 -40.81 25.69
CA THR D 408 -14.84 -40.38 24.31
C THR D 408 -13.59 -39.50 24.23
N LEU D 409 -13.32 -38.68 25.27
CA LEU D 409 -12.10 -37.85 25.30
C LEU D 409 -10.87 -38.76 25.33
N LEU D 410 -10.93 -39.82 26.16
CA LEU D 410 -9.81 -40.76 26.30
C LEU D 410 -9.60 -41.53 24.99
N GLU D 411 -10.69 -41.93 24.31
CA GLU D 411 -10.59 -42.64 23.03
C GLU D 411 -10.04 -41.71 21.92
N ASP D 412 -10.40 -40.42 21.95
CA ASP D 412 -9.90 -39.47 20.97
C ASP D 412 -8.38 -39.33 21.11
N GLN D 413 -7.90 -39.04 22.34
CA GLN D 413 -6.45 -38.89 22.60
C GLN D 413 -6.01 -40.23 23.16
N PHE D 414 -6.07 -41.24 22.28
CA PHE D 414 -5.83 -42.63 22.64
C PHE D 414 -4.40 -42.95 23.08
N GLY D 415 -3.41 -42.21 22.59
CA GLY D 415 -2.03 -42.44 22.96
C GLY D 415 -1.67 -41.66 24.21
N GLY D 416 -0.98 -42.30 25.14
CA GLY D 416 -0.57 -41.62 26.37
C GLY D 416 0.28 -40.38 26.13
N SER D 417 1.12 -40.40 25.06
CA SER D 417 1.93 -39.23 24.74
C SER D 417 1.05 -38.03 24.35
N GLN D 418 -0.12 -38.28 23.74
CA GLN D 418 -1.05 -37.22 23.37
C GLN D 418 -1.59 -36.60 24.66
N ARG D 419 -2.03 -37.44 25.62
CA ARG D 419 -2.53 -36.99 26.91
C ARG D 419 -1.43 -36.20 27.65
N ALA D 420 -0.21 -36.73 27.66
CA ALA D 420 0.91 -36.07 28.35
C ALA D 420 1.20 -34.69 27.76
N ALA D 421 1.28 -34.57 26.42
CA ALA D 421 1.56 -33.28 25.80
C ALA D 421 0.52 -32.21 26.13
N VAL D 422 -0.76 -32.59 26.13
CA VAL D 422 -1.88 -31.67 26.36
CA VAL D 422 -1.87 -31.65 26.36
C VAL D 422 -2.04 -31.32 27.85
N VAL D 423 -1.98 -32.32 28.73
CA VAL D 423 -2.07 -32.10 30.19
C VAL D 423 -0.94 -31.16 30.63
N ALA D 424 0.30 -31.47 30.23
CA ALA D 424 1.45 -30.67 30.62
C ALA D 424 1.49 -29.31 29.93
N ALA D 425 1.04 -29.20 28.65
CA ALA D 425 1.01 -27.89 27.99
C ALA D 425 0.05 -26.94 28.72
N ALA D 426 -1.13 -27.44 29.13
CA ALA D 426 -2.09 -26.62 29.85
C ALA D 426 -1.49 -26.15 31.19
N ALA D 427 -0.84 -27.05 31.95
CA ALA D 427 -0.23 -26.69 33.23
C ALA D 427 0.89 -25.65 33.02
N GLY D 428 1.72 -25.85 32.00
CA GLY D 428 2.83 -24.94 31.72
C GLY D 428 2.37 -23.57 31.25
N ILE D 429 1.38 -23.53 30.34
CA ILE D 429 0.88 -22.27 29.79
C ILE D 429 0.12 -21.48 30.85
N ALA D 430 -0.74 -22.15 31.65
CA ALA D 430 -1.45 -21.45 32.74
C ALA D 430 -0.44 -20.83 33.73
N THR D 431 0.62 -21.56 34.05
CA THR D 431 1.67 -21.09 34.97
C THR D 431 2.47 -19.94 34.35
N GLY D 432 2.82 -20.04 33.07
CA GLY D 432 3.59 -19.00 32.40
C GLY D 432 2.79 -17.72 32.27
N LEU D 433 1.52 -17.82 31.88
CA LEU D 433 0.67 -16.64 31.75
C LEU D 433 0.48 -15.97 33.11
N ALA D 434 0.24 -16.78 34.16
CA ALA D 434 -0.02 -16.23 35.49
C ALA D 434 1.20 -15.53 36.10
N THR D 435 2.40 -16.10 35.93
CA THR D 435 3.63 -15.53 36.48
C THR D 435 4.33 -14.53 35.57
N GLY D 436 4.02 -14.55 34.27
CA GLY D 436 4.78 -13.77 33.31
C GLY D 436 6.19 -14.31 33.13
N ASN D 437 6.45 -15.57 33.54
CA ASN D 437 7.77 -16.18 33.47
C ASN D 437 7.66 -17.53 32.80
N SER D 438 8.21 -17.63 31.59
CA SER D 438 8.15 -18.87 30.84
C SER D 438 8.97 -20.00 31.47
N GLN D 439 10.01 -19.66 32.27
CA GLN D 439 10.81 -20.69 32.96
C GLN D 439 9.96 -21.35 34.05
N ALA D 440 9.10 -20.56 34.74
CA ALA D 440 8.14 -21.06 35.75
C ALA D 440 7.16 -22.01 35.02
N GLY D 441 6.72 -21.63 33.81
CA GLY D 441 5.87 -22.48 32.99
C GLY D 441 6.52 -23.81 32.68
N LEU D 442 7.81 -23.77 32.32
CA LEU D 442 8.53 -25.00 32.00
C LEU D 442 8.61 -25.94 33.22
N SER D 443 8.88 -25.37 34.39
CA SER D 443 8.91 -26.15 35.63
C SER D 443 7.53 -26.83 35.87
N GLY D 444 6.45 -26.10 35.59
CA GLY D 444 5.08 -26.62 35.73
C GLY D 444 4.81 -27.77 34.80
N TRP D 445 5.32 -27.69 33.55
CA TRP D 445 5.19 -28.77 32.57
C TRP D 445 5.76 -30.10 33.16
N TYR D 446 6.98 -30.07 33.74
CA TYR D 446 7.59 -31.29 34.26
C TYR D 446 6.82 -31.85 35.46
N LEU D 447 6.34 -30.97 36.35
CA LEU D 447 5.52 -31.44 37.48
C LEU D 447 4.25 -32.15 36.96
N ALA D 448 3.58 -31.57 35.93
CA ALA D 448 2.36 -32.19 35.36
C ALA D 448 2.65 -33.57 34.77
N GLN D 449 3.81 -33.72 34.14
CA GLN D 449 4.23 -35.02 33.57
C GLN D 449 4.32 -36.07 34.66
N TYR D 450 4.96 -35.70 35.79
CA TYR D 450 5.14 -36.65 36.88
C TYR D 450 3.79 -37.02 37.52
N LEU D 451 2.87 -36.05 37.63
CA LEU D 451 1.55 -36.32 38.20
C LEU D 451 0.79 -37.29 37.30
N LEU D 452 0.79 -37.04 35.98
CA LEU D 452 0.09 -37.92 35.05
C LEU D 452 0.59 -39.37 35.12
N LYS D 453 1.91 -39.58 35.21
CA LYS D 453 2.49 -40.93 35.31
C LYS D 453 1.92 -41.70 36.50
N GLU D 454 1.93 -41.08 37.69
CA GLU D 454 1.42 -41.79 38.87
C GLU D 454 -0.10 -41.93 38.84
N ALA D 455 -0.82 -41.00 38.16
CA ALA D 455 -2.28 -41.06 38.10
C ALA D 455 -2.78 -42.23 37.23
N GLU D 456 -2.27 -42.35 35.99
CA GLU D 456 -2.73 -43.40 35.08
C GLU D 456 -1.88 -44.68 35.14
N GLY D 457 -0.74 -44.67 35.86
CA GLY D 457 0.16 -45.83 35.90
C GLY D 457 0.83 -46.08 34.55
N ARG D 458 0.96 -45.01 33.78
CA ARG D 458 1.53 -44.99 32.42
C ARG D 458 1.72 -43.53 32.02
N LEU D 459 2.63 -43.25 31.10
CA LEU D 459 2.85 -41.86 30.67
C LEU D 459 2.75 -41.81 29.14
N GLY D 460 3.86 -41.81 28.40
CA GLY D 460 3.79 -41.77 26.94
C GLY D 460 4.37 -43.01 26.32
N PHE D 461 4.85 -42.88 25.09
CA PHE D 461 5.49 -44.00 24.40
C PHE D 461 6.82 -44.37 25.13
N PHE D 462 7.46 -45.45 24.69
CA PHE D 462 8.67 -46.01 25.29
C PHE D 462 9.72 -44.97 25.73
CA GL3 D 463 11.03 -43.02 25.14
N GL3 D 463 10.00 -44.01 24.86
C GL3 D 463 10.53 -41.60 25.36
S GL3 D 463 11.61 -40.40 25.24
N TYR D 464 9.25 -41.44 25.68
CA TYR D 464 8.63 -40.11 25.77
C TYR D 464 9.24 -39.24 26.86
N ASP D 465 9.46 -39.81 28.05
CA ASP D 465 9.86 -39.00 29.20
C ASP D 465 11.36 -38.93 29.46
N LEU D 466 12.23 -39.10 28.44
CA LEU D 466 13.68 -38.87 28.65
C LEU D 466 13.89 -37.42 29.14
N GLN D 467 13.31 -36.46 28.38
CA GLN D 467 13.50 -35.05 28.73
C GLN D 467 12.72 -34.65 29.97
N ASP D 468 11.61 -35.35 30.27
CA ASP D 468 10.80 -34.99 31.41
C ASP D 468 11.46 -35.47 32.70
N GLN D 469 12.06 -36.68 32.71
CA GLN D 469 12.78 -37.13 33.90
C GLN D 469 14.06 -36.30 34.09
N CYS D 470 14.73 -35.91 32.99
CA CYS D 470 15.86 -34.96 33.08
C CYS D 470 15.37 -33.53 33.45
N GLY D 471 14.11 -33.26 33.17
CA GLY D 471 13.49 -31.95 33.07
C GLY D 471 13.54 -31.05 34.27
N ALA D 472 12.96 -31.52 35.38
CA ALA D 472 12.90 -30.71 36.61
C ALA D 472 14.28 -30.16 37.02
N ALA D 473 15.29 -31.02 37.01
CA ALA D 473 16.66 -30.65 37.36
C ALA D 473 17.29 -29.68 36.37
N ASN D 474 16.98 -29.81 35.06
CA ASN D 474 17.58 -28.95 34.05
C ASN D 474 16.84 -27.63 33.80
N VAL D 475 15.68 -27.36 34.45
CA VAL D 475 14.99 -26.09 34.24
C VAL D 475 15.87 -24.91 34.70
N PHE D 476 16.38 -25.00 35.95
CA PHE D 476 17.15 -23.92 36.54
C PHE D 476 18.65 -24.21 36.67
N SER D 477 19.14 -25.31 36.09
CA SER D 477 20.56 -25.60 36.10
C SER D 477 21.33 -24.50 35.35
N TYR D 478 22.55 -24.20 35.79
CA TYR D 478 23.43 -23.26 35.06
C TYR D 478 24.65 -24.02 34.49
N GLN D 479 24.63 -25.39 34.46
CA GLN D 479 25.73 -26.16 33.92
C GLN D 479 25.76 -26.05 32.41
N SER D 480 26.98 -26.11 31.85
CA SER D 480 27.32 -25.97 30.44
C SER D 480 26.19 -26.34 29.43
N ASP D 481 25.84 -27.63 29.31
CA ASP D 481 24.84 -28.07 28.33
C ASP D 481 23.49 -28.39 28.94
N GLU D 482 23.17 -27.78 30.10
CA GLU D 482 21.91 -27.95 30.79
C GLU D 482 21.17 -26.63 30.89
N GLY D 483 21.85 -25.58 31.33
CA GLY D 483 21.22 -24.30 31.56
C GLY D 483 20.92 -23.50 30.31
N LEU D 484 19.74 -22.91 30.27
CA LEU D 484 19.35 -22.03 29.16
C LEU D 484 17.90 -21.56 29.36
N PRO D 485 17.59 -20.25 29.22
CA PRO D 485 16.16 -19.83 29.26
C PRO D 485 15.38 -20.53 28.15
N LEU D 486 14.13 -20.92 28.44
CA LEU D 486 13.32 -21.66 27.49
C LEU D 486 13.20 -20.97 26.11
N GLU D 487 13.12 -19.62 26.09
CA GLU D 487 13.03 -18.86 24.84
C GLU D 487 14.15 -19.21 23.85
N LEU D 488 15.35 -19.51 24.38
CA LEU D 488 16.53 -19.86 23.57
C LEU D 488 16.70 -21.36 23.37
N ARG D 489 15.93 -22.21 24.08
CA ARG D 489 15.96 -23.63 23.81
C ARG D 489 15.28 -23.87 22.47
N GLY D 490 15.51 -25.06 21.93
CA GLY D 490 14.93 -25.46 20.67
C GLY D 490 15.11 -26.95 20.45
N PRO D 491 14.83 -27.42 19.24
CA PRO D 491 14.97 -28.87 18.98
C PRO D 491 16.40 -29.40 19.06
N ASN D 492 17.42 -28.54 19.20
CA ASN D 492 18.80 -29.02 19.34
C ASN D 492 19.25 -28.98 20.83
N TYR D 493 18.39 -28.48 21.76
CA TYR D 493 18.68 -28.54 23.21
C TYR D 493 18.77 -30.07 23.53
N PRO D 494 19.88 -30.56 24.07
CA PRO D 494 20.14 -32.02 24.08
C PRO D 494 18.98 -32.92 24.50
N ASN D 495 18.36 -32.63 25.64
CA ASN D 495 17.25 -33.46 26.12
C ASN D 495 16.07 -33.48 25.14
N TYR D 496 15.90 -32.40 24.36
CA TYR D 496 14.74 -32.25 23.47
C TYR D 496 14.97 -32.74 22.06
N ALA D 497 16.19 -33.18 21.69
CA ALA D 497 16.53 -33.44 20.30
C ALA D 497 15.87 -34.61 19.60
N MET D 498 15.10 -35.47 20.31
CA MET D 498 14.59 -36.67 19.68
C MET D 498 13.10 -36.89 19.70
N ASN D 499 12.38 -36.42 20.73
CA ASN D 499 11.03 -36.96 20.98
C ASN D 499 9.83 -36.04 20.72
N VAL D 500 8.75 -36.69 20.21
CA VAL D 500 7.46 -36.04 19.93
C VAL D 500 6.76 -35.57 21.23
N GLY D 501 5.70 -34.77 21.08
CA GLY D 501 4.85 -34.33 22.16
C GLY D 501 5.49 -33.41 23.19
N HIS D 502 6.49 -32.62 22.77
CA HIS D 502 7.12 -31.66 23.69
C HIS D 502 7.44 -30.31 22.98
N GLN D 503 8.11 -30.32 21.81
CA GLN D 503 8.65 -29.10 21.22
C GLN D 503 7.63 -27.99 20.91
N GLY D 504 6.52 -28.36 20.29
CA GLY D 504 5.50 -27.37 19.96
C GLY D 504 4.83 -26.82 21.20
N GLU D 505 4.65 -27.69 22.19
CA GLU D 505 4.07 -27.29 23.47
C GLU D 505 5.06 -26.31 24.18
N TYR D 506 6.36 -26.58 24.10
CA TYR D 506 7.38 -25.68 24.65
C TYR D 506 7.33 -24.32 23.96
N ALA D 507 7.07 -24.27 22.64
CA ALA D 507 6.94 -22.97 21.96
C ALA D 507 5.78 -22.16 22.57
N GLY D 508 4.66 -22.83 22.86
CA GLY D 508 3.55 -22.17 23.55
C GLY D 508 3.94 -21.69 24.94
N ILE D 509 4.67 -22.53 25.70
CA ILE D 509 5.11 -22.12 27.04
C ILE D 509 6.09 -20.95 26.94
N ALA D 510 7.00 -20.95 25.95
CA ALA D 510 7.94 -19.85 25.74
C ALA D 510 7.16 -18.54 25.51
N SER D 511 6.07 -18.60 24.74
CA SER D 511 5.22 -17.45 24.48
C SER D 511 4.43 -17.01 25.72
N SER D 512 3.98 -17.97 26.53
CA SER D 512 3.09 -17.71 27.67
C SER D 512 3.55 -16.59 28.65
N GLY D 513 4.81 -16.60 29.09
CA GLY D 513 5.31 -15.57 29.99
C GLY D 513 5.20 -14.16 29.40
N HIS D 514 5.53 -14.07 28.12
CA HIS D 514 5.52 -12.80 27.39
C HIS D 514 4.11 -12.34 27.04
N ILE D 515 3.21 -13.27 26.65
CA ILE D 515 1.81 -12.93 26.42
C ILE D 515 1.18 -12.46 27.74
N GLY D 516 1.50 -13.13 28.85
CA GLY D 516 1.01 -12.73 30.17
C GLY D 516 1.41 -11.30 30.51
N ARG D 517 2.66 -10.93 30.20
CA ARG D 517 3.17 -9.58 30.43
C ARG D 517 2.70 -8.52 29.41
N GLY D 518 2.11 -8.95 28.30
CA GLY D 518 1.72 -8.05 27.23
C GLY D 518 2.92 -7.61 26.40
N ASP D 519 4.02 -8.40 26.39
CA ASP D 519 5.21 -8.04 25.61
C ASP D 519 4.91 -8.12 24.11
N ALA D 520 5.56 -7.24 23.34
CA ALA D 520 5.42 -7.21 21.89
C ALA D 520 6.07 -8.43 21.24
N PHE D 521 7.16 -8.95 21.84
CA PHE D 521 7.88 -10.09 21.31
C PHE D 521 8.45 -10.92 22.48
N VAL D 522 8.98 -12.11 22.15
CA VAL D 522 9.52 -13.09 23.09
C VAL D 522 11.04 -13.08 23.12
N VAL D 523 11.68 -13.07 21.94
CA VAL D 523 13.14 -13.18 21.90
C VAL D 523 13.79 -12.40 20.77
N ASN D 524 13.09 -12.05 19.69
CA ASN D 524 13.74 -11.31 18.60
C ASN D 524 12.73 -10.36 18.00
N PRO D 525 12.86 -9.04 18.29
CA PRO D 525 11.87 -8.08 17.76
C PRO D 525 11.90 -7.98 16.25
N LEU D 526 13.06 -8.27 15.63
CA LEU D 526 13.19 -8.23 14.18
C LEU D 526 12.33 -9.32 13.57
N VAL D 527 12.31 -10.51 14.18
CA VAL D 527 11.48 -11.62 13.69
C VAL D 527 10.00 -11.24 13.83
N LYS D 528 9.63 -10.68 14.99
CA LYS D 528 8.23 -10.31 15.22
C LYS D 528 7.71 -9.33 14.15
N VAL D 529 8.52 -8.33 13.81
CA VAL D 529 8.09 -7.35 12.81
C VAL D 529 8.08 -7.99 11.40
N ALA D 530 9.11 -8.77 11.06
CA ALA D 530 9.21 -9.39 9.73
C ALA D 530 7.98 -10.24 9.38
N PHE D 531 7.41 -10.94 10.36
CA PHE D 531 6.24 -11.78 10.12
C PHE D 531 4.89 -11.07 10.34
N ALA D 532 4.90 -9.77 10.73
CA ALA D 532 3.66 -8.99 10.90
C ALA D 532 3.32 -8.42 9.51
N ASP D 533 3.19 -9.31 8.53
CA ASP D 533 3.04 -8.94 7.13
C ASP D 533 1.92 -9.73 6.44
N PRO D 534 0.82 -9.08 6.02
CA PRO D 534 -0.27 -9.84 5.38
C PRO D 534 0.04 -10.35 3.99
N LEU D 535 1.12 -9.87 3.35
CA LEU D 535 1.48 -10.36 2.02
C LEU D 535 2.08 -11.78 2.08
N LEU D 536 2.57 -12.23 3.25
CA LEU D 536 3.10 -13.61 3.36
C LEU D 536 2.00 -14.62 3.02
N ASN D 537 2.36 -15.70 2.34
CA ASN D 537 1.37 -16.67 1.87
C ASN D 537 0.55 -17.29 3.00
N PHE D 538 1.23 -17.66 4.11
CA PHE D 538 0.56 -18.24 5.26
C PHE D 538 0.13 -17.08 6.20
N ASP D 539 -1.10 -17.13 6.71
CA ASP D 539 -1.59 -16.11 7.63
C ASP D 539 -1.17 -16.48 9.05
N PHE D 540 -0.03 -15.96 9.49
CA PHE D 540 0.49 -16.26 10.82
C PHE D 540 -0.36 -15.72 11.98
N THR D 541 -1.41 -14.90 11.72
CA THR D 541 -2.28 -14.45 12.81
C THR D 541 -3.34 -15.55 13.14
N GLN D 542 -3.58 -16.52 12.21
CA GLN D 542 -4.65 -17.52 12.38
C GLN D 542 -4.16 -18.88 11.93
N VAL D 543 -3.24 -19.42 12.70
CA VAL D 543 -2.60 -20.71 12.38
C VAL D 543 -3.63 -21.84 12.21
N ARG D 544 -4.49 -22.05 13.22
CA ARG D 544 -5.44 -23.15 13.16
C ARG D 544 -6.45 -23.00 12.03
N LYS D 545 -6.90 -21.76 11.76
CA LYS D 545 -7.80 -21.52 10.62
C LYS D 545 -7.11 -21.92 9.29
N GLU D 546 -5.81 -21.58 9.15
CA GLU D 546 -5.08 -21.95 7.95
C GLU D 546 -4.95 -23.46 7.82
N PHE D 547 -4.64 -24.18 8.91
CA PHE D 547 -4.56 -25.65 8.85
C PHE D 547 -5.89 -26.26 8.43
N ALA D 548 -6.99 -25.68 8.94
CA ALA D 548 -8.34 -26.13 8.59
C ALA D 548 -8.59 -25.95 7.08
N LYS D 549 -8.17 -24.79 6.53
CA LYS D 549 -8.30 -24.52 5.09
C LYS D 549 -7.55 -25.56 4.27
N GLY D 550 -6.30 -25.86 4.67
CA GLY D 550 -5.50 -26.89 4.00
C GLY D 550 -6.15 -28.26 4.08
N ALA D 551 -6.74 -28.59 5.24
CA ALA D 551 -7.38 -29.90 5.44
C ALA D 551 -8.50 -30.15 4.42
N VAL D 552 -9.33 -29.13 4.16
CA VAL D 552 -10.44 -29.28 3.21
C VAL D 552 -10.02 -28.89 1.76
N ARG D 553 -8.72 -28.80 1.47
CA ARG D 553 -8.20 -28.53 0.14
C ARG D 553 -8.70 -27.19 -0.42
N GLU D 554 -8.83 -26.17 0.46
CA GLU D 554 -9.28 -24.83 0.10
C GLU D 554 -8.19 -23.75 0.33
N PHE D 555 -6.98 -24.12 0.80
CA PHE D 555 -5.90 -23.15 0.99
C PHE D 555 -5.45 -22.70 -0.41
N ASP D 556 -5.67 -21.42 -0.74
CA ASP D 556 -5.44 -20.87 -2.08
C ASP D 556 -4.18 -20.00 -2.22
N ARG D 557 -3.25 -20.06 -1.27
CA ARG D 557 -2.02 -19.28 -1.37
C ARG D 557 -0.78 -20.18 -1.36
N CYS D 558 -0.90 -21.41 -1.92
CA CYS D 558 0.24 -22.32 -1.98
C CYS D 558 1.16 -21.86 -3.08
N ALA D 559 2.41 -21.67 -2.75
CA ALA D 559 3.44 -21.19 -3.67
C ALA D 559 4.33 -22.37 -4.14
N GLY D 560 5.12 -22.15 -5.18
CA GLY D 560 6.10 -23.12 -5.61
C GLY D 560 5.64 -24.19 -6.59
N GLU D 561 4.36 -24.19 -7.01
CA GLU D 561 3.89 -25.21 -7.97
C GLU D 561 4.52 -24.96 -9.34
N ARG D 562 4.59 -26.02 -10.14
CA ARG D 562 5.20 -25.95 -11.46
C ARG D 562 4.22 -26.15 -12.59
N ALA D 563 2.91 -25.96 -12.34
CA ALA D 563 1.88 -26.10 -13.38
C ALA D 563 2.21 -25.28 -14.63
N LEU D 564 2.76 -24.06 -14.46
CA LEU D 564 3.08 -23.21 -15.62
C LEU D 564 4.13 -23.81 -16.57
N ILE D 565 5.00 -24.71 -16.07
CA ILE D 565 6.04 -25.32 -16.91
C ILE D 565 5.78 -26.82 -17.16
N LEU D 566 4.56 -27.31 -16.91
CA LEU D 566 4.20 -28.70 -17.15
C LEU D 566 3.12 -28.76 -18.24
N PRO D 567 3.00 -29.89 -18.96
CA PRO D 567 1.98 -29.95 -20.01
C PRO D 567 0.59 -29.69 -19.48
N ALA D 568 -0.25 -29.02 -20.28
CA ALA D 568 -1.60 -28.63 -19.88
C ALA D 568 -2.47 -29.84 -19.55
N LYS D 569 -3.35 -29.69 -18.54
CA LYS D 569 -4.27 -30.73 -18.10
C LYS D 569 -5.71 -30.27 -18.30
N SER E 2 36.50 -32.46 53.49
CA SER E 2 37.39 -33.40 52.79
C SER E 2 36.72 -34.77 52.67
N ASP E 3 36.82 -35.43 51.50
CA ASP E 3 36.20 -36.74 51.30
C ASP E 3 37.26 -37.80 51.03
N LYS E 4 37.24 -38.88 51.81
CA LYS E 4 38.17 -39.99 51.70
C LYS E 4 37.44 -41.25 51.29
N VAL E 5 38.13 -42.14 50.56
CA VAL E 5 37.62 -43.44 50.12
C VAL E 5 38.74 -44.49 50.15
N ASP E 6 38.36 -45.76 50.22
CA ASP E 6 39.29 -46.88 50.05
C ASP E 6 39.00 -47.44 48.66
N ILE E 7 40.02 -47.62 47.83
CA ILE E 7 39.82 -48.16 46.48
C ILE E 7 39.99 -49.66 46.51
N TYR E 8 39.01 -50.41 45.95
CA TYR E 8 39.03 -51.86 45.87
C TYR E 8 39.12 -52.29 44.41
N SER E 9 39.73 -53.46 44.20
CA SER E 9 39.98 -54.02 42.89
C SER E 9 38.73 -54.59 42.21
N ASP E 10 38.88 -55.01 40.94
CA ASP E 10 37.81 -55.69 40.21
C ASP E 10 37.35 -56.98 40.93
N ARG E 11 38.20 -57.58 41.79
CA ARG E 11 37.89 -58.78 42.57
C ARG E 11 37.57 -58.48 44.05
N GLY E 12 37.29 -57.22 44.39
CA GLY E 12 36.94 -56.85 45.75
C GLY E 12 38.07 -56.88 46.77
N LYS E 13 39.32 -56.68 46.33
CA LYS E 13 40.48 -56.67 47.25
C LYS E 13 40.97 -55.24 47.44
N LEU E 14 41.38 -54.89 48.66
CA LEU E 14 41.84 -53.53 48.94
C LEU E 14 43.12 -53.19 48.16
N LEU E 15 43.14 -52.03 47.47
CA LEU E 15 44.30 -51.57 46.70
C LEU E 15 44.92 -50.30 47.29
N ALA E 16 44.10 -49.41 47.86
CA ALA E 16 44.59 -48.16 48.43
C ALA E 16 43.63 -47.69 49.52
N SER E 17 44.16 -47.19 50.63
CA SER E 17 43.36 -46.73 51.77
C SER E 17 43.44 -45.23 51.96
N ASP E 18 42.38 -44.62 52.53
CA ASP E 18 42.36 -43.21 52.91
C ASP E 18 42.75 -42.28 51.75
N VAL E 19 42.17 -42.54 50.59
CA VAL E 19 42.46 -41.77 49.39
C VAL E 19 41.55 -40.55 49.35
N ASP E 20 42.12 -39.34 49.23
CA ASP E 20 41.33 -38.13 49.06
C ASP E 20 40.79 -38.17 47.63
N ILE E 21 39.47 -38.00 47.45
CA ILE E 21 38.89 -38.06 46.10
C ILE E 21 39.48 -37.01 45.16
N MET E 22 39.98 -35.88 45.71
CA MET E 22 40.65 -34.85 44.89
C MET E 22 41.86 -35.45 44.14
N ASP E 23 42.54 -36.44 44.76
CA ASP E 23 43.69 -37.10 44.14
C ASP E 23 43.30 -38.11 43.04
N LEU E 24 42.00 -38.42 42.87
CA LEU E 24 41.52 -39.27 41.77
C LEU E 24 41.03 -38.41 40.59
N ALA E 25 41.09 -37.05 40.67
CA ALA E 25 40.55 -36.22 39.62
C ALA E 25 41.29 -36.35 38.32
N PRO E 26 40.60 -36.24 37.17
CA PRO E 26 41.32 -36.21 35.88
C PRO E 26 42.44 -35.15 35.84
N THR E 27 42.25 -34.03 36.54
CA THR E 27 43.22 -32.93 36.57
C THR E 27 44.40 -33.15 37.54
N ARG E 28 44.38 -34.19 38.39
CA ARG E 28 45.46 -34.42 39.35
C ARG E 28 46.05 -35.83 39.29
N ASN E 29 45.22 -36.85 39.05
CA ASN E 29 45.70 -38.23 39.05
C ASN E 29 46.64 -38.51 37.87
N ARG E 30 47.87 -38.96 38.19
CA ARG E 30 48.87 -39.22 37.16
C ARG E 30 48.47 -40.35 36.20
N ALA E 31 47.82 -41.44 36.69
CA ALA E 31 47.40 -42.55 35.82
C ALA E 31 46.35 -42.09 34.84
N ILE E 32 45.36 -41.26 35.28
CA ILE E 32 44.32 -40.80 34.37
C ILE E 32 44.95 -39.88 33.33
N ARG E 33 45.87 -38.98 33.75
CA ARG E 33 46.55 -38.10 32.80
C ARG E 33 47.36 -38.90 31.75
N THR E 34 48.02 -40.00 32.15
CA THR E 34 48.75 -40.86 31.23
C THR E 34 47.77 -41.60 30.30
N ILE E 35 46.62 -42.08 30.82
CA ILE E 35 45.60 -42.74 29.97
C ILE E 35 45.14 -41.75 28.88
N ILE E 36 44.86 -40.49 29.25
CA ILE E 36 44.39 -39.51 28.27
C ILE E 36 45.50 -39.17 27.27
N HIS E 37 46.73 -39.02 27.78
CA HIS E 37 47.89 -38.75 26.92
C HIS E 37 48.06 -39.86 25.87
N ASP E 38 47.96 -41.14 26.28
CA ASP E 38 48.06 -42.29 25.37
C ASP E 38 46.82 -42.45 24.49
N THR E 39 45.63 -42.07 24.97
CA THR E 39 44.41 -42.09 24.16
C THR E 39 44.59 -41.12 22.97
N LYS E 40 45.14 -39.93 23.24
CA LYS E 40 45.32 -38.91 22.21
C LYS E 40 46.43 -39.21 21.23
N ARG E 41 47.54 -39.84 21.67
CA ARG E 41 48.69 -40.08 20.81
C ARG E 41 48.70 -41.42 20.09
N THR E 42 47.82 -42.37 20.47
CA THR E 42 47.82 -43.69 19.86
C THR E 42 46.80 -43.81 18.77
N ALA E 43 47.21 -44.39 17.64
CA ALA E 43 46.32 -44.65 16.50
C ALA E 43 46.60 -46.07 15.98
N ALA E 44 45.62 -46.60 15.25
CA ALA E 44 45.68 -47.92 14.69
C ALA E 44 45.76 -47.82 13.16
N VAL E 45 46.72 -48.55 12.53
CA VAL E 45 46.80 -48.60 11.07
C VAL E 45 46.39 -50.02 10.70
N ASN E 46 45.33 -50.16 9.91
CA ASN E 46 44.86 -51.47 9.52
C ASN E 46 45.56 -51.93 8.23
N LEU E 47 46.73 -52.56 8.39
CA LEU E 47 47.49 -53.08 7.25
C LEU E 47 46.70 -54.13 6.45
N GLY E 48 45.92 -54.96 7.12
CA GLY E 48 45.07 -55.94 6.43
C GLY E 48 44.05 -55.26 5.53
N GLY E 49 43.43 -54.21 6.05
CA GLY E 49 42.46 -53.40 5.30
C GLY E 49 43.13 -52.72 4.13
N ILE E 50 44.35 -52.15 4.35
CA ILE E 50 45.08 -51.50 3.26
C ILE E 50 45.41 -52.51 2.16
N GLU E 51 45.83 -53.72 2.56
CA GLU E 51 46.14 -54.76 1.58
C GLU E 51 44.95 -55.10 0.68
N LYS E 52 43.78 -55.37 1.27
CA LYS E 52 42.59 -55.71 0.51
C LYS E 52 42.12 -54.53 -0.33
N ALA E 53 42.18 -53.31 0.21
CA ALA E 53 41.76 -52.11 -0.53
C ALA E 53 42.62 -51.96 -1.79
N LEU E 54 43.94 -52.15 -1.66
CA LEU E 54 44.84 -52.04 -2.80
C LEU E 54 44.55 -53.12 -3.83
N ALA E 55 44.48 -54.39 -3.40
CA ALA E 55 44.29 -55.53 -4.29
C ALA E 55 43.00 -55.48 -5.08
N ASN E 56 41.94 -54.88 -4.51
CA ASN E 56 40.64 -54.85 -5.17
C ASN E 56 40.21 -53.45 -5.66
N GLY E 57 41.05 -52.43 -5.49
CA GLY E 57 40.69 -51.07 -5.85
C GLY E 57 39.46 -50.59 -5.10
N ARG E 58 39.32 -51.05 -3.83
CA ARG E 58 38.14 -50.76 -3.01
C ARG E 58 38.40 -49.69 -1.98
N ILE E 59 37.37 -48.89 -1.71
CA ILE E 59 37.42 -47.82 -0.71
C ILE E 59 36.23 -48.01 0.18
N GLY E 60 36.46 -48.43 1.40
CA GLY E 60 35.37 -48.70 2.32
C GLY E 60 34.62 -49.97 1.98
N LYS E 61 33.39 -50.04 2.46
CA LYS E 61 32.56 -51.23 2.32
C LYS E 61 32.00 -51.54 0.92
N VAL E 62 31.73 -50.53 0.07
CA VAL E 62 31.09 -50.79 -1.23
C VAL E 62 31.74 -50.11 -2.45
N LYS E 63 32.52 -49.04 -2.27
CA LYS E 63 33.11 -48.35 -3.43
C LYS E 63 34.25 -49.18 -4.03
N LYS E 64 34.29 -49.23 -5.36
CA LYS E 64 35.29 -50.00 -6.09
C LYS E 64 35.53 -49.32 -7.43
N ILE E 65 36.78 -48.93 -7.73
CA ILE E 65 37.13 -48.26 -8.98
C ILE E 65 37.76 -49.31 -9.90
N PRO E 66 37.05 -49.82 -10.91
CA PRO E 66 37.67 -50.84 -11.79
C PRO E 66 38.97 -50.38 -12.46
N GLY E 67 39.90 -51.31 -12.63
CA GLY E 67 41.18 -51.03 -13.27
C GLY E 67 42.26 -50.44 -12.40
N LYS E 68 41.98 -50.19 -11.11
CA LYS E 68 42.96 -49.62 -10.19
C LYS E 68 43.64 -50.64 -9.27
N GLU E 69 43.35 -51.93 -9.42
CA GLU E 69 43.95 -52.96 -8.57
C GLU E 69 45.49 -52.89 -8.56
N MET E 70 46.09 -52.89 -7.36
CA MET E 70 47.54 -52.90 -7.16
C MET E 70 47.74 -53.91 -6.06
N LYS E 71 48.02 -55.16 -6.43
CA LYS E 71 48.08 -56.25 -5.47
C LYS E 71 49.40 -56.24 -4.71
N LEU E 72 49.65 -55.20 -3.90
CA LEU E 72 50.90 -55.11 -3.14
C LEU E 72 50.84 -55.98 -1.91
N ASP E 73 51.96 -56.60 -1.60
CA ASP E 73 52.11 -57.48 -0.45
C ASP E 73 52.42 -56.63 0.78
N ILE E 74 51.41 -56.38 1.62
CA ILE E 74 51.58 -55.48 2.76
C ILE E 74 51.76 -56.18 4.13
N VAL E 75 50.78 -57.03 4.53
CA VAL E 75 50.76 -57.66 5.85
C VAL E 75 52.06 -58.42 6.15
N ALA E 76 52.54 -59.25 5.22
CA ALA E 76 53.79 -59.99 5.42
C ALA E 76 55.00 -59.05 5.60
N ASN E 77 54.89 -57.78 5.14
CA ASN E 77 55.96 -56.79 5.30
C ASN E 77 55.68 -55.82 6.48
N ALA E 78 54.78 -56.20 7.42
CA ALA E 78 54.43 -55.35 8.54
C ALA E 78 55.63 -54.86 9.36
N GLU E 79 56.62 -55.74 9.69
CA GLU E 79 57.77 -55.29 10.49
C GLU E 79 58.62 -54.26 9.73
N ARG E 80 58.90 -54.49 8.42
CA ARG E 80 59.68 -53.52 7.64
C ARG E 80 58.93 -52.19 7.55
N LEU E 81 57.62 -52.25 7.32
CA LEU E 81 56.81 -51.05 7.22
C LEU E 81 56.73 -50.35 8.56
N ALA E 82 56.64 -51.10 9.68
CA ALA E 82 56.59 -50.51 11.01
C ALA E 82 57.87 -49.73 11.29
N GLU E 83 59.03 -50.25 10.87
CA GLU E 83 60.32 -49.60 11.06
C GLU E 83 60.33 -48.25 10.33
N ARG E 84 59.86 -48.24 9.07
CA ARG E 84 59.84 -47.00 8.29
C ARG E 84 58.81 -46.02 8.84
N VAL E 85 57.63 -46.51 9.26
CA VAL E 85 56.61 -45.68 9.87
C VAL E 85 57.19 -45.00 11.14
N LYS E 86 57.97 -45.75 11.95
CA LYS E 86 58.58 -45.17 13.14
C LYS E 86 59.52 -44.03 12.78
N GLU E 87 60.35 -44.21 11.74
CA GLU E 87 61.29 -43.17 11.29
C GLU E 87 60.53 -41.90 10.88
N LEU E 88 59.37 -42.06 10.24
CA LEU E 88 58.60 -40.93 9.74
C LEU E 88 57.75 -40.24 10.80
N VAL E 89 57.23 -41.00 11.77
CA VAL E 89 56.39 -40.48 12.83
C VAL E 89 57.23 -39.82 13.92
N GLN E 90 58.43 -40.38 14.22
CA GLN E 90 59.26 -39.82 15.27
C GLN E 90 59.71 -38.40 14.90
N VAL E 91 60.03 -37.61 15.91
CA VAL E 91 60.53 -36.26 15.74
C VAL E 91 62.05 -36.31 15.89
N ASN E 92 62.55 -36.99 16.95
CA ASN E 92 63.98 -37.17 17.16
C ASN E 92 64.25 -38.65 17.43
N GLU E 93 65.46 -39.08 17.10
CA GLU E 93 65.88 -40.45 17.38
C GLU E 93 65.86 -40.68 18.90
N GLY E 94 65.31 -41.80 19.34
CA GLY E 94 65.26 -42.11 20.77
C GLY E 94 64.16 -41.40 21.53
N ASP E 95 63.22 -40.72 20.83
CA ASP E 95 62.11 -40.05 21.52
C ASP E 95 61.02 -41.09 21.93
N ASP E 96 59.88 -40.62 22.47
CA ASP E 96 58.81 -41.49 22.97
C ASP E 96 57.87 -42.06 21.88
N THR E 97 58.31 -42.14 20.62
CA THR E 97 57.51 -42.75 19.56
C THR E 97 57.59 -44.26 19.69
N THR E 98 56.47 -44.95 19.46
CA THR E 98 56.47 -46.41 19.44
C THR E 98 55.64 -46.88 18.24
N VAL E 99 56.08 -47.97 17.60
CA VAL E 99 55.32 -48.60 16.53
C VAL E 99 55.43 -50.09 16.82
N GLU E 100 54.29 -50.76 16.96
CA GLU E 100 54.28 -52.17 17.27
C GLU E 100 53.37 -52.91 16.30
N VAL E 101 53.82 -54.07 15.86
CA VAL E 101 53.03 -54.89 14.98
C VAL E 101 52.16 -55.78 15.85
N LEU E 102 50.88 -55.87 15.50
CA LEU E 102 49.91 -56.71 16.21
C LEU E 102 49.09 -57.54 15.25
N ALA E 103 48.32 -58.52 15.79
CA ALA E 103 47.43 -59.40 15.03
C ALA E 103 48.08 -60.05 13.78
N GLY E 104 49.28 -60.59 13.95
CA GLY E 104 50.02 -61.27 12.89
C GLY E 104 50.33 -60.42 11.68
N GLY E 105 50.55 -59.12 11.90
CA GLY E 105 50.86 -58.19 10.82
C GLY E 105 49.68 -57.37 10.34
N LYS E 106 48.44 -57.74 10.72
CA LYS E 106 47.28 -57.03 10.23
C LYS E 106 47.20 -55.61 10.77
N PHE E 107 47.69 -55.34 12.01
CA PHE E 107 47.56 -53.98 12.56
C PHE E 107 48.89 -53.41 13.03
N LEU E 108 49.00 -52.07 13.02
CA LEU E 108 50.11 -51.40 13.65
C LEU E 108 49.52 -50.51 14.71
N LYS E 109 50.10 -50.58 15.90
CA LYS E 109 49.78 -49.66 16.97
C LYS E 109 50.84 -48.56 16.81
N VAL E 110 50.42 -47.32 16.60
CA VAL E 110 51.36 -46.22 16.47
C VAL E 110 51.12 -45.26 17.63
N GLN E 111 52.18 -44.87 18.35
CA GLN E 111 52.06 -43.90 19.42
C GLN E 111 52.97 -42.76 19.02
N VAL E 112 52.37 -41.64 18.58
CA VAL E 112 53.14 -40.49 18.14
C VAL E 112 53.84 -39.86 19.34
N PRO E 113 55.00 -39.21 19.14
CA PRO E 113 55.69 -38.60 20.29
C PRO E 113 54.90 -37.41 20.84
N SER E 114 55.08 -37.12 22.15
CA SER E 114 54.41 -36.00 22.84
C SER E 114 54.59 -34.69 22.09
N ALA E 115 55.74 -34.50 21.43
CA ALA E 115 56.04 -33.30 20.65
C ALA E 115 54.97 -32.99 19.60
N ARG E 116 54.36 -34.02 18.96
CA ARG E 116 53.31 -33.76 17.96
C ARG E 116 52.03 -33.23 18.62
N LEU E 117 51.69 -33.71 19.84
CA LEU E 117 50.52 -33.19 20.55
C LEU E 117 50.81 -31.80 21.12
N GLU E 118 52.03 -31.55 21.60
CA GLU E 118 52.39 -30.27 22.19
C GLU E 118 52.36 -29.12 21.18
N SER E 119 52.68 -29.38 19.90
CA SER E 119 52.63 -28.37 18.83
C SER E 119 51.31 -28.40 18.01
N GLY E 120 50.37 -29.28 18.37
CA GLY E 120 49.06 -29.36 17.75
C GLY E 120 48.00 -28.90 18.75
N ALA E 121 46.78 -28.64 18.26
CA ALA E 121 45.68 -28.21 19.12
C ALA E 121 44.85 -29.38 19.64
N GLU E 122 44.84 -30.51 18.93
CA GLU E 122 43.97 -31.64 19.25
C GLU E 122 44.84 -32.95 19.29
N TYR E 123 44.18 -34.09 19.13
CA TYR E 123 44.80 -35.41 19.12
CA TYR E 123 44.75 -35.42 19.11
C TYR E 123 45.06 -35.90 17.68
N VAL E 124 44.44 -35.25 16.67
CA VAL E 124 44.41 -35.70 15.29
C VAL E 124 45.75 -35.97 14.64
N SER E 125 46.89 -35.46 15.16
CA SER E 125 48.18 -35.84 14.58
C SER E 125 48.42 -37.35 14.74
N SER E 126 47.77 -38.04 15.73
CA SER E 126 47.92 -39.50 15.85
C SER E 126 47.41 -40.16 14.56
N ILE E 127 46.31 -39.64 13.98
CA ILE E 127 45.76 -40.14 12.73
C ILE E 127 46.58 -39.66 11.53
N THR E 128 46.79 -38.34 11.41
CA THR E 128 47.43 -37.78 10.21
C THR E 128 48.90 -38.18 10.07
N ALA E 129 49.68 -38.19 11.16
CA ALA E 129 51.09 -38.60 11.06
C ALA E 129 51.15 -40.09 10.70
N SER E 130 50.24 -40.92 11.27
CA SER E 130 50.24 -42.34 10.98
C SER E 130 49.84 -42.60 9.52
N ALA E 131 48.77 -41.93 9.04
CA ALA E 131 48.28 -42.09 7.67
C ALA E 131 49.34 -41.63 6.67
N ALA E 132 49.94 -40.46 6.91
CA ALA E 132 51.00 -39.97 6.01
C ALA E 132 52.21 -40.92 6.05
N ALA E 133 52.60 -41.40 7.24
CA ALA E 133 53.74 -42.30 7.38
C ALA E 133 53.54 -43.63 6.62
N ILE E 134 52.37 -44.28 6.78
CA ILE E 134 52.17 -45.57 6.10
C ILE E 134 52.03 -45.37 4.59
N THR E 135 51.42 -44.26 4.15
CA THR E 135 51.28 -43.97 2.72
C THR E 135 52.68 -43.85 2.09
N GLN E 136 53.55 -43.06 2.72
CA GLN E 136 54.91 -42.87 2.25
C GLN E 136 55.71 -44.18 2.30
N ALA E 137 55.60 -44.94 3.40
CA ALA E 137 56.36 -46.19 3.53
C ALA E 137 55.98 -47.21 2.43
N ILE E 138 54.71 -47.30 2.07
CA ILE E 138 54.27 -48.23 1.03
C ILE E 138 54.74 -47.74 -0.34
N ILE E 139 54.62 -46.42 -0.62
CA ILE E 139 55.12 -45.85 -1.88
C ILE E 139 56.62 -46.16 -2.07
N GLU E 140 57.39 -46.06 -0.98
CA GLU E 140 58.82 -46.36 -1.04
C GLU E 140 59.10 -47.85 -1.25
N LEU E 141 58.48 -48.73 -0.42
CA LEU E 141 58.76 -50.16 -0.47
C LEU E 141 58.48 -50.76 -1.84
N PHE E 142 57.41 -50.31 -2.50
CA PHE E 142 57.03 -50.82 -3.83
C PHE E 142 57.40 -49.89 -4.99
N ASP E 143 58.20 -48.84 -4.76
CA ASP E 143 58.58 -47.87 -5.78
CA ASP E 143 58.58 -47.89 -5.80
C ASP E 143 57.38 -47.44 -6.64
N VAL E 144 56.31 -47.03 -5.96
CA VAL E 144 55.06 -46.65 -6.61
C VAL E 144 55.27 -45.38 -7.39
N GLY E 145 54.86 -45.39 -8.65
CA GLY E 145 55.01 -44.26 -9.56
C GLY E 145 53.98 -43.16 -9.36
N ILE E 146 54.27 -42.00 -9.98
CA ILE E 146 53.44 -40.81 -9.91
C ILE E 146 51.96 -41.09 -10.22
N PHE E 147 51.64 -41.88 -11.26
CA PHE E 147 50.24 -42.14 -11.62
C PHE E 147 49.47 -42.99 -10.60
N ASP E 148 50.16 -43.89 -9.90
CA ASP E 148 49.51 -44.85 -9.00
C ASP E 148 49.54 -44.50 -7.52
N ALA E 149 50.34 -43.50 -7.10
CA ALA E 149 50.40 -43.13 -5.67
C ALA E 149 49.04 -42.71 -5.12
N CYS E 150 48.15 -42.10 -5.94
CA CYS E 150 46.81 -41.71 -5.50
C CYS E 150 45.98 -42.91 -4.99
N MET E 151 46.25 -44.12 -5.49
CA MET E 151 45.52 -45.32 -5.05
C MET E 151 46.07 -45.82 -3.71
N VAL E 152 47.37 -45.62 -3.43
CA VAL E 152 47.93 -45.91 -2.10
C VAL E 152 47.29 -44.93 -1.11
N LYS E 153 47.21 -43.65 -1.49
CA LYS E 153 46.58 -42.59 -0.71
C LYS E 153 45.13 -42.99 -0.38
N ALA E 154 44.35 -43.42 -1.37
CA ALA E 154 42.95 -43.81 -1.14
C ALA E 154 42.84 -45.03 -0.24
N ALA E 155 43.77 -46.00 -0.39
CA ALA E 155 43.75 -47.21 0.43
C ALA E 155 43.97 -46.86 1.92
N VAL E 156 44.74 -45.82 2.22
CA VAL E 156 45.02 -45.43 3.62
C VAL E 156 44.01 -44.40 4.16
N TRP E 157 43.82 -43.28 3.45
CA TRP E 157 43.00 -42.15 3.89
C TRP E 157 41.52 -42.23 3.48
N GLY E 158 41.16 -43.19 2.63
CA GLY E 158 39.77 -43.34 2.20
C GLY E 158 39.30 -42.20 1.30
N ASP E 159 38.09 -41.68 1.55
CA ASP E 159 37.49 -40.59 0.76
C ASP E 159 38.01 -39.20 1.13
N TYR E 160 38.89 -39.08 2.13
CA TYR E 160 39.38 -37.76 2.56
C TYR E 160 40.25 -37.12 1.44
N PRO E 161 40.08 -35.82 1.08
CA PRO E 161 39.28 -34.76 1.72
C PRO E 161 37.88 -34.48 1.16
N GLN E 162 37.31 -35.35 0.28
CA GLN E 162 35.92 -35.17 -0.15
C GLN E 162 35.01 -35.33 1.10
N THR E 163 35.36 -36.28 1.99
CA THR E 163 34.68 -36.43 3.28
C THR E 163 35.48 -35.65 4.33
N ILE E 164 34.81 -35.25 5.41
CA ILE E 164 35.49 -34.49 6.48
C ILE E 164 36.61 -35.30 7.15
N GLY E 165 36.41 -36.60 7.31
CA GLY E 165 37.37 -37.51 7.91
C GLY E 165 37.86 -38.58 6.95
N LEU E 166 38.62 -39.57 7.48
CA LEU E 166 39.15 -40.68 6.68
C LEU E 166 38.07 -41.76 6.49
N ASN E 167 36.93 -41.37 5.92
CA ASN E 167 35.81 -42.27 5.67
C ASN E 167 36.24 -43.38 4.72
N GLY E 168 36.04 -44.64 5.11
CA GLY E 168 36.43 -45.77 4.29
C GLY E 168 37.93 -46.00 4.23
N GLY E 169 38.70 -45.32 5.09
CA GLY E 169 40.14 -45.49 5.16
C GLY E 169 40.55 -46.61 6.10
N ASN E 170 41.82 -46.62 6.45
CA ASN E 170 42.37 -47.68 7.28
C ASN E 170 43.23 -47.16 8.42
N VAL E 171 42.98 -45.93 8.86
CA VAL E 171 43.68 -45.38 10.01
C VAL E 171 42.60 -44.87 10.93
N SER E 172 42.60 -45.35 12.17
CA SER E 172 41.55 -45.02 13.09
C SER E 172 42.09 -44.89 14.50
N SER E 173 41.26 -44.42 15.41
CA SER E 173 41.63 -44.27 16.80
C SER E 173 40.46 -44.71 17.66
N ILE E 174 40.71 -44.89 18.95
CA ILE E 174 39.65 -45.09 19.93
C ILE E 174 38.69 -43.83 19.89
N LEU E 175 39.24 -42.64 19.54
CA LEU E 175 38.49 -41.40 19.39
C LEU E 175 37.99 -41.23 17.95
N GLU E 176 36.95 -40.43 17.80
CA GLU E 176 36.40 -40.02 16.51
C GLU E 176 36.85 -38.58 16.23
N ILE E 177 36.70 -38.12 14.98
CA ILE E 177 37.14 -36.78 14.59
C ILE E 177 36.45 -35.69 15.46
N PRO E 178 37.12 -34.55 15.69
CA PRO E 178 36.50 -33.51 16.52
C PRO E 178 35.18 -32.95 15.97
N GLN E 179 35.00 -32.96 14.64
CA GLN E 179 33.78 -32.48 14.03
C GLN E 179 32.54 -33.27 14.40
N LYS E 180 32.70 -34.49 14.95
CA LYS E 180 31.54 -35.28 15.36
C LYS E 180 31.06 -34.93 16.79
N ASP E 181 31.81 -34.10 17.53
CA ASP E 181 31.37 -33.70 18.89
C ASP E 181 30.06 -32.94 18.84
N GLU E 182 29.14 -33.29 19.75
CA GLU E 182 27.87 -32.59 19.86
C GLU E 182 28.06 -31.16 20.36
N GLY E 183 28.98 -30.97 21.31
CA GLY E 183 29.24 -29.67 21.92
C GLY E 183 30.68 -29.55 22.35
N LEU E 184 30.95 -28.69 23.35
CA LEU E 184 32.32 -28.46 23.79
C LEU E 184 32.71 -29.43 24.91
N GLY E 185 33.79 -30.19 24.72
CA GLY E 185 34.30 -31.12 25.71
C GLY E 185 33.83 -32.55 25.54
N PHE E 186 33.30 -32.90 24.35
CA PHE E 186 32.75 -34.23 24.10
C PHE E 186 33.68 -35.23 23.43
N THR E 187 34.94 -34.87 23.11
CA THR E 187 35.80 -35.81 22.37
C THR E 187 36.02 -37.12 23.14
N LEU E 188 36.36 -37.02 24.44
CA LEU E 188 36.58 -38.23 25.24
C LEU E 188 35.27 -38.98 25.57
N ARG E 189 34.12 -38.39 25.24
CA ARG E 189 32.83 -39.03 25.42
C ARG E 189 32.40 -39.80 24.15
N ASN E 190 33.03 -39.55 22.98
CA ASN E 190 32.62 -40.22 21.74
C ASN E 190 33.36 -41.52 21.53
N ILE E 191 33.19 -42.45 22.48
CA ILE E 191 33.85 -43.75 22.42
C ILE E 191 32.78 -44.81 22.62
N MET E 192 32.49 -45.64 21.59
CA MET E 192 31.50 -46.73 21.64
C MET E 192 31.69 -47.59 22.89
N ALA E 193 30.59 -48.03 23.52
CA ALA E 193 30.70 -48.94 24.66
C ALA E 193 31.37 -50.26 24.22
N ASN E 194 31.13 -50.71 22.96
CA ASN E 194 31.80 -51.90 22.42
C ASN E 194 33.33 -51.76 22.46
N HIS E 195 33.87 -50.57 22.16
CA HIS E 195 35.33 -50.35 22.22
C HIS E 195 35.83 -50.60 23.65
N ILE E 196 35.12 -50.04 24.65
CA ILE E 196 35.55 -50.18 26.05
C ILE E 196 35.54 -51.64 26.48
N ALA E 197 34.44 -52.36 26.18
CA ALA E 197 34.33 -53.76 26.54
C ALA E 197 35.41 -54.61 25.86
N ALA E 198 35.75 -54.32 24.58
CA ALA E 198 36.79 -55.08 23.88
C ALA E 198 38.18 -54.79 24.49
N ILE E 199 38.48 -53.53 24.75
CA ILE E 199 39.75 -53.10 25.34
C ILE E 199 39.98 -53.79 26.69
N THR E 200 38.95 -53.80 27.55
CA THR E 200 39.06 -54.38 28.88
C THR E 200 38.81 -55.89 28.91
N GLN E 201 38.84 -56.57 27.73
CA GLN E 201 38.74 -58.05 27.65
C GLN E 201 37.45 -58.59 28.27
N ARG E 202 36.36 -57.81 28.18
CA ARG E 202 35.05 -58.19 28.72
C ARG E 202 35.06 -58.44 30.25
N ASN E 203 35.97 -57.77 30.96
CA ASN E 203 35.98 -57.79 32.42
C ASN E 203 35.05 -56.62 32.75
N ALA E 204 33.86 -56.91 33.28
CA ALA E 204 32.84 -55.89 33.51
C ALA E 204 33.25 -54.76 34.47
N MET E 205 34.06 -55.06 35.50
CA MET E 205 34.47 -54.02 36.45
C MET E 205 35.44 -53.07 35.75
N ASN E 206 36.43 -53.63 35.03
CA ASN E 206 37.38 -52.77 34.30
C ASN E 206 36.69 -51.99 33.17
N ALA E 207 35.64 -52.58 32.55
CA ALA E 207 34.90 -51.89 31.50
C ALA E 207 34.20 -50.66 32.10
N ALA E 208 33.56 -50.83 33.28
CA ALA E 208 32.90 -49.71 33.94
C ALA E 208 33.93 -48.67 34.38
N ALA E 209 35.09 -49.11 34.88
CA ALA E 209 36.13 -48.18 35.35
C ALA E 209 36.71 -47.34 34.21
N LEU E 210 37.09 -47.97 33.07
CA LEU E 210 37.66 -47.21 31.95
C LEU E 210 36.64 -46.23 31.40
N SER E 211 35.39 -46.68 31.25
CA SER E 211 34.32 -45.81 30.77
C SER E 211 34.09 -44.65 31.75
N SER E 212 34.05 -44.92 33.07
CA SER E 212 33.83 -43.86 34.05
C SER E 212 34.97 -42.83 33.98
N ILE E 213 36.23 -43.28 33.87
CA ILE E 213 37.37 -42.37 33.76
C ILE E 213 37.19 -41.44 32.52
N LEU E 214 36.92 -42.04 31.35
CA LEU E 214 36.78 -41.25 30.12
C LEU E 214 35.58 -40.32 30.18
N GLU E 215 34.44 -40.81 30.68
CA GLU E 215 33.25 -39.98 30.83
C GLU E 215 33.51 -38.79 31.76
N GLN E 216 34.19 -39.02 32.91
CA GLN E 216 34.44 -37.93 33.82
C GLN E 216 35.52 -36.98 33.29
N CYS E 217 36.49 -37.48 32.50
CA CYS E 217 37.43 -36.56 31.82
C CYS E 217 36.61 -35.65 30.86
N GLY E 218 35.63 -36.23 30.19
CA GLY E 218 34.71 -35.48 29.33
C GLY E 218 33.92 -34.45 30.12
N GLU E 219 33.31 -34.85 31.26
CA GLU E 219 32.54 -33.91 32.09
C GLU E 219 33.42 -32.76 32.60
N PHE E 220 34.69 -33.05 32.94
CA PHE E 220 35.62 -32.00 33.35
C PHE E 220 35.90 -31.05 32.16
N GLU E 221 36.19 -31.61 30.98
CA GLU E 221 36.46 -30.77 29.80
C GLU E 221 35.24 -29.96 29.36
N MET E 222 34.02 -30.46 29.63
CA MET E 222 32.77 -29.75 29.33
C MET E 222 32.51 -28.53 30.25
N GLY E 223 33.19 -28.47 31.40
CA GLY E 223 32.97 -27.43 32.39
C GLY E 223 31.94 -27.83 33.45
N ASN E 224 31.64 -29.16 33.57
CA ASN E 224 30.65 -29.68 34.53
C ASN E 224 31.26 -30.17 35.85
N ALA E 225 32.49 -29.78 36.17
CA ALA E 225 33.13 -30.18 37.43
C ALA E 225 33.88 -28.99 38.02
N ILE E 226 33.23 -27.81 38.02
CA ILE E 226 33.79 -26.58 38.57
C ILE E 226 33.12 -26.26 39.91
N GLY E 227 33.90 -25.74 40.84
CA GLY E 227 33.38 -25.38 42.15
C GLY E 227 32.82 -26.58 42.88
N MET E 228 31.60 -26.44 43.43
CA MET E 228 30.95 -27.53 44.16
C MET E 228 30.75 -28.78 43.27
N PHE E 229 30.66 -28.60 41.95
CA PHE E 229 30.46 -29.73 41.03
C PHE E 229 31.71 -30.61 40.89
N GLU E 230 32.91 -30.15 41.34
CA GLU E 230 34.09 -31.00 41.30
C GLU E 230 33.87 -32.16 42.27
N ARG E 231 33.50 -31.86 43.52
CA ARG E 231 33.19 -32.87 44.53
C ARG E 231 32.08 -33.82 44.01
N HIS E 232 31.03 -33.24 43.39
CA HIS E 232 29.90 -34.01 42.86
C HIS E 232 30.34 -35.09 41.87
N GLN E 233 31.15 -34.70 40.88
CA GLN E 233 31.63 -35.65 39.87
C GLN E 233 32.69 -36.62 40.41
N LEU E 234 33.55 -36.17 41.34
CA LEU E 234 34.59 -37.04 41.89
C LEU E 234 34.01 -38.13 42.78
N LEU E 235 32.93 -37.82 43.51
CA LEU E 235 32.26 -38.82 44.33
C LEU E 235 31.64 -39.89 43.40
N GLY E 236 31.07 -39.46 42.28
CA GLY E 236 30.53 -40.40 41.30
C GLY E 236 31.62 -41.25 40.67
N LEU E 237 32.76 -40.64 40.30
CA LEU E 237 33.90 -41.37 39.75
C LEU E 237 34.39 -42.43 40.73
N ALA E 238 34.58 -42.05 42.01
CA ALA E 238 35.12 -42.97 43.00
C ALA E 238 34.14 -44.13 43.30
N TYR E 239 32.88 -43.82 43.62
CA TYR E 239 31.90 -44.85 44.02
C TYR E 239 31.38 -45.71 42.86
N GLN E 240 31.14 -45.10 41.69
CA GLN E 240 30.63 -45.87 40.55
C GLN E 240 31.77 -46.45 39.72
N GLY E 241 32.77 -45.64 39.41
CA GLY E 241 33.86 -46.07 38.54
C GLY E 241 34.98 -46.87 39.17
N LEU E 242 35.36 -46.55 40.41
CA LEU E 242 36.52 -47.16 41.04
C LEU E 242 36.21 -48.00 42.28
N ASN E 243 34.97 -48.52 42.39
CA ASN E 243 34.60 -49.43 43.46
C ASN E 243 35.00 -48.93 44.86
N ALA E 244 34.72 -47.63 45.14
CA ALA E 244 35.07 -47.05 46.44
C ALA E 244 34.36 -47.79 47.56
N ASN E 245 35.10 -48.09 48.63
CA ASN E 245 34.64 -48.81 49.80
C ASN E 245 34.01 -50.18 49.45
N ASN E 246 34.34 -50.71 48.25
CA ASN E 246 33.87 -52.01 47.76
C ASN E 246 32.34 -52.09 47.65
N ILE E 247 31.64 -50.95 47.56
CA ILE E 247 30.19 -50.95 47.52
C ILE E 247 29.66 -51.65 46.27
N VAL E 248 30.21 -51.34 45.08
CA VAL E 248 29.75 -51.99 43.85
C VAL E 248 29.99 -53.51 43.92
N TYR E 249 31.24 -53.93 44.13
CA TYR E 249 31.57 -55.35 44.17
C TYR E 249 30.79 -56.12 45.24
N GLU E 250 30.76 -55.64 46.50
CA GLU E 250 30.04 -56.33 47.56
C GLU E 250 28.54 -56.35 47.33
N THR E 251 27.95 -55.30 46.74
CA THR E 251 26.50 -55.33 46.46
C THR E 251 26.22 -56.39 45.40
N VAL E 252 27.06 -56.45 44.36
CA VAL E 252 26.89 -57.47 43.32
C VAL E 252 27.10 -58.88 43.92
N LYS E 253 28.11 -59.07 44.77
CA LYS E 253 28.35 -60.39 45.37
C LYS E 253 27.14 -60.83 46.22
N GLU E 254 26.65 -59.92 47.09
CA GLU E 254 25.49 -60.17 47.96
CA GLU E 254 25.50 -60.22 47.95
C GLU E 254 24.23 -60.52 47.16
N GLN E 255 24.05 -59.86 46.02
CA GLN E 255 22.85 -60.03 45.19
C GLN E 255 23.06 -60.93 43.95
N GLY E 256 24.24 -61.52 43.79
CA GLY E 256 24.59 -62.28 42.60
C GLY E 256 23.86 -63.59 42.36
N LYS E 257 23.52 -64.31 43.41
CA LYS E 257 22.87 -65.60 43.26
C LYS E 257 21.40 -65.50 42.89
N SER E 258 20.63 -64.66 43.60
CA SER E 258 19.19 -64.59 43.39
C SER E 258 18.61 -63.15 43.31
N GLY E 259 19.47 -62.16 43.30
CA GLY E 259 19.06 -60.77 43.26
C GLY E 259 18.45 -60.32 41.96
N THR E 260 17.72 -59.22 42.05
CA THR E 260 17.00 -58.57 40.94
C THR E 260 17.31 -57.06 40.98
N ILE E 261 16.78 -56.29 40.02
CA ILE E 261 16.92 -54.83 40.04
C ILE E 261 16.35 -54.29 41.42
N GLY E 262 15.18 -54.80 41.83
CA GLY E 262 14.53 -54.36 43.05
C GLY E 262 15.27 -54.68 44.32
N THR E 263 15.84 -55.90 44.44
CA THR E 263 16.58 -56.24 45.66
C THR E 263 17.88 -55.41 45.73
N VAL E 264 18.45 -54.98 44.58
CA VAL E 264 19.63 -54.11 44.59
C VAL E 264 19.20 -52.73 45.11
N VAL E 265 18.00 -52.23 44.73
CA VAL E 265 17.45 -50.96 45.25
C VAL E 265 17.39 -51.04 46.79
N HIS E 266 16.80 -52.13 47.32
CA HIS E 266 16.64 -52.29 48.76
C HIS E 266 17.98 -52.37 49.47
N SER E 267 18.96 -53.03 48.87
CA SER E 267 20.29 -53.14 49.47
C SER E 267 20.96 -51.76 49.58
N ILE E 268 20.85 -50.95 48.53
CA ILE E 268 21.45 -49.62 48.49
C ILE E 268 20.79 -48.69 49.51
N VAL E 269 19.46 -48.74 49.65
CA VAL E 269 18.75 -47.89 50.63
C VAL E 269 19.20 -48.30 52.04
N GLU E 270 19.24 -49.62 52.31
CA GLU E 270 19.68 -50.12 53.61
C GLU E 270 21.12 -49.62 53.93
N ARG E 271 22.02 -49.72 52.96
CA ARG E 271 23.40 -49.29 53.14
C ARG E 271 23.51 -47.76 53.35
N ALA E 272 22.79 -46.96 52.55
CA ALA E 272 22.82 -45.50 52.71
C ALA E 272 22.33 -45.09 54.10
N LEU E 273 21.30 -45.77 54.60
CA LEU E 273 20.76 -45.49 55.94
C LEU E 273 21.77 -45.90 57.02
N GLU E 274 22.39 -47.09 56.89
CA GLU E 274 23.39 -47.59 57.85
C GLU E 274 24.62 -46.64 57.90
N ASP E 275 25.07 -46.15 56.74
CA ASP E 275 26.23 -45.25 56.65
C ASP E 275 25.92 -43.78 56.99
N GLY E 276 24.66 -43.46 57.33
CA GLY E 276 24.29 -42.09 57.68
C GLY E 276 24.14 -41.14 56.50
N VAL E 277 24.12 -41.67 55.27
CA VAL E 277 23.98 -40.85 54.06
C VAL E 277 22.54 -40.30 53.98
N ILE E 278 21.54 -41.10 54.41
CA ILE E 278 20.14 -40.68 54.44
C ILE E 278 19.56 -40.96 55.83
N SER E 279 18.47 -40.25 56.16
CA SER E 279 17.74 -40.42 57.41
C SER E 279 16.26 -40.17 57.16
N VAL E 280 15.38 -40.62 58.05
CA VAL E 280 13.95 -40.33 57.93
C VAL E 280 13.73 -38.83 58.14
N ASP E 281 13.00 -38.18 57.21
CA ASP E 281 12.68 -36.76 57.29
C ASP E 281 11.35 -36.64 58.00
N LYS E 282 10.33 -37.31 57.48
CA LYS E 282 9.00 -37.27 58.08
C LYS E 282 8.20 -38.49 57.69
N VAL E 283 7.28 -38.88 58.55
CA VAL E 283 6.45 -40.05 58.40
C VAL E 283 5.04 -39.61 58.05
N ALA E 284 4.52 -40.16 56.96
CA ALA E 284 3.17 -39.85 56.52
C ALA E 284 2.14 -40.63 57.37
N PRO E 285 0.85 -40.23 57.38
CA PRO E 285 -0.15 -40.98 58.16
C PRO E 285 -0.23 -42.49 57.89
N SER E 286 0.03 -42.91 56.64
CA SER E 286 0.02 -44.35 56.29
C SER E 286 1.21 -45.13 56.90
N GLY E 287 2.24 -44.42 57.37
CA GLY E 287 3.46 -45.05 57.87
C GLY E 287 4.60 -44.93 56.88
N TYR E 288 4.35 -44.47 55.62
CA TYR E 288 5.39 -44.29 54.62
C TYR E 288 6.38 -43.24 55.11
N LYS E 289 7.67 -43.55 55.03
CA LYS E 289 8.74 -42.67 55.47
C LYS E 289 9.35 -41.92 54.31
N PHE E 290 9.26 -40.58 54.35
CA PHE E 290 9.95 -39.76 53.36
C PHE E 290 11.38 -39.58 53.92
N TYR E 291 12.42 -39.92 53.15
CA TYR E 291 13.80 -39.77 53.62
C TYR E 291 14.40 -38.43 53.16
N LYS E 292 15.43 -37.97 53.88
CA LYS E 292 16.19 -36.79 53.51
C LYS E 292 17.63 -37.22 53.27
N ALA E 293 18.31 -36.54 52.38
CA ALA E 293 19.71 -36.79 52.12
C ALA E 293 20.53 -35.91 53.04
N ASN E 294 21.30 -36.52 53.95
CA ASN E 294 22.19 -35.76 54.86
C ASN E 294 23.38 -35.19 54.07
N ASP E 295 23.78 -35.87 52.98
CA ASP E 295 24.83 -35.41 52.07
C ASP E 295 24.31 -35.73 50.66
N VAL E 296 23.79 -34.72 49.97
CA VAL E 296 23.17 -34.89 48.66
C VAL E 296 24.12 -35.49 47.64
N MET E 297 25.37 -34.98 47.57
CA MET E 297 26.32 -35.48 46.58
C MET E 297 26.72 -36.91 46.87
N LEU E 298 26.85 -37.27 48.16
CA LEU E 298 27.21 -38.65 48.51
C LEU E 298 26.02 -39.58 48.23
N TRP E 299 24.78 -39.13 48.46
CA TRP E 299 23.57 -39.91 48.10
C TRP E 299 23.57 -40.16 46.59
N ASN E 300 23.89 -39.13 45.79
CA ASN E 300 23.97 -39.25 44.32
C ASN E 300 24.98 -40.35 43.94
N ALA E 301 26.15 -40.34 44.59
CA ALA E 301 27.21 -41.33 44.35
C ALA E 301 26.77 -42.74 44.75
N TYR E 302 26.00 -42.90 45.84
CA TYR E 302 25.47 -44.23 46.21
C TYR E 302 24.48 -44.70 45.13
N ALA E 303 23.65 -43.78 44.60
CA ALA E 303 22.70 -44.13 43.56
C ALA E 303 23.43 -44.48 42.24
N ALA E 304 24.60 -43.87 41.98
CA ALA E 304 25.41 -44.17 40.79
C ALA E 304 26.04 -45.56 40.96
N ALA E 305 26.55 -45.86 42.17
CA ALA E 305 27.10 -47.18 42.46
C ALA E 305 25.99 -48.24 42.34
N GLY E 306 24.82 -47.93 42.86
CA GLY E 306 23.67 -48.82 42.81
C GLY E 306 23.21 -49.08 41.39
N SER E 307 23.22 -48.04 40.54
CA SER E 307 22.84 -48.18 39.13
C SER E 307 23.77 -49.19 38.45
N LEU E 308 25.09 -49.12 38.74
CA LEU E 308 26.04 -50.06 38.18
C LEU E 308 25.88 -51.46 38.75
N ALA E 309 25.76 -51.59 40.08
CA ALA E 309 25.58 -52.91 40.72
C ALA E 309 24.31 -53.60 40.19
N ALA E 310 23.23 -52.83 39.99
CA ALA E 310 21.98 -53.38 39.47
C ALA E 310 22.18 -53.88 38.03
N THR E 311 22.97 -53.16 37.22
CA THR E 311 23.26 -53.56 35.84
C THR E 311 24.01 -54.89 35.86
N MET E 312 25.01 -55.01 36.72
CA MET E 312 25.80 -56.23 36.82
C MET E 312 24.95 -57.41 37.26
N VAL E 313 24.06 -57.21 38.23
CA VAL E 313 23.19 -58.28 38.71
C VAL E 313 22.17 -58.70 37.64
N ASN E 314 21.52 -57.73 36.99
CA ASN E 314 20.47 -58.03 36.02
C ASN E 314 21.03 -58.50 34.66
N CYS E 315 21.93 -57.71 34.03
CA CYS E 315 22.56 -58.15 32.79
C CYS E 315 23.39 -59.42 33.03
N GLY E 316 24.04 -59.52 34.18
CA GLY E 316 24.84 -60.70 34.48
C GLY E 316 23.99 -61.96 34.56
N ALA E 317 22.79 -61.86 35.17
CA ALA E 317 21.92 -63.04 35.30
C ALA E 317 21.45 -63.52 33.93
N ALA E 318 21.03 -62.60 33.05
CA ALA E 318 20.59 -62.96 31.71
C ALA E 318 21.78 -63.20 30.77
N ARG E 319 23.02 -62.77 31.13
CA ARG E 319 24.20 -62.73 30.27
C ARG E 319 23.80 -62.04 28.93
N ALA E 320 23.07 -60.90 29.08
CA ALA E 320 22.47 -60.20 27.96
C ALA E 320 22.57 -58.69 28.20
N ALA E 321 23.22 -58.00 27.27
CA ALA E 321 23.46 -56.57 27.41
C ALA E 321 22.20 -55.76 27.39
N GLN E 322 21.16 -56.16 26.64
CA GLN E 322 19.98 -55.30 26.47
C GLN E 322 19.31 -54.87 27.77
N CYS E 323 19.43 -55.67 28.84
CA CYS E 323 18.79 -55.35 30.12
C CYS E 323 19.31 -54.05 30.74
N VAL E 324 20.46 -53.49 30.29
CA VAL E 324 20.98 -52.28 30.92
C VAL E 324 20.05 -51.09 30.82
N SER E 325 19.36 -50.91 29.67
CA SER E 325 18.51 -49.72 29.50
C SER E 325 17.36 -49.73 30.51
N SER E 326 16.69 -50.88 30.67
CA SER E 326 15.63 -50.99 31.65
C SER E 326 16.18 -50.99 33.08
N THR E 327 17.40 -51.56 33.30
CA THR E 327 17.96 -51.57 34.65
C THR E 327 18.20 -50.13 35.14
N LEU E 328 18.82 -49.29 34.31
CA LEU E 328 19.09 -47.91 34.71
C LEU E 328 17.79 -47.15 34.97
N LEU E 329 16.73 -47.46 34.22
CA LEU E 329 15.45 -46.80 34.39
C LEU E 329 14.80 -47.23 35.71
N TYR E 330 14.57 -48.54 35.89
CA TYR E 330 13.80 -49.03 37.02
C TYR E 330 14.58 -49.05 38.35
N PHE E 331 15.93 -49.12 38.32
CA PHE E 331 16.70 -48.98 39.56
C PHE E 331 16.41 -47.57 40.17
N ASN E 332 16.49 -46.53 39.33
CA ASN E 332 16.28 -45.15 39.81
C ASN E 332 14.81 -44.81 40.06
N ASP E 333 13.90 -45.29 39.20
CA ASP E 333 12.46 -45.05 39.40
C ASP E 333 12.02 -45.71 40.72
N LEU E 334 12.41 -46.98 40.93
CA LEU E 334 12.06 -47.68 42.17
C LEU E 334 12.78 -47.09 43.39
N LEU E 335 14.01 -46.57 43.22
CA LEU E 335 14.74 -45.96 44.33
C LEU E 335 13.95 -44.73 44.85
N GLU E 336 13.43 -43.90 43.91
CA GLU E 336 12.63 -42.73 44.28
C GLU E 336 11.35 -43.15 44.95
N LYS E 337 10.66 -44.18 44.42
CA LYS E 337 9.41 -44.63 45.03
C LYS E 337 9.64 -45.24 46.43
N GLU E 338 10.81 -45.86 46.64
CA GLU E 338 11.15 -46.47 47.93
C GLU E 338 11.53 -45.43 48.99
N THR E 339 12.10 -44.28 48.60
CA THR E 339 12.63 -43.33 49.58
C THR E 339 12.02 -41.93 49.61
N GLY E 340 11.46 -41.47 48.50
CA GLY E 340 11.01 -40.09 48.37
C GLY E 340 12.16 -39.16 48.05
N LEU E 341 13.34 -39.70 47.68
CA LEU E 341 14.50 -38.90 47.30
C LEU E 341 14.78 -39.03 45.82
N PRO E 342 15.34 -38.00 45.16
CA PRO E 342 15.67 -38.15 43.73
C PRO E 342 16.67 -39.27 43.45
N GLY E 343 16.54 -39.88 42.29
CA GLY E 343 17.45 -40.92 41.85
C GLY E 343 18.76 -40.34 41.35
N CYS E 344 19.62 -41.20 40.80
CA CYS E 344 20.93 -40.77 40.34
C CYS E 344 20.86 -39.62 39.33
N ASP E 345 21.69 -38.60 39.56
CA ASP E 345 21.75 -37.42 38.72
C ASP E 345 20.39 -36.67 38.67
N TYR E 346 19.59 -36.79 39.76
CA TYR E 346 18.35 -36.04 39.96
C TYR E 346 17.36 -36.23 38.83
N GLY E 347 17.25 -37.47 38.36
CA GLY E 347 16.34 -37.85 37.30
C GLY E 347 17.01 -38.04 35.94
N LYS E 348 18.27 -37.56 35.77
CA LYS E 348 18.94 -37.65 34.46
C LYS E 348 19.45 -39.06 34.11
N VAL E 349 19.75 -39.95 35.08
CA VAL E 349 20.10 -41.35 34.73
C VAL E 349 18.80 -42.02 34.27
N GLN E 350 17.71 -41.86 35.03
CA GLN E 350 16.41 -42.45 34.66
C GLN E 350 15.96 -41.91 33.29
N GLY E 351 16.08 -40.60 33.06
CA GLY E 351 15.69 -39.99 31.79
C GLY E 351 16.53 -40.52 30.65
N THR E 352 17.86 -40.58 30.83
CA THR E 352 18.74 -41.16 29.82
C THR E 352 18.29 -42.62 29.49
N ALA E 353 17.98 -43.39 30.54
CA ALA E 353 17.54 -44.76 30.39
C ALA E 353 16.20 -44.89 29.66
N VAL E 354 15.29 -43.91 29.82
CA VAL E 354 14.00 -43.92 29.11
C VAL E 354 14.28 -43.86 27.57
N GLY E 355 15.04 -42.86 27.13
CA GLY E 355 15.33 -42.71 25.71
C GLY E 355 16.21 -43.83 25.19
N PHE E 356 17.16 -44.26 26.01
CA PHE E 356 18.05 -45.38 25.68
C PHE E 356 17.23 -46.67 25.47
N SER E 357 16.24 -46.94 26.35
CA SER E 357 15.39 -48.12 26.17
C SER E 357 14.63 -48.02 24.84
N PHE E 358 14.02 -46.86 24.59
CA PHE E 358 13.29 -46.60 23.36
C PHE E 358 14.19 -46.83 22.12
N PHE E 359 15.37 -46.22 22.10
CA PHE E 359 16.30 -46.30 20.97
C PHE E 359 17.15 -47.58 20.93
N SER E 360 16.87 -48.54 21.78
CA SER E 360 17.46 -49.88 21.71
C SER E 360 16.34 -50.96 21.51
N HIS E 361 15.08 -50.55 21.25
CA HIS E 361 13.95 -51.47 21.05
C HIS E 361 12.94 -50.90 20.02
N SER E 362 13.33 -49.93 19.16
CA SER E 362 12.38 -49.33 18.22
C SER E 362 12.97 -49.22 16.79
N ILE E 363 12.16 -48.73 15.85
CA ILE E 363 12.58 -48.54 14.46
C ILE E 363 13.41 -47.27 14.25
N TYR E 364 13.37 -46.30 15.19
CA TYR E 364 13.82 -44.95 14.89
C TYR E 364 15.29 -44.67 14.82
N GLY E 365 16.12 -45.47 15.48
CA GLY E 365 17.55 -45.25 15.49
C GLY E 365 18.21 -46.04 16.58
N GLY E 366 19.36 -45.56 17.03
CA GLY E 366 20.08 -46.25 18.08
C GLY E 366 20.66 -47.56 17.59
N GLY E 367 20.37 -48.64 18.32
CA GLY E 367 20.87 -49.98 18.02
C GLY E 367 21.00 -50.76 19.32
N GLY E 368 21.87 -51.76 19.34
CA GLY E 368 22.14 -52.50 20.56
C GLY E 368 22.93 -51.63 21.54
N PRO E 369 23.04 -52.03 22.81
CA PRO E 369 23.77 -51.18 23.78
C PRO E 369 25.20 -50.79 23.37
N GLY E 370 25.89 -51.69 22.65
CA GLY E 370 27.26 -51.47 22.23
C GLY E 370 27.57 -50.25 21.38
N VAL E 371 26.58 -49.75 20.62
CA VAL E 371 26.81 -48.59 19.77
C VAL E 371 26.73 -47.25 20.52
N PHE E 372 26.18 -47.24 21.75
CA PHE E 372 26.02 -45.98 22.48
C PHE E 372 27.32 -45.50 23.10
N ASN E 373 27.35 -44.20 23.41
CA ASN E 373 28.50 -43.52 23.97
C ASN E 373 28.07 -42.19 24.61
N GLY E 374 28.98 -41.56 25.33
CA GLY E 374 28.69 -40.30 26.02
C GLY E 374 28.39 -39.13 25.09
N ASN E 375 28.78 -39.22 23.81
CA ASN E 375 28.49 -38.19 22.80
C ASN E 375 27.24 -38.53 21.96
N HIS E 376 26.66 -39.73 22.13
CA HIS E 376 25.48 -40.14 21.39
C HIS E 376 24.31 -39.31 21.87
N ILE E 377 23.49 -38.77 20.95
CA ILE E 377 22.37 -37.93 21.35
C ILE E 377 21.42 -38.65 22.33
N VAL E 378 21.31 -39.97 22.21
CA VAL E 378 20.40 -40.72 23.06
C VAL E 378 20.93 -40.82 24.50
N THR E 379 22.26 -41.04 24.67
CA THR E 379 22.82 -41.34 25.98
C THR E 379 23.75 -40.28 26.61
N ARG E 380 23.82 -39.07 26.05
CA ARG E 380 24.70 -38.02 26.58
C ARG E 380 24.23 -37.29 27.85
N HIS E 381 22.94 -37.41 28.18
CA HIS E 381 22.23 -36.54 29.14
C HIS E 381 22.73 -36.63 30.56
N SER E 382 23.04 -37.85 31.06
CA SER E 382 23.57 -37.97 32.41
C SER E 382 25.03 -37.46 32.43
N ARG E 383 25.48 -36.96 33.58
CA ARG E 383 26.83 -36.45 33.74
C ARG E 383 27.82 -37.59 34.01
N GLY E 384 27.94 -38.48 33.03
CA GLY E 384 28.89 -39.59 33.03
C GLY E 384 28.49 -40.80 33.85
N PHE E 385 27.22 -40.88 34.34
CA PHE E 385 26.80 -41.99 35.20
C PHE E 385 26.04 -43.12 34.49
N ALA E 386 25.82 -43.02 33.18
CA ALA E 386 25.06 -44.03 32.44
C ALA E 386 25.95 -44.96 31.60
N ILE E 387 26.90 -44.40 30.80
CA ILE E 387 27.73 -45.22 29.92
C ILE E 387 28.60 -46.25 30.66
N PRO E 388 29.14 -45.99 31.88
CA PRO E 388 29.90 -47.05 32.57
C PRO E 388 29.08 -48.32 32.78
N CYS E 389 27.77 -48.16 33.02
CA CYS E 389 26.86 -49.30 33.16
C CYS E 389 26.66 -50.00 31.81
N VAL E 390 26.59 -49.23 30.73
CA VAL E 390 26.44 -49.78 29.38
C VAL E 390 27.69 -50.60 29.04
N ALA E 391 28.89 -50.09 29.35
CA ALA E 391 30.14 -50.81 29.07
C ALA E 391 30.17 -52.15 29.83
N ALA E 392 29.75 -52.15 31.12
CA ALA E 392 29.71 -53.38 31.90
C ALA E 392 28.69 -54.36 31.29
N ALA E 393 27.52 -53.87 30.87
CA ALA E 393 26.48 -54.72 30.30
C ALA E 393 26.94 -55.37 29.01
N VAL E 394 27.63 -54.61 28.14
CA VAL E 394 28.18 -55.14 26.90
C VAL E 394 29.19 -56.24 27.21
N ALA E 395 30.04 -56.02 28.22
CA ALA E 395 31.04 -57.01 28.61
C ALA E 395 30.39 -58.32 29.04
N LEU E 396 29.25 -58.24 29.77
CA LEU E 396 28.53 -59.40 30.31
C LEU E 396 27.72 -60.20 29.30
N ASP E 397 27.57 -59.70 28.07
CA ASP E 397 26.76 -60.39 27.08
C ASP E 397 27.47 -61.66 26.58
N ALA E 398 26.76 -62.79 26.56
CA ALA E 398 27.36 -64.07 26.16
C ALA E 398 27.16 -64.44 24.65
N GLY E 399 26.62 -63.53 23.86
CA GLY E 399 26.35 -63.79 22.44
C GLY E 399 24.94 -63.51 21.92
N THR E 400 24.25 -62.48 22.44
CA THR E 400 22.90 -62.14 21.97
C THR E 400 22.90 -61.02 20.90
N GLN E 401 23.98 -60.26 20.78
CA GLN E 401 24.05 -59.08 19.93
C GLN E 401 24.55 -59.33 18.51
N MET E 402 23.95 -58.63 17.53
CA MET E 402 24.42 -58.68 16.15
C MET E 402 25.66 -57.78 16.06
N PHE E 403 25.57 -56.55 16.61
CA PHE E 403 26.66 -55.58 16.54
C PHE E 403 27.44 -55.62 17.85
N SER E 404 28.16 -56.72 18.00
CA SER E 404 28.96 -57.05 19.17
C SER E 404 30.36 -56.37 19.12
N PRO E 405 31.16 -56.38 20.22
CA PRO E 405 32.52 -55.83 20.14
C PRO E 405 33.40 -56.61 19.15
N GLU E 406 33.16 -57.90 18.96
CA GLU E 406 33.92 -58.71 18.00
C GLU E 406 33.63 -58.24 16.55
N MET E 407 32.44 -57.67 16.29
CA MET E 407 32.07 -57.17 14.97
C MET E 407 32.56 -55.72 14.74
N THR E 408 32.36 -54.83 15.73
CA THR E 408 32.66 -53.41 15.57
C THR E 408 34.01 -52.92 16.08
N SER E 409 34.64 -53.65 17.01
CA SER E 409 35.81 -53.15 17.72
C SER E 409 37.04 -54.05 17.69
N ALA E 410 37.22 -54.85 16.61
CA ALA E 410 38.39 -55.73 16.54
C ALA E 410 39.69 -54.91 16.52
N VAL E 411 39.74 -53.83 15.73
CA VAL E 411 40.96 -53.03 15.62
C VAL E 411 41.30 -52.32 16.95
N VAL E 412 40.37 -51.51 17.45
CA VAL E 412 40.56 -50.75 18.68
C VAL E 412 40.81 -51.68 19.87
N GLY E 413 40.00 -52.73 19.98
CA GLY E 413 40.16 -53.70 21.06
C GLY E 413 41.53 -54.31 21.11
N THR E 414 42.08 -54.66 19.94
CA THR E 414 43.41 -55.26 19.87
C THR E 414 44.49 -54.22 20.19
N VAL E 415 44.41 -53.04 19.54
CA VAL E 415 45.45 -52.01 19.70
C VAL E 415 45.51 -51.42 21.12
N TYR E 416 44.40 -50.87 21.62
CA TYR E 416 44.38 -50.25 22.94
C TYR E 416 44.33 -51.31 24.06
N GLY E 417 43.72 -52.48 23.78
CA GLY E 417 43.71 -53.57 24.72
C GLY E 417 45.10 -54.14 25.00
N SER E 418 46.08 -53.90 24.10
CA SER E 418 47.45 -54.33 24.32
C SER E 418 48.18 -53.44 25.37
N ILE E 419 47.57 -52.31 25.80
CA ILE E 419 48.19 -51.38 26.74
C ILE E 419 47.67 -51.70 28.17
N PRO E 420 48.55 -52.05 29.12
CA PRO E 420 48.05 -52.41 30.47
C PRO E 420 47.16 -51.39 31.19
N GLU E 421 47.47 -50.07 31.13
CA GLU E 421 46.66 -49.07 31.82
C GLU E 421 45.19 -49.07 31.35
N PHE E 422 44.95 -49.41 30.08
CA PHE E 422 43.61 -49.48 29.52
C PHE E 422 42.91 -50.78 29.95
N ARG E 423 43.66 -51.90 29.95
CA ARG E 423 43.11 -53.20 30.36
C ARG E 423 42.74 -53.24 31.83
N GLU E 424 43.60 -52.65 32.69
CA GLU E 424 43.43 -52.69 34.15
C GLU E 424 43.45 -51.29 34.74
N PRO E 425 42.42 -50.48 34.46
CA PRO E 425 42.40 -49.09 34.94
C PRO E 425 42.28 -48.92 36.44
N ILE E 426 41.50 -49.77 37.16
CA ILE E 426 41.37 -49.60 38.62
C ILE E 426 42.75 -49.79 39.29
N LYS E 427 43.44 -50.88 38.96
CA LYS E 427 44.77 -51.18 39.47
C LYS E 427 45.76 -50.06 39.15
N THR E 428 45.73 -49.56 37.89
CA THR E 428 46.65 -48.52 37.46
C THR E 428 46.41 -47.21 38.22
N VAL E 429 45.14 -46.81 38.38
CA VAL E 429 44.79 -45.58 39.10
C VAL E 429 45.24 -45.67 40.56
N ALA E 430 44.91 -46.77 41.24
CA ALA E 430 45.28 -46.96 42.64
C ALA E 430 46.79 -46.96 42.84
N ALA E 431 47.54 -47.57 41.92
CA ALA E 431 49.00 -47.65 42.02
C ALA E 431 49.70 -46.29 41.81
N SER E 432 49.07 -45.33 41.12
CA SER E 432 49.69 -44.01 40.90
C SER E 432 49.56 -43.04 42.07
N LEU E 433 48.82 -43.42 43.12
CA LEU E 433 48.62 -42.54 44.25
C LEU E 433 49.90 -42.34 45.07
N ALA F 2 19.34 -55.21 58.55
CA ALA F 2 17.98 -55.48 58.10
C ALA F 2 17.30 -54.21 57.54
N TYR F 3 16.31 -54.43 56.67
CA TYR F 3 15.54 -53.33 56.07
C TYR F 3 14.24 -53.87 55.51
N GLU F 4 13.09 -53.28 55.90
CA GLU F 4 11.78 -53.73 55.42
C GLU F 4 11.33 -52.79 54.27
N PRO F 5 11.30 -53.25 53.02
CA PRO F 5 10.88 -52.35 51.93
C PRO F 5 9.46 -51.81 52.12
N GLN F 6 9.26 -50.53 51.77
CA GLN F 6 7.94 -49.87 51.86
C GLN F 6 7.33 -49.64 50.46
N TYR F 7 8.14 -49.70 49.38
CA TYR F 7 7.76 -49.70 47.96
C TYR F 7 7.18 -48.42 47.40
N TYR F 8 6.11 -47.89 48.02
CA TYR F 8 5.36 -46.78 47.47
C TYR F 8 4.45 -46.17 48.54
N PRO F 9 4.22 -44.84 48.48
CA PRO F 9 3.33 -44.20 49.45
C PRO F 9 1.84 -44.42 49.13
N GLY F 10 0.95 -43.80 49.90
CA GLY F 10 -0.49 -43.90 49.65
C GLY F 10 -1.19 -44.90 50.52
N ASN F 11 -2.49 -44.68 50.75
CA ASN F 11 -3.31 -45.53 51.63
C ASN F 11 -4.61 -46.02 50.99
N THR F 12 -4.87 -45.70 49.71
CA THR F 12 -6.10 -46.17 49.06
C THR F 12 -5.92 -47.62 48.56
N SER F 13 -7.01 -48.28 48.10
CA SER F 13 -6.93 -49.62 47.54
C SER F 13 -5.95 -49.64 46.35
N VAL F 14 -5.90 -48.56 45.55
CA VAL F 14 -4.98 -48.47 44.41
C VAL F 14 -3.53 -48.55 44.89
N ALA F 15 -3.17 -47.75 45.90
CA ALA F 15 -1.81 -47.77 46.48
C ALA F 15 -1.51 -49.15 47.06
N GLN F 16 -2.49 -49.77 47.76
CA GLN F 16 -2.29 -51.11 48.34
C GLN F 16 -2.04 -52.14 47.23
N ASN F 17 -2.79 -52.07 46.13
CA ASN F 17 -2.62 -52.97 44.98
C ASN F 17 -1.28 -52.73 44.30
N ARG F 18 -0.84 -51.47 44.21
CA ARG F 18 0.48 -51.14 43.65
C ARG F 18 1.59 -51.82 44.46
N ARG F 19 1.49 -51.79 45.79
CA ARG F 19 2.48 -52.46 46.64
C ARG F 19 2.38 -53.98 46.50
N LYS F 20 1.17 -54.53 46.29
CA LYS F 20 1.01 -55.96 46.06
C LYS F 20 1.76 -56.38 44.79
N HIS F 21 1.57 -55.63 43.69
CA HIS F 21 2.22 -55.96 42.42
C HIS F 21 3.74 -55.80 42.57
N MET F 22 4.19 -54.73 43.22
CA MET F 22 5.63 -54.51 43.41
C MET F 22 6.25 -55.65 44.24
N SER F 23 5.65 -56.00 45.37
CA SER F 23 6.18 -57.04 46.26
C SER F 23 5.93 -58.48 45.79
N GLY F 24 5.13 -58.68 44.74
CA GLY F 24 4.79 -60.01 44.27
C GLY F 24 3.74 -60.71 45.12
N ASN F 25 3.05 -59.96 46.02
CA ASN F 25 1.99 -60.51 46.88
C ASN F 25 0.67 -60.46 46.08
N VAL F 26 0.60 -61.26 45.01
CA VAL F 26 -0.54 -61.28 44.08
C VAL F 26 -1.23 -62.64 44.08
N GLU F 27 -2.56 -62.65 44.22
CA GLU F 27 -3.35 -63.89 44.25
C GLU F 27 -3.33 -64.61 42.93
N LYS F 28 -3.36 -65.95 42.97
CA LYS F 28 -3.50 -66.75 41.78
C LYS F 28 -5.00 -66.93 41.52
N LEU F 29 -5.51 -66.51 40.34
CA LEU F 29 -6.94 -66.62 40.03
C LEU F 29 -7.30 -67.62 38.94
N ARG F 30 -6.32 -68.09 38.17
CA ARG F 30 -6.59 -69.03 37.09
C ARG F 30 -5.34 -69.85 36.77
N GLU F 31 -5.50 -70.94 36.02
CA GLU F 31 -4.41 -71.81 35.66
C GLU F 31 -4.26 -71.92 34.16
N ILE F 32 -3.03 -72.00 33.71
CA ILE F 32 -2.73 -72.25 32.31
C ILE F 32 -1.68 -73.38 32.29
N SER F 33 -1.82 -74.35 31.38
CA SER F 33 -0.83 -75.42 31.25
C SER F 33 0.46 -74.87 30.59
N ASP F 34 1.58 -75.61 30.76
CA ASP F 34 2.85 -75.19 30.15
C ASP F 34 2.74 -75.12 28.63
N GLU F 35 2.08 -76.11 28.00
CA GLU F 35 1.95 -76.14 26.54
C GLU F 35 1.02 -75.03 26.04
N ASP F 36 -0.09 -74.73 26.74
CA ASP F 36 -0.97 -73.62 26.33
C ASP F 36 -0.24 -72.28 26.47
N LEU F 37 0.65 -72.13 27.48
CA LEU F 37 1.41 -70.89 27.61
C LEU F 37 2.38 -70.76 26.43
N THR F 38 3.15 -71.84 26.11
CA THR F 38 4.08 -71.79 24.97
C THR F 38 3.27 -71.48 23.67
N ALA F 39 2.07 -72.09 23.53
CA ALA F 39 1.23 -71.86 22.35
C ALA F 39 0.88 -70.37 22.19
N ILE F 40 0.32 -69.71 23.26
CA ILE F 40 -0.12 -68.32 23.15
C ILE F 40 1.05 -67.35 22.97
N LEU F 41 2.26 -67.68 23.46
CA LEU F 41 3.40 -66.76 23.28
C LEU F 41 3.94 -66.76 21.86
N GLY F 42 3.74 -67.86 21.13
CA GLY F 42 4.08 -67.94 19.71
C GLY F 42 5.55 -67.92 19.31
N HIS F 43 6.46 -68.30 20.23
CA HIS F 43 7.89 -68.31 19.93
C HIS F 43 8.36 -69.67 19.39
N ARG F 44 7.66 -70.76 19.73
CA ARG F 44 8.03 -72.09 19.24
C ARG F 44 6.85 -73.07 19.43
N ALA F 45 6.92 -74.24 18.82
CA ALA F 45 5.85 -75.23 18.94
C ALA F 45 5.73 -75.73 20.39
N PRO F 46 4.52 -75.85 20.97
CA PRO F 46 4.41 -76.37 22.34
C PRO F 46 5.06 -77.76 22.50
N GLY F 47 5.79 -77.95 23.58
CA GLY F 47 6.49 -79.21 23.84
C GLY F 47 7.87 -79.30 23.22
N SER F 48 8.20 -78.42 22.24
CA SER F 48 9.51 -78.46 21.58
C SER F 48 10.62 -77.88 22.44
N ASP F 49 11.87 -78.23 22.10
CA ASP F 49 13.02 -77.70 22.82
C ASP F 49 13.22 -76.24 22.47
N TYR F 50 13.93 -75.53 23.34
CA TYR F 50 14.18 -74.13 23.16
C TYR F 50 15.26 -73.92 22.13
N PRO F 51 15.00 -73.19 21.04
CA PRO F 51 16.11 -72.87 20.13
C PRO F 51 17.15 -71.96 20.84
N SER F 52 18.37 -71.92 20.32
CA SER F 52 19.43 -71.11 20.93
C SER F 52 19.86 -70.00 20.00
N THR F 53 20.34 -68.90 20.57
CA THR F 53 20.92 -67.80 19.80
C THR F 53 22.46 -67.92 19.84
N HIS F 54 23.03 -68.51 20.91
CA HIS F 54 24.45 -68.79 21.04
C HIS F 54 24.61 -70.13 21.80
N PRO F 55 25.79 -70.77 21.76
CA PRO F 55 25.92 -72.08 22.43
C PRO F 55 25.75 -72.00 23.94
N PRO F 56 25.44 -73.12 24.63
CA PRO F 56 25.35 -73.07 26.11
C PRO F 56 26.66 -72.57 26.73
N LEU F 57 26.59 -71.88 27.87
CA LEU F 57 27.80 -71.36 28.53
C LEU F 57 28.82 -72.46 28.82
N ALA F 58 28.35 -73.66 29.18
CA ALA F 58 29.25 -74.81 29.45
C ALA F 58 30.01 -75.26 28.21
N GLU F 59 29.41 -75.13 27.01
CA GLU F 59 30.05 -75.56 25.78
C GLU F 59 31.19 -74.59 25.36
N MET F 60 30.86 -73.31 25.19
CA MET F 60 31.82 -72.31 24.69
C MET F 60 32.78 -71.76 25.74
N GLY F 61 32.38 -71.80 27.00
CA GLY F 61 33.16 -71.21 28.07
C GLY F 61 32.87 -69.71 28.14
N GLU F 62 33.42 -69.02 29.15
CA GLU F 62 33.21 -67.57 29.28
C GLU F 62 34.52 -66.84 29.52
N PRO F 63 34.60 -65.54 29.19
CA PRO F 63 35.82 -64.79 29.49
C PRO F 63 36.04 -64.66 31.00
N ASP F 64 37.28 -64.39 31.38
CA ASP F 64 37.67 -64.24 32.76
C ASP F 64 37.09 -62.90 33.26
N CYS F 65 35.98 -62.96 33.99
CA CYS F 65 35.33 -61.75 34.49
C CYS F 65 34.91 -61.98 35.93
N PRO F 66 35.32 -61.10 36.85
CA PRO F 66 34.91 -61.29 38.25
C PRO F 66 33.43 -61.21 38.51
N ILE F 67 32.68 -60.48 37.67
CA ILE F 67 31.24 -60.34 37.84
C ILE F 67 30.55 -61.61 37.34
N ARG F 68 30.97 -62.15 36.19
CA ARG F 68 30.40 -63.42 35.71
C ARG F 68 30.61 -64.54 36.76
N GLU F 69 31.72 -64.50 37.50
CA GLU F 69 32.03 -65.50 38.53
C GLU F 69 31.12 -65.41 39.77
N ILE F 70 30.54 -64.23 40.05
CA ILE F 70 29.69 -64.04 41.24
C ILE F 70 28.22 -63.83 40.91
N VAL F 71 27.83 -63.66 39.64
CA VAL F 71 26.42 -63.52 39.28
C VAL F 71 26.03 -64.81 38.58
N GLU F 72 25.16 -65.59 39.22
CA GLU F 72 24.73 -66.87 38.67
C GLU F 72 23.85 -66.64 37.45
N PRO F 73 24.13 -67.30 36.30
CA PRO F 73 23.23 -67.14 35.14
C PRO F 73 21.89 -67.79 35.39
N THR F 74 20.83 -67.23 34.79
CA THR F 74 19.51 -67.87 34.88
C THR F 74 19.56 -69.20 34.08
N PRO F 75 18.54 -70.06 34.21
CA PRO F 75 18.52 -71.29 33.39
C PRO F 75 18.53 -70.98 31.89
N GLY F 76 17.82 -69.93 31.48
CA GLY F 76 17.78 -69.50 30.09
C GLY F 76 19.12 -69.02 29.59
N ALA F 77 19.85 -68.27 30.41
CA ALA F 77 21.18 -67.76 30.03
C ALA F 77 22.17 -68.92 29.92
N ALA F 78 22.17 -69.85 30.88
CA ALA F 78 23.06 -71.02 30.86
C ALA F 78 22.87 -71.85 29.58
N ALA F 79 21.62 -71.97 29.11
CA ALA F 79 21.30 -72.74 27.91
C ALA F 79 21.50 -71.97 26.59
N GLY F 80 21.67 -70.64 26.66
CA GLY F 80 21.87 -69.83 25.46
C GLY F 80 20.60 -69.61 24.67
N ASP F 81 19.42 -69.63 25.35
CA ASP F 81 18.14 -69.42 24.67
C ASP F 81 18.10 -68.07 23.96
N ARG F 82 17.21 -67.94 22.96
CA ARG F 82 16.97 -66.65 22.34
C ARG F 82 16.33 -65.73 23.39
N ILE F 83 16.48 -64.44 23.21
CA ILE F 83 15.76 -63.47 24.01
C ILE F 83 14.39 -63.36 23.35
N ARG F 84 13.32 -63.75 24.06
CA ARG F 84 11.94 -63.62 23.54
C ARG F 84 11.13 -62.73 24.50
N TYR F 85 9.80 -62.55 24.24
CA TYR F 85 9.03 -61.58 25.01
C TYR F 85 7.60 -62.02 25.40
N VAL F 86 7.04 -61.24 26.34
CA VAL F 86 5.66 -61.37 26.79
C VAL F 86 5.18 -59.92 26.82
N GLN F 87 4.18 -59.57 25.99
CA GLN F 87 3.69 -58.19 25.93
C GLN F 87 2.21 -58.14 26.23
N TRP F 88 1.82 -57.23 27.14
CA TRP F 88 0.45 -57.06 27.61
C TRP F 88 -0.09 -55.68 27.31
N THR F 89 -1.39 -55.63 27.02
CA THR F 89 -2.14 -54.38 26.89
C THR F 89 -3.20 -54.45 27.98
N ASP F 90 -3.40 -53.36 28.72
CA ASP F 90 -4.31 -53.35 29.87
C ASP F 90 -5.29 -52.18 29.77
N SER F 91 -6.60 -52.47 29.80
CA SER F 91 -7.60 -51.42 29.71
C SER F 91 -7.49 -50.40 30.84
N MET F 92 -7.72 -49.14 30.52
CA MET F 92 -7.79 -48.08 31.54
C MET F 92 -9.11 -48.15 32.35
N TYR F 93 -10.06 -49.02 31.96
CA TYR F 93 -11.30 -49.22 32.69
C TYR F 93 -11.10 -50.27 33.77
N ASN F 94 -10.21 -49.93 34.72
CA ASN F 94 -9.90 -50.73 35.88
C ASN F 94 -9.36 -52.11 35.57
N ALA F 95 -8.50 -52.27 34.52
CA ALA F 95 -7.78 -53.54 34.40
C ALA F 95 -6.86 -53.61 35.67
N PRO F 96 -6.72 -54.78 36.30
CA PRO F 96 -5.88 -54.87 37.51
C PRO F 96 -4.51 -54.21 37.31
N ALA F 97 -3.90 -54.46 36.14
CA ALA F 97 -2.57 -54.00 35.84
C ALA F 97 -2.50 -52.64 35.22
N THR F 98 -1.40 -51.94 35.50
CA THR F 98 -1.03 -50.72 34.81
C THR F 98 0.38 -50.97 34.27
N PRO F 99 0.72 -50.37 33.11
CA PRO F 99 2.04 -50.66 32.51
C PRO F 99 3.23 -50.49 33.46
N TYR F 100 3.35 -49.35 34.20
CA TYR F 100 4.52 -49.20 35.08
C TYR F 100 4.57 -50.28 36.14
N TRP F 101 3.41 -50.69 36.69
CA TRP F 101 3.39 -51.67 37.77
C TRP F 101 3.64 -53.12 37.27
N ARG F 102 3.37 -53.45 35.97
CA ARG F 102 3.81 -54.75 35.44
C ARG F 102 5.36 -54.71 35.36
N SER F 103 5.95 -53.56 34.95
CA SER F 103 7.40 -53.44 34.88
C SER F 103 8.03 -53.48 36.28
N TYR F 104 7.41 -52.84 37.30
CA TYR F 104 7.96 -52.90 38.67
C TYR F 104 7.87 -54.33 39.20
N TYR F 105 6.75 -55.04 38.92
CA TYR F 105 6.63 -56.44 39.32
C TYR F 105 7.80 -57.28 38.74
N ALA F 106 8.09 -57.10 37.43
CA ALA F 106 9.14 -57.86 36.79
C ALA F 106 10.53 -57.48 37.34
N ALA F 107 10.79 -56.17 37.49
CA ALA F 107 12.09 -55.69 37.99
C ALA F 107 12.38 -56.13 39.41
N ILE F 108 11.35 -56.27 40.24
CA ILE F 108 11.55 -56.66 41.65
C ILE F 108 11.59 -58.17 41.84
N ASN F 109 10.73 -58.91 41.13
CA ASN F 109 10.54 -60.33 41.38
C ASN F 109 11.17 -61.31 40.39
N HIS F 110 11.72 -60.84 39.26
CA HIS F 110 12.33 -61.76 38.28
C HIS F 110 13.75 -61.35 37.97
N ARG F 111 14.65 -62.34 37.82
CA ARG F 111 16.04 -62.07 37.50
C ARG F 111 16.25 -61.98 35.99
N GLY F 112 17.25 -61.21 35.57
CA GLY F 112 17.64 -61.13 34.17
C GLY F 112 16.50 -60.78 33.22
N VAL F 113 15.77 -59.70 33.54
CA VAL F 113 14.62 -59.25 32.75
C VAL F 113 14.85 -57.89 32.14
N ASP F 114 14.18 -57.62 31.03
CA ASP F 114 14.30 -56.35 30.32
C ASP F 114 12.89 -55.76 30.13
N PRO F 115 12.30 -55.18 31.18
CA PRO F 115 10.96 -54.61 31.06
C PRO F 115 10.91 -53.27 30.36
N GLY F 116 9.82 -53.02 29.65
CA GLY F 116 9.57 -51.78 28.93
C GLY F 116 8.16 -51.31 29.17
N THR F 117 8.00 -50.04 29.56
CA THR F 117 6.69 -49.46 29.81
C THR F 117 6.30 -48.45 28.76
N LEU F 118 5.08 -48.58 28.26
CA LEU F 118 4.48 -47.66 27.30
C LEU F 118 3.00 -47.51 27.72
N SER F 119 2.25 -46.56 27.12
CA SER F 119 0.85 -46.40 27.52
C SER F 119 -0.05 -47.57 27.08
N GLY F 120 0.10 -48.02 25.84
CA GLY F 120 -0.77 -49.07 25.29
C GLY F 120 -0.18 -50.46 25.24
N ARG F 121 1.00 -50.65 25.83
CA ARG F 121 1.68 -51.94 25.82
C ARG F 121 2.76 -51.92 26.89
N GLN F 122 3.01 -53.09 27.46
CA GLN F 122 4.06 -53.26 28.43
C GLN F 122 4.72 -54.57 28.08
N ILE F 123 6.04 -54.59 28.02
CA ILE F 123 6.78 -55.78 27.58
C ILE F 123 7.82 -56.24 28.57
N VAL F 124 8.12 -57.52 28.54
CA VAL F 124 9.25 -58.06 29.26
C VAL F 124 9.98 -58.93 28.26
N GLU F 125 11.26 -58.64 27.99
CA GLU F 125 12.10 -59.48 27.19
C GLU F 125 13.05 -60.21 28.16
N ALA F 126 13.30 -61.48 27.90
CA ALA F 126 14.20 -62.28 28.73
C ALA F 126 14.56 -63.55 27.95
N ARG F 127 15.52 -64.34 28.40
CA ARG F 127 15.85 -65.63 27.80
C ARG F 127 14.55 -66.47 27.77
N GLU F 128 14.23 -67.06 26.63
CA GLU F 128 12.93 -67.70 26.43
C GLU F 128 12.35 -68.49 27.64
N ARG F 129 13.09 -69.48 28.23
CA ARG F 129 12.51 -70.24 29.36
C ARG F 129 12.23 -69.34 30.57
N ASP F 130 13.07 -68.31 30.80
CA ASP F 130 12.84 -67.34 31.89
C ASP F 130 11.61 -66.49 31.62
N VAL F 131 11.41 -66.11 30.34
CA VAL F 131 10.26 -65.29 29.98
C VAL F 131 8.97 -66.11 30.11
N GLU F 132 9.01 -67.44 29.95
CA GLU F 132 7.82 -68.27 30.15
C GLU F 132 7.48 -68.32 31.65
N VAL F 133 8.50 -68.37 32.54
CA VAL F 133 8.25 -68.39 33.99
C VAL F 133 7.54 -67.08 34.39
N TYR F 134 8.04 -65.94 33.87
CA TYR F 134 7.41 -64.65 34.10
C TYR F 134 5.99 -64.64 33.50
N GLY F 135 5.86 -65.07 32.25
CA GLY F 135 4.60 -65.10 31.51
C GLY F 135 3.50 -65.83 32.25
N LYS F 136 3.84 -66.98 32.86
CA LYS F 136 2.88 -67.77 33.63
C LYS F 136 2.33 -66.91 34.79
N MET F 137 3.21 -66.25 35.55
CA MET F 137 2.79 -65.39 36.66
CA MET F 137 2.76 -65.41 36.66
C MET F 137 1.97 -64.20 36.14
N SER F 138 2.36 -63.63 35.00
CA SER F 138 1.66 -62.47 34.44
C SER F 138 0.21 -62.78 34.02
N ILE F 139 -0.10 -64.03 33.66
CA ILE F 139 -1.44 -64.39 33.20
C ILE F 139 -2.26 -65.12 34.26
N GLU F 140 -1.63 -65.90 35.17
CA GLU F 140 -2.38 -66.66 36.17
C GLU F 140 -2.81 -65.82 37.36
N THR F 141 -2.07 -64.76 37.69
CA THR F 141 -2.37 -63.95 38.87
C THR F 141 -3.40 -62.85 38.61
N GLU F 142 -3.82 -62.19 39.71
CA GLU F 142 -4.73 -61.07 39.68
C GLU F 142 -4.18 -59.86 38.93
N MET F 143 -2.88 -59.84 38.56
CA MET F 143 -2.36 -58.78 37.70
C MET F 143 -3.09 -58.79 36.31
N THR F 144 -3.88 -59.85 35.99
CA THR F 144 -4.60 -59.90 34.74
C THR F 144 -6.07 -60.19 34.98
N CYS F 145 -6.92 -59.51 34.20
CA CYS F 145 -8.31 -59.89 33.99
C CYS F 145 -8.27 -60.30 32.51
N PRO F 146 -8.75 -61.49 32.16
CA PRO F 146 -8.65 -61.94 30.76
C PRO F 146 -9.53 -61.16 29.77
N ALA F 147 -10.53 -60.37 30.26
CA ALA F 147 -11.36 -59.52 29.39
C ALA F 147 -10.73 -58.12 29.26
N LEU F 148 -10.32 -57.51 30.39
CA LEU F 148 -9.76 -56.16 30.36
C LEU F 148 -8.32 -56.10 29.91
N ALA F 149 -7.64 -57.24 29.78
CA ALA F 149 -6.25 -57.28 29.36
C ALA F 149 -6.10 -58.30 28.21
N GLY F 150 -5.04 -58.16 27.45
CA GLY F 150 -4.76 -59.09 26.36
C GLY F 150 -3.29 -59.11 26.01
N LEU F 151 -2.77 -60.32 25.71
CA LEU F 151 -1.40 -60.47 25.27
C LEU F 151 -1.37 -60.02 23.83
N ARG F 152 -0.54 -59.03 23.50
CA ARG F 152 -0.45 -58.47 22.17
C ARG F 152 0.97 -58.09 21.87
N GLY F 153 1.64 -58.85 21.02
CA GLY F 153 3.00 -58.50 20.59
C GLY F 153 3.01 -57.52 19.43
N ALA F 154 1.84 -57.21 18.84
CA ALA F 154 1.70 -56.27 17.73
C ALA F 154 0.22 -55.83 17.62
N THR F 155 -0.04 -54.63 17.07
CA THR F 155 -1.40 -54.10 16.90
C THR F 155 -2.09 -54.05 18.27
N VAL F 156 -1.52 -53.26 19.15
CA VAL F 156 -1.89 -53.22 20.57
C VAL F 156 -3.11 -52.36 20.90
N HIS F 157 -3.50 -51.44 20.00
CA HIS F 157 -4.61 -50.47 20.20
C HIS F 157 -5.79 -51.01 21.02
N GLY F 158 -6.17 -50.29 22.07
CA GLY F 158 -7.30 -50.70 22.90
C GLY F 158 -7.28 -50.25 24.35
N HIS F 159 -6.09 -49.97 24.93
CA HIS F 159 -6.02 -49.61 26.34
C HIS F 159 -6.92 -48.44 26.72
N SER F 160 -6.97 -47.42 25.84
CA SER F 160 -7.72 -46.18 26.04
C SER F 160 -9.06 -46.13 25.27
N CYS F 161 -9.44 -47.23 24.58
CA CYS F 161 -10.70 -47.27 23.84
C CYS F 161 -11.84 -47.63 24.76
N ARG F 162 -13.05 -47.23 24.37
CA ARG F 162 -14.25 -47.64 25.08
C ARG F 162 -14.38 -49.15 25.01
N LEU F 163 -14.83 -49.79 26.09
CA LEU F 163 -14.99 -51.24 26.09
C LEU F 163 -16.09 -51.64 25.11
N GLN F 164 -16.05 -52.89 24.64
CA GLN F 164 -17.13 -53.42 23.81
C GLN F 164 -18.38 -53.55 24.70
N GLU F 165 -19.56 -53.74 24.10
CA GLU F 165 -20.78 -53.91 24.89
C GLU F 165 -20.68 -55.09 25.87
N ASP F 166 -19.88 -56.12 25.55
CA ASP F 166 -19.71 -57.27 26.44
C ASP F 166 -18.63 -57.07 27.55
N GLY F 167 -18.03 -55.88 27.62
CA GLY F 167 -17.03 -55.57 28.64
C GLY F 167 -15.60 -55.95 28.29
N VAL F 168 -15.37 -56.50 27.09
CA VAL F 168 -14.06 -56.92 26.66
C VAL F 168 -13.36 -55.76 26.00
N MET F 169 -12.05 -55.65 26.22
CA MET F 169 -11.29 -54.60 25.58
C MET F 169 -11.06 -54.96 24.10
N PHE F 170 -11.37 -54.01 23.21
CA PHE F 170 -11.20 -54.16 21.76
C PHE F 170 -9.82 -54.67 21.37
N ASP F 171 -9.77 -55.58 20.38
CA ASP F 171 -8.53 -56.08 19.82
C ASP F 171 -8.74 -56.07 18.30
N MET F 172 -7.97 -55.26 17.55
CA MET F 172 -8.12 -55.23 16.09
C MET F 172 -7.91 -56.62 15.47
N LEU F 173 -7.01 -57.45 16.04
CA LEU F 173 -6.71 -58.79 15.52
C LEU F 173 -7.55 -59.92 16.14
N ASP F 174 -8.48 -59.59 17.06
CA ASP F 174 -9.40 -60.57 17.64
C ASP F 174 -8.70 -61.85 18.15
N ARG F 175 -7.64 -61.69 18.96
CA ARG F 175 -6.90 -62.84 19.49
C ARG F 175 -7.67 -63.57 20.60
N ARG F 176 -8.50 -62.83 21.37
CA ARG F 176 -9.23 -63.44 22.48
C ARG F 176 -10.58 -62.76 22.61
N ARG F 177 -11.59 -63.53 23.01
CA ARG F 177 -12.96 -63.01 23.10
C ARG F 177 -13.78 -63.87 24.07
N LEU F 178 -14.96 -63.38 24.43
CA LEU F 178 -15.87 -64.15 25.28
C LEU F 178 -16.58 -65.18 24.44
N GLU F 179 -16.64 -66.42 24.91
CA GLU F 179 -17.37 -67.49 24.25
C GLU F 179 -18.03 -68.31 25.36
N GLY F 180 -19.35 -68.25 25.44
CA GLY F 180 -20.08 -68.97 26.48
C GLY F 180 -19.73 -68.56 27.90
N GLY F 181 -19.52 -67.26 28.12
CA GLY F 181 -19.23 -66.73 29.45
C GLY F 181 -17.77 -66.81 29.86
N THR F 182 -16.90 -67.43 29.05
CA THR F 182 -15.48 -67.57 29.42
C THR F 182 -14.62 -66.92 28.34
N ILE F 183 -13.42 -66.46 28.70
CA ILE F 183 -12.50 -65.89 27.71
C ILE F 183 -11.74 -67.01 27.01
N ILE F 184 -11.77 -67.00 25.67
CA ILE F 184 -11.04 -67.94 24.85
C ILE F 184 -9.97 -67.19 24.08
N MET F 185 -8.73 -67.69 24.09
CA MET F 185 -7.65 -67.11 23.28
C MET F 185 -7.29 -68.20 22.24
N ASP F 186 -7.54 -67.92 20.95
CA ASP F 186 -7.27 -68.94 19.92
C ASP F 186 -6.30 -68.45 18.85
N LYS F 187 -5.49 -67.43 19.15
CA LYS F 187 -4.42 -66.93 18.31
C LYS F 187 -3.25 -66.61 19.24
N ASP F 188 -2.01 -66.63 18.72
CA ASP F 188 -0.87 -66.26 19.55
C ASP F 188 -0.80 -64.74 19.72
N GLN F 189 0.16 -64.24 20.52
CA GLN F 189 0.21 -62.80 20.81
C GLN F 189 0.45 -61.94 19.54
N VAL F 190 0.90 -62.49 18.39
CA VAL F 190 1.03 -61.67 17.17
C VAL F 190 -0.09 -62.01 16.13
N GLY F 191 -1.18 -62.66 16.55
CA GLY F 191 -2.35 -62.91 15.71
C GLY F 191 -2.34 -64.15 14.85
N VAL F 192 -1.37 -65.07 15.04
CA VAL F 192 -1.34 -66.30 14.25
C VAL F 192 -2.35 -67.28 14.84
N PRO F 193 -3.35 -67.77 14.08
CA PRO F 193 -4.30 -68.75 14.66
C PRO F 193 -3.61 -69.98 15.27
N LEU F 194 -4.09 -70.41 16.44
CA LEU F 194 -3.54 -71.58 17.13
C LEU F 194 -4.21 -72.86 16.68
N ASP F 195 -3.58 -74.00 17.00
CA ASP F 195 -4.17 -75.29 16.74
C ASP F 195 -5.22 -75.68 17.80
N ARG F 196 -5.46 -74.82 18.82
CA ARG F 196 -6.33 -75.09 19.95
C ARG F 196 -7.00 -73.82 20.46
N LYS F 197 -7.99 -73.99 21.32
CA LYS F 197 -8.61 -72.89 22.03
C LYS F 197 -8.00 -72.94 23.45
N VAL F 198 -7.55 -71.79 23.98
CA VAL F 198 -7.00 -71.75 25.33
C VAL F 198 -8.02 -71.05 26.18
N ASP F 199 -8.51 -71.71 27.24
CA ASP F 199 -9.52 -71.13 28.10
C ASP F 199 -8.86 -70.36 29.22
N LEU F 200 -9.00 -69.02 29.22
CA LEU F 200 -8.45 -68.18 30.28
C LEU F 200 -9.43 -67.89 31.41
N GLY F 201 -10.57 -68.56 31.46
CA GLY F 201 -11.52 -68.39 32.55
C GLY F 201 -12.39 -67.17 32.39
N LYS F 202 -13.20 -66.93 33.42
CA LYS F 202 -14.16 -65.85 33.38
C LYS F 202 -13.54 -64.50 33.63
N PRO F 203 -14.12 -63.42 33.06
CA PRO F 203 -13.63 -62.08 33.39
C PRO F 203 -13.90 -61.70 34.84
N MET F 204 -13.18 -60.70 35.35
CA MET F 204 -13.49 -60.15 36.67
C MET F 204 -14.82 -59.39 36.57
N SER F 205 -15.57 -59.33 37.67
CA SER F 205 -16.76 -58.48 37.72
C SER F 205 -16.27 -57.01 37.75
N GLU F 206 -17.15 -56.06 37.47
CA GLU F 206 -16.78 -54.63 37.52
C GLU F 206 -16.31 -54.25 38.95
N GLU F 207 -16.99 -54.77 39.98
CA GLU F 207 -16.63 -54.50 41.36
C GLU F 207 -15.26 -55.08 41.70
N GLU F 208 -14.97 -56.33 41.28
CA GLU F 208 -13.68 -56.96 41.54
C GLU F 208 -12.56 -56.16 40.88
N ALA F 209 -12.73 -55.78 39.60
CA ALA F 209 -11.72 -55.02 38.88
C ALA F 209 -11.45 -53.67 39.59
N ALA F 210 -12.50 -52.99 40.04
CA ALA F 210 -12.37 -51.72 40.76
C ALA F 210 -11.60 -51.88 42.08
N LYS F 211 -11.80 -53.01 42.78
CA LYS F 211 -11.12 -53.28 44.05
C LYS F 211 -9.68 -53.73 43.86
N ARG F 212 -9.37 -54.40 42.74
CA ARG F 212 -8.04 -54.94 42.49
C ARG F 212 -7.14 -54.05 41.64
N THR F 213 -7.68 -52.97 41.03
CA THR F 213 -6.90 -52.17 40.11
C THR F 213 -5.81 -51.28 40.73
N THR F 214 -4.69 -51.15 39.99
CA THR F 214 -3.59 -50.27 40.29
C THR F 214 -3.77 -48.93 39.52
N ILE F 215 -4.91 -48.68 38.83
CA ILE F 215 -5.13 -47.39 38.15
C ILE F 215 -6.04 -46.53 39.00
N TYR F 216 -5.79 -45.22 39.05
CA TYR F 216 -6.69 -44.30 39.71
C TYR F 216 -7.74 -43.86 38.69
N ARG F 217 -8.97 -43.61 39.14
CA ARG F 217 -10.04 -43.10 38.28
C ARG F 217 -10.94 -42.23 39.13
N VAL F 218 -11.38 -41.07 38.60
CA VAL F 218 -12.24 -40.15 39.33
C VAL F 218 -13.56 -40.82 39.76
N ASP F 219 -14.03 -41.83 39.02
CA ASP F 219 -15.28 -42.53 39.35
C ASP F 219 -15.06 -43.84 40.12
N ASN F 220 -13.85 -44.05 40.68
CA ASN F 220 -13.57 -45.22 41.51
C ASN F 220 -12.74 -44.73 42.72
N VAL F 221 -11.41 -44.59 42.55
CA VAL F 221 -10.52 -44.11 43.59
C VAL F 221 -9.78 -42.97 42.90
N PRO F 222 -10.22 -41.71 43.10
CA PRO F 222 -9.55 -40.61 42.40
C PRO F 222 -8.10 -40.44 42.80
N PHE F 223 -7.25 -40.11 41.82
CA PHE F 223 -5.82 -39.84 42.06
C PHE F 223 -5.68 -38.71 43.11
N ARG F 224 -6.51 -37.67 42.97
CA ARG F 224 -6.55 -36.52 43.88
C ARG F 224 -6.74 -36.93 45.35
N SER F 225 -7.48 -38.04 45.60
CA SER F 225 -7.77 -38.49 46.95
C SER F 225 -6.60 -39.17 47.68
N ASP F 226 -5.56 -39.64 46.94
CA ASP F 226 -4.44 -40.28 47.60
C ASP F 226 -3.36 -39.22 47.84
N SER F 227 -3.61 -38.39 48.86
CA SER F 227 -2.78 -37.25 49.21
C SER F 227 -1.28 -37.54 49.26
N GLU F 228 -0.87 -38.67 49.86
CA GLU F 228 0.57 -38.98 49.99
C GLU F 228 1.23 -39.20 48.63
N VAL F 229 0.49 -39.74 47.64
CA VAL F 229 1.04 -39.96 46.30
C VAL F 229 1.26 -38.60 45.60
N VAL F 230 0.26 -37.69 45.69
CA VAL F 230 0.38 -36.33 45.11
C VAL F 230 1.57 -35.62 45.79
N GLU F 231 1.68 -35.76 47.13
CA GLU F 231 2.77 -35.16 47.89
C GLU F 231 4.12 -35.73 47.42
N TRP F 232 4.20 -37.05 47.25
CA TRP F 232 5.43 -37.71 46.80
C TRP F 232 5.88 -37.17 45.44
N VAL F 233 4.94 -36.99 44.50
CA VAL F 233 5.26 -36.43 43.18
C VAL F 233 5.86 -35.03 43.34
N GLN F 234 5.19 -34.18 44.12
CA GLN F 234 5.62 -32.80 44.35
C GLN F 234 6.98 -32.76 45.02
N ARG F 235 7.24 -33.69 45.95
CA ARG F 235 8.52 -33.74 46.65
C ARG F 235 9.64 -34.12 45.71
N ILE F 236 9.43 -35.14 44.87
CA ILE F 236 10.44 -35.55 43.88
C ILE F 236 10.69 -34.41 42.91
N TRP F 237 9.62 -33.77 42.43
CA TRP F 237 9.76 -32.62 41.53
C TRP F 237 10.57 -31.49 42.19
N GLU F 238 10.22 -31.11 43.44
CA GLU F 238 10.91 -30.01 44.11
C GLU F 238 12.37 -30.34 44.37
N LEU F 239 12.67 -31.54 44.92
CA LEU F 239 14.07 -31.89 45.21
C LEU F 239 14.90 -32.04 43.94
N ARG F 240 14.32 -32.63 42.86
CA ARG F 240 15.05 -32.71 41.59
C ARG F 240 15.35 -31.30 41.07
N THR F 241 14.37 -30.40 41.17
CA THR F 241 14.52 -29.02 40.72
C THR F 241 15.63 -28.31 41.49
N ARG F 242 15.61 -28.42 42.83
CA ARG F 242 16.60 -27.74 43.66
C ARG F 242 18.01 -28.30 43.45
N TYR F 243 18.15 -29.64 43.44
CA TYR F 243 19.47 -30.24 43.27
C TYR F 243 20.05 -30.05 41.86
N GLY F 244 19.20 -29.89 40.85
CA GLY F 244 19.65 -29.60 39.50
C GLY F 244 20.31 -28.23 39.42
N PHE F 245 19.86 -27.29 40.27
CA PHE F 245 20.43 -25.96 40.36
C PHE F 245 21.73 -26.08 41.16
N GLN F 246 21.65 -26.57 42.41
CA GLN F 246 22.81 -26.80 43.28
C GLN F 246 22.54 -28.03 44.14
N PRO F 247 23.35 -29.12 43.99
CA PRO F 247 23.11 -30.34 44.76
C PRO F 247 23.59 -30.25 46.20
N GLN F 248 22.83 -29.53 47.01
CA GLN F 248 23.08 -29.34 48.43
C GLN F 248 21.75 -29.02 49.11
N GLU G 7 13.38 50.77 -32.70
CA GLU G 7 13.83 49.53 -32.08
C GLU G 7 12.66 48.85 -31.37
N GLN G 8 12.30 47.64 -31.81
CA GLN G 8 11.18 46.92 -31.21
C GLN G 8 11.42 46.63 -29.73
N LEU G 9 10.42 46.94 -28.88
CA LEU G 9 10.57 46.84 -27.44
C LEU G 9 10.77 45.42 -26.89
N PHE G 10 10.41 44.38 -27.66
CA PHE G 10 10.57 42.99 -27.25
C PHE G 10 11.94 42.39 -27.57
N LYS G 11 12.78 43.05 -28.41
CA LYS G 11 14.05 42.46 -28.82
C LYS G 11 14.96 42.09 -27.67
N LYS G 12 15.07 42.97 -26.67
CA LYS G 12 15.92 42.70 -25.49
C LYS G 12 15.47 41.42 -24.79
N ALA G 13 14.15 41.26 -24.58
CA ALA G 13 13.61 40.08 -23.93
C ALA G 13 13.85 38.82 -24.77
N LEU G 14 13.68 38.88 -26.10
CA LEU G 14 13.93 37.71 -26.96
C LEU G 14 15.42 37.31 -26.92
N GLU G 15 16.33 38.30 -26.86
CA GLU G 15 17.76 37.99 -26.76
C GLU G 15 18.04 37.23 -25.45
N ILE G 16 17.46 37.70 -24.33
CA ILE G 16 17.66 37.07 -23.04
C ILE G 16 17.05 35.66 -22.96
N LYS G 17 15.76 35.53 -23.31
CA LYS G 17 15.08 34.24 -23.12
C LYS G 17 15.50 33.17 -24.12
N PHE G 18 15.98 33.53 -25.33
CA PHE G 18 16.38 32.52 -26.33
C PHE G 18 17.89 32.30 -26.49
N THR G 19 18.71 33.37 -26.40
CA THR G 19 20.15 33.26 -26.67
C THR G 19 21.04 33.16 -25.43
N GLN G 20 20.51 33.39 -24.22
CA GLN G 20 21.30 33.28 -22.99
C GLN G 20 20.82 32.05 -22.27
N GLU G 21 21.76 31.23 -21.77
CA GLU G 21 21.37 29.98 -21.10
C GLU G 21 20.45 30.22 -19.89
N TRP G 22 19.41 29.40 -19.80
CA TRP G 22 18.45 29.40 -18.70
C TRP G 22 18.45 27.96 -18.20
N GLY G 23 18.81 27.77 -16.93
CA GLY G 23 18.98 26.42 -16.39
C GLY G 23 20.19 25.79 -17.06
N GLU G 24 20.00 24.64 -17.73
CA GLU G 24 21.05 23.98 -18.48
C GLU G 24 20.54 23.65 -19.89
N ASN G 25 19.86 24.63 -20.54
CA ASN G 25 19.31 24.46 -21.89
C ASN G 25 20.33 24.71 -23.02
N LYS G 26 21.60 25.08 -22.69
CA LYS G 26 22.63 25.29 -23.69
C LYS G 26 22.18 26.25 -24.82
N ALA G 27 21.49 27.33 -24.45
CA ALA G 27 20.92 28.30 -25.41
C ALA G 27 21.86 28.77 -26.50
N THR G 28 23.15 29.01 -26.20
CA THR G 28 24.11 29.48 -27.22
C THR G 28 24.32 28.44 -28.34
N GLU G 29 24.09 27.14 -28.06
CA GLU G 29 24.20 26.07 -29.04
C GLU G 29 22.90 25.91 -29.87
N VAL G 30 21.76 26.42 -29.37
CA VAL G 30 20.48 26.35 -30.07
C VAL G 30 20.52 27.41 -31.19
N SER G 31 20.80 28.68 -30.80
CA SER G 31 20.93 29.79 -31.74
C SER G 31 21.25 31.08 -31.00
N THR G 32 22.15 31.89 -31.54
CA THR G 32 22.52 33.19 -30.98
C THR G 32 21.87 34.36 -31.75
N ASP G 33 21.11 34.09 -32.83
CA ASP G 33 20.50 35.11 -33.68
C ASP G 33 18.98 35.05 -33.54
N ILE G 34 18.37 36.10 -32.96
CA ILE G 34 16.92 36.13 -32.76
C ILE G 34 16.13 36.24 -34.09
N THR G 35 16.79 36.56 -35.22
CA THR G 35 16.14 36.62 -36.53
C THR G 35 16.25 35.29 -37.30
N SER G 36 17.06 34.31 -36.83
CA SER G 36 17.24 33.05 -37.54
C SER G 36 15.98 32.18 -37.50
N LYS G 37 15.59 31.66 -38.67
CA LYS G 37 14.44 30.77 -38.80
C LYS G 37 14.78 29.35 -38.33
N LYS G 38 16.07 28.99 -38.19
CA LYS G 38 16.50 27.66 -37.79
C LYS G 38 17.11 27.64 -36.40
N ALA G 39 17.00 26.48 -35.74
CA ALA G 39 17.54 26.27 -34.40
C ALA G 39 18.03 24.84 -34.28
N LYS G 40 19.03 24.61 -33.43
CA LYS G 40 19.54 23.26 -33.20
C LYS G 40 18.74 22.66 -32.05
N TYR G 41 17.97 21.59 -32.32
CA TYR G 41 17.16 20.91 -31.31
C TYR G 41 18.00 19.88 -30.56
N LEU G 42 18.29 20.15 -29.28
CA LEU G 42 19.14 19.29 -28.46
C LEU G 42 18.38 18.19 -27.72
N ARG G 43 17.04 18.28 -27.61
CA ARG G 43 16.22 17.28 -26.93
C ARG G 43 16.72 16.92 -25.54
N LEU G 44 16.96 17.95 -24.72
CA LEU G 44 17.50 17.74 -23.37
C LEU G 44 16.47 17.25 -22.36
N GLY G 45 15.19 17.47 -22.60
CA GLY G 45 14.16 17.01 -21.69
C GLY G 45 14.26 17.63 -20.32
N THR G 46 13.96 16.84 -19.29
CA THR G 46 13.93 17.28 -17.89
C THR G 46 15.26 17.85 -17.37
N ALA G 47 16.39 17.27 -17.80
CA ALA G 47 17.73 17.68 -17.37
C ALA G 47 18.03 19.17 -17.55
N GLN G 48 17.45 19.84 -18.56
CA GLN G 48 17.75 21.26 -18.78
C GLN G 48 17.06 22.18 -17.78
N SER G 49 16.00 21.72 -17.11
CA SER G 49 15.18 22.59 -16.27
C SER G 49 15.22 22.33 -14.77
N PRO G 50 15.86 23.22 -13.98
CA PRO G 50 15.77 23.09 -12.52
C PRO G 50 14.32 23.05 -11.99
N ARG G 51 13.38 23.77 -12.63
CA ARG G 51 11.98 23.76 -12.20
C ARG G 51 11.34 22.40 -12.45
N LYS G 52 11.49 21.81 -13.67
CA LYS G 52 10.93 20.47 -13.92
C LYS G 52 11.60 19.42 -13.04
N ARG G 53 12.91 19.59 -12.73
CA ARG G 53 13.60 18.66 -11.82
C ARG G 53 13.03 18.77 -10.42
N GLU G 54 12.68 20.00 -9.96
CA GLU G 54 12.04 20.20 -8.65
C GLU G 54 10.71 19.42 -8.63
N PHE G 55 9.90 19.56 -9.69
CA PHE G 55 8.61 18.87 -9.77
C PHE G 55 8.79 17.34 -9.78
N GLU G 56 9.76 16.85 -10.53
CA GLU G 56 10.08 15.43 -10.58
C GLU G 56 10.45 14.91 -9.17
N GLN G 57 11.29 15.66 -8.44
CA GLN G 57 11.71 15.27 -7.10
C GLN G 57 10.52 15.20 -6.14
N TYR G 58 9.66 16.23 -6.16
CA TYR G 58 8.46 16.21 -5.30
C TYR G 58 7.54 15.04 -5.68
N GLY G 59 7.42 14.74 -6.98
CA GLY G 59 6.64 13.61 -7.44
C GLY G 59 7.13 12.28 -6.85
N LYS G 60 8.46 12.11 -6.74
CA LYS G 60 9.03 10.89 -6.16
C LYS G 60 8.67 10.82 -4.66
N GLU G 61 8.80 11.95 -3.94
CA GLU G 61 8.49 11.99 -2.51
C GLU G 61 7.01 11.66 -2.26
N ILE G 62 6.14 12.24 -3.07
CA ILE G 62 4.69 12.03 -2.94
C ILE G 62 4.35 10.57 -3.17
N ALA G 63 4.88 9.97 -4.25
CA ALA G 63 4.61 8.55 -4.55
C ALA G 63 5.09 7.66 -3.38
N ALA G 64 6.28 7.96 -2.83
CA ALA G 64 6.81 7.17 -1.74
C ALA G 64 5.96 7.31 -0.47
N LYS G 65 5.55 8.54 -0.12
CA LYS G 65 4.78 8.77 1.10
C LYS G 65 3.38 8.17 1.05
N ARG G 66 2.68 8.32 -0.07
CA ARG G 66 1.29 7.87 -0.17
C ARG G 66 1.13 6.42 -0.58
N GLY G 67 2.14 5.83 -1.21
CA GLY G 67 1.99 4.50 -1.80
C GLY G 67 1.09 4.55 -3.04
N LEU G 68 0.88 5.75 -3.62
CA LEU G 68 0.04 5.97 -4.79
C LEU G 68 0.76 7.09 -5.58
N PRO G 69 1.14 6.83 -6.84
CA PRO G 69 2.00 7.79 -7.55
C PRO G 69 1.34 9.07 -7.99
N GLY G 70 2.16 10.05 -8.31
CA GLY G 70 1.72 11.35 -8.78
C GLY G 70 2.55 11.78 -9.98
N TYR G 71 3.12 12.98 -9.92
CA TYR G 71 3.91 13.55 -11.01
C TYR G 71 5.04 12.63 -11.44
N ASP G 72 5.16 12.41 -12.75
CA ASP G 72 6.23 11.60 -13.33
C ASP G 72 6.42 12.09 -14.76
N PRO G 73 7.50 12.83 -15.06
CA PRO G 73 7.68 13.35 -16.43
C PRO G 73 7.60 12.29 -17.53
N LYS G 74 7.97 11.04 -17.22
CA LYS G 74 7.96 9.97 -18.20
C LYS G 74 6.56 9.45 -18.54
N LEU G 75 5.51 9.91 -17.84
CA LEU G 75 4.13 9.53 -18.21
C LEU G 75 3.56 10.44 -19.32
N HIS G 76 4.38 11.38 -19.87
CA HIS G 76 3.99 12.13 -21.04
C HIS G 76 3.90 11.15 -22.21
N LEU G 77 2.98 11.38 -23.14
CA LEU G 77 2.73 10.49 -24.27
C LEU G 77 4.02 10.01 -24.96
N GLY G 78 4.14 8.70 -25.13
CA GLY G 78 5.32 8.08 -25.73
C GLY G 78 6.52 7.95 -24.81
N GLY G 79 6.37 8.26 -23.52
CA GLY G 79 7.47 8.22 -22.58
C GLY G 79 8.52 9.31 -22.82
N ILE G 80 8.17 10.32 -23.66
CA ILE G 80 9.00 11.44 -24.02
C ILE G 80 8.62 12.61 -23.13
N PRO G 81 9.55 13.08 -22.28
CA PRO G 81 9.20 14.17 -21.35
C PRO G 81 9.19 15.55 -22.00
N LEU G 82 8.60 16.54 -21.30
CA LEU G 82 8.56 17.94 -21.73
C LEU G 82 9.99 18.45 -21.87
N GLY G 83 10.22 19.24 -22.89
CA GLY G 83 11.55 19.79 -23.13
C GLY G 83 12.30 19.15 -24.27
N GLN G 84 11.60 18.54 -25.26
CA GLN G 84 12.29 18.09 -26.47
C GLN G 84 12.74 19.33 -27.25
N ARG G 85 11.93 20.41 -27.22
CA ARG G 85 12.33 21.72 -27.71
C ARG G 85 12.93 22.45 -26.50
N GLN G 86 13.84 23.40 -26.76
CA GLN G 86 14.46 24.25 -25.74
C GLN G 86 13.42 24.86 -24.78
N ILE G 87 13.58 24.68 -23.45
CA ILE G 87 12.68 25.28 -22.46
C ILE G 87 13.26 26.63 -22.16
N THR G 88 12.48 27.69 -22.41
CA THR G 88 12.95 29.05 -22.22
C THR G 88 12.17 29.78 -21.13
N PRO G 89 12.78 30.82 -20.53
CA PRO G 89 12.05 31.60 -19.52
C PRO G 89 11.20 32.71 -20.15
N TYR G 90 10.57 33.52 -19.31
CA TYR G 90 9.78 34.69 -19.70
C TYR G 90 10.27 35.90 -18.92
N VAL G 91 10.26 37.05 -19.56
CA VAL G 91 10.53 38.32 -18.89
C VAL G 91 9.13 38.84 -18.57
N VAL G 92 8.84 39.20 -17.30
CA VAL G 92 7.53 39.79 -16.99
C VAL G 92 7.63 41.24 -17.52
N SER G 93 6.73 41.63 -18.45
CA SER G 93 6.82 42.94 -19.09
C SER G 93 6.92 44.12 -18.12
N SER G 94 7.80 45.09 -18.48
CA SER G 94 8.11 46.28 -17.70
C SER G 94 9.03 45.99 -16.50
N THR G 95 9.42 44.72 -16.26
CA THR G 95 10.31 44.36 -15.15
C THR G 95 11.61 43.72 -15.69
N ASP G 96 12.61 43.55 -14.82
CA ASP G 96 13.82 42.81 -15.16
C ASP G 96 13.73 41.36 -14.61
N THR G 97 12.52 40.88 -14.21
CA THR G 97 12.37 39.54 -13.68
C THR G 97 12.27 38.52 -14.79
N LEU G 98 13.10 37.49 -14.71
CA LEU G 98 13.16 36.37 -15.62
C LEU G 98 12.69 35.16 -14.81
N CYS G 99 11.73 34.40 -15.34
CA CYS G 99 11.19 33.27 -14.61
C CYS G 99 10.73 32.16 -15.53
N ASP G 100 10.50 30.98 -14.97
CA ASP G 100 9.93 29.88 -15.73
C ASP G 100 8.45 30.15 -15.92
N GLY G 101 7.87 29.65 -16.99
CA GLY G 101 6.44 29.79 -17.23
C GLY G 101 5.61 29.15 -16.12
N ASP G 102 6.15 28.10 -15.46
CA ASP G 102 5.48 27.43 -14.32
C ASP G 102 5.35 28.38 -13.12
N ASP G 103 6.29 29.32 -12.98
CA ASP G 103 6.23 30.31 -11.89
C ASP G 103 5.07 31.31 -12.08
N LEU G 104 4.48 31.38 -13.28
CA LEU G 104 3.34 32.23 -13.58
C LEU G 104 2.02 31.44 -13.59
N HIS G 105 2.03 30.12 -13.26
CA HIS G 105 0.80 29.36 -13.12
C HIS G 105 0.12 29.89 -11.85
N PHE G 106 -1.21 30.16 -11.88
CA PHE G 106 -1.86 30.74 -10.70
C PHE G 106 -1.66 29.89 -9.43
N VAL G 107 -1.64 28.56 -9.55
CA VAL G 107 -1.44 27.67 -8.39
C VAL G 107 -0.08 27.92 -7.74
N ASN G 108 0.95 28.20 -8.54
CA ASN G 108 2.31 28.38 -8.06
C ASN G 108 2.68 29.84 -7.78
N ASN G 109 1.73 30.78 -7.86
CA ASN G 109 2.05 32.19 -7.72
C ASN G 109 1.11 32.81 -6.70
N ALA G 110 1.62 33.08 -5.48
CA ALA G 110 0.83 33.64 -4.40
C ALA G 110 0.36 35.07 -4.69
N ALA G 111 1.10 35.86 -5.49
CA ALA G 111 0.66 37.21 -5.84
C ALA G 111 -0.63 37.14 -6.67
N MET G 112 -0.72 36.17 -7.59
CA MET G 112 -1.90 35.99 -8.41
C MET G 112 -3.09 35.57 -7.57
N GLN G 113 -2.89 34.61 -6.65
CA GLN G 113 -3.98 34.17 -5.77
C GLN G 113 -4.43 35.31 -4.87
N GLN G 114 -3.47 36.09 -4.34
CA GLN G 114 -3.81 37.21 -3.48
C GLN G 114 -4.54 38.30 -4.25
N MET G 115 -4.23 38.50 -5.55
CA MET G 115 -4.96 39.52 -6.34
C MET G 115 -6.43 39.14 -6.41
N TRP G 116 -6.72 37.86 -6.72
CA TRP G 116 -8.11 37.43 -6.78
C TRP G 116 -8.77 37.51 -5.40
N ASP G 117 -8.08 37.06 -4.33
CA ASP G 117 -8.66 37.15 -2.99
C ASP G 117 -9.01 38.60 -2.58
N ASP G 118 -8.13 39.57 -2.88
CA ASP G 118 -8.42 40.98 -2.55
C ASP G 118 -9.66 41.52 -3.27
N ILE G 119 -9.95 41.00 -4.48
CA ILE G 119 -11.16 41.41 -5.20
C ILE G 119 -12.36 40.67 -4.58
N ARG G 120 -12.26 39.34 -4.49
CA ARG G 120 -13.29 38.44 -3.97
C ARG G 120 -13.78 38.87 -2.58
N ARG G 121 -12.85 39.26 -1.70
CA ARG G 121 -13.15 39.64 -0.32
C ARG G 121 -13.57 41.11 -0.15
N THR G 122 -13.82 41.84 -1.23
CA THR G 122 -14.20 43.24 -1.13
C THR G 122 -15.61 43.54 -1.60
N VAL G 123 -16.31 44.37 -0.84
CA VAL G 123 -17.58 44.99 -1.21
C VAL G 123 -17.53 46.43 -0.70
N ILE G 124 -18.37 47.30 -1.26
CA ILE G 124 -18.46 48.69 -0.84
C ILE G 124 -19.88 48.90 -0.34
N VAL G 125 -20.05 49.45 0.86
CA VAL G 125 -21.37 49.60 1.46
C VAL G 125 -21.60 51.05 1.87
N GLY G 126 -22.70 51.63 1.41
CA GLY G 126 -23.02 53.01 1.75
C GLY G 126 -23.35 53.19 3.20
N MET G 127 -23.11 54.40 3.72
CA MET G 127 -23.42 54.75 5.10
C MET G 127 -24.64 55.68 5.21
N ASP G 128 -24.96 56.44 4.15
CA ASP G 128 -26.04 57.43 4.20
C ASP G 128 -27.40 56.88 4.61
N LEU G 129 -27.81 55.77 4.01
CA LEU G 129 -29.12 55.17 4.30
C LEU G 129 -29.14 54.61 5.73
N ALA G 130 -28.02 54.03 6.19
CA ALA G 130 -27.90 53.55 7.57
C ALA G 130 -28.02 54.73 8.55
N HIS G 131 -27.30 55.84 8.29
CA HIS G 131 -27.37 57.02 9.15
C HIS G 131 -28.76 57.65 9.13
N GLU G 132 -29.45 57.61 7.99
CA GLU G 132 -30.81 58.12 7.86
C GLU G 132 -31.77 57.26 8.69
N THR G 133 -31.54 55.92 8.74
CA THR G 133 -32.35 54.97 9.52
C THR G 133 -32.21 55.28 11.02
N LEU G 134 -30.98 55.56 11.48
CA LEU G 134 -30.73 55.92 12.87
C LEU G 134 -31.45 57.23 13.24
N GLU G 135 -31.41 58.22 12.34
CA GLU G 135 -32.03 59.52 12.56
C GLU G 135 -33.57 59.42 12.55
N LYS G 136 -34.13 58.70 11.57
CA LYS G 136 -35.58 58.58 11.41
C LYS G 136 -36.24 57.68 12.47
N ARG G 137 -35.73 56.45 12.66
CA ARG G 137 -36.35 55.49 13.56
C ARG G 137 -35.98 55.63 15.03
N LEU G 138 -34.74 56.01 15.33
CA LEU G 138 -34.25 56.17 16.72
C LEU G 138 -34.10 57.62 17.17
N GLY G 139 -34.07 58.57 16.25
CA GLY G 139 -33.86 59.97 16.60
C GLY G 139 -32.43 60.22 17.07
N LYS G 140 -31.46 59.37 16.64
CA LYS G 140 -30.06 59.51 17.04
C LYS G 140 -29.36 60.56 16.19
N GLU G 141 -28.34 61.19 16.78
CA GLU G 141 -27.52 62.17 16.08
C GLU G 141 -26.28 61.45 15.54
N VAL G 142 -25.94 61.67 14.26
CA VAL G 142 -24.76 61.07 13.63
C VAL G 142 -23.77 62.21 13.40
N THR G 143 -22.61 62.13 14.08
CA THR G 143 -21.54 63.13 14.03
C THR G 143 -20.20 62.51 13.66
N PRO G 144 -19.14 63.31 13.36
CA PRO G 144 -17.82 62.70 13.10
C PRO G 144 -17.31 61.88 14.28
N GLU G 145 -17.59 62.32 15.53
CA GLU G 145 -17.20 61.57 16.73
C GLU G 145 -17.87 60.20 16.76
N THR G 146 -19.19 60.11 16.48
CA THR G 146 -19.88 58.81 16.49
C THR G 146 -19.39 57.92 15.34
N ILE G 147 -19.12 58.51 14.15
CA ILE G 147 -18.64 57.75 13.00
C ILE G 147 -17.25 57.18 13.29
N ASN G 148 -16.37 57.99 13.88
CA ASN G 148 -15.01 57.54 14.20
C ASN G 148 -15.04 56.43 15.25
N HIS G 149 -15.93 56.54 16.27
CA HIS G 149 -16.07 55.48 17.27
C HIS G 149 -16.60 54.22 16.59
N TYR G 150 -17.59 54.38 15.70
CA TYR G 150 -18.16 53.27 14.92
C TYR G 150 -17.06 52.56 14.11
N LEU G 151 -16.14 53.29 13.49
CA LEU G 151 -15.06 52.68 12.69
C LEU G 151 -14.02 51.95 13.52
N GLU G 152 -13.75 52.38 14.77
CA GLU G 152 -12.82 51.65 15.64
C GLU G 152 -13.48 50.30 15.99
N VAL G 153 -14.75 50.36 16.42
CA VAL G 153 -15.58 49.19 16.76
C VAL G 153 -15.68 48.25 15.55
N LEU G 154 -15.90 48.80 14.36
CA LEU G 154 -16.04 48.03 13.13
C LEU G 154 -14.76 47.30 12.76
N ASN G 155 -13.59 47.95 12.89
CA ASN G 155 -12.31 47.31 12.57
C ASN G 155 -11.89 46.24 13.59
N HIS G 156 -12.45 46.29 14.81
CA HIS G 156 -12.24 45.24 15.79
C HIS G 156 -13.21 44.08 15.43
N ALA G 157 -14.48 44.38 15.14
CA ALA G 157 -15.51 43.37 14.88
C ALA G 157 -15.45 42.65 13.51
N MET G 158 -15.15 43.37 12.42
CA MET G 158 -15.14 42.83 11.06
C MET G 158 -14.31 41.54 10.90
N PRO G 159 -13.10 41.44 11.46
CA PRO G 159 -12.34 40.18 11.33
C PRO G 159 -12.94 38.97 12.06
N GLY G 160 -13.94 39.18 12.93
CA GLY G 160 -14.60 38.12 13.67
C GLY G 160 -14.40 38.23 15.17
N ALA G 161 -14.58 39.44 15.74
CA ALA G 161 -14.45 39.65 17.19
C ALA G 161 -15.73 40.28 17.74
N ALA G 162 -16.03 39.99 19.02
CA ALA G 162 -17.28 40.36 19.64
C ALA G 162 -17.34 41.77 20.21
N VAL G 163 -18.52 42.40 20.09
CA VAL G 163 -18.75 43.75 20.58
C VAL G 163 -20.01 43.88 21.50
N VAL G 164 -20.89 42.85 21.59
CA VAL G 164 -22.10 42.97 22.43
C VAL G 164 -22.27 41.80 23.43
N GLN G 165 -22.26 40.54 22.96
CA GLN G 165 -22.55 39.39 23.81
C GLN G 165 -21.42 38.98 24.74
N GLU G 166 -21.76 38.29 25.83
CA GLU G 166 -20.78 37.71 26.73
C GLU G 166 -20.51 36.26 26.28
N MET G 167 -19.31 35.77 26.53
CA MET G 167 -18.87 34.41 26.25
C MET G 167 -18.81 34.08 24.77
N MET G 168 -18.39 35.03 23.97
CA MET G 168 -18.18 34.82 22.55
C MET G 168 -16.79 34.27 22.33
N VAL G 169 -16.67 33.44 21.29
CA VAL G 169 -15.40 32.87 20.88
C VAL G 169 -15.08 33.56 19.54
N GLU G 170 -13.82 33.90 19.32
CA GLU G 170 -13.46 34.79 18.23
C GLU G 170 -12.36 34.27 17.34
N THR G 171 -12.25 34.89 16.15
CA THR G 171 -11.19 34.50 15.22
C THR G 171 -9.85 34.99 15.78
N HIS G 172 -8.80 34.26 15.47
CA HIS G 172 -7.45 34.62 15.89
C HIS G 172 -7.05 35.84 15.04
N PRO G 173 -6.82 37.03 15.63
CA PRO G 173 -6.44 38.21 14.81
C PRO G 173 -5.25 37.94 13.88
N GLY G 174 -4.30 37.12 14.31
CA GLY G 174 -3.14 36.76 13.50
C GLY G 174 -3.47 36.04 12.21
N LEU G 175 -4.66 35.42 12.12
CA LEU G 175 -5.12 34.75 10.89
C LEU G 175 -5.96 35.67 9.99
N VAL G 176 -6.39 36.85 10.49
CA VAL G 176 -7.29 37.74 9.78
C VAL G 176 -6.78 39.18 9.81
N ASP G 177 -5.44 39.39 9.85
CA ASP G 177 -4.88 40.74 9.90
C ASP G 177 -4.94 41.49 8.56
N ASP G 178 -5.36 40.82 7.49
CA ASP G 178 -5.60 41.44 6.18
C ASP G 178 -7.03 42.06 6.13
N CYS G 179 -7.88 41.81 7.14
CA CYS G 179 -9.24 42.31 7.18
C CYS G 179 -9.33 43.68 7.82
N TYR G 180 -9.97 44.62 7.12
CA TYR G 180 -10.17 45.97 7.67
C TYR G 180 -11.22 46.70 6.82
N VAL G 181 -11.65 47.87 7.31
CA VAL G 181 -12.59 48.74 6.65
C VAL G 181 -12.04 50.14 6.64
N LYS G 182 -12.07 50.77 5.48
CA LYS G 182 -11.74 52.19 5.35
C LYS G 182 -13.00 52.89 4.81
N VAL G 183 -13.00 54.22 4.86
CA VAL G 183 -14.12 55.01 4.36
C VAL G 183 -13.65 56.09 3.39
N PHE G 184 -14.58 56.54 2.55
CA PHE G 184 -14.39 57.64 1.63
C PHE G 184 -15.72 58.36 1.49
N THR G 185 -15.67 59.65 1.21
CA THR G 185 -16.88 60.46 1.10
C THR G 185 -16.68 61.59 0.14
N GLY G 186 -17.77 61.98 -0.50
CA GLY G 186 -17.80 63.15 -1.36
C GLY G 186 -18.12 64.43 -0.59
N ASP G 187 -18.35 64.33 0.74
CA ASP G 187 -18.60 65.47 1.61
C ASP G 187 -17.23 65.85 2.18
N ASP G 188 -16.62 66.90 1.64
CA ASP G 188 -15.31 67.38 2.06
C ASP G 188 -15.26 67.83 3.53
N GLU G 189 -16.36 68.43 4.04
CA GLU G 189 -16.40 68.85 5.44
C GLU G 189 -16.29 67.63 6.36
N LEU G 190 -16.98 66.52 6.01
CA LEU G 190 -16.93 65.30 6.79
C LEU G 190 -15.56 64.63 6.64
N ALA G 191 -14.99 64.60 5.41
CA ALA G 191 -13.66 64.01 5.15
C ALA G 191 -12.58 64.60 6.05
N ASP G 192 -12.62 65.94 6.27
CA ASP G 192 -11.65 66.62 7.14
C ASP G 192 -11.82 66.29 8.64
N GLU G 193 -12.95 65.66 9.03
CA GLU G 193 -13.26 65.30 10.41
C GLU G 193 -13.16 63.78 10.68
N ILE G 194 -13.03 62.96 9.62
CA ILE G 194 -12.87 61.51 9.80
C ILE G 194 -11.44 61.27 10.24
N ASP G 195 -11.27 60.34 11.19
CA ASP G 195 -9.96 59.90 11.70
C ASP G 195 -9.12 59.38 10.53
N LYS G 196 -7.95 59.99 10.34
CA LYS G 196 -7.05 59.69 9.22
C LYS G 196 -6.68 58.22 9.10
N ARG G 197 -6.69 57.45 10.20
CA ARG G 197 -6.33 56.03 10.13
C ARG G 197 -7.26 55.26 9.20
N PHE G 198 -8.55 55.67 9.10
CA PHE G 198 -9.56 54.97 8.30
C PHE G 198 -9.89 55.64 6.97
N LEU G 199 -9.36 56.84 6.69
CA LEU G 199 -9.77 57.56 5.49
C LEU G 199 -8.99 57.26 4.21
N ILE G 200 -9.70 57.11 3.08
CA ILE G 200 -9.09 57.07 1.78
C ILE G 200 -9.34 58.50 1.32
N ASP G 201 -8.29 59.33 1.32
CA ASP G 201 -8.38 60.73 0.95
C ASP G 201 -8.37 60.87 -0.56
N ILE G 202 -9.51 61.23 -1.16
CA ILE G 202 -9.64 61.34 -2.61
C ILE G 202 -8.68 62.40 -3.19
N ASP G 203 -8.49 63.52 -2.47
CA ASP G 203 -7.60 64.59 -2.94
C ASP G 203 -6.14 64.13 -2.99
N LYS G 204 -5.71 63.31 -2.02
CA LYS G 204 -4.33 62.83 -1.98
C LYS G 204 -4.08 61.72 -2.98
N GLN G 205 -5.03 60.79 -3.13
CA GLN G 205 -4.84 59.65 -4.04
C GLN G 205 -4.97 60.04 -5.51
N PHE G 206 -5.82 61.05 -5.85
CA PHE G 206 -6.05 61.43 -7.25
C PHE G 206 -5.63 62.87 -7.51
N GLY G 207 -5.28 63.17 -8.76
CA GLY G 207 -4.94 64.54 -9.15
C GLY G 207 -6.14 65.45 -9.00
N GLU G 208 -5.91 66.76 -8.99
CA GLU G 208 -6.98 67.76 -8.81
C GLU G 208 -8.20 67.52 -9.74
N GLU G 209 -7.96 67.34 -11.04
CA GLU G 209 -9.04 67.13 -12.01
C GLU G 209 -9.80 65.82 -11.73
N LYS G 210 -9.08 64.72 -11.50
CA LYS G 210 -9.71 63.43 -11.26
C LYS G 210 -10.47 63.41 -9.93
N ALA G 211 -9.93 64.05 -8.89
CA ALA G 211 -10.61 64.12 -7.59
C ALA G 211 -11.95 64.86 -7.75
N ALA G 212 -11.96 65.98 -8.52
CA ALA G 212 -13.19 66.73 -8.75
C ALA G 212 -14.22 65.87 -9.51
N GLN G 213 -13.76 65.11 -10.52
CA GLN G 213 -14.65 64.25 -11.30
C GLN G 213 -15.26 63.15 -10.42
N ILE G 214 -14.45 62.53 -9.54
CA ILE G 214 -14.94 61.51 -8.62
C ILE G 214 -15.98 62.12 -7.68
N LYS G 215 -15.65 63.25 -7.04
CA LYS G 215 -16.58 63.89 -6.10
C LYS G 215 -17.90 64.26 -6.75
N ALA G 216 -17.87 64.77 -8.00
CA ALA G 216 -19.11 65.14 -8.69
C ALA G 216 -19.96 63.89 -8.96
N ALA G 217 -19.33 62.76 -9.31
CA ALA G 217 -20.06 61.52 -9.58
C ALA G 217 -20.63 60.91 -8.29
N ILE G 218 -19.87 60.95 -7.20
CA ILE G 218 -20.27 60.38 -5.90
C ILE G 218 -21.30 61.26 -5.16
N GLY G 219 -21.17 62.56 -5.29
CA GLY G 219 -21.99 63.51 -4.52
C GLY G 219 -21.59 63.50 -3.06
N LYS G 220 -22.40 64.10 -2.19
CA LYS G 220 -22.11 64.12 -0.76
C LYS G 220 -22.61 62.84 -0.09
N THR G 221 -22.05 61.69 -0.52
CA THR G 221 -22.37 60.38 0.00
C THR G 221 -21.11 59.74 0.60
N THR G 222 -21.30 58.91 1.61
CA THR G 222 -20.21 58.25 2.33
C THR G 222 -20.26 56.75 2.12
N TRP G 223 -19.09 56.11 2.01
CA TRP G 223 -19.00 54.69 1.69
C TRP G 223 -17.93 53.98 2.49
N GLN G 224 -18.17 52.70 2.76
CA GLN G 224 -17.24 51.83 3.46
C GLN G 224 -16.63 50.87 2.46
N ALA G 225 -15.30 50.86 2.35
CA ALA G 225 -14.55 49.94 1.51
C ALA G 225 -14.19 48.78 2.45
N VAL G 226 -14.92 47.67 2.34
CA VAL G 226 -14.76 46.56 3.26
C VAL G 226 -13.94 45.45 2.64
N HIS G 227 -13.01 44.87 3.40
CA HIS G 227 -12.17 43.78 2.93
C HIS G 227 -12.24 42.69 4.00
N VAL G 228 -13.06 41.67 3.76
CA VAL G 228 -13.23 40.59 4.73
C VAL G 228 -12.01 39.67 4.71
N PRO G 229 -11.82 38.77 5.71
CA PRO G 229 -10.59 37.98 5.72
C PRO G 229 -10.41 37.05 4.54
N THR G 230 -9.18 37.01 3.99
CA THR G 230 -8.81 36.13 2.87
C THR G 230 -9.10 34.67 3.28
N ILE G 231 -8.79 34.28 4.52
CA ILE G 231 -9.03 32.91 4.98
C ILE G 231 -10.52 32.51 4.84
N VAL G 232 -11.43 33.49 5.01
CA VAL G 232 -12.87 33.26 4.91
C VAL G 232 -13.29 32.96 3.46
N VAL G 233 -12.89 33.82 2.49
CA VAL G 233 -13.27 33.56 1.08
C VAL G 233 -12.58 32.31 0.54
N ARG G 234 -11.39 31.96 1.06
CA ARG G 234 -10.71 30.74 0.63
C ARG G 234 -11.48 29.52 1.17
N THR G 235 -11.87 29.54 2.46
CA THR G 235 -12.67 28.45 3.04
C THR G 235 -14.08 28.39 2.40
N CYS G 236 -14.65 29.56 2.09
CA CYS G 236 -16.00 29.67 1.57
C CYS G 236 -16.02 30.15 0.11
N ASP G 237 -16.64 31.30 -0.22
CA ASP G 237 -16.70 31.76 -1.60
C ASP G 237 -16.90 33.29 -1.65
N GLY G 238 -16.95 33.86 -2.85
CA GLY G 238 -17.16 35.29 -3.00
C GLY G 238 -18.51 35.75 -2.51
N ALA G 239 -19.56 34.91 -2.69
CA ALA G 239 -20.91 35.25 -2.23
C ALA G 239 -21.01 35.39 -0.69
N THR G 240 -19.98 34.93 0.04
CA THR G 240 -19.91 35.10 1.49
C THR G 240 -19.65 36.58 1.85
N THR G 241 -18.84 37.27 1.03
CA THR G 241 -18.35 38.60 1.37
C THR G 241 -19.43 39.64 1.78
N SER G 242 -20.47 39.86 0.95
CA SER G 242 -21.49 40.87 1.30
C SER G 242 -22.24 40.48 2.57
N ARG G 243 -22.41 39.18 2.83
CA ARG G 243 -23.11 38.74 4.03
C ARG G 243 -22.21 38.96 5.25
N TRP G 244 -20.93 38.55 5.17
CA TRP G 244 -19.97 38.74 6.27
C TRP G 244 -19.85 40.21 6.64
N THR G 245 -19.74 41.03 5.62
CA THR G 245 -19.67 42.49 5.76
C THR G 245 -20.91 43.03 6.51
N ALA G 246 -22.12 42.65 6.04
CA ALA G 246 -23.36 43.16 6.63
C ALA G 246 -23.52 42.73 8.08
N MET G 247 -23.10 41.50 8.43
CA MET G 247 -23.25 41.04 9.81
C MET G 247 -22.47 41.93 10.78
N GLN G 248 -21.20 42.24 10.44
CA GLN G 248 -20.33 43.01 11.32
C GLN G 248 -20.61 44.52 11.26
N ILE G 249 -21.16 45.00 10.15
CA ILE G 249 -21.67 46.38 10.08
C ILE G 249 -22.85 46.50 11.06
N GLY G 250 -23.77 45.53 11.02
CA GLY G 250 -24.91 45.52 11.91
C GLY G 250 -24.52 45.51 13.38
N MET G 251 -23.56 44.65 13.74
CA MET G 251 -23.08 44.59 15.12
C MET G 251 -22.43 45.89 15.56
N SER G 252 -21.64 46.53 14.68
CA SER G 252 -20.95 47.76 15.03
C SER G 252 -21.92 48.94 15.17
N PHE G 253 -23.02 48.99 14.38
CA PHE G 253 -24.02 50.05 14.56
C PHE G 253 -24.73 49.83 15.89
N ILE G 254 -25.07 48.57 16.24
CA ILE G 254 -25.70 48.26 17.52
C ILE G 254 -24.84 48.75 18.69
N ALA G 255 -23.55 48.41 18.69
CA ALA G 255 -22.67 48.78 19.78
C ALA G 255 -22.33 50.28 19.84
N ALA G 256 -21.87 50.89 18.74
CA ALA G 256 -21.47 52.30 18.73
C ALA G 256 -22.59 53.27 19.02
N TYR G 257 -23.80 52.99 18.51
CA TYR G 257 -24.96 53.85 18.71
C TYR G 257 -25.86 53.39 19.86
N ARG G 258 -25.48 52.33 20.59
CA ARG G 258 -26.21 51.86 21.78
C ARG G 258 -27.70 51.62 21.49
N MET G 259 -27.96 50.96 20.36
CA MET G 259 -29.31 50.60 19.95
C MET G 259 -29.73 49.37 20.78
N CYS G 260 -31.01 48.93 20.69
CA CYS G 260 -31.39 47.61 21.22
C CYS G 260 -30.67 46.59 20.31
N ALA G 261 -30.05 45.58 20.90
CA ALA G 261 -29.30 44.58 20.13
C ALA G 261 -30.27 43.58 19.53
N GLY G 262 -31.02 44.04 18.53
CA GLY G 262 -32.01 43.26 17.84
C GLY G 262 -33.41 43.85 17.95
N GLU G 263 -33.62 44.99 17.30
CA GLU G 263 -34.93 45.65 17.20
C GLU G 263 -35.28 45.81 15.71
N ALA G 264 -36.53 46.17 15.39
CA ALA G 264 -36.99 46.35 14.02
C ALA G 264 -36.06 47.24 13.17
N ALA G 265 -35.52 48.33 13.75
CA ALA G 265 -34.63 49.22 13.00
C ALA G 265 -33.34 48.52 12.56
N VAL G 266 -32.90 47.49 13.29
CA VAL G 266 -31.71 46.72 12.91
C VAL G 266 -31.95 46.02 11.55
N ALA G 267 -33.19 45.57 11.28
CA ALA G 267 -33.48 44.92 9.99
C ALA G 267 -33.36 45.91 8.83
N ASP G 268 -33.65 47.20 9.05
CA ASP G 268 -33.47 48.22 8.00
C ASP G 268 -31.97 48.37 7.72
N LEU G 269 -31.12 48.35 8.75
CA LEU G 269 -29.68 48.42 8.55
C LEU G 269 -29.19 47.17 7.79
N ALA G 270 -29.76 45.99 8.07
CA ALA G 270 -29.39 44.76 7.37
C ALA G 270 -29.80 44.85 5.90
N TYR G 271 -31.04 45.31 5.60
CA TYR G 271 -31.49 45.44 4.22
C TYR G 271 -30.63 46.48 3.49
N ALA G 272 -30.24 47.57 4.17
CA ALA G 272 -29.38 48.57 3.55
C ALA G 272 -28.01 47.99 3.23
N ALA G 273 -27.38 47.29 4.19
CA ALA G 273 -26.04 46.73 3.98
C ALA G 273 -26.01 45.59 2.97
N LYS G 274 -27.05 44.74 2.93
CA LYS G 274 -27.06 43.58 2.05
C LYS G 274 -27.64 43.80 0.66
N MHS G 275 -28.40 44.89 0.45
CA MHS G 275 -29.13 45.05 -0.82
C MHS G 275 -29.15 46.56 -1.22
O MHS G 275 -28.53 46.89 -2.23
CB MHS G 275 -30.58 44.57 -0.65
CG MHS G 275 -30.57 43.09 -0.33
ND1 MHS G 275 -30.23 42.10 -1.16
CD2 MHS G 275 -30.93 42.50 0.88
CE1 MHS G 275 -30.35 40.93 -0.52
NE2 MHS G 275 -30.78 41.18 0.74
CM MHS G 275 -29.78 42.27 -2.57
N ALA G 276 -29.88 47.44 -0.50
CA ALA G 276 -30.10 48.80 -1.00
C ALA G 276 -28.86 49.67 -1.15
N ALA G 277 -27.87 49.55 -0.26
CA ALA G 277 -26.65 50.35 -0.35
C ALA G 277 -25.41 49.48 -0.57
N LEU G 278 -25.59 48.25 -1.08
CA LEU G 278 -24.48 47.35 -1.34
C LEU G 278 -23.98 47.57 -2.76
N VAL G 279 -22.68 47.62 -2.91
CA VAL G 279 -22.04 47.72 -4.20
C VAL G 279 -20.99 46.60 -4.22
N GLY G 280 -21.39 45.45 -4.72
CA GLY G 280 -20.51 44.30 -4.82
C GLY G 280 -19.65 44.33 -6.06
N MET G 281 -18.79 43.32 -6.22
CA MET G 281 -17.92 43.25 -7.39
C MET G 281 -18.59 42.61 -8.62
N GLY G 282 -19.74 41.97 -8.45
CA GLY G 282 -20.42 41.33 -9.56
C GLY G 282 -21.60 40.51 -9.13
N ASP G 283 -22.58 40.38 -10.02
CA ASP G 283 -23.81 39.65 -9.75
C ASP G 283 -23.69 38.17 -10.11
N MET G 284 -24.70 37.40 -9.75
CA MET G 284 -24.73 35.96 -9.97
C MET G 284 -24.70 35.55 -11.46
N LEU G 285 -24.47 34.25 -11.71
CA LEU G 285 -24.43 33.67 -13.05
C LEU G 285 -25.56 32.66 -13.24
N PRO G 286 -26.00 32.43 -14.50
CA PRO G 286 -27.12 31.51 -14.75
C PRO G 286 -26.79 30.04 -14.51
N ALA G 287 -27.83 29.18 -14.49
CA ALA G 287 -27.76 27.79 -14.06
C ALA G 287 -26.57 26.96 -14.61
N ARG G 288 -26.29 27.02 -15.92
CA ARG G 288 -25.23 26.19 -16.49
C ARG G 288 -23.86 26.44 -15.84
N AGM G 289 -23.57 27.70 -15.47
CA AGM G 289 -22.28 28.07 -14.83
CB AGM G 289 -21.47 28.94 -15.78
CG AGM G 289 -22.29 30.12 -16.29
CD AGM G 289 -21.64 30.73 -17.52
CE2 AGM G 289 -20.31 31.37 -17.19
NE1 AGM G 289 -22.54 31.74 -18.09
CZ AGM G 289 -23.41 31.43 -19.05
NH1 AGM G 289 -23.52 30.17 -19.47
NH2 AGM G 289 -24.16 32.38 -19.58
C AGM G 289 -22.62 28.85 -13.54
O AGM G 289 -21.96 29.78 -13.11
N ALA G 290 -23.58 28.24 -12.79
CA ALA G 290 -24.13 28.79 -11.55
C ALA G 290 -23.06 29.15 -10.55
N ARG G 291 -23.15 30.38 -10.06
CA ARG G 291 -22.31 30.93 -9.00
C ARG G 291 -23.03 32.13 -8.43
N GLY G 292 -22.75 32.41 -7.16
CA GLY G 292 -23.31 33.59 -6.53
C GLY G 292 -22.47 34.82 -6.83
N PRO G 293 -22.79 35.94 -6.18
CA PRO G 293 -22.05 37.19 -6.43
C PRO G 293 -20.55 37.14 -6.06
N ASN G 294 -19.80 38.15 -6.52
CA ASN G 294 -18.38 38.28 -6.22
C ASN G 294 -17.53 37.12 -6.74
N GLU G 295 -17.89 36.57 -7.91
CA GLU G 295 -17.07 35.56 -8.57
C GLU G 295 -16.54 36.17 -9.87
N PRO G 296 -15.46 35.63 -10.46
CA PRO G 296 -14.87 36.28 -11.62
C PRO G 296 -15.82 36.43 -12.79
N GLY G 297 -16.73 35.47 -12.97
CA GLY G 297 -17.68 35.56 -14.08
C GLY G 297 -18.61 36.74 -14.02
N GLY G 298 -18.90 37.22 -12.81
CA GLY G 298 -19.75 38.40 -12.64
C GLY G 298 -18.99 39.72 -12.69
N LEU G 299 -17.66 39.69 -12.75
CA LEU G 299 -16.86 40.92 -12.73
C LEU G 299 -16.86 41.61 -14.09
N GLN G 300 -17.61 42.70 -14.21
CA GLN G 300 -17.64 43.46 -15.46
C GLN G 300 -16.25 43.98 -15.84
N PHE G 301 -15.97 44.05 -17.13
CA PHE G 301 -14.66 44.50 -17.60
C PHE G 301 -14.29 45.92 -17.07
N GLY G 302 -15.29 46.81 -16.99
CA GLY G 302 -15.07 48.15 -16.45
C GLY G 302 -14.69 48.11 -14.98
N TYR G 303 -15.22 47.14 -14.21
CA TYR G 303 -14.89 46.99 -12.80
C TYR G 303 -13.43 46.59 -12.65
N LEU G 304 -12.94 45.67 -13.51
CA LEU G 304 -11.53 45.29 -13.40
C LEU G 304 -10.63 46.48 -13.72
N ALA G 305 -11.01 47.31 -14.71
CA ALA G 305 -10.26 48.52 -15.02
C ALA G 305 -10.24 49.49 -13.81
N ASP G 306 -11.34 49.61 -13.06
CA ASP G 306 -11.39 50.49 -11.88
C ASP G 306 -10.66 49.90 -10.68
N ILE G 307 -10.57 48.57 -10.59
CA ILE G 307 -9.83 47.91 -9.52
C ILE G 307 -8.34 48.19 -9.74
N VAL G 308 -7.86 48.04 -10.96
CA VAL G 308 -6.46 48.32 -11.30
C VAL G 308 -6.23 49.84 -11.14
N GLN G 309 -5.03 50.22 -10.67
CA GLN G 309 -4.75 51.60 -10.30
C GLN G 309 -3.51 52.20 -10.94
N ALA G 310 -2.95 51.57 -12.00
CA ALA G 310 -1.76 52.11 -12.63
C ALA G 310 -2.01 53.51 -13.22
N ASP G 311 -3.20 53.76 -13.81
CA ASP G 311 -3.54 55.08 -14.38
C ASP G 311 -3.55 56.22 -13.34
N ARG G 312 -3.73 55.87 -12.06
CA ARG G 312 -3.73 56.82 -10.96
C ARG G 312 -2.31 57.31 -10.62
N VAL G 313 -1.25 56.52 -10.94
CA VAL G 313 0.13 56.86 -10.60
C VAL G 313 1.07 57.02 -11.79
N THR G 314 0.63 56.75 -13.04
CA THR G 314 1.49 56.99 -14.20
C THR G 314 0.74 57.77 -15.25
N ASP G 315 1.44 58.68 -15.93
CA ASP G 315 0.88 59.42 -17.05
C ASP G 315 1.07 58.66 -18.39
N ASP G 316 1.78 57.51 -18.38
CA ASP G 316 1.97 56.71 -19.58
C ASP G 316 0.67 55.94 -19.82
N LYS G 317 -0.10 56.41 -20.79
CA LYS G 317 -1.41 55.85 -21.12
C LYS G 317 -1.39 54.40 -21.59
N VAL G 318 -0.43 54.02 -22.43
CA VAL G 318 -0.31 52.63 -22.90
C VAL G 318 0.03 51.73 -21.70
N LYS G 319 1.03 52.11 -20.90
CA LYS G 319 1.43 51.32 -19.73
C LYS G 319 0.26 51.09 -18.77
N ALA G 320 -0.52 52.14 -18.50
CA ALA G 320 -1.67 52.02 -17.62
C ALA G 320 -2.72 51.04 -18.19
N SER G 321 -2.95 51.08 -19.51
CA SER G 321 -3.89 50.18 -20.17
C SER G 321 -3.39 48.73 -20.11
N LEU G 322 -2.07 48.50 -20.23
CA LEU G 322 -1.51 47.15 -20.22
C LEU G 322 -1.39 46.54 -18.83
N GLU G 323 -1.37 47.35 -17.77
CA GLU G 323 -1.44 46.82 -16.41
C GLU G 323 -2.87 46.23 -16.21
N VAL G 324 -3.91 46.86 -16.82
CA VAL G 324 -5.27 46.34 -16.79
C VAL G 324 -5.30 45.01 -17.54
N VAL G 325 -4.70 44.95 -18.74
CA VAL G 325 -4.65 43.72 -19.52
C VAL G 325 -3.98 42.59 -18.71
N ALA G 326 -2.87 42.88 -18.02
CA ALA G 326 -2.17 41.86 -17.24
C ALA G 326 -3.08 41.30 -16.13
N ALA G 327 -3.77 42.18 -15.37
CA ALA G 327 -4.66 41.73 -14.31
C ALA G 327 -5.79 40.87 -14.89
N GLY G 328 -6.36 41.30 -16.01
CA GLY G 328 -7.47 40.60 -16.64
C GLY G 328 -7.11 39.30 -17.30
N ALA G 329 -5.98 39.24 -18.01
CA ALA G 329 -5.55 38.01 -18.67
C ALA G 329 -5.31 36.93 -17.60
N MET G 330 -4.66 37.30 -16.49
CA MET G 330 -4.42 36.38 -15.40
C MET G 330 -5.75 35.96 -14.76
N LEU G 331 -6.54 36.92 -14.24
CA LEU G 331 -7.78 36.57 -13.55
C LEU G 331 -8.78 35.82 -14.44
N TYR G 332 -9.12 36.39 -15.59
CA TYR G 332 -10.13 35.80 -16.47
C TYR G 332 -9.68 34.50 -17.15
N ASP G 333 -8.45 34.43 -17.67
CA ASP G 333 -8.03 33.21 -18.37
C ASP G 333 -7.43 32.15 -17.45
N GLN G 334 -6.55 32.53 -16.52
CA GLN G 334 -5.87 31.54 -15.68
C GLN G 334 -6.74 31.01 -14.55
N ILE G 335 -7.36 31.91 -13.78
CA ILE G 335 -8.16 31.50 -12.62
C ILE G 335 -9.59 31.15 -13.04
N TRP G 336 -10.26 32.07 -13.75
CA TRP G 336 -11.65 31.88 -14.11
C TRP G 336 -11.82 30.81 -15.18
N LEU G 337 -11.40 31.07 -16.44
CA LEU G 337 -11.58 30.05 -17.49
C LEU G 337 -10.73 28.82 -17.26
N GLY G 338 -9.52 29.01 -16.75
CA GLY G 338 -8.56 27.93 -16.54
C GLY G 338 -8.74 27.09 -15.30
N SER G 339 -9.65 27.47 -14.38
CA SER G 339 -9.86 26.66 -13.17
C SER G 339 -11.35 26.60 -12.86
N TYR G 340 -11.99 27.73 -12.45
CA TYR G 340 -13.44 27.73 -12.17
C TYR G 340 -14.27 27.07 -13.29
N MET G 341 -13.93 27.35 -14.58
CA MET G 341 -14.68 26.81 -15.73
C MET G 341 -14.02 25.65 -16.44
N SER G 342 -12.85 25.18 -15.97
CA SER G 342 -12.21 24.03 -16.60
C SER G 342 -11.27 23.35 -15.57
N GLY G 343 -9.97 23.66 -15.55
CA GLY G 343 -9.04 23.06 -14.61
C GLY G 343 -7.99 22.18 -15.26
N GLY G 344 -7.07 21.73 -14.42
CA GLY G 344 -5.92 20.90 -14.80
C GLY G 344 -4.71 21.78 -14.97
N VAL G 345 -3.85 21.45 -15.96
CA VAL G 345 -2.70 22.30 -16.34
C VAL G 345 -3.19 23.74 -16.63
N GLY G 346 -4.34 23.86 -17.26
CA GLY G 346 -4.96 25.16 -17.45
C GLY G 346 -4.35 26.04 -18.52
N PHE G 347 -4.50 27.36 -18.35
CA PHE G 347 -4.25 28.35 -19.38
C PHE G 347 -3.23 29.43 -19.03
N THR G 348 -2.10 29.05 -18.42
CA THR G 348 -1.06 30.03 -18.07
C THR G 348 -0.57 30.84 -19.29
N GLN G 349 -0.07 30.17 -20.34
CA GLN G 349 0.55 30.84 -21.47
C GLN G 349 -0.46 31.50 -22.41
N TYR G 350 -1.75 31.07 -22.42
CA TYR G 350 -2.77 31.84 -23.14
C TYR G 350 -2.84 33.28 -22.55
N ALA G 351 -2.59 33.41 -21.23
CA ALA G 351 -2.58 34.70 -20.53
C ALA G 351 -1.19 35.37 -20.56
N THR G 352 -0.09 34.62 -20.30
CA THR G 352 1.26 35.23 -20.27
C THR G 352 1.59 35.94 -21.56
N ALA G 353 1.02 35.52 -22.69
CA ALA G 353 1.25 36.21 -23.97
C ALA G 353 0.96 37.71 -23.89
N ALA G 354 -0.03 38.09 -23.04
CA ALA G 354 -0.44 39.48 -22.88
C ALA G 354 0.34 40.26 -21.80
N TYR G 355 1.28 39.62 -21.07
CA TYR G 355 2.03 40.35 -20.03
C TYR G 355 3.50 39.92 -19.95
N THR G 356 4.06 39.28 -21.01
CA THR G 356 5.48 38.91 -21.01
C THR G 356 6.23 39.40 -22.25
N ASN G 357 7.55 39.63 -22.07
CA ASN G 357 8.53 39.97 -23.09
C ASN G 357 8.31 41.31 -23.79
N ASN G 358 7.46 42.19 -23.24
CA ASN G 358 7.20 43.53 -23.80
C ASN G 358 6.66 43.47 -25.23
N ILE G 359 6.00 42.35 -25.60
CA ILE G 359 5.47 42.16 -26.95
C ILE G 359 4.22 42.99 -27.15
N LEU G 360 3.19 42.80 -26.29
CA LEU G 360 1.97 43.62 -26.37
C LEU G 360 2.31 45.12 -26.21
N ASP G 361 3.36 45.42 -25.43
CA ASP G 361 3.82 46.78 -25.24
C ASP G 361 4.33 47.34 -26.56
N ASP G 362 5.19 46.59 -27.27
CA ASP G 362 5.70 47.06 -28.56
C ASP G 362 4.55 47.39 -29.54
N PHE G 363 3.58 46.49 -29.68
CA PHE G 363 2.47 46.65 -30.60
C PHE G 363 1.56 47.82 -30.20
N SER G 364 1.23 47.92 -28.90
CA SER G 364 0.36 48.99 -28.41
C SER G 364 1.02 50.36 -28.52
N TYR G 365 2.32 50.48 -28.17
CA TYR G 365 3.02 51.76 -28.30
C TYR G 365 3.11 52.15 -29.78
N TYR G 366 3.37 51.17 -30.67
CA TYR G 366 3.41 51.46 -32.10
C TYR G 366 2.08 52.06 -32.61
N GLY G 367 0.98 51.38 -32.32
CA GLY G 367 -0.35 51.80 -32.75
C GLY G 367 -0.76 53.14 -32.18
N TYR G 368 -0.51 53.33 -30.88
CA TYR G 368 -0.86 54.56 -30.20
C TYR G 368 -0.02 55.73 -30.73
N GLU G 369 1.29 55.52 -30.91
CA GLU G 369 2.19 56.56 -31.45
C GLU G 369 1.77 56.94 -32.86
N TYR G 370 1.35 55.95 -33.68
CA TYR G 370 0.85 56.19 -35.02
C TYR G 370 -0.39 57.10 -34.95
N ALA G 371 -1.33 56.79 -34.03
CA ALA G 371 -2.57 57.54 -33.88
C ALA G 371 -2.37 58.98 -33.36
N VAL G 372 -1.45 59.22 -32.40
CA VAL G 372 -1.23 60.59 -31.90
C VAL G 372 -0.58 61.45 -32.98
N ASP G 373 0.33 60.88 -33.78
CA ASP G 373 0.98 61.64 -34.84
C ASP G 373 -0.05 62.03 -35.90
N LYS G 374 -0.98 61.13 -36.24
CA LYS G 374 -2.00 61.40 -37.25
C LYS G 374 -3.16 62.30 -36.78
N TYR G 375 -3.74 62.01 -35.60
CA TYR G 375 -4.90 62.73 -35.10
C TYR G 375 -4.63 63.83 -34.06
N GLY G 376 -3.41 63.91 -33.52
CA GLY G 376 -3.03 64.97 -32.59
C GLY G 376 -2.68 64.55 -31.18
N GLY G 377 -3.41 63.58 -30.65
CA GLY G 377 -3.19 63.14 -29.27
C GLY G 377 -4.32 62.27 -28.74
N PRO G 378 -4.29 61.98 -27.43
CA PRO G 378 -5.33 61.12 -26.85
C PRO G 378 -6.73 61.75 -26.87
N ALA G 379 -7.74 60.92 -27.21
CA ALA G 379 -9.17 61.30 -27.31
C ALA G 379 -9.43 62.44 -28.33
N GLN G 380 -8.55 62.60 -29.34
CA GLN G 380 -8.70 63.61 -30.39
C GLN G 380 -9.15 63.01 -31.72
N ALA G 381 -9.06 61.67 -31.92
CA ALA G 381 -9.47 61.06 -33.17
C ALA G 381 -11.00 60.89 -33.23
N PRO G 382 -11.69 61.16 -34.36
CA PRO G 382 -13.15 60.96 -34.40
C PRO G 382 -13.58 59.52 -34.10
N ALA G 383 -14.66 59.34 -33.33
CA ALA G 383 -15.17 58.00 -33.00
C ALA G 383 -16.07 57.55 -34.14
N THR G 384 -15.45 57.09 -35.25
CA THR G 384 -16.13 56.65 -36.46
C THR G 384 -15.51 55.34 -36.97
N LEU G 385 -16.23 54.60 -37.83
CA LEU G 385 -15.69 53.37 -38.41
C LEU G 385 -14.47 53.66 -39.30
N GLU G 386 -14.38 54.87 -39.89
CA GLU G 386 -13.19 55.23 -40.67
C GLU G 386 -11.96 55.27 -39.78
N THR G 387 -12.07 55.87 -38.59
CA THR G 387 -10.94 55.94 -37.67
C THR G 387 -10.56 54.56 -37.20
N VAL G 388 -11.54 53.72 -36.87
CA VAL G 388 -11.30 52.36 -36.39
C VAL G 388 -10.57 51.56 -37.48
N LYS G 389 -11.07 51.61 -38.72
CA LYS G 389 -10.45 50.91 -39.85
C LYS G 389 -8.99 51.33 -40.03
N ASP G 390 -8.72 52.62 -39.93
CA ASP G 390 -7.36 53.14 -40.08
C ASP G 390 -6.40 52.60 -38.97
N ILE G 391 -6.66 52.95 -37.70
CA ILE G 391 -5.77 52.59 -36.60
C ILE G 391 -5.66 51.08 -36.42
N ALA G 392 -6.80 50.35 -36.44
CA ALA G 392 -6.75 48.90 -36.22
C ALA G 392 -6.02 48.16 -37.35
N THR G 393 -6.21 48.57 -38.62
CA THR G 393 -5.50 47.91 -39.74
C THR G 393 -3.99 48.19 -39.64
N GLU G 394 -3.61 49.46 -39.40
CA GLU G 394 -2.19 49.84 -39.29
C GLU G 394 -1.50 49.07 -38.16
N THR G 395 -2.11 49.03 -36.96
CA THR G 395 -1.55 48.35 -35.81
C THR G 395 -1.50 46.84 -36.02
N ALA G 396 -2.59 46.22 -36.50
CA ALA G 396 -2.64 44.79 -36.72
C ALA G 396 -1.61 44.32 -37.76
N ILE G 397 -1.51 44.99 -38.93
CA ILE G 397 -0.55 44.54 -39.95
C ILE G 397 0.89 44.70 -39.44
N TYR G 398 1.19 45.78 -38.67
CA TYR G 398 2.52 45.93 -38.08
C TYR G 398 2.82 44.74 -37.16
N ALA G 399 1.87 44.38 -36.28
CA ALA G 399 2.04 43.28 -35.34
C ALA G 399 2.20 41.94 -36.04
N ILE G 400 1.36 41.67 -37.07
CA ILE G 400 1.43 40.45 -37.89
C ILE G 400 2.85 40.28 -38.45
N GLU G 401 3.40 41.36 -39.02
CA GLU G 401 4.73 41.30 -39.61
C GLU G 401 5.85 41.05 -38.59
N GLN G 402 5.69 41.45 -37.33
CA GLN G 402 6.75 41.23 -36.33
C GLN G 402 7.03 39.75 -36.08
N TYR G 403 5.98 38.89 -36.11
CA TYR G 403 6.18 37.44 -35.98
C TYR G 403 6.98 36.85 -37.15
N GLU G 404 6.97 37.52 -38.32
CA GLU G 404 7.65 37.08 -39.52
C GLU G 404 9.08 37.62 -39.56
N TYR G 405 9.30 38.87 -39.10
CA TYR G 405 10.66 39.42 -38.99
C TYR G 405 11.46 38.70 -37.89
N PHE G 406 10.78 38.23 -36.82
CA PHE G 406 11.44 37.58 -35.71
C PHE G 406 10.92 36.17 -35.47
N PRO G 407 11.58 35.14 -36.02
CA PRO G 407 11.16 33.75 -35.73
C PRO G 407 11.12 33.41 -34.24
N THR G 408 11.98 34.02 -33.40
CA THR G 408 11.94 33.81 -31.95
C THR G 408 10.64 34.36 -31.36
N LEU G 409 10.12 35.47 -31.91
CA LEU G 409 8.85 36.02 -31.43
C LEU G 409 7.72 35.02 -31.71
N LEU G 410 7.73 34.44 -32.92
CA LEU G 410 6.72 33.46 -33.32
C LEU G 410 6.81 32.19 -32.46
N GLU G 411 8.03 31.73 -32.14
CA GLU G 411 8.22 30.55 -31.30
C GLU G 411 7.80 30.83 -29.85
N ASP G 412 8.01 32.06 -29.36
CA ASP G 412 7.60 32.43 -28.00
C ASP G 412 6.06 32.36 -27.90
N GLN G 413 5.34 33.06 -28.81
CA GLN G 413 3.88 33.08 -28.84
C GLN G 413 3.47 32.04 -29.85
N PHE G 414 3.80 30.77 -29.51
CA PHE G 414 3.63 29.62 -30.39
C PHE G 414 2.19 29.27 -30.75
N GLY G 415 1.24 29.57 -29.88
CA GLY G 415 -0.15 29.30 -30.16
C GLY G 415 -0.80 30.45 -30.90
N GLY G 416 -1.58 30.15 -31.92
CA GLY G 416 -2.28 31.19 -32.68
C GLY G 416 -3.17 32.06 -31.83
N SER G 417 -3.82 31.47 -30.78
CA SER G 417 -4.66 32.26 -29.88
C SER G 417 -3.86 33.31 -29.13
N GLN G 418 -2.58 33.03 -28.83
CA GLN G 418 -1.71 33.98 -28.15
C GLN G 418 -1.46 35.15 -29.09
N ARG G 419 -1.13 34.86 -30.37
CA ARG G 419 -0.91 35.90 -31.39
C ARG G 419 -2.18 36.72 -31.59
N ALA G 420 -3.34 36.05 -31.68
CA ALA G 420 -4.61 36.74 -31.88
C ALA G 420 -4.93 37.69 -30.72
N ALA G 421 -4.80 37.23 -29.46
CA ALA G 421 -5.09 38.08 -28.31
C ALA G 421 -4.23 39.35 -28.27
N VAL G 422 -2.95 39.22 -28.53
CA VAL G 422 -2.00 40.33 -28.48
CA VAL G 422 -1.99 40.34 -28.49
C VAL G 422 -2.13 41.28 -29.70
N VAL G 423 -2.25 40.74 -30.93
CA VAL G 423 -2.42 41.55 -32.14
C VAL G 423 -3.71 42.40 -32.00
N ALA G 424 -4.82 41.75 -31.64
CA ALA G 424 -6.09 42.43 -31.51
C ALA G 424 -6.15 43.36 -30.29
N ALA G 425 -5.49 43.01 -29.16
CA ALA G 425 -5.48 43.92 -28.00
C ALA G 425 -4.78 45.21 -28.36
N ALA G 426 -3.65 45.13 -29.08
CA ALA G 426 -2.91 46.31 -29.48
C ALA G 426 -3.75 47.20 -30.41
N ALA G 427 -4.46 46.59 -31.38
CA ALA G 427 -5.32 47.34 -32.30
C ALA G 427 -6.48 48.00 -31.53
N GLY G 428 -7.09 47.26 -30.60
CA GLY G 428 -8.20 47.76 -29.79
C GLY G 428 -7.85 48.90 -28.86
N ILE G 429 -6.73 48.77 -28.14
CA ILE G 429 -6.27 49.79 -27.18
C ILE G 429 -5.79 51.04 -27.92
N ALA G 430 -5.05 50.91 -29.03
CA ALA G 430 -4.57 52.06 -29.80
C ALA G 430 -5.75 52.89 -30.34
N THR G 431 -6.80 52.19 -30.79
CA THR G 431 -8.02 52.82 -31.29
C THR G 431 -8.77 53.47 -30.12
N GLY G 432 -8.88 52.74 -29.00
CA GLY G 432 -9.54 53.21 -27.79
C GLY G 432 -8.93 54.46 -27.20
N LEU G 433 -7.61 54.48 -27.03
CA LEU G 433 -6.90 55.65 -26.50
C LEU G 433 -7.00 56.83 -27.45
N ALA G 434 -6.95 56.58 -28.76
CA ALA G 434 -6.98 57.66 -29.75
C ALA G 434 -8.35 58.32 -29.85
N THR G 435 -9.44 57.51 -29.85
CA THR G 435 -10.80 58.05 -29.95
C THR G 435 -11.41 58.46 -28.61
N GLY G 436 -10.88 57.95 -27.50
CA GLY G 436 -11.51 58.16 -26.21
C GLY G 436 -12.81 57.37 -26.11
N ASN G 437 -13.02 56.36 -26.98
CA ASN G 437 -14.24 55.57 -27.01
C ASN G 437 -13.87 54.08 -27.02
N SER G 438 -14.21 53.37 -25.95
CA SER G 438 -13.89 51.95 -25.82
C SER G 438 -14.71 51.05 -26.76
N GLN G 439 -15.90 51.50 -27.21
CA GLN G 439 -16.70 50.73 -28.16
C GLN G 439 -15.99 50.74 -29.52
N ALA G 440 -15.38 51.89 -29.91
CA ALA G 440 -14.55 52.03 -31.12
C ALA G 440 -13.37 51.02 -30.99
N GLY G 441 -12.77 50.95 -29.80
CA GLY G 441 -11.71 50.00 -29.49
C GLY G 441 -12.14 48.57 -29.72
N LEU G 442 -13.32 48.20 -29.23
CA LEU G 442 -13.84 46.85 -29.41
C LEU G 442 -14.02 46.53 -30.90
N SER G 443 -14.56 47.47 -31.68
CA SER G 443 -14.73 47.29 -33.12
C SER G 443 -13.36 47.02 -33.80
N GLY G 444 -12.32 47.72 -33.37
CA GLY G 444 -10.97 47.56 -33.88
C GLY G 444 -10.42 46.18 -33.60
N TRP G 445 -10.71 45.65 -32.39
CA TRP G 445 -10.30 44.30 -31.99
C TRP G 445 -10.83 43.27 -33.02
N TYR G 446 -12.13 43.33 -33.38
CA TYR G 446 -12.68 42.35 -34.31
C TYR G 446 -12.10 42.47 -35.71
N LEU G 447 -11.86 43.70 -36.19
CA LEU G 447 -11.23 43.88 -37.50
C LEU G 447 -9.81 43.25 -37.49
N ALA G 448 -9.05 43.45 -36.40
CA ALA G 448 -7.69 42.89 -36.28
C ALA G 448 -7.71 41.37 -36.32
N GLN G 449 -8.72 40.76 -35.68
CA GLN G 449 -8.90 39.31 -35.66
C GLN G 449 -9.09 38.78 -37.09
N TYR G 450 -9.94 39.46 -37.88
CA TYR G 450 -10.21 39.04 -39.24
C TYR G 450 -8.97 39.20 -40.14
N LEU G 451 -8.18 40.26 -39.93
CA LEU G 451 -6.97 40.48 -40.71
C LEU G 451 -5.96 39.37 -40.41
N LEU G 452 -5.76 39.04 -39.13
CA LEU G 452 -4.82 37.98 -38.76
C LEU G 452 -5.18 36.63 -39.39
N LYS G 453 -6.48 36.27 -39.41
CA LYS G 453 -6.92 35.00 -40.01
C LYS G 453 -6.48 34.90 -41.47
N GLU G 454 -6.76 35.93 -42.28
CA GLU G 454 -6.40 35.89 -43.70
C GLU G 454 -4.89 36.02 -43.89
N ALA G 455 -4.17 36.67 -42.98
CA ALA G 455 -2.72 36.84 -43.12
C ALA G 455 -1.96 35.53 -42.91
N GLU G 456 -2.23 34.81 -41.79
CA GLU G 456 -1.52 33.57 -41.49
C GLU G 456 -2.24 32.30 -42.00
N GLY G 457 -3.47 32.42 -42.51
CA GLY G 457 -4.25 31.24 -42.94
C GLY G 457 -4.64 30.36 -41.75
N ARG G 458 -4.75 30.97 -40.58
CA ARG G 458 -5.06 30.35 -39.30
C ARG G 458 -5.32 31.45 -38.30
N LEU G 459 -6.07 31.17 -37.23
CA LEU G 459 -6.35 32.20 -36.22
C LEU G 459 -5.98 31.63 -34.85
N GLY G 460 -6.93 31.15 -34.06
CA GLY G 460 -6.62 30.57 -32.75
C GLY G 460 -6.94 29.11 -32.68
N PHE G 461 -7.22 28.63 -31.46
CA PHE G 461 -7.62 27.24 -31.25
C PHE G 461 -9.00 26.99 -31.92
N PHE G 462 -9.45 25.73 -31.91
CA PHE G 462 -10.70 25.27 -32.54
C PHE G 462 -11.89 26.22 -32.37
CA GL3 G 463 -13.27 27.53 -30.87
N GL3 G 463 -12.12 26.69 -31.15
C GL3 G 463 -12.97 28.96 -30.48
S GL3 G 463 -14.14 29.80 -29.72
N TYR G 464 -11.77 29.45 -30.84
CA TYR G 464 -11.32 30.77 -30.43
C TYR G 464 -12.20 31.89 -30.94
N ASP G 465 -12.57 31.85 -32.24
CA ASP G 465 -13.24 32.98 -32.86
C ASP G 465 -14.76 32.90 -32.89
N LEU G 466 -15.42 32.20 -31.93
CA LEU G 466 -16.90 32.24 -31.87
C LEU G 466 -17.34 33.71 -31.66
N GLN G 467 -16.75 34.35 -30.64
CA GLN G 467 -17.12 35.72 -30.32
C GLN G 467 -16.59 36.72 -31.33
N ASP G 468 -15.51 36.40 -32.04
CA ASP G 468 -14.95 37.33 -33.01
C ASP G 468 -15.78 37.33 -34.29
N GLN G 469 -16.26 36.15 -34.74
CA GLN G 469 -17.12 36.10 -35.92
C GLN G 469 -18.49 36.72 -35.59
N CYS G 470 -19.00 36.52 -34.36
CA CYS G 470 -20.21 37.21 -33.88
C CYS G 470 -19.94 38.73 -33.65
N GLY G 471 -18.69 39.04 -33.35
CA GLY G 471 -18.18 40.31 -32.84
C GLY G 471 -18.55 41.58 -33.53
N ALA G 472 -18.12 41.73 -34.79
CA ALA G 472 -18.36 42.98 -35.53
C ALA G 472 -19.85 43.42 -35.50
N ALA G 473 -20.75 42.46 -35.74
CA ALA G 473 -22.19 42.71 -35.74
C ALA G 473 -22.73 43.07 -34.35
N ASN G 474 -22.18 42.47 -33.28
CA ASN G 474 -22.67 42.72 -31.93
C ASN G 474 -22.02 43.91 -31.21
N VAL G 475 -21.03 44.60 -31.81
CA VAL G 475 -20.45 45.78 -31.14
C VAL G 475 -21.51 46.87 -30.95
N PHE G 476 -22.22 47.23 -32.02
CA PHE G 476 -23.18 48.32 -31.99
C PHE G 476 -24.64 47.88 -32.07
N SER G 477 -24.90 46.56 -31.96
CA SER G 477 -26.28 46.08 -31.94
C SER G 477 -27.01 46.62 -30.71
N TYR G 478 -28.31 46.85 -30.83
CA TYR G 478 -29.14 47.24 -29.68
C TYR G 478 -30.17 46.12 -29.36
N GLN G 479 -30.00 44.90 -29.94
CA GLN G 479 -30.90 43.79 -29.67
C GLN G 479 -30.67 43.25 -28.26
N SER G 480 -31.76 42.77 -27.65
CA SER G 480 -31.85 42.27 -26.29
C SER G 480 -30.54 41.71 -25.67
N ASP G 481 -30.03 40.57 -26.16
CA ASP G 481 -28.85 39.93 -25.58
C ASP G 481 -27.58 40.13 -26.43
N GLU G 482 -27.56 41.20 -27.24
CA GLU G 482 -26.42 41.54 -28.09
C GLU G 482 -25.85 42.89 -27.68
N GLY G 483 -26.70 43.89 -27.54
CA GLY G 483 -26.26 45.24 -27.26
C GLY G 483 -25.82 45.50 -25.83
N LEU G 484 -24.70 46.21 -25.68
CA LEU G 484 -24.22 46.61 -24.37
C LEU G 484 -22.87 47.36 -24.51
N PRO G 485 -22.67 48.52 -23.85
CA PRO G 485 -21.32 49.14 -23.87
C PRO G 485 -20.29 48.19 -23.28
N LEU G 486 -19.06 48.19 -23.82
CA LEU G 486 -18.01 47.27 -23.39
C LEU G 486 -17.73 47.33 -21.89
N GLU G 487 -17.80 48.52 -21.31
CA GLU G 487 -17.56 48.72 -19.87
C GLU G 487 -18.45 47.81 -19.01
N LEU G 488 -19.69 47.57 -19.46
CA LEU G 488 -20.66 46.73 -18.76
C LEU G 488 -20.64 45.26 -19.20
N ARG G 489 -19.93 44.93 -20.30
CA ARG G 489 -19.77 43.53 -20.68
C ARG G 489 -18.84 42.86 -19.68
N GLY G 490 -18.87 41.55 -19.68
CA GLY G 490 -18.05 40.76 -18.79
C GLY G 490 -18.04 39.31 -19.24
N PRO G 491 -17.51 38.42 -18.38
CA PRO G 491 -17.45 37.00 -18.76
C PRO G 491 -18.81 36.32 -18.89
N ASN G 492 -19.93 36.98 -18.53
CA ASN G 492 -21.26 36.39 -18.70
C ASN G 492 -21.96 36.96 -19.96
N TYR G 493 -21.33 37.93 -20.68
CA TYR G 493 -21.85 38.41 -21.96
C TYR G 493 -21.84 37.16 -22.90
N PRO G 494 -22.99 36.76 -23.47
CA PRO G 494 -23.10 35.42 -24.08
C PRO G 494 -21.95 34.97 -24.99
N ASN G 495 -21.57 35.80 -25.95
CA ASN G 495 -20.48 35.45 -26.85
C ASN G 495 -19.15 35.24 -26.13
N TYR G 496 -18.95 35.88 -24.98
CA TYR G 496 -17.69 35.85 -24.27
C TYR G 496 -17.61 34.79 -23.17
N ALA G 497 -18.70 34.06 -22.90
CA ALA G 497 -18.76 33.19 -21.74
C ALA G 497 -17.86 31.95 -21.69
N MET G 498 -17.17 31.60 -22.79
CA MET G 498 -16.43 30.35 -22.82
C MET G 498 -14.95 30.39 -23.10
N ASN G 499 -14.47 31.36 -23.90
CA ASN G 499 -13.15 31.22 -24.50
C ASN G 499 -12.01 32.13 -24.02
N VAL G 500 -10.80 31.54 -23.98
CA VAL G 500 -9.56 32.21 -23.59
C VAL G 500 -9.15 33.27 -24.63
N GLY G 501 -8.16 34.11 -24.26
CA GLY G 501 -7.56 35.09 -25.14
C GLY G 501 -8.46 36.23 -25.58
N HIS G 502 -9.44 36.60 -24.75
CA HIS G 502 -10.32 37.74 -25.07
C HIS G 502 -10.65 38.61 -23.85
N GLN G 503 -11.17 38.01 -22.75
CA GLN G 503 -11.69 38.76 -21.60
C GLN G 503 -10.71 39.78 -20.97
N GLY G 504 -9.49 39.35 -20.69
CA GLY G 504 -8.49 40.26 -20.12
C GLY G 504 -8.11 41.39 -21.05
N GLU G 505 -8.03 41.08 -22.33
CA GLU G 505 -7.74 42.07 -23.34
C GLU G 505 -8.91 43.08 -23.45
N TYR G 506 -10.16 42.59 -23.34
CA TYR G 506 -11.33 43.45 -23.33
C TYR G 506 -11.31 44.41 -22.12
N ALA G 507 -10.80 43.97 -20.95
CA ALA G 507 -10.69 44.86 -19.79
C ALA G 507 -9.72 46.02 -20.11
N GLY G 508 -8.63 45.72 -20.82
CA GLY G 508 -7.73 46.77 -21.28
C GLY G 508 -8.40 47.71 -22.27
N ILE G 509 -9.18 47.16 -23.23
CA ILE G 509 -9.90 48.00 -24.19
C ILE G 509 -10.94 48.86 -23.49
N ALA G 510 -11.65 48.30 -22.47
CA ALA G 510 -12.64 49.06 -21.70
C ALA G 510 -11.96 50.27 -21.04
N SER G 511 -10.75 50.08 -20.48
CA SER G 511 -10.01 51.16 -19.85
C SER G 511 -9.47 52.18 -20.85
N SER G 512 -9.06 51.74 -22.06
CA SER G 512 -8.43 52.58 -23.08
C SER G 512 -9.17 53.92 -23.41
N GLY G 513 -10.47 53.88 -23.66
CA GLY G 513 -11.22 55.11 -23.96
C GLY G 513 -11.16 56.13 -22.84
N HIS G 514 -11.25 55.63 -21.62
CA HIS G 514 -11.24 56.45 -20.41
C HIS G 514 -9.84 56.96 -20.08
N ILE G 515 -8.81 56.12 -20.25
CA ILE G 515 -7.43 56.55 -20.06
C ILE G 515 -7.08 57.62 -21.12
N GLY G 516 -7.53 57.42 -22.34
CA GLY G 516 -7.35 58.39 -23.42
C GLY G 516 -7.93 59.75 -23.09
N ARG G 517 -9.12 59.77 -22.47
CA ARG G 517 -9.81 61.00 -22.04
C ARG G 517 -9.27 61.59 -20.73
N GLY G 518 -8.44 60.84 -19.99
CA GLY G 518 -7.95 61.28 -18.70
C GLY G 518 -9.01 61.13 -17.61
N ASP G 519 -10.02 60.25 -17.82
CA ASP G 519 -11.06 60.04 -16.82
C ASP G 519 -10.50 59.39 -15.56
N ALA G 520 -11.06 59.77 -14.42
CA ALA G 520 -10.67 59.21 -13.12
C ALA G 520 -11.08 57.74 -12.98
N PHE G 521 -12.19 57.35 -13.62
CA PHE G 521 -12.71 55.99 -13.56
C PHE G 521 -13.40 55.63 -14.89
N VAL G 522 -13.76 54.35 -15.04
CA VAL G 522 -14.35 53.77 -16.24
C VAL G 522 -15.85 53.55 -16.08
N VAL G 523 -16.27 52.95 -14.97
CA VAL G 523 -17.68 52.60 -14.79
C VAL G 523 -18.20 52.73 -13.36
N ASN G 524 -17.34 52.72 -12.33
CA ASN G 524 -17.83 52.83 -10.97
C ASN G 524 -16.83 53.61 -10.14
N PRO G 525 -17.13 54.89 -9.82
CA PRO G 525 -16.16 55.69 -9.04
C PRO G 525 -15.92 55.16 -7.63
N LEU G 526 -16.91 54.46 -7.08
CA LEU G 526 -16.79 53.88 -5.75
C LEU G 526 -15.72 52.78 -5.78
N VAL G 527 -15.71 51.96 -6.84
CA VAL G 527 -14.71 50.91 -6.98
C VAL G 527 -13.32 51.54 -7.12
N LYS G 528 -13.20 52.58 -7.96
CA LYS G 528 -11.92 53.23 -8.16
C LYS G 528 -11.32 53.77 -6.86
N VAL G 529 -12.14 54.40 -6.00
CA VAL G 529 -11.63 54.93 -4.74
C VAL G 529 -11.32 53.78 -3.77
N ALA G 530 -12.19 52.77 -3.67
CA ALA G 530 -11.98 51.65 -2.75
C ALA G 530 -10.64 50.95 -2.95
N PHE G 531 -10.18 50.80 -4.19
CA PHE G 531 -8.92 50.12 -4.48
C PHE G 531 -7.71 51.07 -4.55
N ALA G 532 -7.90 52.40 -4.32
CA ALA G 532 -6.80 53.38 -4.29
C ALA G 532 -6.28 53.38 -2.85
N ASP G 533 -5.88 52.20 -2.37
CA ASP G 533 -5.52 51.98 -0.98
C ASP G 533 -4.22 51.16 -0.86
N PRO G 534 -3.12 51.75 -0.33
CA PRO G 534 -1.88 50.98 -0.22
C PRO G 534 -1.89 49.89 0.84
N LEU G 535 -2.87 49.88 1.76
CA LEU G 535 -2.95 48.85 2.77
C LEU G 535 -3.42 47.50 2.19
N LEU G 536 -4.07 47.49 1.00
CA LEU G 536 -4.48 46.22 0.38
C LEU G 536 -3.26 45.35 0.12
N ASN G 537 -3.39 44.04 0.31
CA ASN G 537 -2.26 43.13 0.19
C ASN G 537 -1.60 43.17 -1.18
N PHE G 538 -2.41 43.20 -2.23
CA PHE G 538 -1.90 43.27 -3.59
C PHE G 538 -1.77 44.73 -4.01
N ASP G 539 -0.65 45.11 -4.61
CA ASP G 539 -0.44 46.49 -5.06
C ASP G 539 -1.07 46.66 -6.43
N PHE G 540 -2.31 47.14 -6.47
CA PHE G 540 -3.03 47.32 -7.73
C PHE G 540 -2.45 48.42 -8.64
N THR G 541 -1.49 49.24 -8.18
CA THR G 541 -0.87 50.22 -9.07
C THR G 541 0.24 49.56 -9.93
N GLN G 542 0.74 48.34 -9.56
CA GLN G 542 1.83 47.68 -10.26
C GLN G 542 1.55 46.19 -10.39
N VAL G 543 0.53 45.85 -11.20
CA VAL G 543 0.09 44.48 -11.40
C VAL G 543 1.24 43.56 -11.87
N ARG G 544 1.95 43.93 -12.94
CA ARG G 544 3.01 43.09 -13.49
C ARG G 544 4.18 42.92 -12.53
N LYS G 545 4.54 43.99 -11.80
CA LYS G 545 5.62 43.89 -10.79
C LYS G 545 5.22 42.89 -9.70
N GLU G 546 3.94 42.90 -9.27
CA GLU G 546 3.46 41.96 -8.27
C GLU G 546 3.50 40.52 -8.78
N PHE G 547 3.08 40.28 -10.04
CA PHE G 547 3.14 38.92 -10.62
C PHE G 547 4.59 38.42 -10.67
N ALA G 548 5.53 39.32 -11.01
CA ALA G 548 6.95 38.99 -11.04
C ALA G 548 7.44 38.61 -9.64
N LYS G 549 6.98 39.34 -8.60
CA LYS G 549 7.34 39.04 -7.21
C LYS G 549 6.85 37.65 -6.82
N GLY G 550 5.62 37.33 -7.19
CA GLY G 550 5.05 36.03 -6.91
C GLY G 550 5.78 34.91 -7.63
N ALA G 551 6.22 35.18 -8.88
CA ALA G 551 6.93 34.18 -9.69
C ALA G 551 8.24 33.73 -9.03
N VAL G 552 9.01 34.67 -8.46
CA VAL G 552 10.27 34.33 -7.81
C VAL G 552 10.10 34.03 -6.30
N ARG G 553 8.85 33.77 -5.84
CA ARG G 553 8.56 33.39 -4.47
C ARG G 553 9.04 34.44 -3.45
N GLU G 554 8.90 35.73 -3.82
CA GLU G 554 9.28 36.87 -2.98
C GLU G 554 8.06 37.74 -2.59
N PHE G 555 6.82 37.40 -3.03
CA PHE G 555 5.63 38.15 -2.66
C PHE G 555 5.40 37.89 -1.16
N ASP G 556 5.54 38.94 -0.34
CA ASP G 556 5.49 38.83 1.13
C ASP G 556 4.21 39.34 1.78
N ARG G 557 3.13 39.54 1.01
CA ARG G 557 1.87 40.01 1.57
C ARG G 557 0.75 39.00 1.31
N CYS G 558 1.07 37.70 1.28
CA CYS G 558 0.06 36.67 1.07
C CYS G 558 -0.69 36.49 2.36
N ALA G 559 -2.00 36.58 2.30
CA ALA G 559 -2.89 36.46 3.44
C ALA G 559 -3.56 35.07 3.44
N GLY G 560 -4.18 34.71 4.57
CA GLY G 560 -4.96 33.50 4.65
C GLY G 560 -4.24 32.22 5.03
N GLU G 561 -2.91 32.25 5.24
CA GLU G 561 -2.19 31.03 5.63
C GLU G 561 -2.59 30.59 7.04
N ARG G 562 -2.43 29.30 7.32
CA ARG G 562 -2.81 28.74 8.60
C ARG G 562 -1.63 28.24 9.42
N ALA G 563 -0.41 28.73 9.13
CA ALA G 563 0.79 28.33 9.88
C ALA G 563 0.60 28.50 11.40
N LEU G 564 -0.08 29.58 11.84
CA LEU G 564 -0.29 29.81 13.27
C LEU G 564 -1.11 28.74 13.98
N ILE G 565 -1.96 28.00 13.26
CA ILE G 565 -2.78 26.94 13.85
C ILE G 565 -2.36 25.53 13.39
N LEU G 566 -1.14 25.39 12.84
CA LEU G 566 -0.62 24.09 12.42
C LEU G 566 0.62 23.74 13.24
N PRO G 567 0.97 22.44 13.37
CA PRO G 567 2.18 22.10 14.13
C PRO G 567 3.42 22.75 13.54
N ALA G 568 4.37 23.14 14.39
CA ALA G 568 5.60 23.81 13.98
C ALA G 568 6.49 22.93 13.09
N SER H 2 -44.68 44.48 -48.61
CA SER H 2 -45.03 43.14 -48.12
C SER H 2 -44.15 42.05 -48.77
N ASP H 3 -44.01 40.89 -48.08
CA ASP H 3 -43.23 39.74 -48.57
C ASP H 3 -44.11 38.50 -48.68
N LYS H 4 -44.05 37.83 -49.83
CA LYS H 4 -44.85 36.63 -50.11
C LYS H 4 -43.94 35.44 -50.41
N VAL H 5 -44.41 34.24 -50.07
CA VAL H 5 -43.69 32.98 -50.29
C VAL H 5 -44.68 31.86 -50.64
N ASP H 6 -44.19 30.81 -51.28
CA ASP H 6 -44.97 29.59 -51.53
C ASP H 6 -44.37 28.57 -50.57
N ILE H 7 -45.20 27.86 -49.78
CA ILE H 7 -44.70 26.87 -48.85
C ILE H 7 -44.73 25.50 -49.49
N TYR H 8 -43.59 24.78 -49.44
CA TYR H 8 -43.45 23.45 -49.99
C TYR H 8 -43.24 22.44 -48.86
N SER H 9 -43.68 21.21 -49.11
CA SER H 9 -43.63 20.12 -48.15
C SER H 9 -42.23 19.54 -47.94
N ASP H 10 -42.09 18.62 -46.97
CA ASP H 10 -40.86 17.88 -46.72
C ASP H 10 -40.41 17.11 -47.99
N ARG H 11 -41.34 16.78 -48.93
CA ARG H 11 -41.04 16.08 -50.18
C ARG H 11 -41.03 17.01 -51.41
N GLY H 12 -40.94 18.32 -51.20
CA GLY H 12 -40.88 19.29 -52.29
C GLY H 12 -42.16 19.50 -53.09
N LYS H 13 -43.33 19.27 -52.46
CA LYS H 13 -44.62 19.47 -53.14
C LYS H 13 -45.29 20.74 -52.63
N LEU H 14 -45.94 21.49 -53.52
CA LEU H 14 -46.59 22.75 -53.13
C LEU H 14 -47.72 22.51 -52.14
N LEU H 15 -47.74 23.26 -51.02
CA LEU H 15 -48.78 23.16 -49.99
C LEU H 15 -49.62 24.43 -49.91
N ALA H 16 -49.00 25.61 -50.10
CA ALA H 16 -49.72 26.88 -50.03
C ALA H 16 -49.03 27.91 -50.90
N SER H 17 -49.80 28.73 -51.62
CA SER H 17 -49.25 29.75 -52.52
C SER H 17 -49.53 31.17 -52.04
N ASP H 18 -48.65 32.12 -52.41
CA ASP H 18 -48.83 33.54 -52.13
C ASP H 18 -49.12 33.83 -50.66
N VAL H 19 -48.32 33.22 -49.78
CA VAL H 19 -48.45 33.36 -48.35
C VAL H 19 -47.68 34.58 -47.88
N ASP H 20 -48.35 35.51 -47.20
CA ASP H 20 -47.67 36.66 -46.61
C ASP H 20 -46.88 36.12 -45.40
N ILE H 21 -45.57 36.42 -45.32
CA ILE H 21 -44.75 35.91 -44.21
C ILE H 21 -45.27 36.37 -42.85
N MET H 22 -45.98 37.51 -42.78
CA MET H 22 -46.57 37.98 -41.53
C MET H 22 -47.58 36.94 -40.99
N ASP H 23 -48.27 36.19 -41.88
CA ASP H 23 -49.21 35.15 -41.50
C ASP H 23 -48.53 33.85 -40.99
N LEU H 24 -47.20 33.73 -41.12
CA LEU H 24 -46.45 32.60 -40.57
C LEU H 24 -45.86 32.96 -39.19
N ALA H 25 -46.05 34.20 -38.68
CA ALA H 25 -45.43 34.60 -37.43
C ALA H 25 -45.91 33.83 -36.25
N PRO H 26 -45.04 33.57 -35.25
CA PRO H 26 -45.52 32.96 -34.01
C PRO H 26 -46.70 33.69 -33.38
N THR H 27 -46.75 35.02 -33.54
CA THR H 27 -47.82 35.85 -32.98
C THR H 27 -49.12 35.86 -33.80
N ARG H 28 -49.15 35.27 -35.02
CA ARG H 28 -50.36 35.28 -35.86
C ARG H 28 -50.79 33.90 -36.34
N ASN H 29 -49.83 33.02 -36.66
CA ASN H 29 -50.15 31.70 -37.19
C ASN H 29 -50.83 30.81 -36.16
N ARG H 30 -52.01 30.29 -36.50
CA ARG H 30 -52.81 29.47 -35.59
C ARG H 30 -52.15 28.14 -35.25
N ALA H 31 -51.50 27.49 -36.24
CA ALA H 31 -50.82 26.23 -35.98
C ALA H 31 -49.66 26.41 -35.03
N ILE H 32 -48.85 27.49 -35.18
CA ILE H 32 -47.73 27.72 -34.29
C ILE H 32 -48.24 28.00 -32.88
N ARG H 33 -49.32 28.80 -32.74
CA ARG H 33 -49.89 29.06 -31.41
C ARG H 33 -50.36 27.77 -30.75
N THR H 34 -51.02 26.89 -31.52
CA THR H 34 -51.50 25.63 -30.98
C THR H 34 -50.31 24.74 -30.58
N ILE H 35 -49.22 24.73 -31.38
CA ILE H 35 -48.01 23.96 -31.03
C ILE H 35 -47.47 24.48 -29.68
N ILE H 36 -47.38 25.79 -29.49
CA ILE H 36 -46.86 26.36 -28.25
C ILE H 36 -47.81 26.07 -27.08
N HIS H 37 -49.10 26.16 -27.32
CA HIS H 37 -50.13 25.88 -26.33
C HIS H 37 -49.98 24.43 -25.81
N ASP H 38 -49.85 23.48 -26.75
CA ASP H 38 -49.68 22.08 -26.41
C ASP H 38 -48.30 21.78 -25.83
N THR H 39 -47.25 22.51 -26.24
CA THR H 39 -45.92 22.37 -25.67
C THR H 39 -45.98 22.72 -24.16
N LYS H 40 -46.68 23.81 -23.83
CA LYS H 40 -46.78 24.29 -22.46
C LYS H 40 -47.67 23.43 -21.56
N ARG H 41 -48.77 22.88 -22.10
CA ARG H 41 -49.73 22.14 -21.29
C ARG H 41 -49.48 20.63 -21.21
N THR H 42 -48.60 20.08 -22.06
CA THR H 42 -48.37 18.63 -22.08
C THR H 42 -47.17 18.24 -21.27
N ALA H 43 -47.32 17.20 -20.44
CA ALA H 43 -46.23 16.65 -19.64
C ALA H 43 -46.29 15.11 -19.75
N ALA H 44 -45.18 14.45 -19.40
CA ALA H 44 -45.04 13.01 -19.44
C ALA H 44 -44.84 12.47 -18.04
N VAL H 45 -45.66 11.49 -17.63
CA VAL H 45 -45.51 10.81 -16.33
C VAL H 45 -44.94 9.46 -16.66
N ASN H 46 -43.77 9.13 -16.12
CA ASN H 46 -43.14 7.85 -16.37
C ASN H 46 -43.60 6.84 -15.31
N LEU H 47 -44.73 6.15 -15.55
CA LEU H 47 -45.24 5.14 -14.62
C LEU H 47 -44.26 3.98 -14.41
N GLY H 48 -43.56 3.56 -15.46
CA GLY H 48 -42.58 2.48 -15.35
C GLY H 48 -41.44 2.88 -14.43
N GLY H 49 -40.98 4.12 -14.58
CA GLY H 49 -39.95 4.70 -13.74
C GLY H 49 -40.39 4.83 -12.29
N ILE H 50 -41.67 5.23 -12.06
CA ILE H 50 -42.17 5.35 -10.68
C ILE H 50 -42.21 3.97 -10.04
N GLU H 51 -42.65 2.95 -10.80
CA GLU H 51 -42.75 1.58 -10.33
C GLU H 51 -41.38 1.06 -9.90
N LYS H 52 -40.33 1.33 -10.72
CA LYS H 52 -38.96 0.90 -10.42
C LYS H 52 -38.39 1.66 -9.23
N ALA H 53 -38.65 2.99 -9.17
CA ALA H 53 -38.19 3.84 -8.06
C ALA H 53 -38.78 3.33 -6.74
N LEU H 54 -40.09 3.03 -6.74
CA LEU H 54 -40.73 2.51 -5.54
C LEU H 54 -40.18 1.15 -5.15
N ALA H 55 -40.11 0.19 -6.11
CA ALA H 55 -39.66 -1.18 -5.84
C ALA H 55 -38.25 -1.25 -5.28
N ASN H 56 -37.37 -0.32 -5.66
CA ASN H 56 -35.98 -0.34 -5.25
C ASN H 56 -35.60 0.79 -4.27
N GLY H 57 -36.54 1.65 -3.87
CA GLY H 57 -36.25 2.79 -3.01
C GLY H 57 -35.22 3.72 -3.63
N ARG H 58 -35.27 3.85 -4.98
CA ARG H 58 -34.30 4.63 -5.74
C ARG H 58 -34.83 5.98 -6.16
N ILE H 59 -33.93 6.97 -6.23
CA ILE H 59 -34.25 8.33 -6.63
C ILE H 59 -33.20 8.70 -7.65
N GLY H 60 -33.63 8.78 -8.91
CA GLY H 60 -32.69 9.09 -9.98
C GLY H 60 -31.78 7.93 -10.31
N LYS H 61 -30.65 8.25 -10.92
CA LYS H 61 -29.70 7.26 -11.40
C LYS H 61 -28.88 6.49 -10.34
N VAL H 62 -28.57 7.10 -9.17
CA VAL H 62 -27.68 6.42 -8.20
C VAL H 62 -28.17 6.44 -6.74
N LYS H 63 -29.06 7.36 -6.34
CA LYS H 63 -29.50 7.42 -4.95
C LYS H 63 -30.44 6.26 -4.63
N LYS H 64 -30.25 5.65 -3.45
CA LYS H 64 -31.03 4.51 -3.00
C LYS H 64 -31.09 4.56 -1.49
N ILE H 65 -32.29 4.56 -0.91
CA ILE H 65 -32.47 4.59 0.54
C ILE H 65 -32.83 3.18 0.98
N PRO H 66 -31.91 2.41 1.60
CA PRO H 66 -32.28 1.05 2.03
C PRO H 66 -33.48 1.00 2.98
N GLY H 67 -34.27 -0.06 2.85
CA GLY H 67 -35.44 -0.27 3.71
C GLY H 67 -36.71 0.43 3.31
N LYS H 68 -36.68 1.22 2.22
CA LYS H 68 -37.86 1.97 1.76
C LYS H 68 -38.60 1.30 0.59
N GLU H 69 -38.16 0.11 0.15
CA GLU H 69 -38.78 -0.59 -0.97
C GLU H 69 -40.30 -0.79 -0.79
N MET H 70 -41.04 -0.60 -1.89
CA MET H 70 -42.50 -0.73 -1.96
C MET H 70 -42.86 -1.38 -3.29
N LYS H 71 -43.40 -2.61 -3.27
CA LYS H 71 -43.78 -3.29 -4.51
C LYS H 71 -45.21 -2.94 -4.86
N LEU H 72 -45.42 -1.98 -5.77
CA LEU H 72 -46.75 -1.58 -6.21
C LEU H 72 -46.89 -1.80 -7.71
N ASP H 73 -47.97 -2.46 -8.14
CA ASP H 73 -48.22 -2.73 -9.55
C ASP H 73 -48.80 -1.48 -10.21
N ILE H 74 -47.93 -0.52 -10.52
CA ILE H 74 -48.33 0.76 -11.11
C ILE H 74 -48.68 0.57 -12.60
N VAL H 75 -47.76 -0.01 -13.39
CA VAL H 75 -47.93 -0.20 -14.84
C VAL H 75 -49.18 -1.02 -15.17
N ALA H 76 -49.44 -2.11 -14.43
CA ALA H 76 -50.64 -2.93 -14.66
C ALA H 76 -51.94 -2.17 -14.37
N ASN H 77 -51.88 -1.13 -13.50
CA ASN H 77 -53.02 -0.29 -13.13
C ASN H 77 -52.98 1.06 -13.87
N ALA H 78 -52.23 1.18 -15.00
CA ALA H 78 -52.11 2.44 -15.75
C ALA H 78 -53.46 3.06 -16.13
N GLU H 79 -54.44 2.26 -16.60
CA GLU H 79 -55.74 2.80 -17.01
C GLU H 79 -56.49 3.36 -15.79
N ARG H 80 -56.56 2.60 -14.68
CA ARG H 80 -57.24 3.06 -13.47
C ARG H 80 -56.57 4.33 -12.93
N LEU H 81 -55.23 4.37 -12.93
CA LEU H 81 -54.50 5.54 -12.46
C LEU H 81 -54.71 6.73 -13.40
N ALA H 82 -54.76 6.51 -14.72
CA ALA H 82 -54.99 7.58 -15.70
C ALA H 82 -56.38 8.19 -15.49
N GLU H 83 -57.39 7.36 -15.17
CA GLU H 83 -58.73 7.87 -14.91
C GLU H 83 -58.73 8.79 -13.70
N ARG H 84 -58.03 8.39 -12.62
CA ARG H 84 -57.98 9.21 -11.41
C ARG H 84 -57.13 10.46 -11.63
N VAL H 85 -56.03 10.35 -12.40
CA VAL H 85 -55.18 11.49 -12.72
C VAL H 85 -56.01 12.52 -13.51
N LYS H 86 -56.83 12.06 -14.47
CA LYS H 86 -57.70 12.99 -15.23
C LYS H 86 -58.68 13.72 -14.30
N GLU H 87 -59.28 13.01 -13.33
CA GLU H 87 -60.20 13.66 -12.38
C GLU H 87 -59.50 14.75 -11.58
N LEU H 88 -58.23 14.53 -11.21
CA LEU H 88 -57.46 15.47 -10.41
C LEU H 88 -56.86 16.63 -11.19
N VAL H 89 -56.47 16.39 -12.45
CA VAL H 89 -55.87 17.40 -13.31
C VAL H 89 -56.96 18.30 -13.92
N GLN H 90 -58.12 17.74 -14.26
CA GLN H 90 -59.17 18.54 -14.87
C GLN H 90 -59.68 19.61 -13.90
N VAL H 91 -60.24 20.67 -14.44
CA VAL H 91 -60.81 21.75 -13.66
C VAL H 91 -62.33 21.52 -13.62
N ASN H 92 -62.94 21.27 -14.78
CA ASN H 92 -64.36 20.97 -14.89
C ASN H 92 -64.55 19.71 -15.70
N GLU H 93 -65.65 18.99 -15.45
CA GLU H 93 -65.98 17.79 -16.22
C GLU H 93 -66.21 18.20 -17.69
N GLY H 94 -65.66 17.45 -18.62
CA GLY H 94 -65.81 17.74 -20.04
C GLY H 94 -64.92 18.85 -20.56
N ASP H 95 -63.94 19.33 -19.76
CA ASP H 95 -63.02 20.38 -20.23
C ASP H 95 -61.94 19.77 -21.17
N ASP H 96 -60.96 20.58 -21.62
CA ASP H 96 -59.92 20.16 -22.57
C ASP H 96 -58.75 19.36 -21.94
N THR H 97 -58.95 18.72 -20.78
CA THR H 97 -57.92 17.86 -20.18
C THR H 97 -57.88 16.54 -20.92
N THR H 98 -56.68 16.00 -21.15
CA THR H 98 -56.54 14.68 -21.75
C THR H 98 -55.48 13.90 -20.97
N VAL H 99 -55.71 12.60 -20.76
CA VAL H 99 -54.73 11.71 -20.14
C VAL H 99 -54.76 10.46 -21.02
N GLU H 100 -53.63 10.13 -21.69
CA GLU H 100 -53.55 8.99 -22.59
C GLU H 100 -52.45 8.05 -22.13
N VAL H 101 -52.76 6.75 -22.03
CA VAL H 101 -51.78 5.73 -21.66
C VAL H 101 -50.99 5.38 -22.92
N LEU H 102 -49.66 5.41 -22.86
CA LEU H 102 -48.77 5.09 -23.99
C LEU H 102 -47.71 4.04 -23.57
N ALA H 103 -47.03 3.44 -24.55
CA ALA H 103 -45.96 2.46 -24.35
C ALA H 103 -46.33 1.32 -23.39
N GLY H 104 -47.45 0.67 -23.68
CA GLY H 104 -47.94 -0.47 -22.93
C GLY H 104 -48.13 -0.26 -21.44
N GLY H 105 -48.52 0.96 -21.05
CA GLY H 105 -48.73 1.29 -19.65
C GLY H 105 -47.56 1.98 -18.97
N LYS H 106 -46.40 2.08 -19.65
CA LYS H 106 -45.22 2.69 -19.04
C LYS H 106 -45.31 4.21 -18.91
N PHE H 107 -46.05 4.91 -19.79
CA PHE H 107 -46.13 6.39 -19.70
C PHE H 107 -47.55 6.91 -19.79
N LEU H 108 -47.80 8.10 -19.22
CA LEU H 108 -49.05 8.82 -19.40
C LEU H 108 -48.70 10.14 -20.05
N LYS H 109 -49.39 10.48 -21.14
CA LYS H 109 -49.29 11.78 -21.76
C LYS H 109 -50.39 12.55 -21.06
N VAL H 110 -50.06 13.62 -20.34
CA VAL H 110 -51.05 14.43 -19.64
C VAL H 110 -51.09 15.79 -20.33
N GLN H 111 -52.28 16.29 -20.66
CA GLN H 111 -52.44 17.61 -21.23
C GLN H 111 -53.37 18.34 -20.28
N VAL H 112 -52.81 19.26 -19.49
CA VAL H 112 -53.60 20.01 -18.52
C VAL H 112 -54.56 20.96 -19.24
N PRO H 113 -55.71 21.28 -18.63
CA PRO H 113 -56.64 22.19 -19.33
C PRO H 113 -56.08 23.61 -19.43
N SER H 114 -56.50 24.36 -20.46
CA SER H 114 -56.09 25.74 -20.69
C SER H 114 -56.24 26.62 -19.45
N ALA H 115 -57.27 26.34 -18.63
CA ALA H 115 -57.53 27.07 -17.41
C ALA H 115 -56.33 27.10 -16.45
N ARG H 116 -55.53 26.01 -16.37
CA ARG H 116 -54.35 26.00 -15.51
C ARG H 116 -53.27 26.95 -16.03
N LEU H 117 -53.10 27.05 -17.36
CA LEU H 117 -52.12 27.99 -17.94
C LEU H 117 -52.62 29.41 -17.84
N GLU H 118 -53.92 29.64 -18.01
CA GLU H 118 -54.50 30.99 -17.96
C GLU H 118 -54.40 31.63 -16.57
N SER H 119 -54.46 30.83 -15.50
CA SER H 119 -54.32 31.32 -14.11
C SER H 119 -52.88 31.18 -13.55
N GLY H 120 -51.94 30.66 -14.35
CA GLY H 120 -50.54 30.55 -13.99
C GLY H 120 -49.72 31.52 -14.81
N ALA H 121 -48.47 31.76 -14.40
CA ALA H 121 -47.58 32.67 -15.13
C ALA H 121 -46.74 31.96 -16.18
N GLU H 122 -46.50 30.65 -16.03
CA GLU H 122 -45.62 29.90 -16.89
C GLU H 122 -46.34 28.59 -17.38
N TYR H 123 -45.54 27.60 -17.85
CA TYR H 123 -46.01 26.27 -18.28
C TYR H 123 -46.03 25.24 -17.15
N VAL H 124 -45.32 25.52 -16.03
CA VAL H 124 -44.98 24.56 -15.00
C VAL H 124 -46.17 23.84 -14.37
N SER H 125 -47.41 24.33 -14.50
CA SER H 125 -48.55 23.57 -13.97
C SER H 125 -48.68 22.23 -14.72
N SER H 126 -48.16 22.10 -15.98
CA SER H 126 -48.18 20.81 -16.68
C SER H 126 -47.39 19.77 -15.86
N ILE H 127 -46.27 20.18 -15.26
CA ILE H 127 -45.46 19.31 -14.41
C ILE H 127 -46.10 19.15 -13.02
N THR H 128 -46.41 20.27 -12.33
CA THR H 128 -46.88 20.20 -10.94
C THR H 128 -48.25 19.56 -10.80
N ALA H 129 -49.22 19.86 -11.69
CA ALA H 129 -50.54 19.23 -11.60
C ALA H 129 -50.40 17.74 -11.89
N SER H 130 -49.59 17.35 -12.89
CA SER H 130 -49.38 15.95 -13.23
C SER H 130 -48.70 15.20 -12.07
N ALA H 131 -47.62 15.76 -11.50
CA ALA H 131 -46.91 15.14 -10.37
C ALA H 131 -47.79 15.01 -9.13
N ALA H 132 -48.55 16.07 -8.78
CA ALA H 132 -49.44 16.00 -7.64
C ALA H 132 -50.55 14.98 -7.88
N ALA H 133 -51.08 14.92 -9.12
CA ALA H 133 -52.18 14.02 -9.43
C ALA H 133 -51.75 12.55 -9.36
N ILE H 134 -50.61 12.20 -9.96
CA ILE H 134 -50.16 10.80 -9.91
C ILE H 134 -49.76 10.41 -8.48
N THR H 135 -49.16 11.34 -7.70
CA THR H 135 -48.79 11.06 -6.30
C THR H 135 -50.06 10.71 -5.51
N GLN H 136 -51.10 11.53 -5.62
CA GLN H 136 -52.36 11.30 -4.94
C GLN H 136 -53.06 10.03 -5.42
N ALA H 137 -53.09 9.78 -6.74
CA ALA H 137 -53.75 8.59 -7.28
C ALA H 137 -53.11 7.31 -6.76
N ILE H 138 -51.76 7.26 -6.70
CA ILE H 138 -51.04 6.07 -6.21
C ILE H 138 -51.34 5.91 -4.72
N ILE H 139 -51.27 7.00 -3.93
CA ILE H 139 -51.56 6.93 -2.49
C ILE H 139 -52.97 6.34 -2.25
N GLU H 140 -53.95 6.76 -3.04
CA GLU H 140 -55.32 6.26 -2.90
C GLU H 140 -55.49 4.80 -3.32
N LEU H 141 -55.13 4.45 -4.56
CA LEU H 141 -55.33 3.10 -5.07
C LEU H 141 -54.64 2.02 -4.21
N PHE H 142 -53.44 2.30 -3.72
CA PHE H 142 -52.68 1.35 -2.90
C PHE H 142 -52.81 1.59 -1.38
N ASP H 143 -53.70 2.50 -0.92
N ASP H 143 -53.70 2.50 -0.92
CA ASP H 143 -53.94 2.84 0.49
CA ASP H 143 -53.94 2.81 0.49
C ASP H 143 -52.64 3.06 1.25
C ASP H 143 -52.62 3.02 1.24
N VAL H 144 -51.79 3.95 0.72
CA VAL H 144 -50.49 4.22 1.31
C VAL H 144 -50.67 5.02 2.59
N GLY H 145 -50.04 4.55 3.67
CA GLY H 145 -50.13 5.18 4.97
C GLY H 145 -49.28 6.43 5.13
N ILE H 146 -49.56 7.18 6.20
CA ILE H 146 -48.88 8.42 6.53
C ILE H 146 -47.34 8.31 6.52
N PHE H 147 -46.78 7.22 7.08
CA PHE H 147 -45.31 7.07 7.12
C PHE H 147 -44.66 6.81 5.76
N ASP H 148 -45.37 6.16 4.84
CA ASP H 148 -44.83 5.75 3.54
C ASP H 148 -45.15 6.67 2.36
N ALA H 149 -46.08 7.62 2.51
CA ALA H 149 -46.44 8.51 1.40
C ALA H 149 -45.24 9.34 0.90
N CYS H 150 -44.28 9.68 1.78
CA CYS H 150 -43.09 10.44 1.40
C CYS H 150 -42.25 9.69 0.34
N MET H 151 -42.32 8.34 0.30
CA MET H 151 -41.59 7.57 -0.70
C MET H 151 -42.31 7.60 -2.05
N VAL H 152 -43.64 7.68 -2.06
CA VAL H 152 -44.40 7.86 -3.30
C VAL H 152 -44.06 9.25 -3.84
N LYS H 153 -44.03 10.27 -2.95
CA LYS H 153 -43.65 11.64 -3.30
C LYS H 153 -42.24 11.67 -3.91
N ALA H 154 -41.28 10.98 -3.30
CA ALA H 154 -39.91 10.94 -3.84
C ALA H 154 -39.87 10.22 -5.19
N ALA H 155 -40.63 9.12 -5.36
CA ALA H 155 -40.64 8.39 -6.63
C ALA H 155 -41.17 9.26 -7.77
N VAL H 156 -42.11 10.18 -7.50
CA VAL H 156 -42.68 11.05 -8.53
C VAL H 156 -41.87 12.36 -8.71
N TRP H 157 -41.67 13.11 -7.62
CA TRP H 157 -41.05 14.43 -7.64
C TRP H 157 -39.52 14.43 -7.49
N GLY H 158 -38.92 13.29 -7.19
CA GLY H 158 -37.47 13.20 -7.03
C GLY H 158 -36.96 13.94 -5.80
N ASP H 159 -35.86 14.68 -5.95
CA ASP H 159 -35.24 15.42 -4.86
C ASP H 159 -35.94 16.76 -4.53
N TYR H 160 -36.98 17.14 -5.28
CA TYR H 160 -37.67 18.41 -5.03
C TYR H 160 -38.37 18.40 -3.66
N PRO H 161 -38.28 19.45 -2.81
CA PRO H 161 -37.69 20.79 -3.02
C PRO H 161 -36.25 21.03 -2.58
N GLN H 162 -35.46 19.98 -2.23
CA GLN H 162 -34.03 20.20 -1.93
C GLN H 162 -33.34 20.69 -3.22
N THR H 163 -33.75 20.15 -4.39
CA THR H 163 -33.29 20.64 -5.69
C THR H 163 -34.34 21.63 -6.20
N ILE H 164 -33.92 22.53 -7.09
CA ILE H 164 -34.82 23.55 -7.64
C ILE H 164 -35.97 22.90 -8.44
N GLY H 165 -35.67 21.82 -9.17
CA GLY H 165 -36.66 21.10 -9.96
C GLY H 165 -36.87 19.67 -9.50
N LEU H 166 -37.60 18.89 -10.31
CA LEU H 166 -37.89 17.48 -10.01
C LEU H 166 -36.71 16.59 -10.42
N ASN H 167 -35.53 16.89 -9.88
CA ASN H 167 -34.30 16.15 -10.18
C ASN H 167 -34.45 14.69 -9.75
N GLY H 168 -34.22 13.77 -10.67
CA GLY H 168 -34.35 12.35 -10.36
C GLY H 168 -35.80 11.87 -10.23
N GLY H 169 -36.76 12.71 -10.62
CA GLY H 169 -38.17 12.36 -10.56
C GLY H 169 -38.64 11.64 -11.82
N ASN H 170 -39.96 11.51 -11.96
CA ASN H 170 -40.54 10.82 -13.11
C ASN H 170 -41.63 11.63 -13.80
N VAL H 171 -41.56 12.97 -13.72
CA VAL H 171 -42.50 13.82 -14.43
C VAL H 171 -41.63 14.80 -15.17
N SER H 172 -41.80 14.84 -16.49
CA SER H 172 -40.95 15.69 -17.32
C SER H 172 -41.74 16.30 -18.46
N SER H 173 -41.10 17.21 -19.19
CA SER H 173 -41.70 17.85 -20.33
C SER H 173 -40.66 17.99 -21.43
N ILE H 174 -41.11 18.32 -22.64
CA ILE H 174 -40.22 18.72 -23.73
C ILE H 174 -39.40 19.98 -23.26
N LEU H 175 -39.99 20.82 -22.38
CA LEU H 175 -39.35 21.99 -21.80
C LEU H 175 -38.64 21.65 -20.50
N GLU H 176 -37.67 22.49 -20.15
CA GLU H 176 -36.95 22.43 -18.87
C GLU H 176 -37.47 23.55 -17.97
N ILE H 177 -37.17 23.48 -16.66
CA ILE H 177 -37.65 24.47 -15.70
C ILE H 177 -37.23 25.90 -16.10
N PRO H 178 -38.04 26.92 -15.74
CA PRO H 178 -37.66 28.29 -16.11
C PRO H 178 -36.34 28.78 -15.53
N GLN H 179 -35.94 28.26 -14.37
CA GLN H 179 -34.68 28.65 -13.75
C GLN H 179 -33.45 28.28 -14.56
N LYS H 180 -33.58 27.37 -15.55
CA LYS H 180 -32.44 27.01 -16.40
C LYS H 180 -32.24 27.97 -17.59
N ASP H 181 -33.18 28.92 -17.81
CA ASP H 181 -33.01 29.88 -18.90
C ASP H 181 -31.81 30.76 -18.69
N GLU H 182 -31.05 30.97 -19.75
CA GLU H 182 -29.88 31.85 -19.70
C GLU H 182 -30.29 33.31 -19.52
N GLY H 183 -31.37 33.71 -20.18
CA GLY H 183 -31.86 35.08 -20.13
C GLY H 183 -33.37 35.13 -20.29
N LEU H 184 -33.90 36.26 -20.76
CA LEU H 184 -35.35 36.43 -20.92
C LEU H 184 -35.82 35.96 -22.28
N GLY H 185 -36.77 35.03 -22.30
CA GLY H 185 -37.36 34.51 -23.53
C GLY H 185 -36.72 33.24 -24.05
N PHE H 186 -35.97 32.52 -23.21
CA PHE H 186 -35.25 31.31 -23.63
C PHE H 186 -35.94 29.98 -23.34
N THR H 187 -37.16 29.97 -22.75
CA THR H 187 -37.78 28.68 -22.39
C THR H 187 -38.01 27.79 -23.62
N LEU H 188 -38.57 28.34 -24.70
CA LEU H 188 -38.81 27.56 -25.92
C LEU H 188 -37.51 27.24 -26.68
N ARG H 189 -36.38 27.82 -26.27
CA ARG H 189 -35.07 27.52 -26.85
C ARG H 189 -34.37 26.39 -26.10
N ASN H 190 -34.81 26.02 -24.87
CA ASN H 190 -34.12 25.00 -24.10
C ASN H 190 -34.69 23.61 -24.38
N ILE H 191 -34.59 23.19 -25.65
CA ILE H 191 -35.10 21.89 -26.08
C ILE H 191 -33.99 21.20 -26.85
N MET H 192 -33.45 20.09 -26.31
CA MET H 192 -32.37 19.30 -26.96
C MET H 192 -32.69 19.00 -28.42
N ALA H 193 -31.68 19.06 -29.31
CA ALA H 193 -31.90 18.69 -30.71
C ALA H 193 -32.36 17.22 -30.81
N ASN H 194 -31.90 16.34 -29.91
CA ASN H 194 -32.33 14.93 -29.88
C ASN H 194 -33.83 14.82 -29.66
N HIS H 195 -34.42 15.68 -28.80
CA HIS H 195 -35.88 15.66 -28.59
C HIS H 195 -36.61 15.95 -29.90
N ILE H 196 -36.14 16.96 -30.64
CA ILE H 196 -36.78 17.34 -31.90
C ILE H 196 -36.71 16.22 -32.93
N ALA H 197 -35.51 15.62 -33.10
CA ALA H 197 -35.33 14.54 -34.06
C ALA H 197 -36.21 13.34 -33.69
N ALA H 198 -36.32 13.01 -32.39
CA ALA H 198 -37.14 11.87 -31.95
C ALA H 198 -38.63 12.14 -32.19
N ILE H 199 -39.11 13.34 -31.84
CA ILE H 199 -40.50 13.73 -32.03
C ILE H 199 -40.90 13.64 -33.51
N THR H 200 -40.05 14.17 -34.40
CA THR H 200 -40.34 14.17 -35.83
C THR H 200 -39.94 12.86 -36.54
N GLN H 201 -39.68 11.77 -35.78
CA GLN H 201 -39.41 10.46 -36.37
C GLN H 201 -38.20 10.44 -37.30
N ARG H 202 -37.16 11.22 -36.98
CA ARG H 202 -35.93 11.33 -37.77
C ARG H 202 -36.18 11.78 -39.25
N ASN H 203 -37.28 12.51 -39.50
CA ASN H 203 -37.53 13.10 -40.83
C ASN H 203 -36.79 14.42 -40.74
N ALA H 204 -35.69 14.58 -41.51
CA ALA H 204 -34.82 15.76 -41.43
C ALA H 204 -35.50 17.10 -41.70
N MET H 205 -36.40 17.18 -42.69
CA MET H 205 -37.09 18.43 -43.00
C MET H 205 -38.02 18.83 -41.86
N ASN H 206 -38.80 17.88 -41.33
CA ASN H 206 -39.74 18.16 -40.23
C ASN H 206 -38.98 18.49 -38.94
N ALA H 207 -37.80 17.88 -38.73
CA ALA H 207 -36.95 18.20 -37.58
C ALA H 207 -36.47 19.65 -37.69
N ALA H 208 -36.00 20.08 -38.89
CA ALA H 208 -35.58 21.46 -39.08
C ALA H 208 -36.76 22.41 -38.91
N ALA H 209 -37.95 22.03 -39.40
CA ALA H 209 -39.14 22.86 -39.30
C ALA H 209 -39.60 23.06 -37.85
N LEU H 210 -39.71 21.97 -37.04
CA LEU H 210 -40.15 22.08 -35.66
C LEU H 210 -39.15 22.91 -34.86
N SER H 211 -37.85 22.65 -35.07
CA SER H 211 -36.81 23.41 -34.40
C SER H 211 -36.87 24.89 -34.79
N SER H 212 -37.03 25.21 -36.09
CA SER H 212 -37.10 26.60 -36.53
C SER H 212 -38.31 27.30 -35.91
N ILE H 213 -39.47 26.64 -35.84
CA ILE H 213 -40.66 27.22 -35.21
C ILE H 213 -40.36 27.57 -33.74
N LEU H 214 -39.83 26.61 -32.97
CA LEU H 214 -39.56 26.82 -31.55
C LEU H 214 -38.48 27.88 -31.35
N GLU H 215 -37.41 27.84 -32.14
CA GLU H 215 -36.35 28.85 -32.05
C GLU H 215 -36.89 30.24 -32.34
N GLN H 216 -37.74 30.40 -33.38
CA GLN H 216 -38.26 31.73 -33.70
C GLN H 216 -39.30 32.17 -32.70
N CYS H 217 -40.07 31.24 -32.08
CA CYS H 217 -40.95 31.61 -30.97
C CYS H 217 -40.09 32.18 -29.81
N GLY H 218 -38.93 31.56 -29.57
CA GLY H 218 -37.97 32.02 -28.59
C GLY H 218 -37.43 33.39 -28.95
N GLU H 219 -37.00 33.61 -30.20
CA GLU H 219 -36.48 34.91 -30.63
C GLU H 219 -37.56 36.02 -30.49
N PHE H 220 -38.82 35.69 -30.76
CA PHE H 220 -39.92 36.64 -30.58
C PHE H 220 -40.08 36.96 -29.09
N GLU H 221 -40.09 35.93 -28.22
CA GLU H 221 -40.23 36.14 -26.79
C GLU H 221 -39.03 36.89 -26.17
N MET H 222 -37.84 36.78 -26.78
CA MET H 222 -36.64 37.48 -26.36
C MET H 222 -36.67 38.99 -26.68
N GLY H 223 -37.54 39.41 -27.60
CA GLY H 223 -37.61 40.79 -28.06
C GLY H 223 -36.75 41.03 -29.29
N ASN H 224 -36.35 39.95 -30.02
CA ASN H 224 -35.49 40.05 -31.21
C ASN H 224 -36.26 40.05 -32.53
N ALA H 225 -37.57 40.32 -32.50
CA ALA H 225 -38.38 40.37 -33.72
C ALA H 225 -39.34 41.56 -33.66
N ILE H 226 -38.82 42.72 -33.22
CA ILE H 226 -39.59 43.96 -33.10
C ILE H 226 -39.19 44.92 -34.23
N GLY H 227 -40.17 45.63 -34.76
CA GLY H 227 -39.93 46.58 -35.83
C GLY H 227 -39.39 45.91 -37.07
N MET H 228 -38.31 46.45 -37.64
CA MET H 228 -37.70 45.88 -38.84
C MET H 228 -37.23 44.43 -38.62
N PHE H 229 -36.91 44.06 -37.36
CA PHE H 229 -36.45 42.71 -37.05
C PHE H 229 -37.56 41.66 -37.16
N GLU H 230 -38.85 42.05 -37.24
CA GLU H 230 -39.92 41.06 -37.42
C GLU H 230 -39.77 40.46 -38.82
N ARG H 231 -39.64 41.31 -39.85
CA ARG H 231 -39.42 40.88 -41.22
C ARG H 231 -38.14 39.99 -41.30
N HIS H 232 -37.07 40.43 -40.62
CA HIS H 232 -35.79 39.71 -40.61
C HIS H 232 -35.94 38.27 -40.13
N GLN H 233 -36.60 38.07 -39.00
CA GLN H 233 -36.80 36.73 -38.45
C GLN H 233 -37.83 35.91 -39.23
N LEU H 234 -38.92 36.53 -39.72
CA LEU H 234 -39.93 35.79 -40.48
C LEU H 234 -39.39 35.29 -41.84
N LEU H 235 -38.50 36.07 -42.48
CA LEU H 235 -37.88 35.61 -43.73
C LEU H 235 -37.01 34.37 -43.43
N GLY H 236 -36.29 34.39 -42.32
CA GLY H 236 -35.49 33.24 -41.91
C GLY H 236 -36.36 32.03 -41.59
N LEU H 237 -37.47 32.24 -40.85
CA LEU H 237 -38.41 31.16 -40.55
C LEU H 237 -38.98 30.54 -41.83
N ALA H 238 -39.42 31.38 -42.79
CA ALA H 238 -40.03 30.87 -44.01
C ALA H 238 -39.01 30.13 -44.90
N TYR H 239 -37.85 30.74 -45.20
CA TYR H 239 -36.88 30.15 -46.11
C TYR H 239 -36.06 28.99 -45.50
N GLN H 240 -35.68 29.09 -44.21
CA GLN H 240 -34.90 28.02 -43.59
C GLN H 240 -35.82 26.96 -42.97
N GLY H 241 -36.83 27.38 -42.22
CA GLY H 241 -37.69 26.45 -41.51
C GLY H 241 -38.82 25.82 -42.29
N LEU H 242 -39.44 26.56 -43.22
CA LEU H 242 -40.63 26.07 -43.91
C LEU H 242 -40.46 25.88 -45.41
N ASN H 243 -39.22 25.67 -45.88
CA ASN H 243 -38.95 25.37 -47.28
C ASN H 243 -39.64 26.33 -48.27
N ALA H 244 -39.56 27.65 -47.99
CA ALA H 244 -40.18 28.65 -48.86
C ALA H 244 -39.60 28.58 -50.26
N ASN H 245 -40.49 28.64 -51.26
CA ASN H 245 -40.16 28.54 -52.67
C ASN H 245 -39.34 27.28 -53.03
N ASN H 246 -39.40 26.25 -52.15
CA ASN H 246 -38.72 24.97 -52.33
C ASN H 246 -37.20 25.11 -52.44
N ILE H 247 -36.62 26.22 -51.94
CA ILE H 247 -35.18 26.44 -52.07
C ILE H 247 -34.38 25.38 -51.32
N VAL H 248 -34.74 25.07 -50.06
CA VAL H 248 -34.00 24.06 -49.29
C VAL H 248 -34.09 22.69 -49.99
N TYR H 249 -35.33 22.19 -50.23
CA TYR H 249 -35.51 20.88 -50.84
C TYR H 249 -34.84 20.77 -52.21
N GLU H 250 -35.09 21.74 -53.10
CA GLU H 250 -34.52 21.72 -54.46
C GLU H 250 -33.00 21.81 -54.45
N THR H 251 -32.41 22.61 -53.53
CA THR H 251 -30.95 22.71 -53.45
C THR H 251 -30.39 21.37 -53.00
N VAL H 252 -31.01 20.73 -52.00
CA VAL H 252 -30.56 19.42 -51.53
C VAL H 252 -30.73 18.38 -52.64
N LYS H 253 -31.84 18.38 -53.38
CA LYS H 253 -32.05 17.42 -54.46
C LYS H 253 -30.98 17.59 -55.56
N GLU H 254 -30.74 18.83 -56.00
CA GLU H 254 -29.73 19.16 -57.02
CA GLU H 254 -29.74 19.11 -57.03
C GLU H 254 -28.32 18.74 -56.58
N GLN H 255 -28.01 18.90 -55.31
CA GLN H 255 -26.68 18.59 -54.78
C GLN H 255 -26.57 17.25 -54.03
N GLY H 256 -27.63 16.45 -54.02
CA GLY H 256 -27.69 15.22 -53.24
C GLY H 256 -26.80 14.07 -53.62
N LYS H 257 -26.56 13.86 -54.90
CA LYS H 257 -25.77 12.72 -55.33
C LYS H 257 -24.27 12.95 -55.25
N SER H 258 -23.77 14.14 -55.65
CA SER H 258 -22.33 14.41 -55.67
C SER H 258 -21.89 15.74 -55.01
N GLY H 259 -22.83 16.47 -54.43
CA GLY H 259 -22.55 17.76 -53.83
C GLY H 259 -21.77 17.73 -52.54
N THR H 260 -21.18 18.89 -52.22
CA THR H 260 -20.36 19.13 -51.04
C THR H 260 -20.83 20.44 -50.38
N ILE H 261 -20.21 20.83 -49.25
CA ILE H 261 -20.48 22.12 -48.62
C ILE H 261 -20.24 23.25 -49.67
N GLY H 262 -19.11 23.17 -50.39
CA GLY H 262 -18.74 24.18 -51.36
C GLY H 262 -19.66 24.29 -52.57
N THR H 263 -20.11 23.15 -53.14
CA THR H 263 -21.02 23.22 -54.28
C THR H 263 -22.37 23.79 -53.84
N VAL H 264 -22.78 23.59 -52.56
CA VAL H 264 -24.02 24.18 -52.05
C VAL H 264 -23.85 25.71 -51.95
N VAL H 265 -22.65 26.20 -51.55
CA VAL H 265 -22.34 27.63 -51.53
C VAL H 265 -22.54 28.21 -52.95
N HIS H 266 -21.94 27.56 -53.96
CA HIS H 266 -22.02 28.03 -55.34
C HIS H 266 -23.45 28.03 -55.85
N SER H 267 -24.25 27.03 -55.49
CA SER H 267 -25.63 26.95 -55.91
C SER H 267 -26.45 28.12 -55.32
N ILE H 268 -26.23 28.43 -54.05
CA ILE H 268 -26.95 29.50 -53.38
C ILE H 268 -26.58 30.87 -53.95
N VAL H 269 -25.29 31.10 -54.26
CA VAL H 269 -24.86 32.38 -54.86
C VAL H 269 -25.51 32.52 -56.24
N GLU H 270 -25.47 31.45 -57.05
CA GLU H 270 -26.09 31.45 -58.38
C GLU H 270 -27.58 31.80 -58.29
N ARG H 271 -28.29 31.17 -57.34
CA ARG H 271 -29.73 31.39 -57.16
C ARG H 271 -30.02 32.81 -56.68
N ALA H 272 -29.26 33.34 -55.69
CA ALA H 272 -29.45 34.70 -55.20
C ALA H 272 -29.26 35.72 -56.33
N LEU H 273 -28.28 35.48 -57.20
CA LEU H 273 -28.02 36.37 -58.32
C LEU H 273 -29.16 36.29 -59.36
N GLU H 274 -29.62 35.07 -59.68
CA GLU H 274 -30.73 34.85 -60.63
C GLU H 274 -32.02 35.51 -60.13
N ASP H 275 -32.31 35.40 -58.83
CA ASP H 275 -33.52 35.97 -58.22
C ASP H 275 -33.43 37.49 -57.93
N GLY H 276 -32.29 38.12 -58.22
CA GLY H 276 -32.11 39.56 -58.01
C GLY H 276 -31.86 39.95 -56.56
N VAL H 277 -31.58 38.97 -55.69
CA VAL H 277 -31.29 39.23 -54.28
C VAL H 277 -29.92 39.93 -54.13
N ILE H 278 -28.95 39.56 -54.97
CA ILE H 278 -27.61 40.16 -55.00
C ILE H 278 -27.26 40.58 -56.43
N SER H 279 -26.33 41.52 -56.54
CA SER H 279 -25.82 42.00 -57.83
C SER H 279 -24.34 42.36 -57.68
N VAL H 280 -23.60 42.45 -58.79
CA VAL H 280 -22.20 42.86 -58.75
C VAL H 280 -22.16 44.35 -58.32
N ASP H 281 -21.36 44.67 -57.32
CA ASP H 281 -21.18 46.04 -56.83
C ASP H 281 -20.02 46.64 -57.61
N LYS H 282 -18.86 45.99 -57.58
CA LYS H 282 -17.69 46.48 -58.30
C LYS H 282 -16.72 45.33 -58.56
N VAL H 283 -15.94 45.46 -59.62
CA VAL H 283 -14.97 44.46 -60.04
C VAL H 283 -13.58 44.96 -59.71
N ALA H 284 -12.82 44.14 -59.00
CA ALA H 284 -11.46 44.45 -58.61
C ALA H 284 -10.50 44.26 -59.81
N PRO H 285 -9.28 44.82 -59.77
CA PRO H 285 -8.35 44.62 -60.88
C PRO H 285 -8.07 43.16 -61.27
N SER H 286 -8.07 42.23 -60.29
CA SER H 286 -7.86 40.81 -60.58
C SER H 286 -9.05 40.13 -61.31
N GLY H 287 -10.20 40.79 -61.36
CA GLY H 287 -11.42 40.22 -61.92
C GLY H 287 -12.39 39.76 -60.85
N TYR H 288 -11.97 39.74 -59.56
CA TYR H 288 -12.85 39.34 -58.46
C TYR H 288 -14.01 40.32 -58.37
N LYS H 289 -15.24 39.80 -58.26
CA LYS H 289 -16.44 40.60 -58.17
C LYS H 289 -16.91 40.73 -56.73
N PHE H 290 -16.96 41.97 -56.22
CA PHE H 290 -17.53 42.22 -54.90
C PHE H 290 -19.02 42.38 -55.14
N TYR H 291 -19.86 41.65 -54.41
CA TYR H 291 -21.30 41.73 -54.58
C TYR H 291 -21.95 42.64 -53.56
N LYS H 292 -23.14 43.15 -53.90
CA LYS H 292 -23.95 43.94 -52.98
C LYS H 292 -25.27 43.22 -52.78
N ALA H 293 -25.85 43.36 -51.59
CA ALA H 293 -27.16 42.78 -51.29
C ALA H 293 -28.22 43.82 -51.64
N ASN H 294 -29.07 43.52 -52.62
CA ASN H 294 -30.18 44.41 -53.00
C ASN H 294 -31.26 44.41 -51.89
N ASP H 295 -31.40 43.29 -51.16
CA ASP H 295 -32.31 43.15 -50.04
C ASP H 295 -31.52 42.35 -48.99
N VAL H 296 -31.00 43.06 -47.99
CA VAL H 296 -30.13 42.47 -46.95
C VAL H 296 -30.83 41.36 -46.18
N MET H 297 -32.08 41.57 -45.76
CA MET H 297 -32.81 40.56 -44.99
C MET H 297 -33.09 39.33 -45.83
N LEU H 298 -33.42 39.51 -47.12
CA LEU H 298 -33.68 38.36 -47.99
C LEU H 298 -32.38 37.61 -48.28
N TRP H 299 -31.25 38.32 -48.43
CA TRP H 299 -29.94 37.67 -48.58
C TRP H 299 -29.64 36.82 -47.34
N ASN H 300 -29.91 37.37 -46.13
CA ASN H 300 -29.71 36.64 -44.89
C ASN H 300 -30.54 35.33 -44.88
N ALA H 301 -31.78 35.40 -45.37
CA ALA H 301 -32.69 34.26 -45.42
C ALA H 301 -32.20 33.22 -46.43
N TYR H 302 -31.62 33.64 -47.56
CA TYR H 302 -31.03 32.71 -48.54
C TYR H 302 -29.82 32.01 -47.89
N ALA H 303 -29.01 32.74 -47.12
CA ALA H 303 -27.85 32.16 -46.44
C ALA H 303 -28.30 31.18 -45.33
N ALA H 304 -29.46 31.43 -44.69
CA ALA H 304 -30.02 30.53 -43.68
C ALA H 304 -30.52 29.24 -44.36
N ALA H 305 -31.25 29.36 -45.50
CA ALA H 305 -31.70 28.21 -46.28
C ALA H 305 -30.47 27.41 -46.79
N GLY H 306 -29.43 28.11 -47.22
CA GLY H 306 -28.20 27.50 -47.69
C GLY H 306 -27.49 26.75 -46.60
N SER H 307 -27.44 27.33 -45.38
CA SER H 307 -26.81 26.68 -44.23
C SER H 307 -27.49 25.34 -43.94
N LEU H 308 -28.84 25.30 -44.03
CA LEU H 308 -29.57 24.06 -43.82
C LEU H 308 -29.37 23.07 -44.96
N ALA H 309 -29.47 23.53 -46.22
CA ALA H 309 -29.27 22.66 -47.37
C ALA H 309 -27.87 22.03 -47.34
N ALA H 310 -26.84 22.81 -46.99
CA ALA H 310 -25.47 22.31 -46.89
C ALA H 310 -25.37 21.24 -45.79
N THR H 311 -26.07 21.43 -44.66
CA THR H 311 -26.09 20.44 -43.57
C THR H 311 -26.69 19.13 -44.07
N MET H 312 -27.80 19.21 -44.79
CA MET H 312 -28.46 18.03 -45.30
C MET H 312 -27.58 17.29 -46.32
N VAL H 313 -26.90 18.03 -47.20
CA VAL H 313 -26.03 17.42 -48.19
C VAL H 313 -24.81 16.78 -47.53
N ASN H 314 -24.15 17.49 -46.61
CA ASN H 314 -22.92 17.00 -46.00
C ASN H 314 -23.17 15.92 -44.93
N CYS H 315 -24.02 16.21 -43.92
CA CYS H 315 -24.37 15.21 -42.91
C CYS H 315 -25.09 14.03 -43.58
N GLY H 316 -25.92 14.29 -44.56
CA GLY H 316 -26.63 13.23 -45.27
C GLY H 316 -25.69 12.29 -45.99
N ALA H 317 -24.64 12.82 -46.64
CA ALA H 317 -23.69 11.99 -47.37
C ALA H 317 -22.92 11.08 -46.43
N ALA H 318 -22.45 11.61 -45.29
CA ALA H 318 -21.73 10.80 -44.31
C ALA H 318 -22.68 9.99 -43.43
N ARG H 319 -24.02 10.31 -43.41
CA ARG H 319 -25.01 9.78 -42.47
C ARG H 319 -24.45 9.93 -41.03
N ALA H 320 -23.84 11.11 -40.76
CA ALA H 320 -23.12 11.42 -39.53
C ALA H 320 -23.49 12.82 -39.04
N ALA H 321 -24.06 12.93 -37.85
CA ALA H 321 -24.48 14.22 -37.32
C ALA H 321 -23.33 15.17 -37.08
N GLN H 322 -22.13 14.67 -36.70
CA GLN H 322 -21.03 15.56 -36.32
C GLN H 322 -20.65 16.60 -37.37
N CYS H 323 -20.88 16.31 -38.67
CA CYS H 323 -20.52 17.23 -39.75
C CYS H 323 -21.26 18.56 -39.68
N VAL H 324 -22.37 18.68 -38.90
CA VAL H 324 -23.12 19.94 -38.88
C VAL H 324 -22.31 21.13 -38.37
N SER H 325 -21.47 20.93 -37.35
CA SER H 325 -20.71 22.05 -36.78
C SER H 325 -19.76 22.65 -37.82
N SER H 326 -19.02 21.81 -38.55
CA SER H 326 -18.13 22.29 -39.59
C SER H 326 -18.93 22.79 -40.80
N THR H 327 -20.09 22.17 -41.10
CA THR H 327 -20.88 22.63 -42.25
C THR H 327 -21.35 24.07 -42.05
N LEU H 328 -21.90 24.38 -40.87
CA LEU H 328 -22.38 25.73 -40.59
C LEU H 328 -21.22 26.74 -40.65
N LEU H 329 -20.02 26.33 -40.25
CA LEU H 329 -18.86 27.20 -40.26
C LEU H 329 -18.43 27.47 -41.69
N TYR H 330 -18.09 26.42 -42.45
CA TYR H 330 -17.49 26.58 -43.77
C TYR H 330 -18.49 26.97 -44.85
N PHE H 331 -19.80 26.69 -44.70
CA PHE H 331 -20.78 27.19 -45.67
C PHE H 331 -20.76 28.74 -45.63
N ASN H 332 -20.78 29.32 -44.42
CA ASN H 332 -20.81 30.77 -44.28
C ASN H 332 -19.45 31.43 -44.52
N ASP H 333 -18.36 30.81 -44.07
CA ASP H 333 -17.00 31.35 -44.31
C ASP H 333 -16.75 31.38 -45.84
N LEU H 334 -17.03 30.27 -46.53
CA LEU H 334 -16.84 30.21 -47.97
C LEU H 334 -17.81 31.12 -48.72
N LEU H 335 -19.04 31.30 -48.21
CA LEU H 335 -20.01 32.20 -48.84
C LEU H 335 -19.46 33.64 -48.86
N GLU H 336 -18.87 34.08 -47.74
CA GLU H 336 -18.27 35.41 -47.65
C GLU H 336 -17.08 35.53 -48.59
N LYS H 337 -16.21 34.51 -48.63
CA LYS H 337 -15.05 34.56 -49.52
C LYS H 337 -15.46 34.54 -51.01
N GLU H 338 -16.58 33.89 -51.33
CA GLU H 338 -17.08 33.81 -52.71
C GLU H 338 -17.74 35.11 -53.17
N THR H 339 -18.35 35.89 -52.25
CA THR H 339 -19.15 37.06 -52.66
C THR H 339 -18.70 38.42 -52.15
N GLY H 340 -17.99 38.48 -51.04
CA GLY H 340 -17.66 39.75 -50.39
C GLY H 340 -18.83 40.26 -49.57
N LEU H 341 -19.86 39.41 -49.31
CA LEU H 341 -21.01 39.78 -48.49
C LEU H 341 -21.01 39.00 -47.19
N PRO H 342 -21.56 39.55 -46.08
CA PRO H 342 -21.61 38.77 -44.84
C PRO H 342 -22.44 37.49 -44.95
N GLY H 343 -22.04 36.48 -44.19
CA GLY H 343 -22.74 35.21 -44.14
C GLY H 343 -23.99 35.30 -43.29
N CYS H 344 -24.64 34.16 -43.07
CA CYS H 344 -25.89 34.14 -42.31
C CYS H 344 -25.76 34.76 -40.93
N ASP H 345 -26.71 35.63 -40.60
CA ASP H 345 -26.74 36.33 -39.33
C ASP H 345 -25.47 37.20 -39.12
N TYR H 346 -24.88 37.70 -40.24
CA TYR H 346 -23.78 38.66 -40.24
C TYR H 346 -22.58 38.18 -39.42
N GLY H 347 -22.27 36.89 -39.56
CA GLY H 347 -21.15 36.26 -38.86
C GLY H 347 -21.56 35.42 -37.67
N LYS H 348 -22.80 35.56 -37.15
CA LYS H 348 -23.21 34.83 -35.95
C LYS H 348 -23.51 33.33 -36.18
N VAL H 349 -23.88 32.89 -37.41
CA VAL H 349 -24.02 31.44 -37.64
C VAL H 349 -22.60 30.86 -37.68
N GLN H 350 -21.67 31.51 -38.42
CA GLN H 350 -20.30 31.04 -38.48
C GLN H 350 -19.66 31.03 -37.08
N GLY H 351 -19.87 32.09 -36.31
CA GLY H 351 -19.33 32.17 -34.95
C GLY H 351 -19.89 31.09 -34.05
N THR H 352 -21.21 30.88 -34.09
CA THR H 352 -21.85 29.80 -33.34
C THR H 352 -21.20 28.45 -33.73
N ALA H 353 -21.00 28.24 -35.03
CA ALA H 353 -20.40 27.02 -35.56
C ALA H 353 -18.95 26.82 -35.11
N VAL H 354 -18.19 27.91 -34.92
CA VAL H 354 -16.81 27.82 -34.44
C VAL H 354 -16.81 27.19 -33.02
N GLY H 355 -17.57 27.78 -32.10
CA GLY H 355 -17.63 27.27 -30.73
C GLY H 355 -18.29 25.91 -30.64
N PHE H 356 -19.31 25.70 -31.46
CA PHE H 356 -20.03 24.43 -31.54
C PHE H 356 -19.06 23.32 -32.01
N SER H 357 -18.22 23.59 -33.02
CA SER H 357 -17.22 22.61 -33.47
C SER H 357 -16.27 22.27 -32.33
N PHE H 358 -15.75 23.31 -31.68
CA PHE H 358 -14.84 23.15 -30.53
C PHE H 358 -15.48 22.30 -29.43
N PHE H 359 -16.70 22.63 -29.01
CA PHE H 359 -17.39 21.93 -27.92
C PHE H 359 -18.09 20.62 -28.34
N SER H 360 -17.86 20.15 -29.57
CA SER H 360 -18.29 18.83 -30.00
C SER H 360 -17.06 17.97 -30.44
N HIS H 361 -15.81 18.45 -30.19
CA HIS H 361 -14.58 17.74 -30.52
C HIS H 361 -13.46 17.98 -29.47
N SER H 362 -13.79 18.42 -28.24
CA SER H 362 -12.76 18.73 -27.23
C SER H 362 -13.10 18.15 -25.84
N ILE H 363 -12.19 18.33 -24.90
CA ILE H 363 -12.37 17.84 -23.52
C ILE H 363 -13.27 18.76 -22.68
N TYR H 364 -13.50 20.01 -23.10
CA TYR H 364 -14.02 21.04 -22.19
C TYR H 364 -15.50 21.02 -21.85
N GLY H 365 -16.32 20.44 -22.69
CA GLY H 365 -17.75 20.39 -22.43
C GLY H 365 -18.52 20.02 -23.66
N GLY H 366 -19.77 20.46 -23.74
CA GLY H 366 -20.60 20.15 -24.89
C GLY H 366 -20.96 18.67 -24.95
N GLY H 367 -20.69 18.07 -26.09
CA GLY H 367 -21.00 16.66 -26.36
C GLY H 367 -21.27 16.48 -27.84
N GLY H 368 -22.02 15.45 -28.18
CA GLY H 368 -22.42 15.23 -29.56
C GLY H 368 -23.46 16.27 -29.97
N PRO H 369 -23.73 16.45 -31.27
CA PRO H 369 -24.72 17.48 -31.69
C PRO H 369 -26.09 17.41 -31.00
N GLY H 370 -26.55 16.21 -30.67
CA GLY H 370 -27.85 15.99 -30.03
C GLY H 370 -28.13 16.68 -28.71
N VAL H 371 -27.08 16.98 -27.93
CA VAL H 371 -27.27 17.63 -26.63
C VAL H 371 -27.44 19.14 -26.73
N PHE H 372 -27.12 19.76 -27.88
CA PHE H 372 -27.21 21.21 -28.02
C PHE H 372 -28.66 21.70 -28.22
N ASN H 373 -28.85 22.98 -27.94
CA ASN H 373 -30.15 23.62 -28.01
C ASN H 373 -29.96 25.16 -28.05
N GLY H 374 -31.03 25.89 -28.36
CA GLY H 374 -30.96 27.35 -28.43
C GLY H 374 -30.64 28.05 -27.13
N ASN H 375 -30.81 27.37 -25.97
CA ASN H 375 -30.47 27.93 -24.65
C ASN H 375 -29.05 27.50 -24.21
N HIS H 376 -28.40 26.56 -24.94
CA HIS H 376 -27.07 26.09 -24.58
C HIS H 376 -26.09 27.24 -24.79
N ILE H 377 -25.19 27.48 -23.83
CA ILE H 377 -24.23 28.58 -23.96
C ILE H 377 -23.40 28.50 -25.24
N VAL H 378 -23.14 27.29 -25.73
CA VAL H 378 -22.34 27.10 -26.93
C VAL H 378 -23.10 27.52 -28.18
N THR H 379 -24.40 27.17 -28.28
CA THR H 379 -25.14 27.36 -29.52
C THR H 379 -26.28 28.41 -29.52
N ARG H 380 -26.37 29.24 -28.49
CA ARG H 380 -27.42 30.26 -28.41
C ARG H 380 -27.26 31.52 -29.27
N HIS H 381 -26.05 31.78 -29.76
CA HIS H 381 -25.61 33.06 -30.32
C HIS H 381 -26.34 33.49 -31.59
N SER H 382 -26.61 32.55 -32.51
CA SER H 382 -27.36 32.91 -33.72
C SER H 382 -28.84 33.14 -33.35
N ARG H 383 -29.53 33.98 -34.12
CA ARG H 383 -30.93 34.28 -33.89
C ARG H 383 -31.84 33.21 -34.49
N GLY H 384 -31.69 31.98 -33.99
CA GLY H 384 -32.50 30.83 -34.36
C GLY H 384 -32.12 30.14 -35.66
N PHE H 385 -30.98 30.49 -36.28
CA PHE H 385 -30.61 29.92 -37.58
C PHE H 385 -29.62 28.76 -37.52
N ALA H 386 -29.19 28.33 -36.32
CA ALA H 386 -28.21 27.25 -36.18
C ALA H 386 -28.85 25.92 -35.74
N ILE H 387 -29.68 25.93 -34.69
CA ILE H 387 -30.27 24.71 -34.15
C ILE H 387 -31.15 23.93 -35.16
N PRO H 388 -31.91 24.57 -36.07
CA PRO H 388 -32.68 23.79 -37.06
C PRO H 388 -31.78 22.88 -37.89
N CYS H 389 -30.55 23.33 -38.20
CA CYS H 389 -29.57 22.52 -38.92
C CYS H 389 -29.07 21.37 -38.04
N VAL H 390 -28.90 21.63 -36.74
CA VAL H 390 -28.46 20.61 -35.79
C VAL H 390 -29.54 19.52 -35.70
N ALA H 391 -30.82 19.90 -35.61
CA ALA H 391 -31.91 18.93 -35.54
C ALA H 391 -31.94 18.05 -36.79
N ALA H 392 -31.75 18.64 -37.98
CA ALA H 392 -31.72 17.87 -39.23
C ALA H 392 -30.52 16.90 -39.23
N ALA H 393 -29.34 17.38 -38.77
CA ALA H 393 -28.14 16.57 -38.74
C ALA H 393 -28.29 15.37 -37.81
N VAL H 394 -28.90 15.57 -36.63
CA VAL H 394 -29.16 14.48 -35.69
C VAL H 394 -30.10 13.45 -36.33
N ALA H 395 -31.12 13.93 -37.04
CA ALA H 395 -32.07 13.04 -37.71
C ALA H 395 -31.36 12.15 -38.75
N LEU H 396 -30.38 12.72 -39.49
CA LEU H 396 -29.65 12.03 -40.55
C LEU H 396 -28.57 11.04 -40.09
N ASP H 397 -28.28 10.96 -38.80
CA ASP H 397 -27.23 10.07 -38.29
C ASP H 397 -27.58 8.60 -38.39
N ALA H 398 -26.61 7.78 -38.81
CA ALA H 398 -26.74 6.33 -38.91
C ALA H 398 -25.74 5.66 -37.98
N GLY H 399 -26.07 5.70 -36.70
CA GLY H 399 -25.36 4.99 -35.64
C GLY H 399 -23.97 5.40 -35.26
N THR H 400 -23.62 6.70 -35.36
CA THR H 400 -22.28 7.15 -34.94
C THR H 400 -22.28 7.71 -33.51
N GLN H 401 -23.45 8.11 -32.98
CA GLN H 401 -23.54 8.79 -31.69
C GLN H 401 -23.77 7.88 -30.49
N MET H 402 -23.09 8.19 -29.37
CA MET H 402 -23.31 7.48 -28.11
C MET H 402 -24.60 8.04 -27.49
N PHE H 403 -24.73 9.38 -27.45
CA PHE H 403 -25.89 10.05 -26.85
C PHE H 403 -26.88 10.42 -27.94
N SER H 404 -27.49 9.38 -28.47
CA SER H 404 -28.44 9.44 -29.57
C SER H 404 -29.88 9.79 -29.06
N PRO H 405 -30.85 10.12 -29.95
CA PRO H 405 -32.22 10.35 -29.47
C PRO H 405 -32.85 9.12 -28.83
N GLU H 406 -32.45 7.92 -29.27
CA GLU H 406 -32.96 6.67 -28.67
C GLU H 406 -32.48 6.52 -27.21
N MET H 407 -31.31 7.10 -26.87
CA MET H 407 -30.76 7.06 -25.52
C MET H 407 -31.35 8.16 -24.63
N THR H 408 -31.41 9.41 -25.13
CA THR H 408 -31.81 10.58 -24.32
C THR H 408 -33.27 11.01 -24.40
N SER H 409 -33.97 10.65 -25.48
CA SER H 409 -35.29 11.21 -25.75
C SER H 409 -36.41 10.19 -25.97
N ALA H 410 -36.33 9.00 -25.35
CA ALA H 410 -37.38 7.99 -25.52
C ALA H 410 -38.74 8.48 -25.00
N VAL H 411 -38.80 9.06 -23.79
CA VAL H 411 -40.05 9.52 -23.20
C VAL H 411 -40.64 10.70 -24.01
N VAL H 412 -39.88 11.80 -24.21
CA VAL H 412 -40.36 12.97 -24.95
C VAL H 412 -40.74 12.59 -26.40
N GLY H 413 -39.93 11.77 -27.06
CA GLY H 413 -40.23 11.33 -28.43
C GLY H 413 -41.53 10.56 -28.58
N THR H 414 -41.87 9.73 -27.58
CA THR H 414 -43.11 8.93 -27.63
C THR H 414 -44.31 9.82 -27.29
N VAL H 415 -44.20 10.65 -26.25
CA VAL H 415 -45.31 11.49 -25.79
C VAL H 415 -45.63 12.61 -26.79
N TYR H 416 -44.64 13.46 -27.15
CA TYR H 416 -44.89 14.56 -28.09
C TYR H 416 -44.93 14.07 -29.55
N GLY H 417 -44.19 13.02 -29.86
CA GLY H 417 -44.23 12.41 -31.20
C GLY H 417 -45.59 11.79 -31.51
N SER H 418 -46.42 11.49 -30.48
CA SER H 418 -47.77 10.97 -30.71
C SER H 418 -48.74 12.08 -31.17
N ILE H 419 -48.33 13.38 -31.15
CA ILE H 419 -49.19 14.49 -31.53
C ILE H 419 -48.88 14.87 -33.00
N PRO H 420 -49.87 14.82 -33.91
CA PRO H 420 -49.59 15.12 -35.34
C PRO H 420 -48.94 16.47 -35.66
N GLU H 421 -49.34 17.56 -35.00
CA GLU H 421 -48.77 18.89 -35.29
C GLU H 421 -47.25 18.94 -35.04
N PHE H 422 -46.77 18.14 -34.07
CA PHE H 422 -45.35 18.07 -33.74
C PHE H 422 -44.62 17.20 -34.77
N ARG H 423 -45.23 16.08 -35.19
CA ARG H 423 -44.65 15.16 -36.17
C ARG H 423 -44.54 15.79 -37.55
N GLU H 424 -45.58 16.54 -37.98
CA GLU H 424 -45.65 17.12 -39.31
C GLU H 424 -45.91 18.62 -39.24
N PRO H 425 -44.92 19.39 -38.77
CA PRO H 425 -45.12 20.84 -38.61
C PRO H 425 -45.28 21.64 -39.89
N ILE H 426 -44.56 21.30 -40.99
CA ILE H 426 -44.70 22.06 -42.25
C ILE H 426 -46.15 21.95 -42.76
N LYS H 427 -46.65 20.71 -42.86
CA LYS H 427 -48.01 20.43 -43.30
C LYS H 427 -49.03 21.14 -42.40
N THR H 428 -48.84 21.07 -41.09
CA THR H 428 -49.78 21.69 -40.14
C THR H 428 -49.81 23.21 -40.28
N VAL H 429 -48.63 23.85 -40.39
CA VAL H 429 -48.55 25.30 -40.55
C VAL H 429 -49.23 25.75 -41.84
N ALA H 430 -48.91 25.10 -42.97
CA ALA H 430 -49.48 25.45 -44.25
C ALA H 430 -51.00 25.27 -44.28
N ALA H 431 -51.50 24.20 -43.65
CA ALA H 431 -52.94 23.92 -43.63
C ALA H 431 -53.74 24.93 -42.81
N SER H 432 -53.11 25.63 -41.83
CA SER H 432 -53.83 26.57 -40.98
C SER H 432 -54.11 27.94 -41.61
N LEU H 433 -53.54 28.22 -42.78
CA LEU H 433 -53.73 29.50 -43.43
C LEU H 433 -55.16 29.71 -43.93
N ALA I 2 -26.19 29.12 -64.87
CA ALA I 2 -24.77 28.81 -64.72
C ALA I 2 -24.05 29.86 -63.83
N TYR I 3 -22.87 29.48 -63.29
CA TYR I 3 -22.11 30.36 -62.40
C TYR I 3 -20.67 29.86 -62.31
N GLU I 4 -19.69 30.74 -62.52
CA GLU I 4 -18.27 30.39 -62.43
C GLU I 4 -17.72 30.81 -61.07
N PRO I 5 -17.41 29.87 -60.14
CA PRO I 5 -16.88 30.28 -58.84
C PRO I 5 -15.58 31.07 -58.92
N GLN I 6 -15.46 32.11 -58.09
CA GLN I 6 -14.25 32.96 -58.02
C GLN I 6 -13.42 32.68 -56.74
N TYR I 7 -14.04 32.06 -55.71
CA TYR I 7 -13.42 31.55 -54.49
C TYR I 7 -12.87 32.57 -53.49
N TYR I 8 -12.00 33.48 -53.94
CA TYR I 8 -11.28 34.36 -53.04
C TYR I 8 -10.64 35.52 -53.83
N PRO I 9 -10.54 36.72 -53.23
CA PRO I 9 -9.91 37.85 -53.95
C PRO I 9 -8.37 37.76 -53.91
N GLY I 10 -7.70 38.79 -54.43
CA GLY I 10 -6.23 38.86 -54.41
C GLY I 10 -5.60 38.45 -55.72
N ASN I 11 -4.38 38.97 -55.97
CA ASN I 11 -3.65 38.72 -57.21
C ASN I 11 -2.22 38.23 -57.01
N THR I 12 -1.76 38.02 -55.76
CA THR I 12 -0.40 37.54 -55.52
C THR I 12 -0.34 36.00 -55.68
N SER I 13 0.86 35.40 -55.68
CA SER I 13 1.03 33.95 -55.75
C SER I 13 0.28 33.27 -54.58
N VAL I 14 0.26 33.90 -53.39
CA VAL I 14 -0.45 33.36 -52.23
C VAL I 14 -1.95 33.23 -52.53
N ALA I 15 -2.59 34.29 -53.05
CA ALA I 15 -4.01 34.26 -53.38
C ALA I 15 -4.30 33.23 -54.48
N GLN I 16 -3.39 33.13 -55.47
CA GLN I 16 -3.51 32.17 -56.56
C GLN I 16 -3.45 30.73 -56.01
N ASN I 17 -2.52 30.47 -55.09
CA ASN I 17 -2.39 29.16 -54.45
C ASN I 17 -3.62 28.86 -53.57
N ARG I 18 -4.18 29.87 -52.91
CA ARG I 18 -5.38 29.69 -52.10
C ARG I 18 -6.56 29.26 -52.97
N ARG I 19 -6.68 29.84 -54.17
CA ARG I 19 -7.73 29.44 -55.10
C ARG I 19 -7.46 28.05 -55.67
N LYS I 20 -6.18 27.66 -55.86
CA LYS I 20 -5.83 26.31 -56.30
C LYS I 20 -6.29 25.29 -55.26
N HIS I 21 -5.99 25.52 -53.97
CA HIS I 21 -6.38 24.60 -52.91
C HIS I 21 -7.90 24.55 -52.79
N MET I 22 -8.58 25.70 -52.86
CA MET I 22 -10.04 25.74 -52.77
C MET I 22 -10.68 24.96 -53.92
N SER I 23 -10.24 25.22 -55.17
CA SER I 23 -10.82 24.56 -56.35
C SER I 23 -10.35 23.12 -56.58
N GLY I 24 -9.35 22.65 -55.82
CA GLY I 24 -8.80 21.32 -56.03
C GLY I 24 -7.85 21.23 -57.22
N ASN I 25 -7.41 22.39 -57.78
CA ASN I 25 -6.49 22.43 -58.91
C ASN I 25 -5.07 22.38 -58.34
N VAL I 26 -4.73 21.23 -57.75
CA VAL I 26 -3.45 21.00 -57.10
C VAL I 26 -2.66 19.91 -57.83
N GLU I 27 -1.38 20.14 -58.01
CA GLU I 27 -0.47 19.25 -58.73
C GLU I 27 -0.12 18.05 -57.86
N LYS I 28 0.00 16.86 -58.46
CA LYS I 28 0.42 15.66 -57.76
C LYS I 28 1.96 15.66 -57.79
N LEU I 29 2.62 15.63 -56.61
CA LEU I 29 4.09 15.66 -56.54
C LEU I 29 4.74 14.37 -56.05
N ARG I 30 3.96 13.46 -55.47
CA ARG I 30 4.52 12.22 -54.95
C ARG I 30 3.46 11.14 -54.87
N GLU I 31 3.90 9.89 -54.73
CA GLU I 31 2.98 8.77 -54.65
C GLU I 31 3.10 8.07 -53.33
N ILE I 32 1.97 7.59 -52.81
CA ILE I 32 1.92 6.80 -51.59
C ILE I 32 1.02 5.61 -51.89
N SER I 33 1.48 4.40 -51.58
CA SER I 33 0.68 3.20 -51.82
C SER I 33 -0.51 3.15 -50.88
N ASP I 34 -1.53 2.36 -51.21
CA ASP I 34 -2.71 2.23 -50.34
C ASP I 34 -2.33 1.67 -48.97
N GLU I 35 -1.44 0.66 -48.92
CA GLU I 35 -1.02 0.07 -47.64
C GLU I 35 -0.18 1.01 -46.78
N ASP I 36 0.76 1.76 -47.40
CA ASP I 36 1.56 2.73 -46.65
C ASP I 36 0.67 3.84 -46.10
N LEU I 37 -0.39 4.25 -46.84
CA LEU I 37 -1.29 5.27 -46.35
C LEU I 37 -2.06 4.74 -45.13
N THR I 38 -2.61 3.51 -45.22
CA THR I 38 -3.33 2.90 -44.09
C THR I 38 -2.40 2.75 -42.87
N ALA I 39 -1.14 2.38 -43.09
CA ALA I 39 -0.18 2.24 -41.99
C ALA I 39 0.05 3.57 -41.24
N ILE I 40 0.33 4.67 -41.94
CA ILE I 40 0.61 5.96 -41.29
C ILE I 40 -0.63 6.57 -40.63
N LEU I 41 -1.85 6.23 -41.06
CA LEU I 41 -3.06 6.76 -40.40
C LEU I 41 -3.33 6.04 -39.07
N GLY I 42 -2.90 4.77 -38.94
CA GLY I 42 -3.00 4.03 -37.69
C GLY I 42 -4.39 3.61 -37.23
N HIS I 43 -5.38 3.52 -38.13
CA HIS I 43 -6.75 3.13 -37.75
C HIS I 43 -6.99 1.62 -37.85
N ARG I 44 -6.24 0.92 -38.71
CA ARG I 44 -6.39 -0.53 -38.86
C ARG I 44 -5.15 -1.12 -39.56
N ALA I 45 -5.01 -2.45 -39.55
CA ALA I 45 -3.87 -3.10 -40.17
C ALA I 45 -3.88 -2.88 -41.70
N PRO I 46 -2.74 -2.53 -42.35
CA PRO I 46 -2.77 -2.37 -43.81
C PRO I 46 -3.26 -3.63 -44.52
N GLY I 47 -4.10 -3.45 -45.53
CA GLY I 47 -4.67 -4.56 -46.28
C GLY I 47 -5.95 -5.13 -45.69
N SER I 48 -6.24 -4.84 -44.41
CA SER I 48 -7.44 -5.37 -43.76
C SER I 48 -8.70 -4.64 -44.22
N ASP I 49 -9.86 -5.28 -44.02
CA ASP I 49 -11.14 -4.67 -44.36
C ASP I 49 -11.46 -3.55 -43.38
N TYR I 50 -12.27 -2.58 -43.81
CA TYR I 50 -12.66 -1.45 -42.98
C TYR I 50 -13.67 -1.90 -41.90
N PRO I 51 -13.38 -1.79 -40.58
CA PRO I 51 -14.38 -2.21 -39.59
C PRO I 51 -15.62 -1.32 -39.57
N SER I 52 -16.72 -1.85 -39.04
CA SER I 52 -18.00 -1.15 -38.95
C SER I 52 -18.35 -0.82 -37.50
N GLU I 62 -33.10 2.17 -43.00
CA GLU I 62 -33.06 3.55 -42.49
C GLU I 62 -34.48 4.10 -42.25
N PRO I 63 -34.63 5.15 -41.42
CA PRO I 63 -35.96 5.73 -41.23
C PRO I 63 -36.48 6.40 -42.51
N ASP I 64 -37.80 6.55 -42.58
CA ASP I 64 -38.46 7.17 -43.74
C ASP I 64 -38.14 8.66 -43.68
N CYS I 65 -37.20 9.11 -44.50
CA CYS I 65 -36.80 10.52 -44.52
C CYS I 65 -36.64 10.97 -45.96
N PRO I 66 -37.30 12.07 -46.35
CA PRO I 66 -37.16 12.55 -47.73
C PRO I 66 -35.75 13.01 -48.10
N ILE I 67 -34.97 13.44 -47.12
CA ILE I 67 -33.60 13.91 -47.37
C ILE I 67 -32.69 12.70 -47.58
N ARG I 68 -32.83 11.65 -46.76
CA ARG I 68 -32.05 10.42 -46.95
C ARG I 68 -32.30 9.81 -48.35
N GLU I 69 -33.53 9.96 -48.86
CA GLU I 69 -33.90 9.46 -50.17
C GLU I 69 -33.28 10.22 -51.35
N ILE I 70 -32.88 11.50 -51.15
CA ILE I 70 -32.31 12.32 -52.23
C ILE I 70 -30.82 12.65 -52.02
N VAL I 71 -30.24 12.34 -50.85
CA VAL I 71 -28.80 12.56 -50.62
C VAL I 71 -28.16 11.19 -50.64
N GLU I 72 -27.34 10.92 -51.65
CA GLU I 72 -26.68 9.64 -51.80
C GLU I 72 -25.61 9.47 -50.71
N PRO I 73 -25.62 8.36 -49.96
CA PRO I 73 -24.53 8.16 -48.98
C PRO I 73 -23.19 7.93 -49.67
N THR I 74 -22.11 8.31 -49.01
CA THR I 74 -20.77 8.07 -49.53
C THR I 74 -20.50 6.56 -49.48
N PRO I 75 -19.45 6.03 -50.15
CA PRO I 75 -19.14 4.60 -50.02
C PRO I 75 -18.92 4.19 -48.55
N GLY I 76 -18.27 5.04 -47.78
CA GLY I 76 -18.03 4.81 -46.37
C GLY I 76 -19.29 4.75 -45.54
N ALA I 77 -20.26 5.64 -45.81
CA ALA I 77 -21.53 5.64 -45.08
C ALA I 77 -22.36 4.41 -45.43
N ALA I 78 -22.40 4.04 -46.73
CA ALA I 78 -23.16 2.87 -47.17
C ALA I 78 -22.64 1.59 -46.51
N ALA I 79 -21.32 1.47 -46.32
CA ALA I 79 -20.72 0.30 -45.70
C ALA I 79 -20.78 0.28 -44.16
N GLY I 80 -21.19 1.38 -43.53
CA GLY I 80 -21.28 1.47 -42.08
C GLY I 80 -19.93 1.66 -41.40
N ASP I 81 -18.96 2.25 -42.11
CA ASP I 81 -17.59 2.48 -41.60
C ASP I 81 -17.58 3.36 -40.37
N ARG I 82 -16.55 3.20 -39.55
CA ARG I 82 -16.34 4.04 -38.37
C ARG I 82 -15.82 5.41 -38.82
N ILE I 83 -16.05 6.46 -38.02
CA ILE I 83 -15.56 7.81 -38.33
C ILE I 83 -14.10 7.86 -37.92
N ARG I 84 -13.20 8.10 -38.88
CA ARG I 84 -11.76 8.21 -38.62
C ARG I 84 -11.22 9.56 -39.05
N TYR I 85 -9.94 9.83 -38.78
CA TYR I 85 -9.39 11.16 -39.00
C TYR I 85 -8.05 11.19 -39.71
N VAL I 86 -7.76 12.35 -40.30
CA VAL I 86 -6.48 12.68 -40.92
C VAL I 86 -6.15 14.05 -40.35
N GLN I 87 -5.07 14.19 -39.59
CA GLN I 87 -4.72 15.48 -38.99
C GLN I 87 -3.32 15.91 -39.41
N TRP I 88 -3.20 17.17 -39.88
CA TRP I 88 -1.96 17.75 -40.37
C TRP I 88 -1.50 18.95 -39.57
N THR I 89 -0.19 19.10 -39.44
CA THR I 89 0.45 20.28 -38.84
C THR I 89 1.30 20.84 -39.98
N ASP I 90 1.24 22.16 -40.20
CA ASP I 90 1.96 22.81 -41.31
C ASP I 90 2.81 23.97 -40.82
N SER I 91 4.11 23.98 -41.15
CA SER I 91 4.99 25.05 -40.71
C SER I 91 4.58 26.40 -41.26
N MET I 92 4.72 27.43 -40.45
CA MET I 92 4.50 28.79 -40.89
C MET I 92 5.64 29.30 -41.81
N TYR I 93 6.74 28.51 -41.96
CA TYR I 93 7.85 28.83 -42.84
C TYR I 93 7.56 28.33 -44.23
N ASN I 94 6.49 28.87 -44.79
CA ASN I 94 6.03 28.62 -46.14
C ASN I 94 5.70 27.16 -46.46
N ALA I 95 5.08 26.41 -45.51
CA ALA I 95 4.54 25.09 -45.86
C ALA I 95 3.42 25.34 -46.93
N PRO I 96 3.30 24.53 -47.99
CA PRO I 96 2.27 24.83 -49.01
C PRO I 96 0.87 25.07 -48.43
N ALA I 97 0.55 24.34 -47.37
CA ALA I 97 -0.75 24.42 -46.74
C ALA I 97 -0.83 25.36 -45.57
N THR I 98 -2.03 25.93 -45.39
CA THR I 98 -2.41 26.67 -44.21
C THR I 98 -3.65 25.97 -43.66
N PRO I 99 -3.85 25.96 -42.34
CA PRO I 99 -5.00 25.23 -41.78
C PRO I 99 -6.36 25.57 -42.41
N TYR I 100 -6.71 26.87 -42.55
CA TYR I 100 -8.04 27.19 -43.14
C TYR I 100 -8.16 26.66 -44.56
N TRP I 101 -7.08 26.73 -45.35
CA TRP I 101 -7.15 26.30 -46.74
C TRP I 101 -7.17 24.76 -46.89
N ARG I 102 -6.65 23.97 -45.92
CA ARG I 102 -6.85 22.51 -45.97
C ARG I 102 -8.35 22.25 -45.69
N SER I 103 -8.97 23.00 -44.77
CA SER I 103 -10.39 22.85 -44.48
C SER I 103 -11.25 23.28 -45.67
N TYR I 104 -10.89 24.37 -46.37
CA TYR I 104 -11.66 24.81 -47.55
C TYR I 104 -11.52 23.78 -48.66
N TYR I 105 -10.30 23.21 -48.84
CA TYR I 105 -10.11 22.15 -49.84
C TYR I 105 -11.06 20.97 -49.55
N ALA I 106 -11.14 20.53 -48.29
CA ALA I 106 -11.98 19.41 -47.92
C ALA I 106 -13.46 19.75 -48.08
N ALA I 107 -13.90 20.93 -47.61
CA ALA I 107 -15.30 21.36 -47.70
C ALA I 107 -15.79 21.50 -49.14
N ILE I 108 -14.92 21.90 -50.06
CA ILE I 108 -15.31 22.10 -51.45
C ILE I 108 -15.23 20.82 -52.28
N ASN I 109 -14.19 20.02 -52.08
CA ASN I 109 -13.90 18.88 -52.95
C ASN I 109 -14.24 17.49 -52.42
N HIS I 110 -14.62 17.34 -51.14
CA HIS I 110 -14.96 16.03 -50.60
C HIS I 110 -16.34 16.03 -49.96
N ARG I 111 -17.09 14.94 -50.17
CA ARG I 111 -18.43 14.83 -49.60
C ARG I 111 -18.39 14.22 -48.22
N GLY I 112 -19.37 14.57 -47.38
CA GLY I 112 -19.50 13.99 -46.04
C GLY I 112 -18.26 14.08 -45.18
N VAL I 113 -17.72 15.31 -45.07
CA VAL I 113 -16.50 15.55 -44.29
C VAL I 113 -16.76 16.48 -43.12
N ASP I 114 -15.94 16.36 -42.08
CA ASP I 114 -16.05 17.17 -40.89
C ASP I 114 -14.70 17.85 -40.62
N PRO I 115 -14.37 18.92 -41.38
CA PRO I 115 -13.09 19.60 -41.18
C PRO I 115 -13.05 20.52 -39.96
N GLY I 116 -11.89 20.62 -39.34
CA GLY I 116 -11.65 21.47 -38.19
C GLY I 116 -10.35 22.22 -38.36
N THR I 117 -10.39 23.55 -38.17
CA THR I 117 -9.20 24.40 -38.31
C THR I 117 -8.75 24.91 -36.97
N LEU I 118 -7.45 24.79 -36.72
CA LEU I 118 -6.78 25.32 -35.53
C LEU I 118 -5.43 25.87 -36.00
N SER I 119 -4.70 26.60 -35.16
CA SER I 119 -3.41 27.15 -35.59
C SER I 119 -2.32 26.09 -35.82
N GLY I 120 -2.19 25.14 -34.89
CA GLY I 120 -1.15 24.12 -34.95
C GLY I 120 -1.58 22.75 -35.45
N ARG I 121 -2.80 22.63 -35.90
CA ARG I 121 -3.34 21.36 -36.38
C ARG I 121 -4.59 21.62 -37.20
N GLN I 122 -4.83 20.77 -38.17
CA GLN I 122 -6.03 20.85 -39.00
C GLN I 122 -6.48 19.41 -39.17
N ILE I 123 -7.76 19.16 -38.99
CA ILE I 123 -8.29 17.80 -39.03
C ILE I 123 -9.43 17.62 -39.98
N VAL I 124 -9.59 16.41 -40.50
CA VAL I 124 -10.76 16.05 -41.26
C VAL I 124 -11.21 14.72 -40.68
N GLU I 125 -12.45 14.66 -40.19
CA GLU I 125 -13.04 13.40 -39.75
C GLU I 125 -14.06 13.02 -40.82
N ALA I 126 -14.12 11.74 -41.14
CA ALA I 126 -15.08 11.22 -42.13
C ALA I 126 -15.16 9.70 -41.99
N ARG I 127 -16.13 9.03 -42.66
CA ARG I 127 -16.22 7.56 -42.70
C ARG I 127 -14.85 7.01 -43.23
N GLU I 128 -14.27 6.02 -42.56
CA GLU I 128 -12.88 5.57 -42.81
C GLU I 128 -12.46 5.51 -44.30
N ARG I 129 -13.24 4.84 -45.18
CA ARG I 129 -12.90 4.74 -46.62
C ARG I 129 -12.75 6.14 -47.24
N ASP I 130 -13.71 7.02 -46.89
CA ASP I 130 -13.77 8.38 -47.41
C ASP I 130 -12.59 9.21 -46.89
N VAL I 131 -12.25 9.08 -45.60
CA VAL I 131 -11.13 9.84 -45.04
C VAL I 131 -9.79 9.39 -45.66
N GLU I 132 -9.68 8.11 -46.12
CA GLU I 132 -8.46 7.65 -46.80
C GLU I 132 -8.37 8.25 -48.19
N VAL I 133 -9.50 8.41 -48.90
CA VAL I 133 -9.50 9.06 -50.24
C VAL I 133 -9.01 10.50 -50.07
N TYR I 134 -9.53 11.20 -49.04
CA TYR I 134 -9.10 12.55 -48.71
C TYR I 134 -7.60 12.54 -48.32
N GLY I 135 -7.21 11.65 -47.41
CA GLY I 135 -5.85 11.52 -46.91
C GLY I 135 -4.82 11.34 -48.01
N LYS I 136 -5.14 10.52 -49.02
CA LYS I 136 -4.25 10.31 -50.16
C LYS I 136 -3.99 11.64 -50.88
N MET I 137 -5.06 12.40 -51.18
CA MET I 137 -4.91 13.70 -51.83
C MET I 137 -4.17 14.70 -50.94
N SER I 138 -4.40 14.67 -49.63
CA SER I 138 -3.76 15.58 -48.69
C SER I 138 -2.22 15.38 -48.62
N ILE I 139 -1.72 14.15 -48.87
CA ILE I 139 -0.30 13.85 -48.80
C ILE I 139 0.40 13.80 -50.17
N GLU I 140 -0.28 13.35 -51.22
CA GLU I 140 0.32 13.23 -52.55
C GLU I 140 0.47 14.56 -53.31
N THR I 141 -0.45 15.51 -53.07
CA THR I 141 -0.45 16.77 -53.81
C THR I 141 0.49 17.82 -53.21
N GLU I 142 0.66 18.94 -53.95
CA GLU I 142 1.43 20.08 -53.54
C GLU I 142 0.93 20.74 -52.26
N MET I 143 -0.26 20.40 -51.76
CA MET I 143 -0.72 20.95 -50.48
C MET I 143 0.21 20.48 -49.33
N THR I 144 1.14 19.53 -49.57
CA THR I 144 2.06 19.04 -48.55
C THR I 144 3.49 19.07 -49.04
N CYS I 145 4.38 19.44 -48.13
CA CYS I 145 5.82 19.29 -48.27
C CYS I 145 6.11 18.30 -47.11
N PRO I 146 6.76 17.15 -47.37
CA PRO I 146 7.00 16.19 -46.28
C PRO I 146 7.96 16.64 -45.17
N ALA I 147 8.70 17.77 -45.33
CA ALA I 147 9.57 18.27 -44.25
C ALA I 147 8.85 19.39 -43.46
N LEU I 148 8.21 20.35 -44.17
CA LEU I 148 7.50 21.45 -43.53
C LEU I 148 6.12 21.06 -43.02
N ALA I 149 5.62 19.86 -43.31
CA ALA I 149 4.33 19.40 -42.80
C ALA I 149 4.48 18.00 -42.21
N GLY I 150 3.56 17.62 -41.34
CA GLY I 150 3.59 16.30 -40.74
C GLY I 150 2.21 15.87 -40.27
N LEU I 151 1.88 14.60 -40.46
CA LEU I 151 0.62 14.04 -39.97
C LEU I 151 0.83 13.84 -38.48
N ARG I 152 -0.01 14.48 -37.67
CA ARG I 152 0.07 14.41 -36.20
C ARG I 152 -1.32 14.39 -35.62
N GLY I 153 -1.77 13.25 -35.14
CA GLY I 153 -3.05 13.14 -34.46
C GLY I 153 -2.96 13.53 -32.98
N ALA I 154 -1.73 13.75 -32.47
CA ALA I 154 -1.50 14.14 -31.08
C ALA I 154 -0.08 14.72 -30.93
N THR I 155 0.15 15.61 -29.96
CA THR I 155 1.46 16.25 -29.72
C THR I 155 1.90 16.98 -31.01
N VAL I 156 1.10 17.95 -31.39
CA VAL I 156 1.21 18.64 -32.67
C VAL I 156 2.26 19.76 -32.73
N HIS I 157 2.71 20.26 -31.57
CA HIS I 157 3.66 21.39 -31.45
C HIS I 157 4.72 21.46 -32.56
N GLY I 158 4.83 22.59 -33.22
CA GLY I 158 5.83 22.76 -34.26
C GLY I 158 5.50 23.76 -35.36
N HIS I 159 4.21 24.05 -35.63
CA HIS I 159 3.86 24.96 -36.72
C HIS I 159 4.54 26.32 -36.65
N SER I 160 4.66 26.86 -35.43
CA SER I 160 5.23 28.18 -35.16
C SER I 160 6.68 28.12 -34.61
N CYS I 161 7.29 26.92 -34.51
CA CYS I 161 8.64 26.77 -34.01
C CYS I 161 9.62 27.04 -35.12
N ARG I 162 10.85 27.43 -34.74
CA ARG I 162 11.94 27.57 -35.70
C ARG I 162 12.23 26.19 -36.31
N LEU I 163 12.53 26.14 -37.60
CA LEU I 163 12.84 24.86 -38.25
C LEU I 163 14.12 24.27 -37.67
N GLN I 164 14.29 22.95 -37.81
CA GLN I 164 15.54 22.30 -37.42
C GLN I 164 16.64 22.76 -38.41
N GLU I 165 17.91 22.54 -38.08
CA GLU I 165 19.00 22.91 -38.97
C GLU I 165 18.86 22.25 -40.38
N ASP I 166 18.22 21.06 -40.44
CA ASP I 166 18.01 20.37 -41.72
C ASP I 166 16.75 20.85 -42.50
N GLY I 167 16.03 21.85 -41.99
CA GLY I 167 14.84 22.39 -42.64
C GLY I 167 13.54 21.66 -42.33
N VAL I 168 13.59 20.64 -41.47
CA VAL I 168 12.42 19.84 -41.12
C VAL I 168 11.73 20.47 -39.92
N MET I 169 10.39 20.48 -39.93
CA MET I 169 9.65 21.05 -38.82
C MET I 169 9.72 20.07 -37.63
N PHE I 170 10.10 20.60 -36.46
CA PHE I 170 10.19 19.85 -35.20
C PHE I 170 8.96 19.00 -34.92
N ASP I 171 9.17 17.77 -34.43
CA ASP I 171 8.11 16.87 -34.00
C ASP I 171 8.58 16.30 -32.66
N MET I 172 7.89 16.58 -31.55
CA MET I 172 8.27 16.04 -30.25
C MET I 172 8.32 14.50 -30.26
N LEU I 173 7.43 13.84 -31.02
CA LEU I 173 7.37 12.38 -31.12
C LEU I 173 8.18 11.77 -32.26
N ASP I 174 8.91 12.59 -33.03
CA ASP I 174 9.81 12.10 -34.08
C ASP I 174 9.16 11.05 -35.01
N ARG I 175 7.97 11.34 -35.55
CA ARG I 175 7.28 10.40 -36.43
C ARG I 175 7.91 10.33 -37.83
N ARG I 176 8.51 11.44 -38.29
CA ARG I 176 9.12 11.48 -39.61
C ARG I 176 10.36 12.36 -39.58
N ARG I 177 11.35 12.01 -40.39
CA ARG I 177 12.62 12.73 -40.42
C ARG I 177 13.35 12.51 -41.74
N LEU I 178 14.35 13.35 -42.01
CA LEU I 178 15.13 13.25 -43.23
C LEU I 178 16.20 12.17 -43.00
N GLU I 179 16.28 11.20 -43.93
CA GLU I 179 17.22 10.09 -43.91
C GLU I 179 17.74 9.89 -45.33
N GLY I 180 18.99 10.22 -45.57
CA GLY I 180 19.58 10.10 -46.90
C GLY I 180 18.92 10.97 -47.95
N GLY I 181 18.54 12.19 -47.56
CA GLY I 181 17.93 13.16 -48.47
C GLY I 181 16.44 12.99 -48.71
N THR I 182 15.82 11.95 -48.14
CA THR I 182 14.39 11.73 -48.32
C THR I 182 13.68 11.66 -46.97
N ILE I 183 12.40 12.02 -46.93
CA ILE I 183 11.64 11.97 -45.69
C ILE I 183 11.10 10.56 -45.48
N ILE I 184 11.38 9.98 -44.32
CA ILE I 184 10.90 8.66 -43.92
C ILE I 184 9.95 8.86 -42.75
N MET I 185 8.78 8.23 -42.80
CA MET I 185 7.80 8.25 -41.71
C MET I 185 7.74 6.81 -41.24
N ASP I 186 8.15 6.53 -39.99
CA ASP I 186 8.19 5.16 -39.47
C ASP I 186 7.36 4.98 -38.17
N LYS I 187 6.42 5.89 -37.92
CA LYS I 187 5.47 5.82 -36.81
C LYS I 187 4.13 6.30 -37.38
N ASP I 188 3.00 5.88 -36.80
CA ASP I 188 1.70 6.34 -37.27
C ASP I 188 1.45 7.79 -36.79
N GLN I 189 0.34 8.42 -37.22
CA GLN I 189 0.08 9.81 -36.86
C GLN I 189 -0.02 10.04 -35.35
N VAL I 190 -0.26 9.01 -34.51
CA VAL I 190 -0.26 9.22 -33.04
C VAL I 190 1.03 8.71 -32.36
N GLY I 191 2.10 8.52 -33.11
CA GLY I 191 3.40 8.15 -32.55
C GLY I 191 3.68 6.67 -32.32
N VAL I 192 2.80 5.75 -32.76
CA VAL I 192 3.04 4.32 -32.55
C VAL I 192 4.05 3.83 -33.59
N PRO I 193 5.20 3.25 -33.19
CA PRO I 193 6.14 2.74 -34.22
C PRO I 193 5.52 1.75 -35.20
N LEU I 194 5.87 1.88 -36.47
CA LEU I 194 5.39 1.00 -37.52
C LEU I 194 6.38 -0.14 -37.73
N ASP I 195 5.88 -1.24 -38.30
CA ASP I 195 6.72 -2.36 -38.71
C ASP I 195 7.39 -2.08 -40.10
N ARG I 196 7.25 -0.84 -40.65
CA ARG I 196 7.78 -0.46 -41.95
C ARG I 196 8.29 1.00 -41.94
N LYS I 197 9.03 1.36 -43.00
CA LYS I 197 9.50 2.72 -43.25
C LYS I 197 8.71 3.20 -44.47
N VAL I 198 8.04 4.35 -44.37
CA VAL I 198 7.27 4.89 -45.49
C VAL I 198 8.03 6.07 -46.06
N ASP I 199 8.37 6.00 -47.35
CA ASP I 199 9.12 7.06 -47.99
C ASP I 199 8.17 8.12 -48.58
N LEU I 200 8.13 9.33 -47.99
CA LEU I 200 7.32 10.44 -48.48
C LEU I 200 8.08 11.35 -49.47
N GLY I 201 9.21 10.88 -50.01
CA GLY I 201 9.97 11.65 -50.99
C GLY I 201 10.78 12.80 -50.42
N LYS I 202 11.51 13.47 -51.31
CA LYS I 202 12.37 14.59 -50.95
C LYS I 202 11.52 15.83 -50.64
N PRO I 203 11.94 16.69 -49.69
CA PRO I 203 11.17 17.91 -49.44
C PRO I 203 11.31 18.98 -50.51
N MET I 204 10.41 19.97 -50.46
CA MET I 204 10.46 21.09 -51.37
C MET I 204 11.65 21.95 -51.05
N SER I 205 12.20 22.61 -52.06
CA SER I 205 13.26 23.58 -51.86
C SER I 205 12.62 24.82 -51.21
N GLU I 206 13.43 25.72 -50.63
CA GLU I 206 12.90 26.95 -50.03
C GLU I 206 12.17 27.81 -51.09
N GLU I 207 12.74 27.88 -52.31
CA GLU I 207 12.14 28.64 -53.40
C GLU I 207 10.80 28.03 -53.83
N GLU I 208 10.71 26.69 -53.95
CA GLU I 208 9.46 26.03 -54.33
C GLU I 208 8.39 26.28 -53.28
N ALA I 209 8.73 26.12 -51.99
CA ALA I 209 7.77 26.34 -50.90
C ALA I 209 7.26 27.79 -50.93
N ALA I 210 8.15 28.77 -51.15
CA ALA I 210 7.76 30.18 -51.22
C ALA I 210 6.79 30.45 -52.40
N LYS I 211 7.00 29.77 -53.53
CA LYS I 211 6.17 29.93 -54.72
C LYS I 211 4.81 29.22 -54.58
N ARG I 212 4.76 28.10 -53.83
CA ARG I 212 3.55 27.29 -53.70
C ARG I 212 2.72 27.58 -52.44
N THR I 213 3.25 28.37 -51.50
CA THR I 213 2.56 28.58 -50.23
C THR I 213 1.30 29.45 -50.28
N THR I 214 0.32 29.08 -49.42
CA THR I 214 -0.92 29.80 -49.17
C THR I 214 -0.76 30.70 -47.92
N ILE I 215 0.47 30.85 -47.33
CA ILE I 215 0.66 31.75 -46.19
C ILE I 215 1.33 33.03 -46.69
N TYR I 216 0.94 34.17 -46.12
CA TYR I 216 1.61 35.43 -46.42
C TYR I 216 2.77 35.57 -45.43
N ARG I 217 3.88 36.18 -45.86
CA ARG I 217 5.02 36.46 -45.00
C ARG I 217 5.68 37.75 -45.48
N VAL I 218 6.07 38.62 -44.55
CA VAL I 218 6.69 39.91 -44.89
C VAL I 218 7.98 39.70 -45.73
N ASP I 219 8.68 38.56 -45.55
CA ASP I 219 9.92 38.26 -46.28
C ASP I 219 9.69 37.40 -47.53
N ASN I 220 8.43 37.24 -47.98
CA ASN I 220 8.14 36.50 -49.20
C ASN I 220 7.06 37.30 -49.97
N VAL I 221 5.77 37.12 -49.62
CA VAL I 221 4.67 37.84 -50.22
C VAL I 221 3.95 38.46 -49.04
N PRO I 222 4.21 39.74 -48.71
CA PRO I 222 3.58 40.33 -47.53
C PRO I 222 2.06 40.39 -47.65
N PHE I 223 1.35 40.15 -46.55
CA PHE I 223 -0.11 40.26 -46.48
C PHE I 223 -0.55 41.68 -46.92
N ARG I 224 0.18 42.69 -46.44
CA ARG I 224 -0.04 44.10 -46.74
C ARG I 224 -0.06 44.37 -48.26
N SER I 225 0.73 43.61 -49.05
CA SER I 225 0.82 43.81 -50.50
C SER I 225 -0.38 43.31 -51.29
N ASP I 226 -1.23 42.42 -50.73
CA ASP I 226 -2.39 41.92 -51.47
C ASP I 226 -3.59 42.80 -51.10
N SER I 227 -3.61 44.01 -51.69
CA SER I 227 -4.61 45.04 -51.43
C SER I 227 -6.06 44.54 -51.43
N GLU I 228 -6.45 43.71 -52.41
CA GLU I 228 -7.84 43.23 -52.48
C GLU I 228 -8.22 42.36 -51.29
N VAL I 229 -7.28 41.61 -50.72
CA VAL I 229 -7.56 40.76 -49.55
C VAL I 229 -7.78 41.66 -48.33
N VAL I 230 -6.92 42.67 -48.13
CA VAL I 230 -7.08 43.62 -47.01
C VAL I 230 -8.44 44.35 -47.17
N GLU I 231 -8.76 44.77 -48.41
CA GLU I 231 -10.03 45.43 -48.71
C GLU I 231 -11.21 44.50 -48.39
N TRP I 232 -11.12 43.23 -48.79
CA TRP I 232 -12.17 42.24 -48.55
C TRP I 232 -12.43 42.09 -47.04
N VAL I 233 -11.36 42.03 -46.23
CA VAL I 233 -11.50 41.93 -44.77
C VAL I 233 -12.26 43.14 -44.23
N GLN I 234 -11.82 44.34 -44.64
CA GLN I 234 -12.43 45.59 -44.20
C GLN I 234 -13.89 45.68 -44.62
N ARG I 235 -14.21 45.20 -45.82
CA ARG I 235 -15.58 45.21 -46.32
C ARG I 235 -16.47 44.28 -45.50
N ILE I 236 -16.01 43.06 -45.22
CA ILE I 236 -16.77 42.11 -44.41
C ILE I 236 -16.97 42.69 -43.01
N TRP I 237 -15.90 43.25 -42.44
CA TRP I 237 -15.99 43.86 -41.11
C TRP I 237 -17.02 45.02 -41.11
N GLU I 238 -16.94 45.93 -42.09
CA GLU I 238 -17.84 47.07 -42.13
C GLU I 238 -19.29 46.63 -42.33
N LEU I 239 -19.57 45.74 -43.31
CA LEU I 239 -20.93 45.31 -43.56
C LEU I 239 -21.50 44.50 -42.39
N ARG I 240 -20.69 43.64 -41.75
CA ARG I 240 -21.17 42.90 -40.57
C ARG I 240 -21.52 43.89 -39.45
N THR I 241 -20.66 44.91 -39.26
CA THR I 241 -20.87 45.94 -38.25
C THR I 241 -22.17 46.69 -38.50
N ARG I 242 -22.39 47.18 -39.74
CA ARG I 242 -23.56 47.95 -40.08
C ARG I 242 -24.85 47.13 -39.98
N TYR I 243 -24.85 45.90 -40.53
CA TYR I 243 -26.05 45.06 -40.49
C TYR I 243 -26.38 44.55 -39.08
N GLY I 244 -25.38 44.43 -38.21
CA GLY I 244 -25.63 44.06 -36.82
C GLY I 244 -26.41 45.14 -36.08
N PHE I 245 -26.20 46.41 -36.47
CA PHE I 245 -26.91 47.55 -35.93
C PHE I 245 -28.32 47.55 -36.55
N GLN I 246 -28.41 47.63 -37.89
CA GLN I 246 -29.68 47.59 -38.61
C GLN I 246 -29.44 46.87 -39.95
N PRO I 247 -30.09 45.71 -40.19
CA PRO I 247 -29.86 44.98 -41.45
C PRO I 247 -30.62 45.57 -42.64
N GLN I 248 -30.08 46.67 -43.14
CA GLN I 248 -30.60 47.41 -44.28
C GLN I 248 -29.48 48.19 -44.97
N ARG J 6 -28.47 6.22 37.24
CA ARG J 6 -27.52 6.18 36.14
C ARG J 6 -26.55 7.35 36.26
N GLU J 7 -25.23 7.12 36.10
CA GLU J 7 -24.26 8.20 36.19
C GLU J 7 -24.26 8.94 34.86
N GLN J 8 -24.69 10.20 34.86
CA GLN J 8 -24.74 11.02 33.65
C GLN J 8 -23.36 11.14 33.01
N LEU J 9 -23.27 10.89 31.70
CA LEU J 9 -21.99 10.85 30.99
C LEU J 9 -21.27 12.20 30.91
N PHE J 10 -21.98 13.32 31.13
CA PHE J 10 -21.38 14.66 31.08
C PHE J 10 -20.76 15.12 32.40
N LYS J 11 -21.05 14.44 33.53
CA LYS J 11 -20.59 14.91 34.83
C LYS J 11 -19.08 15.09 34.92
N LYS J 12 -18.30 14.15 34.38
CA LYS J 12 -16.84 14.25 34.40
C LYS J 12 -16.37 15.53 33.67
N ALA J 13 -16.96 15.81 32.50
CA ALA J 13 -16.60 17.00 31.73
C ALA J 13 -16.99 18.28 32.49
N LEU J 14 -18.17 18.31 33.12
CA LEU J 14 -18.59 19.49 33.87
C LEU J 14 -17.65 19.76 35.03
N GLU J 15 -17.18 18.70 35.73
CA GLU J 15 -16.25 18.87 36.85
C GLU J 15 -14.94 19.48 36.34
N ILE J 16 -14.43 19.00 35.20
CA ILE J 16 -13.19 19.49 34.63
C ILE J 16 -13.31 20.95 34.15
N LYS J 17 -14.32 21.25 33.33
CA LYS J 17 -14.43 22.58 32.74
C LYS J 17 -14.87 23.68 33.71
N PHE J 18 -15.60 23.35 34.79
CA PHE J 18 -16.05 24.37 35.73
C PHE J 18 -15.29 24.44 37.07
N THR J 19 -14.88 23.29 37.64
CA THR J 19 -14.26 23.27 38.97
C THR J 19 -12.73 23.19 38.97
N GLN J 20 -12.08 23.00 37.81
CA GLN J 20 -10.62 22.94 37.75
C GLN J 20 -10.15 24.14 36.97
N GLU J 21 -9.13 24.84 37.49
CA GLU J 21 -8.64 26.06 36.86
C GLU J 21 -8.20 25.84 35.40
N TRP J 22 -8.66 26.73 34.53
CA TRP J 22 -8.34 26.75 33.11
C TRP J 22 -7.76 28.14 32.89
N GLY J 23 -6.51 28.22 32.45
CA GLY J 23 -5.83 29.49 32.34
C GLY J 23 -5.58 30.03 33.74
N GLU J 24 -6.07 31.23 34.05
CA GLU J 24 -5.97 31.82 35.38
C GLU J 24 -7.36 32.30 35.82
N ASN J 25 -8.40 31.46 35.59
CA ASN J 25 -9.78 31.82 35.95
C ASN J 25 -10.15 31.53 37.39
N LYS J 26 -9.22 30.97 38.21
CA LYS J 26 -9.46 30.70 39.63
C LYS J 26 -10.74 29.87 39.86
N ALA J 27 -10.97 28.84 39.03
CA ALA J 27 -12.17 28.02 39.08
C ALA J 27 -12.57 27.50 40.47
N THR J 28 -11.61 27.10 41.30
CA THR J 28 -11.93 26.59 42.64
C THR J 28 -12.59 27.65 43.53
N GLU J 29 -12.34 28.95 43.25
CA GLU J 29 -12.95 30.07 43.99
C GLU J 29 -14.35 30.43 43.44
N VAL J 30 -14.67 30.02 42.19
CA VAL J 30 -15.97 30.28 41.58
C VAL J 30 -16.96 29.29 42.21
N SER J 31 -16.65 27.99 42.14
CA SER J 31 -17.46 26.92 42.74
C SER J 31 -16.82 25.57 42.48
N THR J 32 -16.83 24.69 43.49
CA THR J 32 -16.32 23.33 43.38
C THR J 32 -17.46 22.28 43.23
N ASP J 33 -18.75 22.71 43.28
CA ASP J 33 -19.90 21.83 43.23
C ASP J 33 -20.67 22.04 41.93
N ILE J 34 -20.67 21.03 41.05
CA ILE J 34 -21.36 21.14 39.75
C ILE J 34 -22.90 21.22 39.88
N THR J 35 -23.46 20.91 41.07
CA THR J 35 -24.91 21.01 41.30
C THR J 35 -25.31 22.37 41.92
N SER J 36 -24.34 23.21 42.35
CA SER J 36 -24.66 24.49 42.97
C SER J 36 -25.25 25.49 41.97
N LYS J 37 -26.36 26.13 42.37
CA LYS J 37 -27.02 27.15 41.56
C LYS J 37 -26.29 28.50 41.63
N LYS J 38 -25.38 28.69 42.61
CA LYS J 38 -24.65 29.93 42.81
C LYS J 38 -23.18 29.79 42.48
N ALA J 39 -22.56 30.90 42.06
CA ALA J 39 -21.16 30.97 41.74
C ALA J 39 -20.60 32.33 42.15
N LYS J 40 -19.31 32.39 42.47
CA LYS J 40 -18.67 33.66 42.81
C LYS J 40 -18.14 34.27 41.53
N TYR J 41 -18.68 35.43 41.12
CA TYR J 41 -18.26 36.13 39.91
C TYR J 41 -17.05 37.01 40.21
N LEU J 42 -15.88 36.63 39.69
CA LEU J 42 -14.63 37.34 39.94
C LEU J 42 -14.34 38.48 38.95
N ARG J 43 -15.05 38.53 37.80
CA ARG J 43 -14.86 39.58 36.80
C ARG J 43 -13.40 39.81 36.40
N LEU J 44 -12.70 38.73 36.06
CA LEU J 44 -11.29 38.82 35.71
C LEU J 44 -11.03 39.36 34.31
N GLY J 45 -11.99 39.24 33.41
CA GLY J 45 -11.82 39.74 32.06
C GLY J 45 -10.71 39.02 31.29
N THR J 46 -9.97 39.77 30.48
CA THR J 46 -8.91 39.23 29.61
C THR J 46 -7.79 38.49 30.37
N ALA J 47 -7.42 38.98 31.56
CA ALA J 47 -6.34 38.41 32.39
C ALA J 47 -6.47 36.91 32.69
N GLN J 48 -7.70 36.37 32.77
CA GLN J 48 -7.88 34.96 33.07
C GLN J 48 -7.57 34.03 31.89
N SER J 49 -7.62 34.54 30.66
CA SER J 49 -7.52 33.70 29.48
C SER J 49 -6.27 33.88 28.64
N PRO J 50 -5.33 32.90 28.64
CA PRO J 50 -4.17 32.98 27.72
C PRO J 50 -4.59 33.16 26.25
N ARG J 51 -5.73 32.58 25.82
CA ARG J 51 -6.22 32.70 24.45
C ARG J 51 -6.64 34.15 24.14
N LYS J 52 -7.44 34.79 25.02
CA LYS J 52 -7.83 36.19 24.79
C LYS J 52 -6.61 37.11 24.88
N ARG J 53 -5.62 36.78 25.75
CA ARG J 53 -4.39 37.58 25.86
C ARG J 53 -3.59 37.46 24.56
N GLU J 54 -3.55 36.26 23.94
CA GLU J 54 -2.89 36.04 22.65
C GLU J 54 -3.55 36.95 21.61
N PHE J 55 -4.89 36.96 21.54
CA PHE J 55 -5.61 37.78 20.58
C PHE J 55 -5.35 39.28 20.82
N GLU J 56 -5.37 39.72 22.08
CA GLU J 56 -5.08 41.10 22.44
C GLU J 56 -3.68 41.51 21.96
N GLN J 57 -2.68 40.65 22.20
CA GLN J 57 -1.30 40.93 21.81
C GLN J 57 -1.17 41.06 20.30
N TYR J 58 -1.77 40.13 19.54
CA TYR J 58 -1.73 40.22 18.09
C TYR J 58 -2.45 41.50 17.62
N GLY J 59 -3.56 41.87 18.26
CA GLY J 59 -4.26 43.10 17.94
C GLY J 59 -3.39 44.34 18.07
N LYS J 60 -2.53 44.39 19.12
CA LYS J 60 -1.61 45.52 19.31
C LYS J 60 -0.58 45.58 18.17
N GLU J 61 0.00 44.43 17.82
CA GLU J 61 1.02 44.36 16.77
C GLU J 61 0.42 44.76 15.43
N ILE J 62 -0.81 44.30 15.14
CA ILE J 62 -1.50 44.61 13.88
C ILE J 62 -1.75 46.11 13.78
N ALA J 63 -2.29 46.72 14.84
CA ALA J 63 -2.55 48.16 14.85
C ALA J 63 -1.25 48.95 14.62
N ALA J 64 -0.16 48.55 15.28
CA ALA J 64 1.12 49.23 15.13
C ALA J 64 1.68 49.08 13.71
N LYS J 65 1.63 47.87 13.13
CA LYS J 65 2.18 47.63 11.81
C LYS J 65 1.42 48.33 10.69
N ARG J 66 0.08 48.27 10.72
CA ARG J 66 -0.73 48.83 9.64
C ARG J 66 -1.02 50.32 9.78
N GLY J 67 -0.95 50.86 10.99
CA GLY J 67 -1.41 52.23 11.23
C GLY J 67 -2.94 52.31 11.18
N LEU J 68 -3.63 51.17 11.31
CA LEU J 68 -5.10 51.06 11.26
C LEU J 68 -5.44 49.94 12.27
N PRO J 69 -6.25 50.24 13.30
CA PRO J 69 -6.43 49.27 14.38
C PRO J 69 -7.27 48.07 14.05
N GLY J 70 -7.16 47.04 14.88
CA GLY J 70 -7.92 45.81 14.74
C GLY J 70 -8.47 45.40 16.09
N TYR J 71 -8.25 44.14 16.46
CA TYR J 71 -8.74 43.58 17.71
C TYR J 71 -8.34 44.42 18.94
N ASP J 72 -9.32 44.70 19.78
CA ASP J 72 -9.11 45.46 21.02
C ASP J 72 -10.22 45.03 21.98
N PRO J 73 -9.92 44.21 23.01
CA PRO J 73 -10.99 43.77 23.92
C PRO J 73 -11.81 44.91 24.55
N LYS J 74 -11.20 46.11 24.72
CA LYS J 74 -11.87 47.27 25.32
C LYS J 74 -12.94 47.89 24.41
N LEU J 75 -13.00 47.50 23.11
CA LEU J 75 -14.06 48.01 22.24
C LEU J 75 -15.38 47.23 22.40
N HIS J 76 -15.45 46.27 23.34
CA HIS J 76 -16.70 45.62 23.67
C HIS J 76 -17.59 46.68 24.34
N LEU J 77 -18.91 46.59 24.12
CA LEU J 77 -19.88 47.56 24.63
C LEU J 77 -19.64 47.95 26.10
N GLY J 78 -19.57 49.25 26.36
CA GLY J 78 -19.29 49.78 27.70
C GLY J 78 -17.83 49.74 28.13
N GLY J 79 -16.93 49.37 27.23
CA GLY J 79 -15.50 49.26 27.57
C GLY J 79 -15.20 48.10 28.51
N ILE J 80 -16.15 47.14 28.64
CA ILE J 80 -16.06 45.99 29.52
C ILE J 80 -15.69 44.78 28.66
N PRO J 81 -14.50 44.18 28.83
CA PRO J 81 -14.13 43.06 27.95
C PRO J 81 -14.78 41.75 28.28
N LEU J 82 -14.72 40.80 27.33
CA LEU J 82 -15.22 39.44 27.53
C LEU J 82 -14.55 38.80 28.74
N GLY J 83 -15.31 38.02 29.48
CA GLY J 83 -14.80 37.35 30.65
C GLY J 83 -15.20 37.97 31.97
N GLN J 84 -16.34 38.71 32.01
CA GLN J 84 -16.87 39.17 33.30
C GLN J 84 -17.37 37.94 34.07
N ARG J 85 -17.93 36.94 33.34
CA ARG J 85 -18.24 35.64 33.88
C ARG J 85 -17.02 34.75 33.61
N GLN J 86 -16.82 33.73 34.42
CA GLN J 86 -15.74 32.74 34.28
C GLN J 86 -15.65 32.19 32.84
N ILE J 87 -14.46 32.27 32.21
CA ILE J 87 -14.24 31.72 30.86
C ILE J 87 -13.83 30.28 31.08
N THR J 88 -14.60 29.33 30.54
CA THR J 88 -14.32 27.91 30.74
C THR J 88 -13.98 27.20 29.43
N PRO J 89 -13.27 26.07 29.52
CA PRO J 89 -12.96 25.29 28.31
C PRO J 89 -14.09 24.32 27.95
N TYR J 90 -13.87 23.52 26.88
CA TYR J 90 -14.77 22.47 26.43
C TYR J 90 -14.00 21.17 26.31
N VAL J 91 -14.66 20.06 26.61
CA VAL J 91 -14.10 18.73 26.37
C VAL J 91 -14.72 18.34 25.03
N VAL J 92 -13.90 17.94 24.04
CA VAL J 92 -14.47 17.45 22.78
C VAL J 92 -15.01 16.04 23.09
N SER J 93 -16.33 15.82 22.90
CA SER J 93 -16.95 14.55 23.27
C SER J 93 -16.24 13.30 22.74
N SER J 94 -16.15 12.28 23.61
CA SER J 94 -15.47 10.99 23.35
C SER J 94 -13.93 11.12 23.40
N THR J 95 -13.37 12.32 23.63
CA THR J 95 -11.91 12.52 23.72
C THR J 95 -11.54 13.03 25.13
N ASP J 96 -10.23 13.05 25.44
CA ASP J 96 -9.72 13.68 26.65
C ASP J 96 -9.17 15.09 26.33
N THR J 97 -9.47 15.67 25.14
CA THR J 97 -8.98 16.97 24.78
C THR J 97 -9.83 18.07 25.39
N LEU J 98 -9.16 19.01 26.07
CA LEU J 98 -9.76 20.16 26.73
C LEU J 98 -9.21 21.38 25.99
N CYS J 99 -10.10 22.26 25.50
CA CYS J 99 -9.67 23.39 24.68
C CYS J 99 -10.56 24.61 24.89
N ASP J 100 -10.10 25.76 24.44
CA ASP J 100 -10.93 26.98 24.48
C ASP J 100 -11.97 26.87 23.37
N GLY J 101 -13.11 27.51 23.56
CA GLY J 101 -14.14 27.53 22.53
C GLY J 101 -13.64 28.18 21.23
N ASP J 102 -12.69 29.14 21.35
CA ASP J 102 -12.06 29.81 20.17
C ASP J 102 -11.28 28.79 19.33
N ASP J 103 -10.72 27.73 19.95
CA ASP J 103 -9.99 26.69 19.23
C ASP J 103 -10.94 25.83 18.34
N LEU J 104 -12.25 25.90 18.57
CA LEU J 104 -13.25 25.19 17.77
C LEU J 104 -13.93 26.12 16.76
N HIS J 105 -13.51 27.41 16.63
CA HIS J 105 -14.02 28.29 15.59
C HIS J 105 -13.45 27.74 14.27
N PHE J 106 -14.26 27.63 13.20
CA PHE J 106 -13.75 27.03 11.95
C PHE J 106 -12.50 27.77 11.42
N VAL J 107 -12.44 29.10 11.58
CA VAL J 107 -11.30 29.88 11.09
C VAL J 107 -10.02 29.44 11.81
N ASN J 108 -10.10 29.12 13.10
CA ASN J 108 -8.94 28.76 13.92
C ASN J 108 -8.66 27.27 13.99
N ASN J 109 -9.38 26.44 13.22
CA ASN J 109 -9.25 24.99 13.31
C ASN J 109 -9.05 24.40 11.93
N ALA J 110 -7.80 24.00 11.63
CA ALA J 110 -7.45 23.46 10.32
C ALA J 110 -8.13 22.12 10.02
N ALA J 111 -8.44 21.31 11.05
CA ALA J 111 -9.12 20.03 10.82
C ALA J 111 -10.53 20.29 10.27
N MET J 112 -11.21 21.32 10.79
CA MET J 112 -12.54 21.68 10.33
C MET J 112 -12.50 22.18 8.89
N GLN J 113 -11.53 23.05 8.57
CA GLN J 113 -11.41 23.55 7.19
C GLN J 113 -11.05 22.41 6.24
N GLN J 114 -10.18 21.49 6.68
CA GLN J 114 -9.81 20.37 5.82
C GLN J 114 -10.97 19.41 5.62
N MET J 115 -11.87 19.26 6.63
CA MET J 115 -13.03 18.38 6.44
C MET J 115 -13.90 18.91 5.30
N TRP J 116 -14.17 20.23 5.32
CA TRP J 116 -14.98 20.82 4.25
C TRP J 116 -14.24 20.72 2.91
N ASP J 117 -12.93 21.03 2.87
CA ASP J 117 -12.20 20.93 1.60
C ASP J 117 -12.23 19.50 1.02
N ASP J 118 -12.07 18.46 1.84
CA ASP J 118 -12.12 17.08 1.34
C ASP J 118 -13.49 16.73 0.73
N ILE J 119 -14.58 17.33 1.23
CA ILE J 119 -15.90 17.10 0.65
C ILE J 119 -16.01 17.92 -0.65
N ARG J 120 -15.78 19.23 -0.56
CA ARG J 120 -15.86 20.17 -1.68
C ARG J 120 -15.03 19.72 -2.90
N ARG J 121 -13.81 19.18 -2.66
CA ARG J 121 -12.90 18.78 -3.74
C ARG J 121 -13.16 17.36 -4.25
N THR J 122 -14.28 16.71 -3.85
CA THR J 122 -14.56 15.35 -4.31
C THR J 122 -15.78 15.27 -5.21
N VAL J 123 -15.65 14.46 -6.27
CA VAL J 123 -16.75 14.01 -7.11
C VAL J 123 -16.46 12.54 -7.44
N ILE J 124 -17.50 11.81 -7.84
CA ILE J 124 -17.36 10.41 -8.23
C ILE J 124 -17.78 10.33 -9.70
N VAL J 125 -16.96 9.72 -10.56
CA VAL J 125 -17.25 9.68 -11.99
C VAL J 125 -17.19 8.25 -12.50
N GLY J 126 -18.26 7.80 -13.15
CA GLY J 126 -18.31 6.46 -13.68
C GLY J 126 -17.33 6.23 -14.81
N MET J 127 -16.90 4.97 -14.98
CA MET J 127 -15.98 4.59 -16.06
C MET J 127 -16.68 3.81 -17.17
N ASP J 128 -17.82 3.14 -16.86
CA ASP J 128 -18.46 2.26 -17.84
C ASP J 128 -18.85 2.93 -19.15
N LEU J 129 -19.45 4.12 -19.08
CA LEU J 129 -19.88 4.83 -20.30
C LEU J 129 -18.66 5.32 -21.10
N ALA J 130 -17.60 5.74 -20.41
CA ALA J 130 -16.35 6.13 -21.08
C ALA J 130 -15.72 4.90 -21.78
N HIS J 131 -15.66 3.74 -21.10
CA HIS J 131 -15.11 2.52 -21.69
C HIS J 131 -15.97 2.03 -22.86
N GLU J 132 -17.31 2.23 -22.79
CA GLU J 132 -18.21 1.88 -23.88
C GLU J 132 -17.93 2.76 -25.10
N THR J 133 -17.62 4.05 -24.89
CA THR J 133 -17.26 4.97 -25.97
C THR J 133 -15.95 4.52 -26.63
N LEU J 134 -14.97 4.10 -25.84
CA LEU J 134 -13.70 3.62 -26.38
C LEU J 134 -13.90 2.36 -27.23
N GLU J 135 -14.73 1.43 -26.76
CA GLU J 135 -14.95 0.17 -27.47
C GLU J 135 -15.83 0.31 -28.73
N LYS J 136 -17.03 0.88 -28.58
CA LYS J 136 -17.99 1.00 -29.68
C LYS J 136 -17.59 2.05 -30.71
N ARG J 137 -17.31 3.27 -30.26
CA ARG J 137 -17.00 4.36 -31.17
C ARG J 137 -15.58 4.34 -31.74
N LEU J 138 -14.58 3.94 -30.95
CA LEU J 138 -13.19 3.97 -31.40
C LEU J 138 -12.52 2.61 -31.63
N GLY J 139 -13.21 1.51 -31.35
CA GLY J 139 -12.61 0.19 -31.51
C GLY J 139 -11.35 -0.02 -30.69
N LYS J 140 -11.31 0.57 -29.49
CA LYS J 140 -10.16 0.45 -28.61
C LYS J 140 -10.51 -0.52 -27.50
N GLU J 141 -9.69 -1.54 -27.32
CA GLU J 141 -9.92 -2.56 -26.30
C GLU J 141 -9.60 -1.99 -24.92
N VAL J 142 -10.45 -2.29 -23.94
CA VAL J 142 -10.26 -1.87 -22.55
C VAL J 142 -9.98 -3.16 -21.77
N THR J 143 -8.82 -3.23 -21.14
CA THR J 143 -8.39 -4.39 -20.37
C THR J 143 -7.93 -3.91 -18.98
N PRO J 144 -7.65 -4.84 -18.03
CA PRO J 144 -7.09 -4.39 -16.75
C PRO J 144 -5.75 -3.66 -16.95
N GLU J 145 -4.92 -4.10 -17.92
CA GLU J 145 -3.66 -3.43 -18.23
C GLU J 145 -3.89 -1.98 -18.68
N THR J 146 -4.85 -1.75 -19.60
CA THR J 146 -5.11 -0.39 -20.08
C THR J 146 -5.67 0.47 -18.95
N ILE J 147 -6.56 -0.10 -18.11
CA ILE J 147 -7.12 0.64 -16.97
C ILE J 147 -6.01 1.04 -16.00
N ASN J 148 -5.12 0.10 -15.67
CA ASN J 148 -4.03 0.38 -14.71
C ASN J 148 -3.05 1.42 -15.24
N HIS J 149 -2.76 1.39 -16.55
CA HIS J 149 -1.89 2.41 -17.16
C HIS J 149 -2.62 3.77 -17.09
N TYR J 150 -3.90 3.78 -17.42
CA TYR J 150 -4.74 4.97 -17.35
C TYR J 150 -4.71 5.59 -15.94
N LEU J 151 -4.77 4.74 -14.88
CA LEU J 151 -4.78 5.27 -13.52
C LEU J 151 -3.44 5.89 -13.12
N GLU J 152 -2.33 5.36 -13.65
CA GLU J 152 -1.02 5.96 -13.39
C GLU J 152 -0.98 7.34 -14.07
N VAL J 153 -1.40 7.39 -15.35
CA VAL J 153 -1.45 8.65 -16.11
C VAL J 153 -2.36 9.67 -15.39
N LEU J 154 -3.54 9.23 -14.98
CA LEU J 154 -4.54 10.07 -14.33
C LEU J 154 -4.01 10.65 -13.02
N ASN J 155 -3.31 9.85 -12.22
CA ASN J 155 -2.77 10.38 -10.95
C ASN J 155 -1.59 11.34 -11.16
N HIS J 156 -0.94 11.28 -12.33
CA HIS J 156 0.09 12.27 -12.71
C HIS J 156 -0.65 13.56 -13.22
N ALA J 157 -1.65 13.40 -14.07
CA ALA J 157 -2.34 14.54 -14.70
C ALA J 157 -3.30 15.32 -13.80
N MET J 158 -4.13 14.61 -13.01
CA MET J 158 -5.17 15.22 -12.17
C MET J 158 -4.69 16.42 -11.33
N PRO J 159 -3.50 16.37 -10.68
CA PRO J 159 -3.05 17.55 -9.92
C PRO J 159 -2.66 18.78 -10.76
N GLY J 160 -2.55 18.63 -12.08
CA GLY J 160 -2.20 19.71 -12.99
C GLY J 160 -0.89 19.51 -13.71
N ALA J 161 -0.65 18.29 -14.25
CA ALA J 161 0.57 17.99 -15.01
C ALA J 161 0.22 17.51 -16.42
N ALA J 162 1.12 17.75 -17.37
CA ALA J 162 0.86 17.50 -18.79
C ALA J 162 1.16 16.07 -19.26
N VAL J 163 0.38 15.63 -20.26
CA VAL J 163 0.53 14.32 -20.86
C VAL J 163 0.54 14.34 -22.41
N VAL J 164 0.07 15.39 -23.08
CA VAL J 164 0.05 15.39 -24.56
C VAL J 164 0.94 16.48 -25.19
N GLN J 165 0.70 17.73 -24.82
CA GLN J 165 1.37 18.85 -25.48
C GLN J 165 2.81 19.09 -25.07
N GLU J 166 3.57 19.77 -25.94
CA GLU J 166 4.93 20.18 -25.63
C GLU J 166 4.86 21.61 -25.06
N MET J 167 5.83 21.93 -24.20
CA MET J 167 5.99 23.24 -23.58
C MET J 167 4.85 23.65 -22.66
N MET J 168 4.34 22.68 -21.90
CA MET J 168 3.34 22.94 -20.90
C MET J 168 4.02 23.33 -19.59
N VAL J 169 3.34 24.18 -18.84
CA VAL J 169 3.79 24.62 -17.53
C VAL J 169 2.81 23.97 -16.56
N GLU J 170 3.31 23.51 -15.41
CA GLU J 170 2.52 22.65 -14.53
C GLU J 170 2.46 23.09 -13.10
N THR J 171 1.50 22.54 -12.36
CA THR J 171 1.39 22.84 -10.93
C THR J 171 2.55 22.20 -10.19
N HIS J 172 3.00 22.83 -9.12
CA HIS J 172 4.07 22.30 -8.28
C HIS J 172 3.48 21.09 -7.54
N PRO J 173 3.95 19.84 -7.76
CA PRO J 173 3.38 18.69 -7.05
C PRO J 173 3.33 18.86 -5.51
N GLY J 174 4.31 19.55 -4.94
CA GLY J 174 4.36 19.83 -3.51
C GLY J 174 3.18 20.65 -3.00
N LEU J 175 2.52 21.40 -3.88
CA LEU J 175 1.32 22.18 -3.51
C LEU J 175 0.01 21.41 -3.70
N VAL J 176 0.04 20.27 -4.41
CA VAL J 176 -1.15 19.51 -4.78
C VAL J 176 -0.98 18.01 -4.46
N ASP J 177 -0.21 17.68 -3.39
CA ASP J 177 0.03 16.28 -3.05
C ASP J 177 -1.18 15.59 -2.38
N ASP J 178 -2.23 16.37 -2.05
CA ASP J 178 -3.48 15.84 -1.52
C ASP J 178 -4.42 15.36 -2.67
N CYS J 179 -4.05 15.64 -3.93
CA CYS J 179 -4.87 15.31 -5.09
C CYS J 179 -4.55 13.92 -5.61
N TYR J 180 -5.58 13.09 -5.76
CA TYR J 180 -5.39 11.75 -6.31
C TYR J 180 -6.77 11.17 -6.71
N VAL J 181 -6.74 10.03 -7.40
CA VAL J 181 -7.92 9.30 -7.83
C VAL J 181 -7.77 7.85 -7.45
N LYS J 182 -8.79 7.29 -6.83
CA LYS J 182 -8.87 5.86 -6.57
C LYS J 182 -10.10 5.35 -7.31
N VAL J 183 -10.21 4.02 -7.46
CA VAL J 183 -11.34 3.39 -8.13
C VAL J 183 -11.95 2.32 -7.27
N PHE J 184 -13.21 2.03 -7.51
CA PHE J 184 -13.91 0.93 -6.89
C PHE J 184 -14.87 0.36 -7.89
N THR J 185 -15.20 -0.93 -7.75
CA THR J 185 -16.09 -1.59 -8.68
C THR J 185 -16.94 -2.64 -8.00
N GLY J 186 -18.17 -2.79 -8.49
CA GLY J 186 -19.04 -3.89 -8.06
C GLY J 186 -18.76 -5.17 -8.84
N ASP J 187 -17.82 -5.13 -9.82
CA ASP J 187 -17.42 -6.30 -10.60
C ASP J 187 -16.20 -6.91 -9.89
N ASP J 188 -16.41 -7.96 -9.10
CA ASP J 188 -15.35 -8.62 -8.35
C ASP J 188 -14.22 -9.14 -9.23
N GLU J 189 -14.52 -9.64 -10.44
CA GLU J 189 -13.48 -10.13 -11.35
C GLU J 189 -12.57 -8.97 -11.75
N LEU J 190 -13.14 -7.79 -12.01
CA LEU J 190 -12.33 -6.63 -12.37
C LEU J 190 -11.55 -6.14 -11.15
N ALA J 191 -12.17 -6.08 -9.95
CA ALA J 191 -11.49 -5.64 -8.72
C ALA J 191 -10.20 -6.43 -8.47
N ASP J 192 -10.22 -7.76 -8.71
CA ASP J 192 -9.03 -8.59 -8.52
C ASP J 192 -7.91 -8.30 -9.52
N GLU J 193 -8.19 -7.58 -10.62
CA GLU J 193 -7.21 -7.28 -11.66
C GLU J 193 -6.71 -5.83 -11.65
N ILE J 194 -7.38 -4.94 -10.91
CA ILE J 194 -6.95 -3.55 -10.80
C ILE J 194 -5.67 -3.48 -9.96
N ASP J 195 -4.79 -2.55 -10.31
CA ASP J 195 -3.56 -2.27 -9.58
C ASP J 195 -3.96 -1.81 -8.15
N LYS J 196 -3.58 -2.63 -7.17
CA LYS J 196 -3.99 -2.45 -5.77
C LYS J 196 -3.72 -1.07 -5.18
N ARG J 197 -2.72 -0.34 -5.71
CA ARG J 197 -2.42 1.01 -5.21
C ARG J 197 -3.61 1.95 -5.36
N PHE J 198 -4.43 1.77 -6.39
CA PHE J 198 -5.56 2.65 -6.67
C PHE J 198 -6.92 2.12 -6.22
N LEU J 199 -6.99 0.89 -5.68
CA LEU J 199 -8.30 0.30 -5.35
C LEU J 199 -8.84 0.62 -3.96
N ILE J 200 -10.15 0.89 -3.89
CA ILE J 200 -10.85 0.93 -2.61
C ILE J 200 -11.54 -0.43 -2.60
N ASP J 201 -11.03 -1.35 -1.79
CA ASP J 201 -11.54 -2.72 -1.74
C ASP J 201 -12.78 -2.75 -0.84
N ILE J 202 -13.95 -2.96 -1.44
CA ILE J 202 -15.23 -2.98 -0.70
C ILE J 202 -15.26 -4.09 0.36
N ASP J 203 -14.71 -5.26 0.03
CA ASP J 203 -14.70 -6.40 0.97
C ASP J 203 -13.84 -6.11 2.19
N LYS J 204 -12.72 -5.42 2.00
CA LYS J 204 -11.84 -5.07 3.08
C LYS J 204 -12.43 -3.97 3.95
N GLN J 205 -13.00 -2.93 3.32
CA GLN J 205 -13.50 -1.77 4.07
C GLN J 205 -14.82 -2.00 4.79
N PHE J 206 -15.64 -2.92 4.30
CA PHE J 206 -16.93 -3.18 4.92
C PHE J 206 -17.06 -4.64 5.33
N GLY J 207 -17.90 -4.90 6.32
CA GLY J 207 -18.17 -6.28 6.75
C GLY J 207 -18.84 -7.06 5.64
N GLU J 208 -18.86 -8.40 5.75
CA GLU J 208 -19.45 -9.26 4.71
C GLU J 208 -20.88 -8.83 4.29
N GLU J 209 -21.77 -8.60 5.27
CA GLU J 209 -23.15 -8.21 4.97
C GLU J 209 -23.22 -6.85 4.27
N LYS J 210 -22.48 -5.85 4.78
CA LYS J 210 -22.49 -4.52 4.20
C LYS J 210 -21.86 -4.49 2.80
N ALA J 211 -20.78 -5.25 2.59
CA ALA J 211 -20.14 -5.33 1.28
C ALA J 211 -21.11 -5.90 0.26
N ALA J 212 -21.88 -6.95 0.62
CA ALA J 212 -22.86 -7.54 -0.28
C ALA J 212 -23.97 -6.52 -0.61
N GLN J 213 -24.44 -5.77 0.39
CA GLN J 213 -25.48 -4.76 0.19
C GLN J 213 -25.00 -3.65 -0.77
N ILE J 214 -23.74 -3.19 -0.60
CA ILE J 214 -23.15 -2.18 -1.47
C ILE J 214 -23.06 -2.72 -2.90
N LYS J 215 -22.49 -3.93 -3.07
CA LYS J 215 -22.33 -4.51 -4.41
C LYS J 215 -23.67 -4.70 -5.12
N ALA J 216 -24.72 -5.13 -4.39
CA ALA J 216 -26.02 -5.30 -5.01
C ALA J 216 -26.60 -3.96 -5.48
N ALA J 217 -26.38 -2.88 -4.69
CA ALA J 217 -26.88 -1.56 -5.06
C ALA J 217 -26.13 -0.96 -6.25
N ILE J 218 -24.79 -1.10 -6.31
CA ILE J 218 -24.02 -0.47 -7.40
C ILE J 218 -23.99 -1.35 -8.66
N GLY J 219 -24.17 -2.67 -8.52
CA GLY J 219 -24.11 -3.57 -9.67
C GLY J 219 -22.69 -3.70 -10.19
N LYS J 220 -22.52 -4.30 -11.37
CA LYS J 220 -21.19 -4.49 -11.95
C LYS J 220 -20.74 -3.22 -12.66
N THR J 221 -20.64 -2.12 -11.90
CA THR J 221 -20.23 -0.81 -12.39
C THR J 221 -18.93 -0.37 -11.72
N THR J 222 -18.14 0.45 -12.43
CA THR J 222 -16.83 0.93 -12.00
C THR J 222 -16.82 2.43 -11.88
N TRP J 223 -16.19 2.95 -10.80
CA TRP J 223 -16.26 4.36 -10.48
C TRP J 223 -14.92 4.92 -10.03
N GLN J 224 -14.69 6.20 -10.32
CA GLN J 224 -13.49 6.92 -9.92
C GLN J 224 -13.86 7.86 -8.79
N ALA J 225 -13.20 7.73 -7.64
CA ALA J 225 -13.35 8.62 -6.48
C ALA J 225 -12.26 9.67 -6.68
N VAL J 226 -12.64 10.86 -7.15
CA VAL J 226 -11.67 11.90 -7.51
C VAL J 226 -11.59 12.95 -6.42
N HIS J 227 -10.37 13.38 -6.08
CA HIS J 227 -10.16 14.39 -5.07
C HIS J 227 -9.21 15.42 -5.68
N VAL J 228 -9.76 16.54 -6.16
CA VAL J 228 -8.96 17.58 -6.80
C VAL J 228 -8.17 18.36 -5.74
N PRO J 229 -7.18 19.20 -6.12
CA PRO J 229 -6.38 19.86 -5.09
C PRO J 229 -7.15 20.80 -4.19
N THR J 230 -6.86 20.73 -2.87
CA THR J 230 -7.44 21.64 -1.88
C THR J 230 -7.11 23.09 -2.26
N ILE J 231 -5.87 23.38 -2.72
CA ILE J 231 -5.51 24.74 -3.10
C ILE J 231 -6.42 25.30 -4.21
N VAL J 232 -6.92 24.40 -5.10
CA VAL J 232 -7.79 24.80 -6.19
C VAL J 232 -9.18 25.21 -5.67
N VAL J 233 -9.85 24.37 -4.84
CA VAL J 233 -11.17 24.74 -4.30
C VAL J 233 -11.09 25.94 -3.36
N ARG J 234 -9.93 26.15 -2.69
CA ARG J 234 -9.75 27.31 -1.82
C ARG J 234 -9.61 28.58 -2.68
N THR J 235 -8.80 28.52 -3.75
CA THR J 235 -8.66 29.66 -4.68
C THR J 235 -9.98 29.91 -5.44
N CYS J 236 -10.70 28.83 -5.78
CA CYS J 236 -11.90 28.88 -6.59
C CYS J 236 -13.15 28.48 -5.77
N ASP J 237 -13.91 27.45 -6.15
CA ASP J 237 -15.10 27.05 -5.43
C ASP J 237 -15.42 25.56 -5.65
N GLY J 238 -16.49 25.07 -5.03
CA GLY J 238 -16.89 23.68 -5.17
C GLY J 238 -17.32 23.35 -6.59
N ALA J 239 -17.96 24.30 -7.29
CA ALA J 239 -18.41 24.08 -8.68
C ALA J 239 -17.24 23.88 -9.65
N THR J 240 -16.00 24.19 -9.22
CA THR J 240 -14.81 23.93 -10.02
C THR J 240 -14.53 22.41 -10.10
N THR J 241 -14.80 21.68 -9.01
CA THR J 241 -14.40 20.28 -8.89
C THR J 241 -14.79 19.36 -10.05
N SER J 242 -16.09 19.29 -10.44
CA SER J 242 -16.49 18.38 -11.52
C SER J 242 -15.86 18.77 -12.86
N ARG J 243 -15.60 20.07 -13.06
CA ARG J 243 -14.98 20.53 -14.30
C ARG J 243 -13.51 20.14 -14.30
N TRP J 244 -12.79 20.41 -13.19
CA TRP J 244 -11.36 20.06 -13.06
C TRP J 244 -11.15 18.57 -13.26
N THR J 245 -12.01 17.79 -12.63
CA THR J 245 -12.00 16.33 -12.73
C THR J 245 -12.16 15.90 -14.21
N ALA J 246 -13.19 16.42 -14.90
CA ALA J 246 -13.48 16.02 -16.28
C ALA J 246 -12.35 16.39 -17.22
N MET J 247 -11.70 17.55 -17.01
CA MET J 247 -10.61 17.95 -17.92
C MET J 247 -9.47 16.92 -17.89
N GLN J 248 -9.06 16.50 -16.68
CA GLN J 248 -7.92 15.59 -16.54
C GLN J 248 -8.29 14.15 -16.81
N ILE J 249 -9.57 13.77 -16.62
CA ILE J 249 -10.04 12.46 -17.08
C ILE J 249 -9.93 12.43 -18.63
N GLY J 250 -10.40 13.48 -19.28
CA GLY J 250 -10.34 13.56 -20.74
C GLY J 250 -8.91 13.46 -21.27
N MET J 251 -7.99 14.21 -20.67
CA MET J 251 -6.58 14.16 -21.08
C MET J 251 -5.97 12.78 -20.86
N SER J 252 -6.33 12.14 -19.74
CA SER J 252 -5.78 10.83 -19.42
C SER J 252 -6.30 9.74 -20.38
N PHE J 253 -7.58 9.81 -20.81
CA PHE J 253 -8.09 8.85 -21.79
C PHE J 253 -7.38 9.07 -23.12
N ILE J 254 -7.20 10.34 -23.54
CA ILE J 254 -6.48 10.65 -24.79
C ILE J 254 -5.06 10.05 -24.78
N ALA J 255 -4.28 10.33 -23.71
CA ALA J 255 -2.90 9.88 -23.64
C ALA J 255 -2.75 8.38 -23.40
N ALA J 256 -3.54 7.80 -22.47
CA ALA J 256 -3.42 6.38 -22.15
C ALA J 256 -3.93 5.47 -23.26
N TYR J 257 -4.96 5.88 -24.04
CA TYR J 257 -5.48 5.05 -25.14
C TYR J 257 -5.01 5.52 -26.52
N ARG J 258 -4.10 6.49 -26.60
CA ARG J 258 -3.55 6.98 -27.86
C ARG J 258 -4.63 7.35 -28.88
N MET J 259 -5.62 8.09 -28.40
CA MET J 259 -6.71 8.57 -29.25
C MET J 259 -6.20 9.78 -30.04
N CYS J 260 -7.02 10.33 -31.00
CA CYS J 260 -6.68 11.63 -31.57
C CYS J 260 -6.91 12.64 -30.40
N ALA J 261 -5.96 13.55 -30.17
CA ALA J 261 -6.06 14.50 -29.07
C ALA J 261 -7.00 15.63 -29.47
N GLY J 262 -8.27 15.30 -29.51
CA GLY J 262 -9.32 16.22 -29.89
C GLY J 262 -10.09 15.78 -31.11
N GLU J 263 -10.88 14.71 -30.96
CA GLU J 263 -11.77 14.22 -32.02
C GLU J 263 -13.21 14.18 -31.44
N ALA J 264 -14.21 13.98 -32.31
CA ALA J 264 -15.62 13.96 -31.89
C ALA J 264 -15.89 13.02 -30.69
N ALA J 265 -15.26 11.83 -30.70
CA ALA J 265 -15.43 10.89 -29.59
C ALA J 265 -15.01 11.49 -28.24
N VAL J 266 -14.00 12.39 -28.21
CA VAL J 266 -13.54 13.04 -26.97
C VAL J 266 -14.70 13.84 -26.32
N ALA J 267 -15.60 14.44 -27.14
CA ALA J 267 -16.73 15.18 -26.59
C ALA J 267 -17.71 14.25 -25.86
N ASP J 268 -17.84 12.98 -26.31
CA ASP J 268 -18.69 12.03 -25.59
C ASP J 268 -18.07 11.73 -24.21
N LEU J 269 -16.74 11.63 -24.13
CA LEU J 269 -16.07 11.41 -22.84
C LEU J 269 -16.28 12.61 -21.93
N ALA J 270 -16.25 13.82 -22.49
CA ALA J 270 -16.49 15.04 -21.71
C ALA J 270 -17.93 15.06 -21.19
N TYR J 271 -18.92 14.76 -22.05
CA TYR J 271 -20.32 14.75 -21.61
C TYR J 271 -20.54 13.68 -20.56
N ALA J 272 -19.87 12.51 -20.69
CA ALA J 272 -19.99 11.45 -19.70
C ALA J 272 -19.39 11.90 -18.35
N ALA J 273 -18.20 12.50 -18.36
CA ALA J 273 -17.55 12.91 -17.11
C ALA J 273 -18.22 14.10 -16.43
N LYS J 274 -18.75 15.04 -17.21
CA LYS J 274 -19.34 16.25 -16.65
C LYS J 274 -20.82 16.15 -16.33
N MHS J 275 -21.55 15.17 -16.88
CA MHS J 275 -23.01 15.15 -16.76
C MHS J 275 -23.51 13.67 -16.61
O MHS J 275 -24.02 13.33 -15.55
CB MHS J 275 -23.64 15.78 -18.00
CG MHS J 275 -23.23 17.23 -18.10
ND1 MHS J 275 -23.62 18.21 -17.27
CD2 MHS J 275 -22.39 17.77 -19.04
CE1 MHS J 275 -23.04 19.34 -17.68
NE2 MHS J 275 -22.28 19.09 -18.77
CM MHS J 275 -24.53 18.07 -16.10
N ALA J 276 -23.44 12.83 -17.68
CA ALA J 276 -24.11 11.54 -17.65
C ALA J 276 -23.62 10.55 -16.60
N ALA J 277 -22.32 10.51 -16.31
CA ALA J 277 -21.79 9.59 -15.30
C ALA J 277 -21.18 10.34 -14.09
N LEU J 278 -21.56 11.61 -13.88
CA LEU J 278 -21.06 12.40 -12.77
C LEU J 278 -21.94 12.21 -11.56
N VAL J 279 -21.32 12.04 -10.40
CA VAL J 279 -22.03 11.96 -9.13
C VAL J 279 -21.32 12.96 -8.22
N GLY J 280 -21.84 14.17 -8.18
CA GLY J 280 -21.27 15.22 -7.34
C GLY J 280 -21.80 15.16 -5.92
N MET J 281 -21.33 16.08 -5.06
CA MET J 281 -21.76 16.13 -3.66
C MET J 281 -23.07 16.91 -3.46
N GLY J 282 -23.53 17.65 -4.46
CA GLY J 282 -24.76 18.44 -4.31
C GLY J 282 -24.99 19.34 -5.49
N ASP J 283 -26.27 19.62 -5.75
CA ASP J 283 -26.67 20.46 -6.87
C ASP J 283 -26.71 21.93 -6.48
N MET J 284 -26.91 22.79 -7.49
CA MET J 284 -26.94 24.23 -7.29
C MET J 284 -28.07 24.73 -6.38
N LEU J 285 -27.99 26.00 -5.98
CA LEU J 285 -29.00 26.66 -5.14
C LEU J 285 -29.69 27.79 -5.88
N PRO J 286 -30.94 28.14 -5.49
CA PRO J 286 -31.68 29.20 -6.20
C PRO J 286 -31.10 30.60 -6.01
N ALA J 287 -31.60 31.57 -6.82
CA ALA J 287 -31.05 32.91 -6.92
C ALA J 287 -30.72 33.63 -5.61
N ARG J 288 -31.63 33.63 -4.62
CA ARG J 288 -31.40 34.39 -3.38
C ARG J 288 -30.11 33.95 -2.66
N AGM J 289 -29.78 32.64 -2.70
CA AGM J 289 -28.58 32.10 -2.05
CB AGM J 289 -28.96 31.20 -0.89
CG AGM J 289 -29.99 30.15 -1.33
CD AGM J 289 -30.69 29.54 -0.11
CE2 AGM J 289 -29.71 28.74 0.74
NE1 AGM J 289 -31.75 28.67 -0.55
CZ AGM J 289 -33.00 29.12 -0.70
NH1 AGM J 289 -33.99 28.27 -0.98
NH2 AGM J 289 -33.27 30.41 -0.54
C AGM J 289 -27.81 31.28 -3.13
O AGM J 289 -27.20 30.24 -2.90
N ALA J 290 -27.69 31.95 -4.31
CA ALA J 290 -27.06 31.38 -5.51
C ALA J 290 -25.67 30.83 -5.24
N ARG J 291 -25.47 29.61 -5.67
CA ARG J 291 -24.19 28.90 -5.63
C ARG J 291 -24.27 27.75 -6.61
N GLY J 292 -23.13 27.37 -7.14
CA GLY J 292 -23.07 26.22 -8.02
C GLY J 292 -22.98 24.93 -7.22
N PRO J 293 -22.77 23.82 -7.93
CA PRO J 293 -22.68 22.52 -7.24
C PRO J 293 -21.52 22.39 -6.24
N ASN J 294 -21.57 21.34 -5.42
CA ASN J 294 -20.52 21.02 -4.45
C ASN J 294 -20.33 22.13 -3.40
N GLU J 295 -21.42 22.77 -2.97
CA GLU J 295 -21.37 23.73 -1.88
C GLU J 295 -22.18 23.14 -0.72
N PRO J 296 -21.98 23.63 0.53
CA PRO J 296 -22.65 22.97 1.66
C PRO J 296 -24.17 23.00 1.55
N GLY J 297 -24.73 24.06 0.98
CA GLY J 297 -26.16 24.15 0.86
C GLY J 297 -26.80 23.06 0.00
N GLY J 298 -26.04 22.54 -0.96
CA GLY J 298 -26.52 21.46 -1.83
C GLY J 298 -26.28 20.07 -1.26
N LEU J 299 -25.56 19.96 -0.13
CA LEU J 299 -25.23 18.66 0.45
C LEU J 299 -26.40 18.06 1.22
N GLN J 300 -27.06 17.07 0.62
CA GLN J 300 -28.18 16.40 1.28
C GLN J 300 -27.74 15.76 2.61
N PHE J 301 -28.66 15.72 3.59
CA PHE J 301 -28.36 15.17 4.90
C PHE J 301 -27.87 13.71 4.81
N GLY J 302 -28.47 12.92 3.93
CA GLY J 302 -28.01 11.54 3.72
C GLY J 302 -26.60 11.46 3.17
N TYR J 303 -26.20 12.43 2.32
CA TYR J 303 -24.83 12.45 1.78
C TYR J 303 -23.83 12.68 2.89
N LEU J 304 -24.14 13.60 3.83
CA LEU J 304 -23.21 13.81 4.95
C LEU J 304 -23.08 12.55 5.80
N ALA J 305 -24.18 11.84 6.03
CA ALA J 305 -24.15 10.58 6.76
C ALA J 305 -23.27 9.54 6.03
N ASP J 306 -23.34 9.50 4.68
CA ASP J 306 -22.52 8.57 3.89
C ASP J 306 -21.04 8.98 3.79
N ILE J 307 -20.76 10.28 3.91
CA ILE J 307 -19.38 10.78 3.92
C ILE J 307 -18.73 10.35 5.23
N VAL J 308 -19.43 10.55 6.36
CA VAL J 308 -18.92 10.13 7.66
C VAL J 308 -18.83 8.59 7.69
N GLN J 309 -17.82 8.04 8.36
CA GLN J 309 -17.51 6.62 8.31
C GLN J 309 -17.39 5.93 9.66
N ALA J 310 -17.83 6.56 10.75
CA ALA J 310 -17.73 5.95 12.07
C ALA J 310 -18.51 4.62 12.14
N ASP J 311 -19.70 4.55 11.51
CA ASP J 311 -20.51 3.31 11.50
C ASP J 311 -19.81 2.10 10.82
N ARG J 312 -18.81 2.37 9.98
CA ARG J 312 -18.06 1.33 9.29
C ARG J 312 -17.02 0.68 10.23
N VAL J 313 -16.58 1.39 11.30
CA VAL J 313 -15.54 0.89 12.19
C VAL J 313 -15.99 0.71 13.64
N THR J 314 -17.21 1.10 14.02
CA THR J 314 -17.70 0.87 15.39
C THR J 314 -19.07 0.25 15.35
N ASP J 315 -19.33 -0.68 16.27
CA ASP J 315 -20.65 -1.29 16.43
C ASP J 315 -21.53 -0.46 17.40
N ASP J 316 -20.99 0.60 18.04
CA ASP J 316 -21.74 1.45 18.94
C ASP J 316 -22.59 2.37 18.07
N LYS J 317 -23.88 2.04 17.99
CA LYS J 317 -24.83 2.75 17.14
C LYS J 317 -25.02 4.23 17.50
N VAL J 318 -25.12 4.56 18.81
CA VAL J 318 -25.27 5.96 19.23
C VAL J 318 -24.00 6.72 18.86
N LYS J 319 -22.81 6.19 19.18
CA LYS J 319 -21.55 6.85 18.85
C LYS J 319 -21.42 7.14 17.36
N ALA J 320 -21.77 6.16 16.51
CA ALA J 320 -21.70 6.35 15.07
C ALA J 320 -22.65 7.47 14.61
N SER J 321 -23.85 7.55 15.20
CA SER J 321 -24.82 8.60 14.89
C SER J 321 -24.29 9.97 15.30
N LEU J 322 -23.63 10.05 16.46
CA LEU J 322 -23.15 11.34 16.97
C LEU J 322 -21.88 11.85 16.28
N GLU J 323 -21.11 10.96 15.64
CA GLU J 323 -20.00 11.40 14.81
C GLU J 323 -20.59 12.13 13.56
N VAL J 324 -21.75 11.65 13.05
CA VAL J 324 -22.45 12.31 11.95
C VAL J 324 -22.93 13.68 12.44
N VAL J 325 -23.53 13.75 13.64
CA VAL J 325 -23.99 15.02 14.19
C VAL J 325 -22.83 16.01 14.31
N ALA J 326 -21.67 15.57 14.79
CA ALA J 326 -20.51 16.46 14.96
C ALA J 326 -20.07 17.04 13.61
N ALA J 327 -19.95 16.18 12.57
CA ALA J 327 -19.56 16.66 11.24
C ALA J 327 -20.58 17.67 10.71
N GLY J 328 -21.86 17.38 10.88
CA GLY J 328 -22.93 18.22 10.38
C GLY J 328 -23.11 19.53 11.13
N ALA J 329 -23.02 19.51 12.46
CA ALA J 329 -23.16 20.73 13.25
C ALA J 329 -22.03 21.71 12.87
N MET J 330 -20.81 21.19 12.73
CA MET J 330 -19.67 22.01 12.34
C MET J 330 -19.89 22.52 10.90
N LEU J 331 -20.03 21.62 9.91
CA LEU J 331 -20.14 22.06 8.53
C LEU J 331 -21.35 22.96 8.27
N TYR J 332 -22.56 22.50 8.66
CA TYR J 332 -23.79 23.22 8.37
C TYR J 332 -23.98 24.50 9.19
N ASP J 333 -23.61 24.51 10.50
CA ASP J 333 -23.80 25.72 11.30
C ASP J 333 -22.59 26.65 11.30
N GLN J 334 -21.37 26.12 11.47
CA GLN J 334 -20.19 26.98 11.57
C GLN J 334 -19.71 27.52 10.23
N ILE J 335 -19.54 26.66 9.24
CA ILE J 335 -19.03 27.08 7.93
C ILE J 335 -20.16 27.59 7.03
N TRP J 336 -21.22 26.80 6.86
CA TRP J 336 -22.29 27.14 5.95
C TRP J 336 -23.14 28.31 6.49
N LEU J 337 -23.94 28.08 7.55
CA LEU J 337 -24.77 29.17 8.06
C LEU J 337 -23.96 30.29 8.68
N GLY J 338 -22.87 29.94 9.36
CA GLY J 338 -22.02 30.89 10.07
C GLY J 338 -21.03 31.68 9.25
N SER J 339 -20.85 31.33 7.95
CA SER J 339 -19.92 32.08 7.12
C SER J 339 -20.51 32.28 5.72
N TYR J 340 -20.68 31.20 4.91
CA TYR J 340 -21.29 31.34 3.57
C TYR J 340 -22.60 32.15 3.59
N MET J 341 -23.47 31.93 4.60
CA MET J 341 -24.78 32.60 4.69
C MET J 341 -24.84 33.74 5.71
N SER J 342 -23.74 34.05 6.41
CA SER J 342 -23.74 35.15 7.36
C SER J 342 -22.31 35.67 7.56
N GLY J 343 -21.56 35.22 8.58
CA GLY J 343 -20.21 35.67 8.83
C GLY J 343 -20.02 36.45 10.10
N GLY J 344 -18.76 36.76 10.38
CA GLY J 344 -18.32 37.48 11.56
C GLY J 344 -17.85 36.48 12.60
N VAL J 345 -18.11 36.78 13.88
CA VAL J 345 -17.86 35.86 15.00
C VAL J 345 -18.52 34.49 14.70
N GLY J 346 -19.72 34.53 14.13
CA GLY J 346 -20.38 33.33 13.67
C GLY J 346 -20.99 32.46 14.73
N PHE J 347 -21.09 31.14 14.43
CA PHE J 347 -21.89 30.20 15.19
C PHE J 347 -21.14 29.00 15.77
N THR J 348 -19.95 29.22 16.34
CA THR J 348 -19.18 28.12 16.93
C THR J 348 -19.97 27.35 18.00
N GLN J 349 -20.47 28.02 19.04
CA GLN J 349 -21.10 27.37 20.18
C GLN J 349 -22.52 26.88 19.88
N TYR J 350 -23.21 27.44 18.87
CA TYR J 350 -24.48 26.84 18.43
C TYR J 350 -24.20 25.37 17.94
N ALA J 351 -23.00 25.13 17.36
CA ALA J 351 -22.57 23.80 16.91
C ALA J 351 -21.88 23.00 18.01
N THR J 352 -20.94 23.61 18.79
CA THR J 352 -20.21 22.86 19.83
C THR J 352 -21.15 22.20 20.84
N ALA J 353 -22.35 22.75 21.04
CA ALA J 353 -23.33 22.14 21.94
C ALA J 353 -23.60 20.67 21.58
N ALA J 354 -23.53 20.33 20.27
CA ALA J 354 -23.79 19.00 19.78
C ALA J 354 -22.56 18.07 19.73
N TYR J 355 -21.34 18.55 20.09
CA TYR J 355 -20.16 17.69 20.07
C TYR J 355 -19.19 17.95 21.23
N THR J 356 -19.68 18.56 22.35
CA THR J 356 -18.83 18.80 23.51
C THR J 356 -19.43 18.32 24.83
N ASN J 357 -18.55 17.96 25.77
CA ASN J 357 -18.84 17.59 27.15
C ASN J 357 -19.69 16.33 27.31
N ASN J 358 -19.84 15.51 26.25
CA ASN J 358 -20.60 14.26 26.29
C ASN J 358 -22.07 14.47 26.68
N ILE J 359 -22.62 15.67 26.43
CA ILE J 359 -23.99 16.02 26.81
C ILE J 359 -24.97 15.35 25.86
N LEU J 360 -24.86 15.59 24.55
CA LEU J 360 -25.73 14.93 23.58
C LEU J 360 -25.57 13.39 23.68
N ASP J 361 -24.37 12.92 24.03
CA ASP J 361 -24.09 11.50 24.23
C ASP J 361 -24.94 10.98 25.39
N ASP J 362 -24.93 11.68 26.54
CA ASP J 362 -25.74 11.26 27.68
C ASP J 362 -27.23 11.12 27.31
N PHE J 363 -27.78 12.15 26.67
CA PHE J 363 -29.19 12.16 26.31
C PHE J 363 -29.54 11.08 25.29
N SER J 364 -28.70 10.90 24.25
CA SER J 364 -28.94 9.91 23.21
C SER J 364 -28.81 8.48 23.74
N TYR J 365 -27.77 8.18 24.56
CA TYR J 365 -27.61 6.85 25.15
C TYR J 365 -28.79 6.57 26.07
N TYR J 366 -29.25 7.57 26.85
CA TYR J 366 -30.41 7.38 27.72
C TYR J 366 -31.66 6.96 26.92
N GLY J 367 -31.99 7.73 25.89
CA GLY J 367 -33.16 7.47 25.05
C GLY J 367 -33.08 6.14 24.32
N TYR J 368 -31.92 5.84 23.75
CA TYR J 368 -31.73 4.61 23.02
C TYR J 368 -31.79 3.41 23.96
N GLU J 369 -31.14 3.48 25.13
CA GLU J 369 -31.18 2.40 26.12
C GLU J 369 -32.61 2.16 26.59
N TYR J 370 -33.39 3.25 26.78
CA TYR J 370 -34.79 3.14 27.17
C TYR J 370 -35.57 2.37 26.08
N ALA J 371 -35.36 2.75 24.81
CA ALA J 371 -36.05 2.12 23.69
C ALA J 371 -35.63 0.65 23.48
N VAL J 372 -34.35 0.33 23.66
CA VAL J 372 -33.85 -1.05 23.53
C VAL J 372 -34.51 -1.93 24.58
N ASP J 373 -34.58 -1.45 25.83
CA ASP J 373 -35.18 -2.20 26.91
C ASP J 373 -36.68 -2.42 26.64
N LYS J 374 -37.39 -1.38 26.20
CA LYS J 374 -38.82 -1.46 25.98
C LYS J 374 -39.24 -2.23 24.71
N TYR J 375 -38.58 -1.99 23.59
CA TYR J 375 -38.95 -2.59 22.30
C TYR J 375 -38.11 -3.80 21.85
N GLY J 376 -36.98 -4.06 22.51
CA GLY J 376 -36.17 -5.24 22.22
C GLY J 376 -34.79 -4.99 21.64
N GLY J 377 -34.65 -3.97 20.83
CA GLY J 377 -33.37 -3.68 20.18
C GLY J 377 -33.48 -2.71 19.03
N PRO J 378 -32.36 -2.45 18.33
CA PRO J 378 -32.41 -1.53 17.20
C PRO J 378 -33.32 -2.00 16.07
N ALA J 379 -34.04 -1.08 15.43
CA ALA J 379 -35.00 -1.35 14.33
C ALA J 379 -36.14 -2.34 14.71
N GLN J 380 -36.42 -2.54 16.01
CA GLN J 380 -37.50 -3.43 16.45
C GLN J 380 -38.75 -2.67 16.91
N ALA J 381 -38.66 -1.35 17.15
CA ALA J 381 -39.82 -0.58 17.62
C ALA J 381 -40.74 -0.28 16.43
N PRO J 382 -42.08 -0.48 16.51
CA PRO J 382 -42.93 -0.16 15.35
C PRO J 382 -42.78 1.29 14.88
N ALA J 383 -42.78 1.52 13.56
CA ALA J 383 -42.67 2.87 13.00
C ALA J 383 -44.07 3.49 12.98
N THR J 384 -44.52 3.95 14.15
CA THR J 384 -45.85 4.53 14.34
C THR J 384 -45.76 5.80 15.18
N LEU J 385 -46.79 6.66 15.14
CA LEU J 385 -46.80 7.87 15.97
C LEU J 385 -46.83 7.52 17.46
N GLU J 386 -47.40 6.37 17.84
CA GLU J 386 -47.42 5.93 19.23
C GLU J 386 -45.98 5.70 19.72
N THR J 387 -45.14 5.04 18.92
CA THR J 387 -43.75 4.80 19.29
C THR J 387 -43.00 6.12 19.39
N VAL J 388 -43.18 7.01 18.40
CA VAL J 388 -42.51 8.31 18.36
C VAL J 388 -42.85 9.10 19.62
N LYS J 389 -44.15 9.19 19.94
CA LYS J 389 -44.63 9.90 21.13
C LYS J 389 -43.98 9.34 22.40
N ASP J 390 -43.89 8.02 22.51
CA ASP J 390 -43.30 7.40 23.68
C ASP J 390 -41.79 7.74 23.82
N ILE J 391 -40.97 7.38 22.83
CA ILE J 391 -39.53 7.57 22.93
C ILE J 391 -39.13 9.03 23.00
N ALA J 392 -39.70 9.85 22.10
CA ALA J 392 -39.33 11.26 22.08
C ALA J 392 -39.73 11.99 23.35
N THR J 393 -40.92 11.71 23.94
CA THR J 393 -41.31 12.35 25.19
C THR J 393 -40.40 11.91 26.33
N GLU J 394 -40.13 10.60 26.45
CA GLU J 394 -39.27 10.06 27.51
C GLU J 394 -37.87 10.68 27.43
N THR J 395 -37.28 10.74 26.23
CA THR J 395 -35.93 11.28 26.05
C THR J 395 -35.92 12.78 26.29
N ALA J 396 -36.89 13.52 25.72
CA ALA J 396 -36.92 14.97 25.88
C ALA J 396 -37.09 15.40 27.32
N ILE J 397 -38.02 14.79 28.08
CA ILE J 397 -38.24 15.20 29.47
C ILE J 397 -37.01 14.86 30.32
N TYR J 398 -36.36 13.71 30.07
CA TYR J 398 -35.12 13.36 30.79
C TYR J 398 -34.06 14.46 30.55
N ALA J 399 -33.86 14.85 29.28
CA ALA J 399 -32.88 15.84 28.90
C ALA J 399 -33.20 17.21 29.50
N ILE J 400 -34.48 17.64 29.44
CA ILE J 400 -34.95 18.90 30.04
C ILE J 400 -34.57 18.96 31.52
N GLU J 401 -34.82 17.87 32.25
CA GLU J 401 -34.55 17.83 33.69
C GLU J 401 -33.06 17.89 34.01
N GLN J 402 -32.16 17.44 33.13
CA GLN J 402 -30.72 17.47 33.41
C GLN J 402 -30.20 18.89 33.56
N TYR J 403 -30.71 19.84 32.76
CA TYR J 403 -30.32 21.24 32.90
C TYR J 403 -30.73 21.82 34.27
N GLU J 404 -31.77 21.25 34.91
CA GLU J 404 -32.29 21.70 36.20
C GLU J 404 -31.56 21.00 37.36
N TYR J 405 -31.19 19.70 37.19
CA TYR J 405 -30.39 19.01 38.20
C TYR J 405 -28.96 19.55 38.23
N PHE J 406 -28.44 20.02 37.08
CA PHE J 406 -27.08 20.52 36.99
C PHE J 406 -27.02 21.95 36.49
N PRO J 407 -26.97 22.95 37.40
CA PRO J 407 -26.80 24.34 36.96
C PRO J 407 -25.59 24.59 36.07
N THR J 408 -24.49 23.82 36.25
CA THR J 408 -23.32 23.94 35.38
C THR J 408 -23.66 23.49 33.95
N LEU J 409 -24.53 22.48 33.79
CA LEU J 409 -24.94 22.05 32.45
C LEU J 409 -25.71 23.18 31.76
N LEU J 410 -26.61 23.84 32.50
CA LEU J 410 -27.40 24.94 31.96
C LEU J 410 -26.50 26.12 31.59
N GLU J 411 -25.49 26.43 32.42
CA GLU J 411 -24.56 27.52 32.14
C GLU J 411 -23.66 27.20 30.93
N ASP J 412 -23.29 25.93 30.76
CA ASP J 412 -22.48 25.51 29.62
C ASP J 412 -23.27 25.73 28.32
N GLN J 413 -24.49 25.18 28.23
CA GLN J 413 -25.35 25.33 27.06
C GLN J 413 -26.30 26.48 27.37
N PHE J 414 -25.69 27.67 27.51
CA PHE J 414 -26.37 28.89 27.94
C PHE J 414 -27.46 29.39 26.99
N GLY J 415 -27.34 29.13 25.71
CA GLY J 415 -28.32 29.57 24.75
C GLY J 415 -29.43 28.55 24.61
N GLY J 416 -30.67 29.00 24.58
CA GLY J 416 -31.81 28.10 24.41
C GLY J 416 -31.74 27.26 23.14
N SER J 417 -31.21 27.80 22.05
CA SER J 417 -31.08 27.06 20.79
C SER J 417 -30.13 25.88 20.97
N GLN J 418 -29.09 26.03 21.83
CA GLN J 418 -28.15 24.94 22.10
C GLN J 418 -28.91 23.81 22.80
N ARG J 419 -29.71 24.16 23.82
CA ARG J 419 -30.53 23.19 24.55
C ARG J 419 -31.52 22.52 23.59
N ALA J 420 -32.18 23.30 22.73
CA ALA J 420 -33.16 22.78 21.78
C ALA J 420 -32.51 21.79 20.80
N ALA J 421 -31.37 22.14 20.20
CA ALA J 421 -30.72 21.26 19.24
C ALA J 421 -30.34 19.91 19.86
N VAL J 422 -29.83 19.92 21.10
CA VAL J 422 -29.35 18.72 21.76
C VAL J 422 -30.50 17.87 22.33
N VAL J 423 -31.49 18.51 22.97
CA VAL J 423 -32.67 17.80 23.50
C VAL J 423 -33.40 17.08 22.34
N ALA J 424 -33.68 17.82 21.26
CA ALA J 424 -34.38 17.27 20.12
C ALA J 424 -33.54 16.27 19.31
N ALA J 425 -32.20 16.46 19.20
CA ALA J 425 -31.37 15.49 18.48
C ALA J 425 -31.40 14.15 19.22
N ALA J 426 -31.33 14.17 20.56
CA ALA J 426 -31.36 12.93 21.33
C ALA J 426 -32.70 12.21 21.13
N ALA J 427 -33.83 12.95 21.19
CA ALA J 427 -35.16 12.38 21.00
C ALA J 427 -35.28 11.78 19.57
N GLY J 428 -34.81 12.50 18.57
CA GLY J 428 -34.89 12.06 17.19
C GLY J 428 -34.02 10.86 16.87
N ILE J 429 -32.78 10.87 17.35
CA ILE J 429 -31.84 9.76 17.09
C ILE J 429 -32.28 8.49 17.85
N ALA J 430 -32.73 8.59 19.12
CA ALA J 430 -33.20 7.41 19.85
C ALA J 430 -34.41 6.79 19.14
N THR J 431 -35.31 7.64 18.62
CA THR J 431 -36.49 7.18 17.89
C THR J 431 -36.11 6.52 16.56
N GLY J 432 -35.22 7.15 15.81
CA GLY J 432 -34.73 6.62 14.55
C GLY J 432 -34.00 5.30 14.70
N LEU J 433 -33.12 5.19 15.70
CA LEU J 433 -32.38 3.93 15.93
C LEU J 433 -33.34 2.82 16.35
N ALA J 434 -34.34 3.14 17.18
CA ALA J 434 -35.27 2.13 17.65
C ALA J 434 -36.21 1.65 16.56
N THR J 435 -36.70 2.54 15.70
CA THR J 435 -37.64 2.17 14.65
C THR J 435 -36.97 1.74 13.34
N GLY J 436 -35.71 2.09 13.13
CA GLY J 436 -35.06 1.88 11.85
C GLY J 436 -35.64 2.80 10.77
N ASN J 437 -36.37 3.87 11.17
CA ASN J 437 -37.02 4.78 10.25
C ASN J 437 -36.64 6.22 10.64
N SER J 438 -35.82 6.85 9.81
CA SER J 438 -35.37 8.21 10.07
C SER J 438 -36.51 9.24 9.98
N GLN J 439 -37.60 8.93 9.26
CA GLN J 439 -38.76 9.83 9.20
C GLN J 439 -39.46 9.82 10.57
N ALA J 440 -39.52 8.66 11.24
CA ALA J 440 -40.06 8.54 12.61
C ALA J 440 -39.21 9.44 13.54
N GLY J 441 -37.88 9.42 13.36
CA GLY J 441 -36.95 10.24 14.10
C GLY J 441 -37.20 11.72 13.93
N LEU J 442 -37.46 12.15 12.71
CA LEU J 442 -37.73 13.55 12.43
C LEU J 442 -39.00 14.00 13.15
N SER J 443 -40.03 13.15 13.16
CA SER J 443 -41.27 13.45 13.87
C SER J 443 -41.00 13.62 15.39
N GLY J 444 -40.12 12.79 15.94
CA GLY J 444 -39.73 12.85 17.35
C GLY J 444 -39.01 14.14 17.68
N TRP J 445 -38.14 14.60 16.76
CA TRP J 445 -37.42 15.88 16.91
C TRP J 445 -38.43 17.04 17.13
N TYR J 446 -39.49 17.13 16.29
CA TYR J 446 -40.44 18.24 16.43
C TYR J 446 -41.24 18.15 17.72
N LEU J 447 -41.64 16.94 18.14
CA LEU J 447 -42.35 16.78 19.42
C LEU J 447 -41.46 17.26 20.57
N ALA J 448 -40.15 16.91 20.56
CA ALA J 448 -39.21 17.30 21.60
C ALA J 448 -39.07 18.84 21.68
N GLN J 449 -39.06 19.51 20.53
CA GLN J 449 -38.99 20.98 20.46
C GLN J 449 -40.19 21.58 21.16
N TYR J 450 -41.39 21.07 20.87
CA TYR J 450 -42.60 21.61 21.47
C TYR J 450 -42.64 21.39 22.98
N LEU J 451 -42.14 20.23 23.45
CA LEU J 451 -42.09 19.94 24.89
C LEU J 451 -41.15 20.92 25.57
N LEU J 452 -39.95 21.13 24.99
CA LEU J 452 -38.98 22.06 25.60
C LEU J 452 -39.55 23.48 25.74
N LYS J 453 -40.26 23.98 24.71
CA LYS J 453 -40.86 25.32 24.76
C LYS J 453 -41.78 25.49 25.97
N GLU J 454 -42.71 24.55 26.17
CA GLU J 454 -43.64 24.64 27.29
C GLU J 454 -42.95 24.38 28.64
N ALA J 455 -41.87 23.59 28.65
CA ALA J 455 -41.16 23.29 29.89
C ALA J 455 -40.39 24.50 30.45
N GLU J 456 -39.57 25.16 29.60
CA GLU J 456 -38.77 26.29 30.06
C GLU J 456 -39.45 27.66 29.83
N GLY J 457 -40.58 27.71 29.12
CA GLY J 457 -41.23 28.98 28.80
C GLY J 457 -40.41 29.82 27.82
N ARG J 458 -39.60 29.14 27.03
CA ARG J 458 -38.66 29.70 26.05
C ARG J 458 -38.14 28.55 25.20
N LEU J 459 -37.69 28.84 23.98
CA LEU J 459 -37.14 27.78 23.13
C LEU J 459 -35.75 28.21 22.65
N GLY J 460 -35.61 28.74 21.43
CA GLY J 460 -34.30 29.17 20.95
C GLY J 460 -34.26 30.66 20.70
N PHE J 461 -33.39 31.07 19.80
CA PHE J 461 -33.28 32.47 19.42
C PHE J 461 -34.59 32.91 18.69
N PHE J 462 -34.70 34.21 18.40
CA PHE J 462 -35.85 34.85 17.77
C PHE J 462 -36.54 34.02 16.66
CA GL3 J 463 -36.35 32.74 14.59
N GL3 J 463 -35.76 33.47 15.72
C GL3 J 463 -35.96 31.26 14.52
S GL3 J 463 -36.14 30.45 13.11
N TYR J 464 -35.63 30.70 15.68
CA TYR J 464 -35.17 29.32 15.76
C TYR J 464 -36.22 28.31 15.32
N ASP J 465 -37.47 28.49 15.76
CA ASP J 465 -38.49 27.48 15.53
C ASP J 465 -39.39 27.72 14.32
N LEU J 466 -38.92 28.42 13.25
CA LEU J 466 -39.72 28.52 12.01
C LEU J 466 -39.96 27.10 11.46
N GLN J 467 -38.88 26.33 11.35
CA GLN J 467 -38.99 24.99 10.80
C GLN J 467 -39.63 24.03 11.75
N ASP J 468 -39.55 24.27 13.06
CA ASP J 468 -40.12 23.35 14.04
C ASP J 468 -41.62 23.54 14.11
N GLN J 469 -42.13 24.80 14.05
CA GLN J 469 -43.58 24.99 14.04
C GLN J 469 -44.17 24.51 12.72
N CYS J 470 -43.45 24.68 11.60
CA CYS J 470 -43.85 24.10 10.30
C CYS J 470 -43.68 22.54 10.32
N GLY J 471 -42.75 22.07 11.16
CA GLY J 471 -42.21 20.73 11.24
C GLY J 471 -43.13 19.56 11.27
N ALA J 472 -43.92 19.44 12.34
CA ALA J 472 -44.79 18.29 12.53
C ALA J 472 -45.68 18.00 11.29
N ALA J 473 -46.29 19.07 10.74
CA ALA J 473 -47.14 18.98 9.56
C ALA J 473 -46.36 18.57 8.29
N ASN J 474 -45.12 19.05 8.14
CA ASN J 474 -44.34 18.74 6.94
C ASN J 474 -43.53 17.44 7.00
N VAL J 475 -43.53 16.69 8.12
CA VAL J 475 -42.78 15.41 8.15
C VAL J 475 -43.36 14.43 7.14
N PHE J 476 -44.68 14.22 7.17
CA PHE J 476 -45.34 13.23 6.32
C PHE J 476 -46.19 13.83 5.20
N SER J 477 -46.11 15.16 4.99
CA SER J 477 -46.83 15.78 3.89
C SER J 477 -46.31 15.24 2.56
N TYR J 478 -47.18 15.17 1.57
CA TYR J 478 -46.78 14.78 0.22
C TYR J 478 -46.99 15.95 -0.78
N GLN J 479 -47.21 17.19 -0.26
CA GLN J 479 -47.37 18.36 -1.11
C GLN J 479 -46.05 18.78 -1.71
N SER J 480 -46.13 19.31 -2.92
CA SER J 480 -45.01 19.73 -3.78
C SER J 480 -43.70 20.11 -3.04
N ASP J 481 -43.67 21.23 -2.32
CA ASP J 481 -42.44 21.70 -1.66
C ASP J 481 -42.43 21.43 -0.16
N GLU J 482 -43.19 20.43 0.31
CA GLU J 482 -43.26 20.04 1.71
C GLU J 482 -42.77 18.59 1.88
N GLY J 483 -43.26 17.68 1.05
CA GLY J 483 -42.92 16.28 1.20
C GLY J 483 -41.55 15.88 0.69
N LEU J 484 -40.85 15.05 1.46
CA LEU J 484 -39.55 14.53 1.06
C LEU J 484 -38.97 13.66 2.19
N PRO J 485 -38.46 12.44 1.91
CA PRO J 485 -37.77 11.68 2.98
C PRO J 485 -36.58 12.47 3.51
N LEU J 486 -36.32 12.38 4.85
CA LEU J 486 -35.26 13.16 5.48
C LEU J 486 -33.90 12.99 4.82
N GLU J 487 -33.58 11.78 4.36
CA GLU J 487 -32.30 11.46 3.70
C GLU J 487 -32.03 12.40 2.52
N LEU J 488 -33.09 12.81 1.80
CA LEU J 488 -32.98 13.70 0.64
C LEU J 488 -33.18 15.18 0.98
N ARG J 489 -33.63 15.50 2.21
CA ARG J 489 -33.69 16.91 2.62
C ARG J 489 -32.24 17.39 2.81
N GLY J 490 -32.09 18.69 2.88
CA GLY J 490 -30.79 19.32 3.06
C GLY J 490 -30.95 20.79 3.40
N PRO J 491 -29.87 21.58 3.34
CA PRO J 491 -30.00 23.00 3.67
C PRO J 491 -30.82 23.83 2.68
N ASN J 492 -31.24 23.25 1.55
CA ASN J 492 -32.09 23.97 0.60
C ASN J 492 -33.56 23.55 0.75
N TYR J 493 -33.90 22.55 1.64
CA TYR J 493 -35.30 22.22 1.94
C TYR J 493 -35.90 23.54 2.56
N PRO J 494 -36.98 24.10 1.97
CA PRO J 494 -37.38 25.48 2.30
C PRO J 494 -37.38 25.87 3.79
N ASN J 495 -38.04 25.07 4.62
CA ASN J 495 -38.11 25.37 6.04
C ASN J 495 -36.73 25.38 6.71
N TYR J 496 -35.76 24.64 6.16
CA TYR J 496 -34.45 24.50 6.78
C TYR J 496 -33.40 25.46 6.25
N ALA J 497 -33.72 26.30 5.26
CA ALA J 497 -32.71 27.09 4.56
C ALA J 497 -32.02 28.22 5.33
N MET J 498 -32.45 28.58 6.55
CA MET J 498 -31.88 29.75 7.21
C MET J 498 -31.29 29.55 8.57
N ASN J 499 -31.77 28.59 9.38
CA ASN J 499 -31.48 28.64 10.82
C ASN J 499 -30.55 27.59 11.43
N VAL J 500 -29.74 28.04 12.41
CA VAL J 500 -28.78 27.21 13.15
C VAL J 500 -29.52 26.17 14.03
N GLY J 501 -28.75 25.22 14.57
CA GLY J 501 -29.22 24.24 15.53
C GLY J 501 -30.23 23.25 15.01
N HIS J 502 -30.17 22.92 13.70
CA HIS J 502 -31.08 21.91 13.13
C HIS J 502 -30.37 20.99 12.11
N GLN J 503 -29.71 21.56 11.11
CA GLN J 503 -29.18 20.81 9.98
C GLN J 503 -28.24 19.65 10.34
N GLY J 504 -27.23 19.90 11.15
CA GLY J 504 -26.30 18.86 11.56
C GLY J 504 -26.98 17.78 12.38
N GLU J 505 -27.92 18.17 13.22
CA GLU J 505 -28.69 17.22 14.01
C GLU J 505 -29.57 16.36 13.08
N TYR J 506 -30.14 16.97 12.03
CA TYR J 506 -30.91 16.23 11.02
C TYR J 506 -30.03 15.22 10.29
N ALA J 507 -28.75 15.53 10.01
CA ALA J 507 -27.82 14.56 9.41
C ALA J 507 -27.69 13.32 10.32
N GLY J 508 -27.59 13.53 11.63
CA GLY J 508 -27.56 12.43 12.58
C GLY J 508 -28.85 11.63 12.56
N ILE J 509 -30.01 12.33 12.53
CA ILE J 509 -31.31 11.63 12.48
C ILE J 509 -31.44 10.85 11.17
N ALA J 510 -30.97 11.41 10.03
CA ALA J 510 -31.00 10.71 8.74
C ALA J 510 -30.21 9.40 8.83
N SER J 511 -29.04 9.44 9.48
CA SER J 511 -28.21 8.27 9.66
C SER J 511 -28.84 7.27 10.63
N SER J 512 -29.58 7.74 11.65
CA SER J 512 -30.11 6.90 12.73
C SER J 512 -30.93 5.68 12.27
N GLY J 513 -31.88 5.85 11.37
CA GLY J 513 -32.69 4.73 10.89
C GLY J 513 -31.87 3.64 10.23
N HIS J 514 -30.87 4.06 9.47
CA HIS J 514 -29.98 3.15 8.73
C HIS J 514 -28.96 2.49 9.64
N ILE J 515 -28.41 3.23 10.61
CA ILE J 515 -27.50 2.65 11.59
C ILE J 515 -28.30 1.62 12.45
N GLY J 516 -29.54 1.94 12.80
CA GLY J 516 -30.40 1.02 13.54
C GLY J 516 -30.60 -0.30 12.80
N ARG J 517 -30.80 -0.21 11.49
CA ARG J 517 -30.98 -1.38 10.62
C ARG J 517 -29.68 -2.12 10.26
N GLY J 518 -28.52 -1.51 10.53
CA GLY J 518 -27.24 -2.08 10.14
C GLY J 518 -26.96 -1.90 8.66
N ASP J 519 -27.61 -0.90 8.01
CA ASP J 519 -27.38 -0.65 6.57
C ASP J 519 -25.96 -0.15 6.32
N ALA J 520 -25.41 -0.53 5.16
CA ALA J 520 -24.08 -0.10 4.75
C ALA J 520 -24.03 1.39 4.42
N PHE J 521 -25.14 1.94 3.91
CA PHE J 521 -25.23 3.34 3.52
C PHE J 521 -26.66 3.85 3.77
N VAL J 522 -26.84 5.18 3.64
CA VAL J 522 -28.09 5.89 3.89
C VAL J 522 -28.80 6.26 2.60
N VAL J 523 -28.05 6.81 1.62
CA VAL J 523 -28.69 7.31 0.40
C VAL J 523 -27.85 7.15 -0.87
N ASN J 524 -26.51 7.01 -0.78
CA ASN J 524 -25.72 6.88 -2.00
C ASN J 524 -24.55 5.94 -1.72
N PRO J 525 -24.60 4.68 -2.22
CA PRO J 525 -23.52 3.73 -1.92
C PRO J 525 -22.18 4.15 -2.52
N LEU J 526 -22.21 4.92 -3.62
CA LEU J 526 -20.99 5.40 -4.26
C LEU J 526 -20.28 6.37 -3.33
N VAL J 527 -21.04 7.26 -2.66
CA VAL J 527 -20.46 8.20 -1.70
C VAL J 527 -19.86 7.43 -0.54
N LYS J 528 -20.59 6.42 -0.01
CA LYS J 528 -20.09 5.66 1.13
C LYS J 528 -18.75 4.99 0.83
N VAL J 529 -18.59 4.40 -0.37
CA VAL J 529 -17.34 3.74 -0.72
C VAL J 529 -16.25 4.77 -0.96
N ALA J 530 -16.56 5.88 -1.68
CA ALA J 530 -15.54 6.90 -2.00
C ALA J 530 -14.86 7.47 -0.76
N PHE J 531 -15.61 7.63 0.35
CA PHE J 531 -15.04 8.18 1.57
C PHE J 531 -14.49 7.11 2.54
N ALA J 532 -14.57 5.80 2.18
CA ALA J 532 -14.02 4.72 3.01
C ALA J 532 -12.54 4.58 2.60
N ASP J 533 -11.80 5.69 2.68
CA ASP J 533 -10.45 5.78 2.18
C ASP J 533 -9.50 6.44 3.20
N PRO J 534 -8.52 5.71 3.75
CA PRO J 534 -7.62 6.32 4.74
C PRO J 534 -6.64 7.34 4.17
N LEU J 535 -6.46 7.39 2.83
CA LEU J 535 -5.56 8.38 2.24
C LEU J 535 -6.17 9.80 2.27
N LEU J 536 -7.49 9.94 2.43
CA LEU J 536 -8.10 11.29 2.53
C LEU J 536 -7.51 12.04 3.73
N ASN J 537 -7.28 13.33 3.57
CA ASN J 537 -6.61 14.13 4.60
C ASN J 537 -7.34 14.09 5.94
N PHE J 538 -8.66 14.21 5.91
CA PHE J 538 -9.48 14.17 7.10
C PHE J 538 -9.90 12.71 7.38
N ASP J 539 -9.80 12.26 8.63
CA ASP J 539 -10.19 10.90 8.99
C ASP J 539 -11.69 10.89 9.27
N PHE J 540 -12.49 10.55 8.25
CA PHE J 540 -13.94 10.53 8.40
C PHE J 540 -14.47 9.42 9.34
N THR J 541 -13.62 8.48 9.83
CA THR J 541 -14.08 7.50 10.80
C THR J 541 -14.10 8.10 12.22
N GLN J 542 -13.37 9.22 12.47
CA GLN J 542 -13.24 9.80 13.82
C GLN J 542 -13.33 11.32 13.74
N VAL J 543 -14.52 11.81 13.43
CA VAL J 543 -14.75 13.25 13.26
C VAL J 543 -14.37 14.06 14.52
N ARG J 544 -14.89 13.68 15.68
CA ARG J 544 -14.63 14.44 16.91
C ARG J 544 -13.15 14.41 17.29
N LYS J 545 -12.48 13.27 17.11
CA LYS J 545 -11.04 13.19 17.39
C LYS J 545 -10.28 14.16 16.48
N GLU J 546 -10.66 14.26 15.20
CA GLU J 546 -10.01 15.17 14.26
C GLU J 546 -10.25 16.63 14.69
N PHE J 547 -11.47 16.99 15.09
CA PHE J 547 -11.75 18.37 15.54
C PHE J 547 -10.89 18.72 16.76
N ALA J 548 -10.73 17.75 17.68
CA ALA J 548 -9.91 17.93 18.87
C ALA J 548 -8.44 18.15 18.48
N LYS J 549 -7.93 17.40 17.49
CA LYS J 549 -6.56 17.56 17.00
C LYS J 549 -6.36 18.98 16.44
N GLY J 550 -7.33 19.45 15.66
CA GLY J 550 -7.28 20.80 15.11
C GLY J 550 -7.30 21.85 16.18
N ALA J 551 -8.14 21.66 17.22
CA ALA J 551 -8.27 22.62 18.32
C ALA J 551 -6.93 22.88 19.02
N VAL J 552 -6.13 21.83 19.25
CA VAL J 552 -4.84 21.98 19.92
C VAL J 552 -3.67 22.20 18.92
N ARG J 553 -3.99 22.59 17.67
CA ARG J 553 -3.00 22.92 16.65
C ARG J 553 -2.03 21.74 16.38
N GLU J 554 -2.57 20.50 16.41
CA GLU J 554 -1.82 19.27 16.15
C GLU J 554 -2.32 18.51 14.88
N PHE J 555 -3.34 19.03 14.17
CA PHE J 555 -3.82 18.37 12.94
C PHE J 555 -2.71 18.56 11.89
N ASP J 556 -2.08 17.45 11.47
CA ASP J 556 -0.91 17.47 10.59
C ASP J 556 -1.17 17.08 9.13
N ARG J 557 -2.43 17.04 8.69
CA ARG J 557 -2.76 16.68 7.32
C ARG J 557 -3.50 17.82 6.61
N CYS J 558 -3.19 19.08 6.97
CA CYS J 558 -3.82 20.23 6.34
C CYS J 558 -3.19 20.42 4.96
N ALA J 559 -4.02 20.48 3.95
CA ALA J 559 -3.60 20.62 2.56
C ALA J 559 -3.82 22.08 2.09
N GLY J 560 -3.23 22.44 0.96
CA GLY J 560 -3.48 23.73 0.34
C GLY J 560 -2.63 24.91 0.78
N GLU J 561 -1.69 24.72 1.73
CA GLU J 561 -0.84 25.83 2.15
C GLU J 561 0.12 26.24 1.03
N ARG J 562 0.58 27.48 1.08
CA ARG J 562 1.47 28.01 0.05
C ARG J 562 2.85 28.34 0.57
N ALA J 563 3.26 27.74 1.70
CA ALA J 563 4.60 27.94 2.26
C ALA J 563 5.71 27.71 1.22
N LEU J 564 5.56 26.69 0.35
CA LEU J 564 6.58 26.40 -0.67
C LEU J 564 6.81 27.53 -1.68
N ILE J 565 5.81 28.39 -1.90
CA ILE J 565 5.95 29.49 -2.86
C ILE J 565 5.98 30.87 -2.17
N LEU J 566 6.22 30.90 -0.84
CA LEU J 566 6.30 32.13 -0.05
C LEU J 566 7.68 32.26 0.56
N PRO J 567 8.13 33.52 0.81
CA PRO J 567 9.45 33.70 1.43
C PRO J 567 9.50 33.16 2.86
N ALA J 568 10.68 32.68 3.27
CA ALA J 568 10.91 32.14 4.60
C ALA J 568 10.94 33.27 5.63
N SER K 2 -70.52 20.43 -0.78
CA SER K 2 -70.51 21.74 -1.45
C SER K 2 -70.36 22.86 -0.42
N ASP K 3 -69.51 23.86 -0.69
CA ASP K 3 -69.29 24.98 0.24
C ASP K 3 -69.73 26.29 -0.37
N LYS K 4 -70.60 27.02 0.34
CA LYS K 4 -71.13 28.30 -0.10
C LYS K 4 -70.67 29.40 0.85
N VAL K 5 -70.53 30.63 0.32
CA VAL K 5 -70.16 31.82 1.08
C VAL K 5 -70.88 33.05 0.53
N ASP K 6 -71.00 34.10 1.34
CA ASP K 6 -71.49 35.39 0.91
C ASP K 6 -70.25 36.29 0.86
N ILE K 7 -70.04 37.02 -0.24
CA ILE K 7 -68.87 37.90 -0.35
C ILE K 7 -69.26 39.29 0.11
N TYR K 8 -68.44 39.88 0.98
CA TYR K 8 -68.66 41.23 1.48
C TYR K 8 -67.49 42.12 1.03
N SER K 9 -67.81 43.41 0.85
CA SER K 9 -66.87 44.41 0.37
C SER K 9 -65.81 44.83 1.40
N ASP K 10 -64.85 45.66 0.98
CA ASP K 10 -63.84 46.24 1.86
C ASP K 10 -64.50 47.06 3.00
N ARG K 11 -65.75 47.55 2.81
CA ARG K 11 -66.51 48.31 3.80
C ARG K 11 -67.61 47.48 4.51
N GLY K 12 -67.56 46.15 4.41
CA GLY K 12 -68.52 45.28 5.06
C GLY K 12 -69.91 45.26 4.48
N LYS K 13 -70.07 45.55 3.18
CA LYS K 13 -71.38 45.54 2.53
C LYS K 13 -71.51 44.30 1.64
N LEU K 14 -72.70 43.69 1.60
CA LEU K 14 -72.91 42.48 0.80
C LEU K 14 -72.74 42.75 -0.69
N LEU K 15 -71.94 41.92 -1.40
CA LEU K 15 -71.70 42.04 -2.84
C LEU K 15 -72.27 40.86 -3.61
N ALA K 16 -72.21 39.65 -3.05
CA ALA K 16 -72.71 38.46 -3.72
C ALA K 16 -73.13 37.42 -2.69
N SER K 17 -74.27 36.74 -2.91
CA SER K 17 -74.79 35.74 -1.98
C SER K 17 -74.73 34.33 -2.55
N ASP K 18 -74.63 33.33 -1.66
CA ASP K 18 -74.68 31.90 -2.03
C ASP K 18 -73.69 31.55 -3.14
N VAL K 19 -72.46 32.01 -2.97
CA VAL K 19 -71.39 31.77 -3.93
C VAL K 19 -70.71 30.45 -3.62
N ASP K 20 -70.65 29.54 -4.61
CA ASP K 20 -69.92 28.29 -4.44
C ASP K 20 -68.43 28.66 -4.48
N ILE K 21 -67.64 28.23 -3.49
CA ILE K 21 -66.21 28.57 -3.45
C ILE K 21 -65.46 28.07 -4.70
N MET K 22 -65.95 27.00 -5.35
CA MET K 22 -65.35 26.50 -6.60
C MET K 22 -65.36 27.60 -7.68
N ASP K 23 -66.39 28.47 -7.68
CA ASP K 23 -66.50 29.57 -8.63
C ASP K 23 -65.55 30.75 -8.33
N LEU K 24 -64.86 30.75 -7.17
CA LEU K 24 -63.84 31.75 -6.83
C LEU K 24 -62.43 31.24 -7.18
N ALA K 25 -62.28 30.00 -7.69
CA ALA K 25 -60.97 29.44 -7.93
C ALA K 25 -60.19 30.17 -8.99
N PRO K 26 -58.85 30.28 -8.85
CA PRO K 26 -58.06 30.85 -9.95
C PRO K 26 -58.32 30.19 -11.31
N THR K 27 -58.64 28.89 -11.31
CA THR K 27 -58.91 28.13 -12.53
C THR K 27 -60.32 28.31 -13.11
N ARG K 28 -61.25 28.98 -12.39
CA ARG K 28 -62.62 29.15 -12.88
C ARG K 28 -63.10 30.60 -12.88
N ASN K 29 -62.70 31.41 -11.89
CA ASN K 29 -63.17 32.79 -11.78
C ASN K 29 -62.60 33.67 -12.90
N ARG K 30 -63.47 34.29 -13.68
CA ARG K 30 -63.05 35.15 -14.78
C ARG K 30 -62.27 36.38 -14.37
N ALA K 31 -62.66 37.03 -13.24
CA ALA K 31 -61.92 38.21 -12.78
C ALA K 31 -60.50 37.84 -12.40
N ILE K 32 -60.30 36.70 -11.71
CA ILE K 32 -58.94 36.29 -11.32
C ILE K 32 -58.13 35.97 -12.58
N ARG K 33 -58.73 35.27 -13.56
CA ARG K 33 -58.00 34.98 -14.81
C ARG K 33 -57.59 36.26 -15.52
N THR K 34 -58.48 37.25 -15.57
CA THR K 34 -58.18 38.52 -16.21
C THR K 34 -57.08 39.25 -15.44
N ILE K 35 -57.10 39.21 -14.08
CA ILE K 35 -56.03 39.82 -13.27
C ILE K 35 -54.68 39.17 -13.64
N ILE K 36 -54.64 37.84 -13.74
CA ILE K 36 -53.39 37.15 -14.06
C ILE K 36 -52.96 37.44 -15.50
N HIS K 37 -53.92 37.51 -16.42
CA HIS K 37 -53.67 37.84 -17.82
C HIS K 37 -53.01 39.22 -17.92
N ASP K 38 -53.58 40.21 -17.21
CA ASP K 38 -53.06 41.57 -17.21
C ASP K 38 -51.75 41.69 -16.41
N THR K 39 -51.57 40.88 -15.37
CA THR K 39 -50.30 40.85 -14.60
C THR K 39 -49.17 40.41 -15.55
N LYS K 40 -49.43 39.37 -16.36
CA LYS K 40 -48.42 38.82 -17.26
C LYS K 40 -48.14 39.70 -18.47
N ARG K 41 -49.14 40.41 -19.01
CA ARG K 41 -48.96 41.21 -20.22
C ARG K 41 -48.59 42.68 -19.98
N THR K 42 -48.70 43.19 -18.74
CA THR K 42 -48.44 44.59 -18.48
C THR K 42 -47.03 44.81 -17.96
N ALA K 43 -46.37 45.84 -18.48
CA ALA K 43 -45.03 46.22 -18.02
C ALA K 43 -44.98 47.74 -17.87
N ALA K 44 -44.02 48.22 -17.08
CA ALA K 44 -43.81 49.63 -16.81
C ALA K 44 -42.51 50.10 -17.43
N VAL K 45 -42.55 51.21 -18.19
CA VAL K 45 -41.36 51.82 -18.78
C VAL K 45 -41.17 53.15 -18.05
N ASN K 46 -40.04 53.30 -17.37
CA ASN K 46 -39.72 54.51 -16.62
C ASN K 46 -38.97 55.50 -17.53
N LEU K 47 -39.72 56.34 -18.27
CA LEU K 47 -39.15 57.36 -19.15
C LEU K 47 -38.31 58.37 -18.39
N GLY K 48 -38.72 58.73 -17.17
CA GLY K 48 -37.95 59.65 -16.33
C GLY K 48 -36.61 59.05 -15.97
N GLY K 49 -36.61 57.76 -15.67
CA GLY K 49 -35.40 57.01 -15.38
C GLY K 49 -34.49 56.90 -16.58
N ILE K 50 -35.06 56.60 -17.77
CA ILE K 50 -34.29 56.50 -19.02
C ILE K 50 -33.64 57.86 -19.34
N GLU K 51 -34.39 58.97 -19.14
CA GLU K 51 -33.88 60.30 -19.42
C GLU K 51 -32.69 60.63 -18.51
N LYS K 52 -32.80 60.33 -17.21
CA LYS K 52 -31.72 60.60 -16.26
C LYS K 52 -30.52 59.71 -16.56
N ALA K 53 -30.76 58.43 -16.90
CA ALA K 53 -29.69 57.49 -17.23
C ALA K 53 -28.93 58.01 -18.46
N LEU K 54 -29.63 58.48 -19.49
CA LEU K 54 -29.00 59.01 -20.69
C LEU K 54 -28.22 60.29 -20.40
N ALA K 55 -28.85 61.26 -19.69
CA ALA K 55 -28.24 62.55 -19.40
C ALA K 55 -26.96 62.42 -18.57
N ASN K 56 -26.85 61.41 -17.70
CA ASN K 56 -25.70 61.25 -16.83
C ASN K 56 -24.81 60.06 -17.18
N GLY K 57 -25.13 59.29 -18.23
CA GLY K 57 -24.37 58.09 -18.57
C GLY K 57 -24.38 57.07 -17.44
N ARG K 58 -25.50 57.01 -16.70
CA ARG K 58 -25.65 56.16 -15.53
C ARG K 58 -26.43 54.90 -15.80
N ILE K 59 -26.06 53.81 -15.11
CA ILE K 59 -26.73 52.52 -15.22
C ILE K 59 -27.00 52.08 -13.80
N GLY K 60 -28.25 52.11 -13.41
CA GLY K 60 -28.62 51.75 -12.05
C GLY K 60 -28.23 52.81 -11.05
N LYS K 61 -28.12 52.40 -9.80
CA LYS K 61 -27.85 53.30 -8.68
C LYS K 61 -26.44 53.91 -8.59
N VAL K 62 -25.37 53.21 -9.05
CA VAL K 62 -24.01 53.73 -8.87
C VAL K 62 -23.10 53.70 -10.11
N LYS K 63 -23.39 52.87 -11.12
CA LYS K 63 -22.53 52.80 -12.30
C LYS K 63 -22.68 54.04 -13.17
N LYS K 64 -21.55 54.57 -13.67
CA LYS K 64 -21.51 55.77 -14.49
C LYS K 64 -20.34 55.66 -15.43
N ILE K 65 -20.57 55.77 -16.75
CA ILE K 65 -19.51 55.67 -17.74
C ILE K 65 -19.22 57.11 -18.20
N PRO K 66 -18.11 57.73 -17.78
CA PRO K 66 -17.83 59.10 -18.22
C PRO K 66 -17.74 59.26 -19.75
N GLY K 67 -18.20 60.41 -20.25
CA GLY K 67 -18.17 60.71 -21.67
C GLY K 67 -19.31 60.17 -22.50
N LYS K 68 -20.25 59.44 -21.90
CA LYS K 68 -21.39 58.87 -22.62
C LYS K 68 -22.69 59.67 -22.49
N GLU K 69 -22.65 60.84 -21.83
CA GLU K 69 -23.83 61.68 -21.62
C GLU K 69 -24.53 62.02 -22.94
N MET K 70 -25.87 61.94 -22.94
CA MET K 70 -26.69 62.19 -24.11
C MET K 70 -27.97 62.87 -23.66
N LYS K 71 -28.00 64.21 -23.68
CA LYS K 71 -29.16 64.97 -23.22
C LYS K 71 -30.29 64.93 -24.25
N LEU K 72 -31.19 63.94 -24.11
CA LEU K 72 -32.36 63.77 -24.97
C LEU K 72 -33.63 64.04 -24.13
N ASP K 73 -34.64 64.65 -24.76
CA ASP K 73 -35.91 65.00 -24.12
C ASP K 73 -36.95 63.88 -24.25
N ILE K 74 -36.90 62.90 -23.32
CA ILE K 74 -37.77 61.72 -23.33
C ILE K 74 -39.15 61.96 -22.66
N VAL K 75 -39.16 62.37 -21.37
CA VAL K 75 -40.41 62.62 -20.59
C VAL K 75 -41.31 63.61 -21.33
N ALA K 76 -40.68 64.65 -21.83
CA ALA K 76 -41.35 65.70 -22.56
C ALA K 76 -41.92 65.20 -23.92
N ASN K 77 -41.37 64.10 -24.49
CA ASN K 77 -41.84 63.49 -25.75
C ASN K 77 -42.61 62.17 -25.46
N ALA K 78 -43.22 62.03 -24.27
CA ALA K 78 -43.90 60.79 -23.89
C ALA K 78 -45.02 60.32 -24.82
N GLU K 79 -45.91 61.22 -25.27
CA GLU K 79 -47.03 60.84 -26.16
C GLU K 79 -46.55 60.31 -27.51
N ARG K 80 -45.60 60.99 -28.15
CA ARG K 80 -45.08 60.55 -29.45
C ARG K 80 -44.39 59.19 -29.31
N LEU K 81 -43.62 59.00 -28.24
CA LEU K 81 -42.92 57.75 -28.00
C LEU K 81 -43.92 56.63 -27.69
N ALA K 82 -45.01 56.93 -26.96
CA ALA K 82 -46.07 55.97 -26.65
C ALA K 82 -46.73 55.46 -27.94
N GLU K 83 -46.98 56.36 -28.91
CA GLU K 83 -47.59 56.01 -30.19
C GLU K 83 -46.68 55.04 -30.96
N ARG K 84 -45.38 55.33 -31.01
CA ARG K 84 -44.45 54.45 -31.71
C ARG K 84 -44.26 53.13 -30.98
N VAL K 85 -44.23 53.15 -29.62
CA VAL K 85 -44.12 51.92 -28.82
C VAL K 85 -45.35 51.04 -29.11
N LYS K 86 -46.54 51.63 -29.25
CA LYS K 86 -47.74 50.86 -29.57
C LYS K 86 -47.62 50.18 -30.92
N GLU K 87 -47.11 50.90 -31.94
CA GLU K 87 -46.93 50.33 -33.28
C GLU K 87 -45.97 49.13 -33.24
N LEU K 88 -44.93 49.19 -32.42
CA LEU K 88 -43.92 48.14 -32.33
C LEU K 88 -44.34 46.95 -31.47
N VAL K 89 -45.11 47.20 -30.42
CA VAL K 89 -45.56 46.15 -29.51
C VAL K 89 -46.76 45.41 -30.09
N GLN K 90 -47.66 46.11 -30.79
CA GLN K 90 -48.85 45.46 -31.35
C GLN K 90 -48.46 44.42 -32.39
N VAL K 91 -49.33 43.44 -32.59
CA VAL K 91 -49.14 42.39 -33.58
C VAL K 91 -49.96 42.79 -34.81
N ASN K 92 -51.23 43.17 -34.61
CA ASN K 92 -52.10 43.63 -35.69
C ASN K 92 -52.75 44.94 -35.29
N GLU K 93 -53.09 45.76 -36.27
CA GLU K 93 -53.79 47.03 -36.02
C GLU K 93 -55.14 46.72 -35.37
N GLY K 94 -55.49 47.46 -34.32
CA GLY K 94 -56.77 47.26 -33.66
C GLY K 94 -56.81 46.08 -32.70
N ASP K 95 -55.65 45.44 -32.40
CA ASP K 95 -55.62 44.33 -31.45
C ASP K 95 -55.69 44.85 -29.98
N ASP K 96 -55.57 43.96 -28.99
CA ASP K 96 -55.69 44.31 -27.57
C ASP K 96 -54.43 44.96 -26.95
N THR K 97 -53.54 45.56 -27.75
CA THR K 97 -52.37 46.26 -27.22
C THR K 97 -52.82 47.61 -26.68
N THR K 98 -52.25 48.04 -25.56
CA THR K 98 -52.50 49.37 -25.03
C THR K 98 -51.19 49.99 -24.58
N VAL K 99 -51.05 51.31 -24.78
CA VAL K 99 -49.89 52.06 -24.30
C VAL K 99 -50.49 53.34 -23.74
N GLU K 100 -50.23 53.62 -22.46
CA GLU K 100 -50.78 54.80 -21.82
C GLU K 100 -49.66 55.57 -21.14
N VAL K 101 -49.71 56.90 -21.25
CA VAL K 101 -48.74 57.78 -20.61
C VAL K 101 -49.26 58.10 -19.21
N LEU K 102 -48.39 57.98 -18.20
CA LEU K 102 -48.76 58.26 -16.81
C LEU K 102 -47.71 59.15 -16.12
N ALA K 103 -48.09 59.73 -14.96
CA ALA K 103 -47.23 60.56 -14.11
C ALA K 103 -46.55 61.72 -14.84
N GLY K 104 -47.34 62.48 -15.59
CA GLY K 104 -46.88 63.64 -16.34
C GLY K 104 -45.80 63.35 -17.36
N GLY K 105 -45.82 62.16 -17.95
CA GLY K 105 -44.85 61.76 -18.96
C GLY K 105 -43.69 60.94 -18.44
N LYS K 106 -43.60 60.73 -17.11
CA LYS K 106 -42.50 59.97 -16.53
C LYS K 106 -42.61 58.45 -16.75
N PHE K 107 -43.82 57.87 -16.81
CA PHE K 107 -43.98 56.42 -17.00
C PHE K 107 -44.91 56.08 -18.17
N LEU K 108 -44.70 54.88 -18.76
CA LEU K 108 -45.58 54.32 -19.78
C LEU K 108 -46.06 52.98 -19.31
N LYS K 109 -47.37 52.79 -19.33
CA LYS K 109 -47.97 51.50 -19.02
C LYS K 109 -48.11 50.81 -20.38
N VAL K 110 -47.49 49.63 -20.55
CA VAL K 110 -47.57 48.89 -21.81
C VAL K 110 -48.29 47.60 -21.53
N GLN K 111 -49.31 47.26 -22.32
CA GLN K 111 -50.00 45.99 -22.19
C GLN K 111 -49.85 45.32 -23.53
N VAL K 112 -48.98 44.30 -23.58
CA VAL K 112 -48.73 43.57 -24.82
C VAL K 112 -49.97 42.78 -25.23
N PRO K 113 -50.19 42.55 -26.54
CA PRO K 113 -51.39 41.79 -26.93
C PRO K 113 -51.29 40.32 -26.50
N SER K 114 -52.45 39.67 -26.29
CA SER K 114 -52.55 38.26 -25.89
C SER K 114 -51.72 37.35 -26.80
N ALA K 115 -51.63 37.69 -28.09
CA ALA K 115 -50.85 36.93 -29.07
C ALA K 115 -49.39 36.73 -28.65
N ARG K 116 -48.75 37.72 -27.98
CA ARG K 116 -47.37 37.55 -27.53
C ARG K 116 -47.27 36.51 -26.41
N LEU K 117 -48.26 36.47 -25.50
CA LEU K 117 -48.26 35.47 -24.42
C LEU K 117 -48.61 34.09 -24.97
N GLU K 118 -49.53 34.02 -25.94
CA GLU K 118 -49.96 32.74 -26.51
C GLU K 118 -48.86 32.03 -27.29
N SER K 119 -47.93 32.77 -27.92
CA SER K 119 -46.79 32.19 -28.64
C SER K 119 -45.49 32.14 -27.80
N GLY K 120 -45.54 32.59 -26.55
CA GLY K 120 -44.41 32.53 -25.62
C GLY K 120 -44.71 31.52 -24.53
N ALA K 121 -43.69 31.12 -23.78
CA ALA K 121 -43.85 30.16 -22.69
C ALA K 121 -44.15 30.84 -21.36
N GLU K 122 -43.76 32.10 -21.18
CA GLU K 122 -43.86 32.80 -19.91
C GLU K 122 -44.55 34.19 -20.15
N TYR K 123 -44.33 35.11 -19.26
CA TYR K 123 -44.86 36.48 -19.26
C TYR K 123 -43.79 37.50 -19.69
N VAL K 124 -42.52 37.07 -19.89
CA VAL K 124 -41.41 37.94 -20.15
C VAL K 124 -41.49 38.74 -21.44
N SER K 125 -42.37 38.40 -22.41
CA SER K 125 -42.50 39.27 -23.58
C SER K 125 -43.05 40.65 -23.18
N SER K 126 -43.74 40.77 -22.00
CA SER K 126 -44.19 42.10 -21.55
C SER K 126 -42.97 43.00 -21.31
N ILE K 127 -41.90 42.44 -20.72
CA ILE K 127 -40.65 43.17 -20.50
C ILE K 127 -39.87 43.34 -21.80
N THR K 128 -39.60 42.24 -22.55
CA THR K 128 -38.74 42.31 -23.73
C THR K 128 -39.34 43.10 -24.89
N ALA K 129 -40.65 42.92 -25.21
CA ALA K 129 -41.27 43.69 -26.29
C ALA K 129 -41.29 45.18 -25.90
N SER K 130 -41.56 45.51 -24.62
CA SER K 130 -41.58 46.89 -24.16
C SER K 130 -40.19 47.53 -24.16
N ALA K 131 -39.16 46.78 -23.75
CA ALA K 131 -37.79 47.29 -23.73
C ALA K 131 -37.26 47.48 -25.15
N ALA K 132 -37.52 46.51 -26.03
CA ALA K 132 -37.11 46.64 -27.43
C ALA K 132 -37.87 47.79 -28.11
N ALA K 133 -39.16 47.96 -27.81
CA ALA K 133 -39.94 49.02 -28.43
C ALA K 133 -39.45 50.41 -28.01
N ILE K 134 -39.29 50.68 -26.69
CA ILE K 134 -38.84 52.02 -26.26
C ILE K 134 -37.40 52.31 -26.71
N THR K 135 -36.55 51.27 -26.83
CA THR K 135 -35.18 51.45 -27.31
C THR K 135 -35.23 51.91 -28.77
N GLN K 136 -36.01 51.20 -29.62
CA GLN K 136 -36.16 51.53 -31.03
C GLN K 136 -36.82 52.89 -31.23
N ALA K 137 -37.84 53.23 -30.43
CA ALA K 137 -38.54 54.51 -30.54
C ALA K 137 -37.63 55.71 -30.23
N ILE K 138 -36.77 55.58 -29.21
CA ILE K 138 -35.84 56.64 -28.83
C ILE K 138 -34.77 56.77 -29.93
N ILE K 139 -34.26 55.63 -30.46
CA ILE K 139 -33.26 55.68 -31.54
C ILE K 139 -33.82 56.39 -32.77
N GLU K 140 -35.08 56.12 -33.13
CA GLU K 140 -35.70 56.77 -34.29
C GLU K 140 -35.96 58.25 -34.06
N LEU K 141 -36.63 58.61 -32.95
CA LEU K 141 -37.00 60.00 -32.70
C LEU K 141 -35.81 60.94 -32.67
N PHE K 142 -34.72 60.52 -32.01
CA PHE K 142 -33.54 61.36 -31.89
C PHE K 142 -32.44 61.02 -32.91
N ASP K 143 -32.74 60.20 -33.95
CA ASP K 143 -31.79 59.80 -35.01
C ASP K 143 -30.44 59.39 -34.43
N VAL K 144 -30.48 58.49 -33.46
CA VAL K 144 -29.28 58.04 -32.75
C VAL K 144 -28.43 57.21 -33.69
N GLY K 145 -27.15 57.54 -33.77
CA GLY K 145 -26.21 56.85 -34.65
C GLY K 145 -25.72 55.53 -34.13
N ILE K 146 -25.09 54.76 -35.02
CA ILE K 146 -24.56 53.42 -34.74
C ILE K 146 -23.67 53.39 -33.47
N PHE K 147 -22.77 54.37 -33.27
CA PHE K 147 -21.88 54.38 -32.09
C PHE K 147 -22.58 54.63 -30.76
N ASP K 148 -23.68 55.40 -30.76
CA ASP K 148 -24.36 55.80 -29.55
C ASP K 148 -25.60 54.98 -29.17
N ALA K 149 -26.12 54.12 -30.07
CA ALA K 149 -27.32 53.33 -29.76
C ALA K 149 -27.12 52.40 -28.56
N CYS K 150 -25.88 51.92 -28.32
CA CYS K 150 -25.60 51.05 -27.18
C CYS K 150 -25.88 51.76 -25.84
N MET K 151 -25.80 53.09 -25.78
CA MET K 151 -26.13 53.84 -24.56
C MET K 151 -27.63 53.94 -24.35
N VAL K 152 -28.42 54.03 -25.42
CA VAL K 152 -29.88 53.99 -25.32
C VAL K 152 -30.27 52.59 -24.81
N LYS K 153 -29.64 51.54 -25.36
CA LYS K 153 -29.82 50.16 -24.95
C LYS K 153 -29.52 49.99 -23.46
N ALA K 154 -28.40 50.54 -22.99
CA ALA K 154 -28.03 50.45 -21.58
C ALA K 154 -29.02 51.22 -20.69
N ALA K 155 -29.48 52.40 -21.14
CA ALA K 155 -30.44 53.19 -20.36
C ALA K 155 -31.76 52.42 -20.17
N VAL K 156 -32.15 51.58 -21.14
CA VAL K 156 -33.42 50.85 -21.07
C VAL K 156 -33.26 49.47 -20.41
N TRP K 157 -32.34 48.65 -20.93
CA TRP K 157 -32.12 47.27 -20.50
C TRP K 157 -31.10 47.09 -19.36
N GLY K 158 -30.40 48.15 -18.97
CA GLY K 158 -29.43 48.07 -17.90
C GLY K 158 -28.22 47.23 -18.26
N ASP K 159 -27.77 46.37 -17.32
CA ASP K 159 -26.60 45.50 -17.52
C ASP K 159 -26.88 44.24 -18.37
N TYR K 160 -28.12 44.02 -18.80
CA TYR K 160 -28.45 42.83 -19.58
C TYR K 160 -27.75 42.86 -20.95
N PRO K 161 -27.10 41.76 -21.45
CA PRO K 161 -27.07 40.38 -20.93
C PRO K 161 -25.90 39.94 -20.04
N GLN K 162 -25.06 40.88 -19.53
CA GLN K 162 -24.02 40.49 -18.56
C GLN K 162 -24.73 39.99 -17.28
N THR K 163 -25.86 40.62 -16.90
CA THR K 163 -26.69 40.14 -15.81
C THR K 163 -27.81 39.30 -16.42
N ILE K 164 -28.39 38.39 -15.62
CA ILE K 164 -29.46 37.51 -16.10
C ILE K 164 -30.70 38.32 -16.52
N GLY K 165 -31.01 39.38 -15.79
CA GLY K 165 -32.14 40.26 -16.08
C GLY K 165 -31.74 41.68 -16.41
N LEU K 166 -32.74 42.58 -16.47
CA LEU K 166 -32.52 43.99 -16.78
C LEU K 166 -32.09 44.76 -15.53
N ASN K 167 -31.00 44.30 -14.90
CA ASN K 167 -30.45 44.91 -13.70
C ASN K 167 -30.04 46.35 -13.97
N GLY K 168 -30.54 47.29 -13.19
CA GLY K 168 -30.22 48.70 -13.37
C GLY K 168 -30.91 49.34 -14.58
N GLY K 169 -31.87 48.63 -15.19
CA GLY K 169 -32.61 49.13 -16.33
C GLY K 169 -33.81 49.96 -15.93
N ASN K 170 -34.67 50.25 -16.89
CA ASN K 170 -35.87 51.06 -16.64
C ASN K 170 -37.14 50.43 -17.19
N VAL K 171 -37.17 49.10 -17.33
CA VAL K 171 -38.38 48.39 -17.75
C VAL K 171 -38.55 47.33 -16.70
N SER K 172 -39.63 47.43 -15.96
CA SER K 172 -39.93 46.52 -14.89
C SER K 172 -41.37 46.07 -14.99
N SER K 173 -41.69 45.08 -14.22
CA SER K 173 -43.05 44.56 -14.10
C SER K 173 -43.35 44.39 -12.63
N ILE K 174 -44.63 44.19 -12.30
CA ILE K 174 -45.04 43.76 -10.96
C ILE K 174 -44.33 42.40 -10.62
N LEU K 175 -44.05 41.57 -11.66
CA LEU K 175 -43.34 40.30 -11.55
C LEU K 175 -41.84 40.47 -11.70
N GLU K 176 -41.11 39.51 -11.18
CA GLU K 176 -39.67 39.42 -11.33
C GLU K 176 -39.36 38.34 -12.37
N ILE K 177 -38.11 38.27 -12.81
CA ILE K 177 -37.72 37.28 -13.82
C ILE K 177 -37.94 35.84 -13.33
N PRO K 178 -38.23 34.89 -14.25
CA PRO K 178 -38.46 33.52 -13.80
C PRO K 178 -37.28 32.86 -13.09
N GLN K 179 -36.05 33.27 -13.42
CA GLN K 179 -34.87 32.71 -12.78
C GLN K 179 -34.79 32.98 -11.29
N LYS K 180 -35.55 33.96 -10.76
CA LYS K 180 -35.55 34.24 -9.33
C LYS K 180 -36.51 33.33 -8.54
N ASP K 181 -37.33 32.51 -9.22
CA ASP K 181 -38.24 31.60 -8.51
C ASP K 181 -37.47 30.58 -7.70
N GLU K 182 -37.91 30.35 -6.47
CA GLU K 182 -37.30 29.37 -5.60
C GLU K 182 -37.57 27.95 -6.11
N GLY K 183 -38.77 27.70 -6.62
CA GLY K 183 -39.17 26.40 -7.12
C GLY K 183 -40.18 26.52 -8.25
N LEU K 184 -41.00 25.49 -8.44
CA LEU K 184 -41.99 25.48 -9.53
C LEU K 184 -43.31 26.09 -9.09
N GLY K 185 -43.76 27.13 -9.79
CA GLY K 185 -45.04 27.78 -9.53
C GLY K 185 -44.94 29.01 -8.65
N PHE K 186 -43.74 29.59 -8.50
CA PHE K 186 -43.52 30.73 -7.61
C PHE K 186 -43.53 32.11 -8.28
N THR K 187 -43.75 32.21 -9.61
CA THR K 187 -43.68 33.53 -10.26
C THR K 187 -44.69 34.51 -9.69
N LEU K 188 -45.96 34.10 -9.53
CA LEU K 188 -46.99 34.98 -8.98
C LEU K 188 -46.82 35.22 -7.46
N ARG K 189 -45.90 34.50 -6.82
CA ARG K 189 -45.59 34.69 -5.41
C ARG K 189 -44.44 35.70 -5.22
N ASN K 190 -43.65 36.01 -6.28
CA ASN K 190 -42.51 36.91 -6.13
C ASN K 190 -42.90 38.37 -6.35
N ILE K 191 -43.82 38.86 -5.52
CA ILE K 191 -44.31 40.24 -5.61
C ILE K 191 -44.21 40.85 -4.23
N MET K 192 -43.34 41.87 -4.05
CA MET K 192 -43.14 42.59 -2.78
C MET K 192 -44.48 43.00 -2.17
N ALA K 193 -44.62 42.91 -0.84
CA ALA K 193 -45.83 43.39 -0.17
C ALA K 193 -46.01 44.90 -0.41
N ASN K 194 -44.89 45.66 -0.50
CA ASN K 194 -44.95 47.09 -0.81
C ASN K 194 -45.64 47.35 -2.15
N HIS K 195 -45.39 46.51 -3.18
CA HIS K 195 -46.07 46.68 -4.48
C HIS K 195 -47.59 46.55 -4.30
N ILE K 196 -48.03 45.54 -3.55
CA ILE K 196 -49.47 45.31 -3.35
C ILE K 196 -50.11 46.50 -2.64
N ALA K 197 -49.49 46.98 -1.55
CA ALA K 197 -50.03 48.11 -0.80
C ALA K 197 -50.09 49.38 -1.66
N ALA K 198 -49.07 49.62 -2.49
CA ALA K 198 -49.06 50.80 -3.36
C ALA K 198 -50.15 50.70 -4.44
N ILE K 199 -50.29 49.54 -5.07
CA ILE K 199 -51.32 49.29 -6.10
C ILE K 199 -52.73 49.54 -5.55
N THR K 200 -53.00 49.02 -4.34
CA THR K 200 -54.32 49.14 -3.72
C THR K 200 -54.48 50.46 -2.94
N GLN K 201 -53.60 51.46 -3.15
CA GLN K 201 -53.75 52.79 -2.54
C GLN K 201 -53.80 52.73 -1.00
N ARG K 202 -53.08 51.77 -0.40
CA ARG K 202 -53.03 51.59 1.05
C ARG K 202 -54.41 51.30 1.68
N ASN K 203 -55.33 50.71 0.90
CA ASN K 203 -56.62 50.23 1.41
C ASN K 203 -56.26 48.83 1.90
N ALA K 204 -56.23 48.61 3.22
CA ALA K 204 -55.80 47.34 3.78
C ALA K 204 -56.61 46.12 3.36
N MET K 205 -57.93 46.25 3.15
CA MET K 205 -58.75 45.11 2.74
C MET K 205 -58.41 44.72 1.31
N ASN K 206 -58.37 45.70 0.37
CA ASN K 206 -57.98 45.41 -1.01
C ASN K 206 -56.54 44.92 -1.10
N ALA K 207 -55.65 45.41 -0.22
CA ALA K 207 -54.26 44.93 -0.19
C ALA K 207 -54.23 43.44 0.16
N ALA K 208 -54.98 43.01 1.20
CA ALA K 208 -55.05 41.60 1.58
C ALA K 208 -55.72 40.77 0.48
N ALA K 209 -56.77 41.31 -0.17
CA ALA K 209 -57.47 40.58 -1.23
C ALA K 209 -56.58 40.34 -2.46
N LEU K 210 -55.88 41.38 -2.96
CA LEU K 210 -55.02 41.21 -4.13
C LEU K 210 -53.89 40.24 -3.83
N SER K 211 -53.28 40.37 -2.64
CA SER K 211 -52.22 39.46 -2.23
C SER K 211 -52.74 38.03 -2.12
N SER K 212 -53.92 37.82 -1.51
CA SER K 212 -54.48 36.48 -1.36
C SER K 212 -54.75 35.86 -2.74
N ILE K 213 -55.31 36.63 -3.68
CA ILE K 213 -55.56 36.15 -5.04
C ILE K 213 -54.22 35.66 -5.68
N LEU K 214 -53.19 36.51 -5.66
CA LEU K 214 -51.91 36.17 -6.27
C LEU K 214 -51.23 34.99 -5.57
N GLU K 215 -51.26 34.98 -4.22
CA GLU K 215 -50.69 33.87 -3.47
C GLU K 215 -51.40 32.56 -3.80
N GLN K 216 -52.74 32.56 -3.88
CA GLN K 216 -53.47 31.32 -4.18
C GLN K 216 -53.31 30.91 -5.64
N CYS K 217 -53.13 31.87 -6.57
CA CYS K 217 -52.79 31.51 -7.96
C CYS K 217 -51.42 30.79 -7.96
N GLY K 218 -50.49 31.27 -7.13
CA GLY K 218 -49.19 30.65 -6.94
C GLY K 218 -49.33 29.25 -6.37
N GLU K 219 -50.13 29.08 -5.29
CA GLU K 219 -50.33 27.76 -4.69
C GLU K 219 -50.95 26.77 -5.68
N PHE K 220 -51.87 27.24 -6.53
CA PHE K 220 -52.46 26.40 -7.57
C PHE K 220 -51.38 26.00 -8.59
N GLU K 221 -50.58 26.97 -9.06
CA GLU K 221 -49.51 26.67 -10.02
C GLU K 221 -48.43 25.76 -9.44
N MET K 222 -48.21 25.79 -8.12
CA MET K 222 -47.26 24.94 -7.43
C MET K 222 -47.72 23.47 -7.34
N GLY K 223 -49.01 23.21 -7.53
CA GLY K 223 -49.57 21.88 -7.36
C GLY K 223 -50.10 21.63 -5.95
N ASN K 224 -50.34 22.72 -5.16
CA ASN K 224 -50.82 22.62 -3.77
C ASN K 224 -52.33 22.78 -3.62
N ALA K 225 -53.09 22.64 -4.71
CA ALA K 225 -54.56 22.77 -4.64
C ALA K 225 -55.20 21.67 -5.52
N ILE K 226 -54.68 20.44 -5.40
CA ILE K 226 -55.17 19.28 -6.13
C ILE K 226 -55.96 18.38 -5.19
N GLY K 227 -57.04 17.81 -5.71
CA GLY K 227 -57.88 16.91 -4.93
C GLY K 227 -58.50 17.61 -3.73
N MET K 228 -58.40 17.00 -2.54
CA MET K 228 -58.94 17.57 -1.32
C MET K 228 -58.33 18.95 -1.00
N PHE K 229 -57.09 19.21 -1.47
CA PHE K 229 -56.41 20.48 -1.23
C PHE K 229 -57.01 21.65 -2.02
N GLU K 230 -57.87 21.39 -3.03
CA GLU K 230 -58.52 22.48 -3.75
C GLU K 230 -59.49 23.17 -2.78
N ARG K 231 -60.36 22.38 -2.11
CA ARG K 231 -61.28 22.88 -1.10
C ARG K 231 -60.51 23.64 0.00
N HIS K 232 -59.40 23.05 0.46
CA HIS K 232 -58.57 23.63 1.52
C HIS K 232 -58.11 25.05 1.18
N GLN K 233 -57.53 25.23 -0.02
CA GLN K 233 -57.05 26.53 -0.44
C GLN K 233 -58.18 27.52 -0.78
N LEU K 234 -59.29 27.06 -1.38
CA LEU K 234 -60.40 27.95 -1.72
C LEU K 234 -61.14 28.46 -0.49
N LEU K 235 -61.21 27.66 0.58
CA LEU K 235 -61.81 28.14 1.82
C LEU K 235 -60.92 29.25 2.41
N GLY K 236 -59.61 29.09 2.34
CA GLY K 236 -58.68 30.11 2.79
C GLY K 236 -58.79 31.37 1.96
N LEU K 237 -58.86 31.23 0.63
CA LEU K 237 -59.02 32.37 -0.28
C LEU K 237 -60.32 33.14 0.05
N ALA K 238 -61.44 32.43 0.21
CA ALA K 238 -62.72 33.08 0.46
C ALA K 238 -62.77 33.78 1.83
N TYR K 239 -62.41 33.07 2.91
CA TYR K 239 -62.51 33.63 4.27
C TYR K 239 -61.41 34.65 4.61
N GLN K 240 -60.17 34.42 4.17
CA GLN K 240 -59.09 35.35 4.47
C GLN K 240 -58.99 36.45 3.42
N GLY K 241 -59.02 36.08 2.15
CA GLY K 241 -58.83 37.04 1.07
C GLY K 241 -60.04 37.84 0.65
N LEU K 242 -61.24 37.24 0.65
CA LEU K 242 -62.42 37.88 0.10
C LEU K 242 -63.52 38.17 1.12
N ASN K 243 -63.14 38.29 2.42
CA ASN K 243 -64.09 38.67 3.47
C ASN K 243 -65.39 37.85 3.45
N ALA K 244 -65.28 36.51 3.30
CA ALA K 244 -66.47 35.65 3.26
C ALA K 244 -67.26 35.77 4.56
N ASN K 245 -68.58 35.88 4.41
CA ASN K 245 -69.52 36.04 5.51
C ASN K 245 -69.20 37.24 6.43
N ASN K 246 -68.41 38.22 5.91
CA ASN K 246 -68.00 39.43 6.63
C ASN K 246 -67.23 39.13 7.93
N ILE K 247 -66.60 37.95 8.05
CA ILE K 247 -65.90 37.59 9.27
C ILE K 247 -64.70 38.50 9.53
N VAL K 248 -63.86 38.75 8.51
CA VAL K 248 -62.69 39.62 8.70
C VAL K 248 -63.15 41.04 9.09
N TYR K 249 -63.99 41.68 8.25
CA TYR K 249 -64.42 43.05 8.51
C TYR K 249 -65.13 43.19 9.87
N GLU K 250 -66.13 42.34 10.15
CA GLU K 250 -66.87 42.45 11.42
C GLU K 250 -66.00 42.14 12.63
N THR K 251 -65.01 41.22 12.52
CA THR K 251 -64.11 40.95 13.66
C THR K 251 -63.27 42.19 13.92
N VAL K 252 -62.75 42.81 12.85
CA VAL K 252 -61.95 44.02 12.99
C VAL K 252 -62.81 45.16 13.56
N LYS K 253 -64.05 45.33 13.08
CA LYS K 253 -64.92 46.40 13.58
C LYS K 253 -65.22 46.21 15.08
N GLU K 254 -65.59 44.98 15.47
CA GLU K 254 -65.90 44.64 16.86
C GLU K 254 -64.69 44.89 17.78
N GLN K 255 -63.48 44.57 17.30
CA GLN K 255 -62.25 44.68 18.09
C GLN K 255 -61.42 45.95 17.80
N GLY K 256 -61.93 46.86 16.97
CA GLY K 256 -61.19 48.04 16.55
C GLY K 256 -60.92 49.10 17.60
N LYS K 257 -61.81 49.28 18.58
CA LYS K 257 -61.66 50.33 19.59
C LYS K 257 -60.69 49.94 20.70
N SER K 258 -60.84 48.75 21.25
CA SER K 258 -60.03 48.33 22.41
C SER K 258 -59.35 46.97 22.25
N GLY K 259 -59.50 46.32 21.10
CA GLY K 259 -58.98 44.98 20.89
C GLY K 259 -57.49 44.85 20.78
N THR K 260 -57.02 43.63 21.01
CA THR K 260 -55.63 43.22 20.98
C THR K 260 -55.52 41.92 20.16
N ILE K 261 -54.30 41.40 19.98
CA ILE K 261 -54.10 40.09 19.33
C ILE K 261 -54.94 39.01 20.09
N GLY K 262 -54.87 39.02 21.43
CA GLY K 262 -55.56 38.06 22.26
C GLY K 262 -57.06 38.13 22.22
N THR K 263 -57.65 39.35 22.24
CA THR K 263 -59.11 39.46 22.17
C THR K 263 -59.60 39.00 20.79
N VAL K 264 -58.80 39.15 19.72
CA VAL K 264 -59.17 38.66 18.39
C VAL K 264 -59.17 37.12 18.42
N VAL K 265 -58.20 36.49 19.13
CA VAL K 265 -58.18 35.03 19.30
C VAL K 265 -59.51 34.57 19.95
N HIS K 266 -59.90 35.24 21.04
CA HIS K 266 -61.12 34.88 21.78
C HIS K 266 -62.36 35.06 20.91
N SER K 267 -62.40 36.12 20.09
CA SER K 267 -63.55 36.36 19.22
C SER K 267 -63.68 35.26 18.18
N ILE K 268 -62.57 34.83 17.59
CA ILE K 268 -62.56 33.79 16.57
C ILE K 268 -62.99 32.44 17.15
N VAL K 269 -62.51 32.10 18.36
CA VAL K 269 -62.90 30.83 19.01
C VAL K 269 -64.40 30.87 19.29
N GLU K 270 -64.91 31.98 19.84
CA GLU K 270 -66.34 32.14 20.11
C GLU K 270 -67.18 31.95 18.84
N ARG K 271 -66.75 32.58 17.73
CA ARG K 271 -67.45 32.49 16.46
C ARG K 271 -67.40 31.07 15.88
N ALA K 272 -66.23 30.40 15.91
CA ALA K 272 -66.10 29.03 15.40
C ALA K 272 -67.03 28.09 16.17
N LEU K 273 -67.14 28.28 17.49
CA LEU K 273 -68.00 27.46 18.32
C LEU K 273 -69.49 27.73 18.00
N GLU K 274 -69.86 29.01 17.86
CA GLU K 274 -71.24 29.41 17.53
C GLU K 274 -71.67 28.85 16.16
N ASP K 275 -70.77 28.90 15.17
CA ASP K 275 -71.03 28.41 13.82
C ASP K 275 -70.93 26.88 13.66
N GLY K 276 -70.60 26.15 14.74
CA GLY K 276 -70.48 24.70 14.68
C GLY K 276 -69.21 24.17 14.03
N VAL K 277 -68.23 25.04 13.80
CA VAL K 277 -66.95 24.66 13.19
C VAL K 277 -66.13 23.81 14.18
N ILE K 278 -66.20 24.15 15.49
CA ILE K 278 -65.52 23.41 16.56
C ILE K 278 -66.52 23.08 17.65
N SER K 279 -66.19 22.06 18.46
CA SER K 279 -67.00 21.63 19.59
C SER K 279 -66.07 21.11 20.70
N VAL K 280 -66.55 21.04 21.94
CA VAL K 280 -65.75 20.49 23.04
C VAL K 280 -65.55 19.00 22.77
N ASP K 281 -64.30 18.53 22.82
CA ASP K 281 -63.96 17.12 22.63
C ASP K 281 -64.00 16.47 24.02
N LYS K 282 -63.33 17.09 25.01
CA LYS K 282 -63.28 16.59 26.38
C LYS K 282 -62.88 17.72 27.37
N VAL K 283 -63.07 17.48 28.69
CA VAL K 283 -62.74 18.47 29.73
C VAL K 283 -61.70 17.88 30.67
N ALA K 284 -60.59 18.62 30.85
CA ALA K 284 -59.50 18.21 31.73
C ALA K 284 -59.83 18.43 33.23
N PRO K 285 -59.03 17.87 34.16
CA PRO K 285 -59.34 18.06 35.59
C PRO K 285 -59.33 19.51 36.08
N SER K 286 -58.42 20.33 35.51
CA SER K 286 -58.28 21.74 35.84
C SER K 286 -59.53 22.58 35.49
N GLY K 287 -60.27 22.14 34.49
CA GLY K 287 -61.43 22.84 33.92
C GLY K 287 -61.19 23.27 32.48
N TYR K 288 -60.02 22.93 31.90
CA TYR K 288 -59.66 23.28 30.54
C TYR K 288 -60.40 22.36 29.56
N LYS K 289 -60.98 22.92 28.50
CA LYS K 289 -61.71 22.19 27.47
C LYS K 289 -60.82 21.98 26.24
N PHE K 290 -60.58 20.73 25.86
CA PHE K 290 -59.88 20.43 24.62
C PHE K 290 -60.94 20.44 23.53
N TYR K 291 -60.78 21.23 22.46
CA TYR K 291 -61.78 21.31 21.38
C TYR K 291 -61.40 20.42 20.19
N LYS K 292 -62.41 19.97 19.44
CA LYS K 292 -62.22 19.18 18.21
C LYS K 292 -62.74 20.00 17.03
N ALA K 293 -62.14 19.82 15.87
CA ALA K 293 -62.59 20.49 14.66
C ALA K 293 -63.60 19.59 13.96
N ASN K 294 -64.85 20.06 13.85
CA ASN K 294 -65.89 19.32 13.14
C ASN K 294 -65.63 19.35 11.61
N ASP K 295 -64.98 20.42 11.12
CA ASP K 295 -64.58 20.57 9.74
C ASP K 295 -63.18 21.19 9.79
N VAL K 296 -62.15 20.36 9.60
CA VAL K 296 -60.75 20.78 9.71
C VAL K 296 -60.41 21.91 8.74
N MET K 297 -60.81 21.79 7.47
CA MET K 297 -60.47 22.81 6.48
C MET K 297 -61.18 24.12 6.77
N LEU K 298 -62.43 24.07 7.27
CA LEU K 298 -63.15 25.29 7.60
C LEU K 298 -62.54 25.93 8.85
N TRP K 299 -62.09 25.12 9.83
CA TRP K 299 -61.37 25.64 11.01
C TRP K 299 -60.10 26.36 10.56
N ASN K 300 -59.35 25.76 9.62
CA ASN K 300 -58.14 26.38 9.07
C ASN K 300 -58.46 27.76 8.46
N ALA K 301 -59.58 27.85 7.73
CA ALA K 301 -60.04 29.07 7.08
C ALA K 301 -60.42 30.14 8.09
N TYR K 302 -61.05 29.73 9.22
CA TYR K 302 -61.38 30.68 10.30
C TYR K 302 -60.09 31.20 10.94
N ALA K 303 -59.08 30.33 11.11
CA ALA K 303 -57.79 30.74 11.68
C ALA K 303 -57.04 31.67 10.71
N ALA K 304 -57.22 31.50 9.38
CA ALA K 304 -56.62 32.38 8.37
C ALA K 304 -57.32 33.75 8.42
N ALA K 305 -58.65 33.79 8.49
CA ALA K 305 -59.39 35.05 8.63
C ALA K 305 -59.01 35.75 9.94
N GLY K 306 -58.86 34.97 11.01
CA GLY K 306 -58.46 35.49 12.31
C GLY K 306 -57.07 36.07 12.30
N SER K 307 -56.13 35.41 11.59
CA SER K 307 -54.75 35.91 11.45
C SER K 307 -54.77 37.29 10.79
N LEU K 308 -55.61 37.46 9.75
CA LEU K 308 -55.72 38.76 9.09
C LEU K 308 -56.40 39.80 9.96
N ALA K 309 -57.54 39.45 10.59
CA ALA K 309 -58.24 40.38 11.47
C ALA K 309 -57.33 40.85 12.62
N ALA K 310 -56.55 39.93 13.22
CA ALA K 310 -55.61 40.30 14.28
C ALA K 310 -54.55 41.27 13.77
N THR K 311 -54.06 41.08 12.54
CA THR K 311 -53.08 41.97 11.93
C THR K 311 -53.66 43.37 11.79
N MET K 312 -54.89 43.46 11.30
CA MET K 312 -55.55 44.74 11.11
C MET K 312 -55.78 45.46 12.45
N VAL K 313 -56.18 44.72 13.48
CA VAL K 313 -56.42 45.30 14.80
C VAL K 313 -55.11 45.77 15.42
N ASN K 314 -54.07 44.94 15.40
CA ASN K 314 -52.80 45.25 16.06
C ASN K 314 -51.95 46.27 15.28
N CYS K 315 -51.66 46.00 13.99
CA CYS K 315 -50.95 46.96 13.15
C CYS K 315 -51.75 48.25 12.99
N GLY K 316 -53.07 48.14 12.91
CA GLY K 316 -53.91 49.31 12.77
C GLY K 316 -53.85 50.21 13.99
N ALA K 317 -53.82 49.62 15.19
CA ALA K 317 -53.78 50.41 16.43
C ALA K 317 -52.45 51.18 16.53
N ALA K 318 -51.33 50.53 16.24
CA ALA K 318 -50.02 51.17 16.25
C ALA K 318 -49.76 52.00 15.01
N ARG K 319 -50.56 51.82 13.91
CA ARG K 319 -50.32 52.38 12.58
C ARG K 319 -48.85 52.10 12.18
N ALA K 320 -48.42 50.86 12.42
CA ALA K 320 -47.05 50.43 12.26
C ALA K 320 -47.06 49.02 11.69
N ALA K 321 -46.40 48.83 10.56
CA ALA K 321 -46.36 47.54 9.87
C ALA K 321 -45.63 46.47 10.62
N GLN K 322 -44.58 46.82 11.39
CA GLN K 322 -43.75 45.78 12.02
C GLN K 322 -44.49 44.79 12.90
N CYS K 323 -45.64 45.20 13.48
CA CYS K 323 -46.41 44.33 14.36
C CYS K 323 -46.94 43.07 13.65
N VAL K 324 -46.95 43.01 12.31
CA VAL K 324 -47.51 41.84 11.63
C VAL K 324 -46.78 40.54 11.94
N SER K 325 -45.44 40.58 12.03
CA SER K 325 -44.68 39.35 12.26
C SER K 325 -45.05 38.72 13.60
N SER K 326 -45.11 39.53 14.67
CA SER K 326 -45.48 39.03 15.97
C SER K 326 -46.98 38.71 16.01
N THR K 327 -47.84 39.46 15.29
CA THR K 327 -49.27 39.17 15.28
C THR K 327 -49.54 37.77 14.70
N LEU K 328 -48.94 37.44 13.57
CA LEU K 328 -49.14 36.13 12.96
C LEU K 328 -48.64 35.02 13.88
N LEU K 329 -47.57 35.27 14.64
CA LEU K 329 -47.02 34.28 15.55
C LEU K 329 -47.96 34.06 16.73
N TYR K 330 -48.26 35.14 17.48
CA TYR K 330 -48.99 35.01 18.73
C TYR K 330 -50.49 34.80 18.54
N PHE K 331 -51.09 35.21 17.41
CA PHE K 331 -52.50 34.88 17.15
C PHE K 331 -52.64 33.34 17.08
N ASN K 332 -51.75 32.67 16.34
CA ASN K 332 -51.81 31.23 16.17
C ASN K 332 -51.30 30.45 17.38
N ASP K 333 -50.23 30.92 18.04
CA ASP K 333 -49.71 30.28 19.25
C ASP K 333 -50.79 30.33 20.35
N LEU K 334 -51.40 31.51 20.57
CA LEU K 334 -52.44 31.66 21.57
C LEU K 334 -53.72 30.91 21.17
N LEU K 335 -54.03 30.81 19.88
CA LEU K 335 -55.20 30.07 19.42
C LEU K 335 -55.08 28.60 19.81
N GLU K 336 -53.88 28.01 19.63
CA GLU K 336 -53.62 26.62 20.01
C GLU K 336 -53.72 26.46 21.51
N LYS K 337 -53.11 27.36 22.28
CA LYS K 337 -53.17 27.28 23.75
C LYS K 337 -54.58 27.46 24.30
N GLU K 338 -55.42 28.21 23.58
CA GLU K 338 -56.81 28.48 23.95
C GLU K 338 -57.74 27.31 23.63
N THR K 339 -57.45 26.51 22.58
CA THR K 339 -58.37 25.47 22.12
C THR K 339 -57.88 24.03 22.15
N GLY K 340 -56.58 23.83 22.08
CA GLY K 340 -56.01 22.49 21.93
C GLY K 340 -56.07 22.02 20.48
N LEU K 341 -56.36 22.94 19.52
CA LEU K 341 -56.40 22.64 18.10
C LEU K 341 -55.26 23.32 17.36
N PRO K 342 -54.75 22.74 16.26
CA PRO K 342 -53.68 23.43 15.51
C PRO K 342 -54.10 24.79 14.97
N GLY K 343 -53.13 25.69 14.89
CA GLY K 343 -53.34 27.02 14.34
C GLY K 343 -53.39 26.99 12.83
N CYS K 344 -53.45 28.18 12.21
CA CYS K 344 -53.56 28.27 10.76
C CYS K 344 -52.44 27.55 10.03
N ASP K 345 -52.82 26.76 9.03
CA ASP K 345 -51.90 25.97 8.24
C ASP K 345 -51.09 24.97 9.10
N TYR K 346 -51.72 24.50 10.22
CA TYR K 346 -51.19 23.44 11.07
C TYR K 346 -49.79 23.72 11.59
N GLY K 347 -49.56 24.98 11.97
CA GLY K 347 -48.29 25.44 12.49
C GLY K 347 -47.45 26.23 11.50
N LYS K 348 -47.77 26.19 10.19
CA LYS K 348 -46.96 26.86 9.18
C LYS K 348 -47.14 28.39 9.14
N VAL K 349 -48.29 28.96 9.58
CA VAL K 349 -48.39 30.43 9.67
C VAL K 349 -47.54 30.86 10.86
N GLN K 350 -47.67 30.17 12.01
CA GLN K 350 -46.87 30.49 13.18
C GLN K 350 -45.37 30.34 12.87
N GLY K 351 -44.99 29.26 12.20
CA GLY K 351 -43.59 29.02 11.84
C GLY K 351 -43.06 30.08 10.92
N THR K 352 -43.83 30.43 9.88
CA THR K 352 -43.46 31.53 8.98
C THR K 352 -43.25 32.83 9.78
N ALA K 353 -44.16 33.11 10.71
CA ALA K 353 -44.10 34.29 11.55
C ALA K 353 -42.87 34.31 12.48
N VAL K 354 -42.41 33.13 12.94
CA VAL K 354 -41.21 33.04 13.77
C VAL K 354 -40.01 33.57 12.98
N GLY K 355 -39.76 33.01 11.79
CA GLY K 355 -38.63 33.43 10.98
C GLY K 355 -38.78 34.84 10.46
N PHE K 356 -40.01 35.21 10.14
CA PHE K 356 -40.34 36.56 9.66
C PHE K 356 -40.04 37.58 10.76
N SER K 357 -40.39 37.28 12.02
CA SER K 357 -40.07 38.18 13.14
C SER K 357 -38.56 38.33 13.26
N PHE K 358 -37.85 37.20 13.24
CA PHE K 358 -36.40 37.19 13.33
C PHE K 358 -35.76 38.03 12.23
N PHE K 359 -36.15 37.80 10.98
CA PHE K 359 -35.59 38.49 9.81
C PHE K 359 -36.19 39.89 9.56
N SER K 360 -36.98 40.41 10.47
CA SER K 360 -37.43 41.80 10.43
C SER K 360 -36.98 42.55 11.74
N HIS K 361 -36.11 41.92 12.58
CA HIS K 361 -35.60 42.53 13.81
C HIS K 361 -34.14 42.09 14.10
N SER K 362 -33.38 41.60 13.10
CA SER K 362 -32.01 41.12 13.34
C SER K 362 -31.01 41.64 12.28
N ILE K 363 -29.74 41.31 12.47
CA ILE K 363 -28.68 41.72 11.54
C ILE K 363 -28.62 40.85 10.28
N TYR K 364 -29.24 39.66 10.27
CA TYR K 364 -28.92 38.63 9.28
C TYR K 364 -29.48 38.78 7.88
N GLY K 365 -30.57 39.51 7.71
CA GLY K 365 -31.18 39.68 6.41
C GLY K 365 -32.58 40.21 6.52
N GLY K 366 -33.39 39.91 5.51
CA GLY K 366 -34.77 40.38 5.51
C GLY K 366 -34.85 41.88 5.34
N GLY K 367 -35.55 42.54 6.26
CA GLY K 367 -35.78 43.98 6.22
C GLY K 367 -37.11 44.29 6.87
N GLY K 368 -37.70 45.42 6.51
CA GLY K 368 -39.03 45.76 6.99
C GLY K 368 -40.07 44.86 6.34
N PRO K 369 -41.31 44.81 6.86
CA PRO K 369 -42.33 43.92 6.26
C PRO K 369 -42.55 44.07 4.75
N GLY K 370 -42.41 45.30 4.24
CA GLY K 370 -42.62 45.59 2.83
C GLY K 370 -41.79 44.85 1.81
N VAL K 371 -40.59 44.40 2.19
CA VAL K 371 -39.72 43.68 1.24
C VAL K 371 -40.09 42.21 1.08
N PHE K 372 -40.91 41.64 1.99
CA PHE K 372 -41.24 40.22 1.93
C PHE K 372 -42.29 39.91 0.86
N ASN K 373 -42.33 38.64 0.47
CA ASN K 373 -43.22 38.14 -0.58
C ASN K 373 -43.32 36.59 -0.47
N GLY K 374 -44.26 36.00 -1.21
CA GLY K 374 -44.46 34.55 -1.15
C GLY K 374 -43.31 33.73 -1.69
N ASN K 375 -42.39 34.33 -2.47
CA ASN K 375 -41.19 33.66 -2.98
C ASN K 375 -39.95 33.92 -2.08
N HIS K 376 -40.06 34.82 -1.08
CA HIS K 376 -38.95 35.13 -0.19
C HIS K 376 -38.69 33.91 0.68
N ILE K 377 -37.42 33.51 0.84
CA ILE K 377 -37.11 32.32 1.63
C ILE K 377 -37.66 32.40 3.06
N VAL K 378 -37.76 33.61 3.61
CA VAL K 378 -38.25 33.80 4.96
C VAL K 378 -39.75 33.55 5.07
N THR K 379 -40.54 34.03 4.09
CA THR K 379 -41.99 34.02 4.18
C THR K 379 -42.76 33.08 3.22
N ARG K 380 -42.08 32.20 2.51
CA ARG K 380 -42.74 31.30 1.56
C ARG K 380 -43.49 30.08 2.13
N HIS K 381 -43.22 29.74 3.40
CA HIS K 381 -43.58 28.46 4.02
C HIS K 381 -45.07 28.20 4.14
N SER K 382 -45.87 29.22 4.51
CA SER K 382 -47.31 29.03 4.59
C SER K 382 -47.89 28.92 3.17
N ARG K 383 -49.00 28.20 3.03
CA ARG K 383 -49.67 28.04 1.74
C ARG K 383 -50.56 29.25 1.41
N GLY K 384 -49.92 30.40 1.23
CA GLY K 384 -50.59 31.63 0.87
C GLY K 384 -51.40 32.33 1.95
N PHE K 385 -51.20 31.98 3.25
CA PHE K 385 -51.97 32.59 4.35
C PHE K 385 -51.20 33.64 5.17
N ALA K 386 -49.93 33.94 4.83
CA ALA K 386 -49.14 34.90 5.59
C ALA K 386 -48.98 36.26 4.88
N ILE K 387 -48.62 36.26 3.58
CA ILE K 387 -48.37 37.50 2.86
C ILE K 387 -49.61 38.43 2.77
N PRO K 388 -50.86 37.94 2.66
CA PRO K 388 -52.01 38.86 2.64
C PRO K 388 -52.06 39.73 3.90
N CYS K 389 -51.65 39.18 5.05
CA CYS K 389 -51.57 39.93 6.30
C CYS K 389 -50.43 40.95 6.25
N VAL K 390 -49.31 40.60 5.63
CA VAL K 390 -48.17 41.49 5.47
C VAL K 390 -48.59 42.68 4.60
N ALA K 391 -49.31 42.42 3.49
CA ALA K 391 -49.77 43.49 2.60
C ALA K 391 -50.69 44.46 3.36
N ALA K 392 -51.62 43.94 4.16
CA ALA K 392 -52.51 44.79 4.95
C ALA K 392 -51.71 45.61 5.97
N ALA K 393 -50.73 45.00 6.63
CA ALA K 393 -49.91 45.69 7.63
C ALA K 393 -49.10 46.82 7.03
N VAL K 394 -48.53 46.60 5.84
CA VAL K 394 -47.78 47.62 5.12
C VAL K 394 -48.71 48.80 4.78
N ALA K 395 -49.94 48.49 4.33
CA ALA K 395 -50.91 49.52 4.00
C ALA K 395 -51.25 50.40 5.20
N LEU K 396 -51.35 49.78 6.39
CA LEU K 396 -51.70 50.47 7.63
C LEU K 396 -50.59 51.31 8.29
N ASP K 397 -49.34 51.24 7.81
CA ASP K 397 -48.24 52.03 8.41
C ASP K 397 -48.41 53.51 8.11
N ALA K 398 -48.21 54.40 9.10
CA ALA K 398 -48.36 55.84 8.90
C ALA K 398 -47.04 56.61 8.77
N GLY K 399 -45.91 55.92 8.58
CA GLY K 399 -44.62 56.59 8.43
C GLY K 399 -43.47 56.16 9.33
N THR K 400 -43.44 54.90 9.76
CA THR K 400 -42.35 54.38 10.59
C THR K 400 -41.26 53.68 9.76
N GLN K 401 -41.57 53.23 8.54
CA GLN K 401 -40.65 52.45 7.71
C GLN K 401 -39.66 53.27 6.88
N MET K 402 -38.43 52.76 6.71
CA MET K 402 -37.44 53.39 5.83
C MET K 402 -37.75 52.95 4.40
N PHE K 403 -37.95 51.64 4.18
CA PHE K 403 -38.19 51.06 2.87
C PHE K 403 -39.68 50.87 2.67
N SER K 404 -40.35 52.01 2.53
CA SER K 404 -41.80 52.12 2.39
C SER K 404 -42.25 51.90 0.92
N PRO K 405 -43.56 51.74 0.64
CA PRO K 405 -44.01 51.62 -0.76
C PRO K 405 -43.70 52.87 -1.58
N GLU K 406 -43.66 54.05 -0.96
CA GLU K 406 -43.34 55.30 -1.65
C GLU K 406 -41.86 55.29 -2.11
N MET K 407 -40.98 54.58 -1.39
CA MET K 407 -39.57 54.48 -1.77
C MET K 407 -39.34 53.37 -2.80
N THR K 408 -39.91 52.16 -2.61
CA THR K 408 -39.64 51.00 -3.45
C THR K 408 -40.62 50.71 -4.59
N SER K 409 -41.85 51.23 -4.53
CA SER K 409 -42.90 50.84 -5.46
C SER K 409 -43.61 51.98 -6.17
N ALA K 410 -42.93 53.11 -6.41
CA ALA K 410 -43.57 54.24 -7.10
C ALA K 410 -44.03 53.87 -8.52
N VAL K 411 -43.17 53.20 -9.29
CA VAL K 411 -43.47 52.84 -10.67
C VAL K 411 -44.59 51.79 -10.74
N VAL K 412 -44.43 50.63 -10.07
CA VAL K 412 -45.44 49.56 -10.08
C VAL K 412 -46.78 50.07 -9.52
N GLY K 413 -46.73 50.79 -8.40
CA GLY K 413 -47.93 51.33 -7.78
C GLY K 413 -48.75 52.22 -8.70
N THR K 414 -48.07 53.11 -9.44
CA THR K 414 -48.75 54.00 -10.38
C THR K 414 -49.29 53.23 -11.58
N VAL K 415 -48.45 52.38 -12.20
CA VAL K 415 -48.83 51.66 -13.42
C VAL K 415 -49.98 50.64 -13.17
N TYR K 416 -49.77 49.68 -12.26
CA TYR K 416 -50.79 48.67 -11.98
C TYR K 416 -51.94 49.25 -11.14
N GLY K 417 -51.65 50.24 -10.31
CA GLY K 417 -52.68 50.92 -9.53
C GLY K 417 -53.66 51.70 -10.40
N SER K 418 -53.27 52.02 -11.65
CA SER K 418 -54.18 52.70 -12.58
C SER K 418 -55.25 51.73 -13.15
N ILE K 419 -55.13 50.40 -12.91
CA ILE K 419 -56.06 49.40 -13.44
C ILE K 419 -57.11 49.09 -12.38
N PRO K 420 -58.42 49.30 -12.66
CA PRO K 420 -59.44 49.05 -11.62
C PRO K 420 -59.46 47.68 -10.97
N GLU K 421 -59.29 46.58 -11.73
CA GLU K 421 -59.33 45.23 -11.17
C GLU K 421 -58.26 45.01 -10.09
N PHE K 422 -57.12 45.68 -10.21
CA PHE K 422 -56.02 45.59 -9.25
C PHE K 422 -56.33 46.45 -8.02
N ARG K 423 -56.85 47.64 -8.23
CA ARG K 423 -57.18 48.57 -7.15
C ARG K 423 -58.35 48.06 -6.30
N GLU K 424 -59.37 47.43 -6.92
CA GLU K 424 -60.57 46.95 -6.22
C GLU K 424 -60.84 45.47 -6.56
N PRO K 425 -59.98 44.57 -6.07
CA PRO K 425 -60.14 43.15 -6.40
C PRO K 425 -61.36 42.47 -5.82
N ILE K 426 -61.80 42.81 -4.58
CA ILE K 426 -62.98 42.15 -4.00
C ILE K 426 -64.21 42.44 -4.86
N LYS K 427 -64.44 43.73 -5.17
CA LYS K 427 -65.54 44.17 -6.00
C LYS K 427 -65.50 43.52 -7.38
N THR K 428 -64.31 43.47 -7.99
CA THR K 428 -64.15 42.89 -9.33
C THR K 428 -64.46 41.39 -9.33
N VAL K 429 -63.95 40.65 -8.33
CA VAL K 429 -64.20 39.21 -8.24
C VAL K 429 -65.69 38.92 -8.05
N ALA K 430 -66.34 39.65 -7.12
CA ALA K 430 -67.75 39.46 -6.82
C ALA K 430 -68.63 39.78 -8.02
N ALA K 431 -68.28 40.81 -8.79
CA ALA K 431 -69.04 41.22 -9.96
C ALA K 431 -68.93 40.23 -11.13
N SER K 432 -67.85 39.42 -11.18
CA SER K 432 -67.65 38.45 -12.26
C SER K 432 -68.39 37.13 -12.08
N LEU K 433 -69.17 36.98 -11.01
CA LEU K 433 -69.89 35.74 -10.76
C LEU K 433 -71.21 35.72 -11.53
N TYR L 3 -68.19 34.43 25.77
CA TYR L 3 -67.11 33.44 25.81
C TYR L 3 -66.13 33.79 26.92
N GLU L 4 -65.84 32.83 27.81
CA GLU L 4 -64.91 33.02 28.92
C GLU L 4 -63.55 32.41 28.55
N PRO L 5 -62.51 33.23 28.28
CA PRO L 5 -61.21 32.65 27.92
C PRO L 5 -60.63 31.73 28.98
N GLN L 6 -60.01 30.62 28.57
CA GLN L 6 -59.37 29.64 29.46
C GLN L 6 -57.82 29.72 29.39
N TYR L 7 -57.27 30.32 28.31
CA TYR L 7 -55.86 30.66 28.12
C TYR L 7 -54.87 29.50 27.93
N TYR L 8 -54.83 28.55 28.87
CA TYR L 8 -53.80 27.54 28.89
C TYR L 8 -54.20 26.39 29.82
N PRO L 9 -53.80 25.14 29.52
CA PRO L 9 -54.12 24.02 30.41
C PRO L 9 -53.19 23.96 31.64
N GLY L 10 -53.28 22.93 32.47
CA GLY L 10 -52.41 22.77 33.64
C GLY L 10 -53.03 23.23 34.93
N ASN L 11 -52.70 22.54 36.05
CA ASN L 11 -53.26 22.85 37.36
C ASN L 11 -52.22 23.25 38.43
N THR L 12 -50.95 23.32 38.06
CA THR L 12 -49.89 23.58 39.02
C THR L 12 -49.80 25.08 39.26
N SER L 13 -48.99 25.50 40.27
CA SER L 13 -48.78 26.93 40.51
C SER L 13 -48.18 27.58 39.24
N VAL L 14 -47.31 26.86 38.49
CA VAL L 14 -46.72 27.37 37.26
C VAL L 14 -47.81 27.67 36.22
N ALA L 15 -48.72 26.72 35.99
CA ALA L 15 -49.80 26.92 35.03
C ALA L 15 -50.75 28.03 35.49
N GLN L 16 -50.98 28.14 36.81
CA GLN L 16 -51.82 29.21 37.37
C GLN L 16 -51.17 30.57 37.13
N ASN L 17 -49.85 30.66 37.32
CA ASN L 17 -49.10 31.90 37.11
C ASN L 17 -49.08 32.25 35.63
N ARG L 18 -48.95 31.26 34.74
CA ARG L 18 -49.00 31.50 33.29
C ARG L 18 -50.35 32.12 32.90
N ARG L 19 -51.47 31.62 33.45
CA ARG L 19 -52.78 32.21 33.17
C ARG L 19 -52.91 33.60 33.79
N LYS L 20 -52.27 33.87 34.94
CA LYS L 20 -52.27 35.21 35.53
C LYS L 20 -51.57 36.18 34.58
N HIS L 21 -50.42 35.78 34.07
CA HIS L 21 -49.65 36.59 33.16
C HIS L 21 -50.41 36.85 31.88
N MET L 22 -51.02 35.81 31.30
CA MET L 22 -51.80 35.93 30.08
C MET L 22 -53.00 36.85 30.26
N SER L 23 -53.78 36.66 31.34
CA SER L 23 -54.98 37.47 31.60
C SER L 23 -54.71 38.86 32.18
N GLY L 24 -53.48 39.17 32.54
CA GLY L 24 -53.16 40.45 33.16
C GLY L 24 -53.59 40.55 34.62
N ASN L 25 -53.87 39.40 35.27
CA ASN L 25 -54.25 39.32 36.68
C ASN L 25 -52.97 39.21 37.50
N VAL L 26 -52.23 40.31 37.56
CA VAL L 26 -50.95 40.35 38.27
C VAL L 26 -50.99 41.37 39.38
N GLU L 27 -50.30 41.05 40.46
CA GLU L 27 -50.20 41.89 41.63
C GLU L 27 -49.13 42.97 41.44
N LYS L 28 -49.38 44.17 41.94
CA LYS L 28 -48.42 45.27 41.93
C LYS L 28 -47.55 45.11 43.18
N LEU L 29 -46.22 44.97 43.01
CA LEU L 29 -45.32 44.78 44.16
C LEU L 29 -44.38 45.94 44.44
N ARG L 30 -44.25 46.88 43.51
CA ARG L 30 -43.36 48.04 43.71
C ARG L 30 -43.82 49.22 42.85
N GLU L 31 -43.23 50.39 43.10
CA GLU L 31 -43.58 51.59 42.36
C GLU L 31 -42.36 52.21 41.71
N ILE L 32 -42.57 52.81 40.55
CA ILE L 32 -41.54 53.54 39.86
C ILE L 32 -42.19 54.83 39.36
N SER L 33 -41.53 55.97 39.57
CA SER L 33 -42.05 57.25 39.09
C SER L 33 -41.95 57.31 37.55
N ASP L 34 -42.71 58.21 36.94
CA ASP L 34 -42.68 58.37 35.48
C ASP L 34 -41.28 58.78 35.01
N GLU L 35 -40.61 59.70 35.73
CA GLU L 35 -39.26 60.15 35.34
C GLU L 35 -38.21 59.05 35.51
N ASP L 36 -38.30 58.24 36.56
CA ASP L 36 -37.34 57.13 36.76
C ASP L 36 -37.52 56.08 35.66
N LEU L 37 -38.78 55.83 35.26
CA LEU L 37 -39.04 54.87 34.19
C LEU L 37 -38.44 55.37 32.87
N THR L 38 -38.63 56.66 32.54
CA THR L 38 -38.06 57.25 31.32
C THR L 38 -36.53 57.20 31.39
N ALA L 39 -35.93 57.54 32.56
CA ALA L 39 -34.48 57.52 32.73
C ALA L 39 -33.88 56.13 32.42
N ILE L 40 -34.44 55.05 32.99
CA ILE L 40 -33.90 53.69 32.82
C ILE L 40 -34.09 53.13 31.41
N LEU L 41 -35.14 53.56 30.68
CA LEU L 41 -35.32 53.09 29.31
C LEU L 41 -34.29 53.73 28.36
N GLY L 42 -33.82 54.92 28.67
CA GLY L 42 -32.77 55.58 27.90
C GLY L 42 -33.09 56.06 26.50
N HIS L 43 -34.38 56.27 26.18
CA HIS L 43 -34.82 56.76 24.87
C HIS L 43 -34.83 58.30 24.79
N ARG L 44 -35.06 58.99 25.92
CA ARG L 44 -35.08 60.46 25.93
C ARG L 44 -34.86 60.99 27.36
N ALA L 45 -34.59 62.29 27.50
CA ALA L 45 -34.37 62.88 28.81
C ALA L 45 -35.64 62.79 29.67
N PRO L 46 -35.58 62.40 30.96
CA PRO L 46 -36.82 62.39 31.78
C PRO L 46 -37.50 63.75 31.83
N GLY L 47 -38.83 63.76 31.70
CA GLY L 47 -39.61 64.98 31.69
C GLY L 47 -39.77 65.60 30.32
N SER L 48 -38.93 65.23 29.34
CA SER L 48 -39.01 65.81 28.00
C SER L 48 -40.18 65.26 27.20
N ASP L 49 -40.58 65.98 26.15
CA ASP L 49 -41.66 65.55 25.27
C ASP L 49 -41.17 64.38 24.40
N TYR L 50 -42.12 63.58 23.90
CA TYR L 50 -41.81 62.42 23.06
C TYR L 50 -41.36 62.85 21.67
N PRO L 51 -40.13 62.51 21.20
CA PRO L 51 -39.77 62.83 19.82
C PRO L 51 -40.64 62.05 18.83
N SER L 52 -40.72 62.54 17.59
CA SER L 52 -41.53 61.91 16.57
C SER L 52 -40.69 61.37 15.43
N THR L 53 -41.18 60.30 14.80
CA THR L 53 -40.57 59.74 13.59
C THR L 53 -41.32 60.27 12.34
N HIS L 54 -42.62 60.58 12.48
CA HIS L 54 -43.44 61.18 11.43
C HIS L 54 -44.43 62.17 12.09
N PRO L 55 -45.06 63.08 11.33
CA PRO L 55 -45.96 64.05 11.97
C PRO L 55 -47.19 63.41 12.61
N PRO L 56 -47.89 64.10 13.55
CA PRO L 56 -49.11 63.50 14.12
C PRO L 56 -50.14 63.20 13.03
N LEU L 57 -50.95 62.16 13.20
CA LEU L 57 -51.96 61.78 12.19
C LEU L 57 -52.89 62.95 11.81
N ALA L 58 -53.25 63.78 12.79
CA ALA L 58 -54.11 64.95 12.55
C ALA L 58 -53.45 66.00 11.65
N GLU L 59 -52.11 66.14 11.73
CA GLU L 59 -51.39 67.13 10.94
C GLU L 59 -51.32 66.74 9.46
N MET L 60 -50.69 65.61 9.16
CA MET L 60 -50.47 65.17 7.78
C MET L 60 -51.72 64.57 7.11
N GLY L 61 -52.60 63.91 7.88
CA GLY L 61 -53.76 63.22 7.33
C GLY L 61 -53.46 61.75 7.04
N GLU L 62 -54.48 60.96 6.66
CA GLU L 62 -54.27 59.53 6.36
C GLU L 62 -54.93 59.13 5.05
N PRO L 63 -54.46 58.06 4.37
CA PRO L 63 -55.13 57.60 3.16
C PRO L 63 -56.52 57.06 3.46
N ASP L 64 -57.36 57.02 2.42
CA ASP L 64 -58.72 56.51 2.52
C ASP L 64 -58.64 55.00 2.68
N CYS L 65 -58.80 54.51 3.92
CA CYS L 65 -58.73 53.09 4.19
C CYS L 65 -59.84 52.71 5.13
N PRO L 66 -60.66 51.70 4.79
CA PRO L 66 -61.75 51.31 5.69
C PRO L 66 -61.29 50.74 7.03
N ILE L 67 -60.09 50.17 7.09
CA ILE L 67 -59.56 49.61 8.33
C ILE L 67 -59.07 50.73 9.23
N ARG L 68 -58.36 51.73 8.67
CA ARG L 68 -57.95 52.89 9.47
C ARG L 68 -59.16 53.61 10.10
N GLU L 69 -60.30 53.62 9.39
CA GLU L 69 -61.52 54.26 9.87
C GLU L 69 -62.18 53.51 11.03
N ILE L 70 -61.95 52.19 11.19
CA ILE L 70 -62.59 51.41 12.26
C ILE L 70 -61.60 50.94 13.34
N VAL L 71 -60.30 51.20 13.20
CA VAL L 71 -59.34 50.84 14.22
C VAL L 71 -58.83 52.12 14.82
N GLU L 72 -59.22 52.43 16.08
CA GLU L 72 -58.79 53.69 16.67
C GLU L 72 -57.30 53.63 16.98
N PRO L 73 -56.48 54.60 16.53
CA PRO L 73 -55.05 54.55 16.86
C PRO L 73 -54.79 54.71 18.35
N THR L 74 -53.64 54.20 18.80
CA THR L 74 -53.24 54.36 20.20
C THR L 74 -52.78 55.83 20.40
N PRO L 75 -52.61 56.30 21.65
CA PRO L 75 -52.10 57.67 21.83
C PRO L 75 -50.74 57.89 21.15
N GLY L 76 -49.85 56.91 21.22
CA GLY L 76 -48.55 57.02 20.59
C GLY L 76 -48.61 57.06 19.07
N ALA L 77 -49.52 56.27 18.47
CA ALA L 77 -49.68 56.27 17.02
C ALA L 77 -50.24 57.63 16.57
N ALA L 78 -51.26 58.15 17.27
CA ALA L 78 -51.85 59.45 16.93
C ALA L 78 -50.81 60.57 16.97
N ALA L 79 -49.87 60.51 17.92
CA ALA L 79 -48.83 61.53 18.07
C ALA L 79 -47.62 61.32 17.14
N GLY L 80 -47.48 60.15 16.50
CA GLY L 80 -46.36 59.89 15.61
C GLY L 80 -45.04 59.63 16.31
N ASP L 81 -45.10 59.11 17.54
CA ASP L 81 -43.88 58.83 18.32
C ASP L 81 -42.99 57.83 17.62
N ARG L 82 -41.70 57.84 17.95
CA ARG L 82 -40.77 56.84 17.45
C ARG L 82 -41.16 55.50 18.06
N ILE L 83 -40.88 54.42 17.34
CA ILE L 83 -41.09 53.08 17.87
C ILE L 83 -39.90 52.84 18.78
N ARG L 84 -40.15 52.67 20.09
CA ARG L 84 -39.10 52.40 21.07
C ARG L 84 -39.34 51.04 21.75
N TYR L 85 -38.46 50.62 22.68
CA TYR L 85 -38.54 49.27 23.23
C TYR L 85 -38.38 49.16 24.74
N VAL L 86 -38.81 48.01 25.27
CA VAL L 86 -38.60 47.59 26.64
C VAL L 86 -38.13 46.13 26.51
N GLN L 87 -36.89 45.84 26.93
CA GLN L 87 -36.37 44.47 26.82
C GLN L 87 -35.96 43.94 28.17
N TRP L 88 -36.42 42.72 28.49
CA TRP L 88 -36.17 42.04 29.75
C TRP L 88 -35.40 40.73 29.58
N THR L 89 -34.52 40.43 30.54
CA THR L 89 -33.81 39.16 30.70
C THR L 89 -34.31 38.61 32.04
N ASP L 90 -34.71 37.31 32.05
CA ASP L 90 -35.28 36.68 33.23
C ASP L 90 -34.55 35.40 33.59
N SER L 91 -34.04 35.30 34.83
CA SER L 91 -33.31 34.11 35.27
C SER L 91 -34.15 32.86 35.22
N MET L 92 -33.53 31.76 34.83
CA MET L 92 -34.19 30.46 34.86
C MET L 92 -34.31 29.92 36.31
N TYR L 93 -33.70 30.61 37.32
CA TYR L 93 -33.82 30.23 38.71
C TYR L 93 -35.04 30.88 39.30
N ASN L 94 -36.18 30.48 38.75
CA ASN L 94 -37.49 30.90 39.18
C ASN L 94 -37.76 32.39 39.15
N ALA L 95 -37.26 33.09 38.09
CA ALA L 95 -37.67 34.50 37.90
C ALA L 95 -39.17 34.44 37.57
N PRO L 96 -39.99 35.35 38.14
CA PRO L 96 -41.45 35.27 37.91
C PRO L 96 -41.85 35.05 36.44
N ALA L 97 -41.16 35.77 35.57
CA ALA L 97 -41.42 35.78 34.16
C ALA L 97 -40.65 34.76 33.35
N THR L 98 -41.26 34.31 32.25
CA THR L 98 -40.61 33.53 31.23
C THR L 98 -40.79 34.32 29.93
N PRO L 99 -39.83 34.26 28.99
CA PRO L 99 -39.96 35.04 27.77
C PRO L 99 -41.28 34.90 27.02
N TYR L 100 -41.77 33.65 26.76
CA TYR L 100 -43.04 33.52 26.01
C TYR L 100 -44.20 34.17 26.77
N TRP L 101 -44.22 34.06 28.10
CA TRP L 101 -45.34 34.60 28.88
C TRP L 101 -45.30 36.14 29.01
N ARG L 102 -44.11 36.79 28.91
CA ARG L 102 -44.08 38.26 28.83
C ARG L 102 -44.70 38.66 27.46
N SER L 103 -44.38 37.91 26.37
CA SER L 103 -44.95 38.18 25.06
C SER L 103 -46.47 37.93 25.04
N TYR L 104 -46.96 36.85 25.70
CA TYR L 104 -48.42 36.59 25.75
C TYR L 104 -49.10 37.70 26.55
N TYR L 105 -48.49 38.15 27.67
CA TYR L 105 -49.04 39.26 28.44
C TYR L 105 -49.22 40.50 27.55
N ALA L 106 -48.19 40.85 26.78
CA ALA L 106 -48.23 42.02 25.93
C ALA L 106 -49.27 41.85 24.80
N ALA L 107 -49.28 40.69 24.13
CA ALA L 107 -50.20 40.42 23.02
C ALA L 107 -51.66 40.43 23.46
N ILE L 108 -51.95 40.01 24.69
CA ILE L 108 -53.34 39.97 25.16
C ILE L 108 -53.81 41.28 25.76
N ASN L 109 -52.94 41.97 26.52
CA ASN L 109 -53.34 43.13 27.30
C ASN L 109 -52.93 44.49 26.77
N HIS L 110 -52.10 44.58 25.72
CA HIS L 110 -51.66 45.87 25.20
C HIS L 110 -51.96 45.97 23.70
N ARG L 111 -52.49 47.12 23.26
CA ARG L 111 -52.77 47.36 21.84
C ARG L 111 -51.54 47.86 21.11
N GLY L 112 -51.46 47.57 19.82
CA GLY L 112 -50.38 48.06 18.97
C GLY L 112 -48.99 47.75 19.46
N VAL L 113 -48.74 46.49 19.79
CA VAL L 113 -47.45 46.04 20.33
C VAL L 113 -46.76 45.06 19.40
N ASP L 114 -45.43 45.01 19.46
CA ASP L 114 -44.63 44.13 18.64
C ASP L 114 -43.71 43.30 19.57
N PRO L 115 -44.27 42.25 20.22
CA PRO L 115 -43.45 41.43 21.11
C PRO L 115 -42.56 40.43 20.39
N GLY L 116 -41.40 40.15 20.98
CA GLY L 116 -40.42 39.21 20.46
C GLY L 116 -39.90 38.33 21.58
N THR L 117 -39.94 37.00 21.38
CA THR L 117 -39.47 36.05 22.36
C THR L 117 -38.18 35.37 21.92
N LEU L 118 -37.20 35.35 22.81
CA LEU L 118 -35.92 34.65 22.64
C LEU L 118 -35.60 34.01 24.02
N SER L 119 -34.60 33.14 24.12
CA SER L 119 -34.28 32.50 25.39
C SER L 119 -33.71 33.45 26.45
N GLY L 120 -32.77 34.30 26.05
CA GLY L 120 -32.09 35.22 26.96
C GLY L 120 -32.58 36.66 26.98
N ARG L 121 -33.68 36.92 26.31
CA ARG L 121 -34.25 38.26 26.23
C ARG L 121 -35.65 38.19 25.65
N GLN L 122 -36.47 39.15 26.02
CA GLN L 122 -37.82 39.26 25.51
C GLN L 122 -38.06 40.75 25.34
N ILE L 123 -38.58 41.15 24.19
CA ILE L 123 -38.73 42.55 23.86
C ILE L 123 -40.15 42.91 23.49
N VAL L 124 -40.51 44.17 23.71
CA VAL L 124 -41.76 44.71 23.22
C VAL L 124 -41.38 46.03 22.57
N GLU L 125 -41.68 46.19 21.28
CA GLU L 125 -41.51 47.45 20.58
C GLU L 125 -42.91 48.03 20.40
N ALA L 126 -43.05 49.32 20.58
CA ALA L 126 -44.34 50.01 20.40
C ALA L 126 -44.06 51.52 20.30
N ARG L 127 -45.05 52.34 19.95
CA ARG L 127 -44.90 53.80 19.97
C ARG L 127 -44.45 54.23 21.40
N GLU L 128 -43.42 55.05 21.53
CA GLU L 128 -42.77 55.35 22.82
C GLU L 128 -43.69 55.49 24.05
N ARG L 129 -44.78 56.28 23.96
CA ARG L 129 -45.66 56.46 25.13
C ARG L 129 -46.44 55.19 25.46
N ASP L 130 -46.82 54.42 24.43
CA ASP L 130 -47.48 53.13 24.63
C ASP L 130 -46.50 52.14 25.26
N VAL L 131 -45.24 52.14 24.82
CA VAL L 131 -44.24 51.22 25.38
C VAL L 131 -43.92 51.59 26.84
N GLU L 132 -44.05 52.86 27.24
CA GLU L 132 -43.84 53.27 28.63
C GLU L 132 -45.00 52.76 29.50
N VAL L 133 -46.25 52.78 28.98
CA VAL L 133 -47.39 52.24 29.72
C VAL L 133 -47.16 50.74 29.97
N TYR L 134 -46.72 50.02 28.92
CA TYR L 134 -46.38 48.60 29.04
C TYR L 134 -45.21 48.42 30.03
N GLY L 135 -44.15 49.19 29.84
CA GLY L 135 -42.94 49.15 30.64
C GLY L 135 -43.19 49.29 32.12
N LYS L 136 -44.10 50.21 32.49
CA LYS L 136 -44.47 50.43 33.89
C LYS L 136 -45.07 49.15 34.48
N MET L 137 -46.03 48.53 33.78
CA MET L 137 -46.63 47.27 34.21
C MET L 137 -45.61 46.12 34.24
N SER L 138 -44.68 46.09 33.30
CA SER L 138 -43.66 45.04 33.25
C SER L 138 -42.68 45.07 34.44
N ILE L 139 -42.41 46.27 35.02
CA ILE L 139 -41.45 46.42 36.13
C ILE L 139 -42.13 46.52 37.50
N GLU L 140 -43.34 47.11 37.58
CA GLU L 140 -44.01 47.28 38.88
C GLU L 140 -44.71 46.01 39.38
N THR L 141 -45.16 45.15 38.46
CA THR L 141 -45.92 43.95 38.81
C THR L 141 -45.04 42.74 39.13
N GLU L 142 -45.67 41.69 39.70
CA GLU L 142 -45.04 40.42 40.04
C GLU L 142 -44.38 39.72 38.86
N MET L 143 -44.52 40.23 37.62
CA MET L 143 -43.81 39.65 36.48
C MET L 143 -42.29 39.93 36.58
N THR L 144 -41.84 40.78 37.54
CA THR L 144 -40.45 41.13 37.70
C THR L 144 -40.05 40.94 39.15
N CYS L 145 -38.86 40.39 39.33
CA CYS L 145 -38.15 40.34 40.59
C CYS L 145 -36.89 41.14 40.21
N PRO L 146 -36.62 42.25 40.91
CA PRO L 146 -35.51 43.12 40.50
C PRO L 146 -34.12 42.50 40.59
N ALA L 147 -33.94 41.32 41.21
CA ALA L 147 -32.64 40.66 41.27
C ALA L 147 -32.57 39.55 40.21
N LEU L 148 -33.60 38.69 40.11
CA LEU L 148 -33.64 37.61 39.13
C LEU L 148 -33.91 38.10 37.70
N ALA L 149 -34.38 39.35 37.52
CA ALA L 149 -34.64 39.91 36.20
C ALA L 149 -33.92 41.25 36.07
N GLY L 150 -33.64 41.64 34.85
CA GLY L 150 -32.99 42.92 34.59
C GLY L 150 -33.36 43.49 33.23
N LEU L 151 -33.58 44.82 33.16
CA LEU L 151 -33.86 45.45 31.88
C LEU L 151 -32.55 45.52 31.14
N ARG L 152 -32.48 44.89 29.96
CA ARG L 152 -31.25 44.84 29.19
C ARG L 152 -31.58 44.94 27.72
N GLY L 153 -31.29 46.09 27.14
CA GLY L 153 -31.47 46.32 25.71
C GLY L 153 -30.32 45.77 24.88
N ALA L 154 -29.19 45.41 25.52
CA ALA L 154 -27.98 44.89 24.88
C ALA L 154 -27.11 44.17 25.92
N THR L 155 -26.29 43.19 25.50
CA THR L 155 -25.42 42.40 26.41
C THR L 155 -26.30 41.72 27.47
N VAL L 156 -27.18 40.87 27.00
CA VAL L 156 -28.24 40.26 27.80
C VAL L 156 -27.82 39.05 28.62
N HIS L 157 -26.68 38.41 28.29
CA HIS L 157 -26.18 37.18 28.95
C HIS L 157 -26.46 37.10 30.46
N GLY L 158 -27.07 36.00 30.89
CA GLY L 158 -27.36 35.80 32.30
C GLY L 158 -28.56 34.93 32.63
N HIS L 159 -29.54 34.79 31.72
CA HIS L 159 -30.75 34.01 32.03
C HIS L 159 -30.45 32.58 32.49
N SER L 160 -29.47 31.94 31.86
CA SER L 160 -29.07 30.56 32.12
C SER L 160 -27.79 30.43 32.96
N CYS L 161 -27.21 31.54 33.44
CA CYS L 161 -26.01 31.51 34.25
C CYS L 161 -26.35 31.23 35.68
N ARG L 162 -25.39 30.69 36.43
CA ARG L 162 -25.55 30.50 37.87
C ARG L 162 -25.69 31.88 38.53
N LEU L 163 -26.54 31.99 39.54
CA LEU L 163 -26.72 33.26 40.24
C LEU L 163 -25.42 33.68 40.94
N GLN L 164 -25.26 34.97 41.20
CA GLN L 164 -24.11 35.46 41.98
C GLN L 164 -24.30 34.98 43.43
N GLU L 165 -23.26 35.05 44.27
CA GLU L 165 -23.39 34.64 45.68
C GLU L 165 -24.51 35.43 46.40
N ASP L 166 -24.78 36.68 45.97
CA ASP L 166 -25.83 37.49 46.60
C ASP L 166 -27.26 37.21 46.03
N GLY L 167 -27.39 36.27 45.10
CA GLY L 167 -28.69 35.92 44.51
C GLY L 167 -29.09 36.76 43.32
N VAL L 168 -28.24 37.73 42.90
CA VAL L 168 -28.53 38.62 41.78
C VAL L 168 -28.08 37.93 40.46
N MET L 169 -28.88 38.06 39.41
CA MET L 169 -28.55 37.47 38.12
C MET L 169 -27.46 38.33 37.50
N PHE L 170 -26.37 37.70 37.07
CA PHE L 170 -25.21 38.35 36.46
C PHE L 170 -25.57 39.32 35.34
N ASP L 171 -24.90 40.48 35.32
CA ASP L 171 -25.02 41.50 34.28
C ASP L 171 -23.61 41.88 33.91
N MET L 172 -23.18 41.65 32.67
CA MET L 172 -21.83 42.03 32.24
C MET L 172 -21.62 43.53 32.34
N LEU L 173 -22.67 44.33 32.08
CA LEU L 173 -22.59 45.80 32.12
C LEU L 173 -22.94 46.42 33.48
N ASP L 174 -23.26 45.60 34.49
CA ASP L 174 -23.51 46.09 35.85
C ASP L 174 -24.51 47.26 35.91
N ARG L 175 -25.69 47.10 35.30
CA ARG L 175 -26.71 48.16 35.26
C ARG L 175 -27.48 48.27 36.58
N ARG L 176 -27.61 47.16 37.32
CA ARG L 176 -28.33 47.13 38.57
C ARG L 176 -27.70 46.10 39.52
N ARG L 177 -27.72 46.38 40.81
CA ARG L 177 -27.09 45.50 41.80
C ARG L 177 -27.67 45.72 43.21
N LEU L 178 -27.35 44.84 44.19
CA LEU L 178 -27.83 44.99 45.57
C LEU L 178 -26.94 45.97 46.28
N GLU L 179 -27.54 47.02 46.87
CA GLU L 179 -26.82 48.02 47.62
C GLU L 179 -27.63 48.20 48.90
N GLY L 180 -27.25 47.46 49.95
CA GLY L 180 -27.89 47.51 51.26
C GLY L 180 -29.32 47.00 51.36
N GLY L 181 -29.57 45.79 50.87
CA GLY L 181 -30.89 45.17 50.94
C GLY L 181 -31.84 45.48 49.80
N THR L 182 -31.55 46.51 48.99
CA THR L 182 -32.40 46.87 47.85
C THR L 182 -31.62 46.92 46.54
N ILE L 183 -32.33 46.77 45.42
CA ILE L 183 -31.74 46.84 44.09
C ILE L 183 -31.75 48.27 43.58
N ILE L 184 -30.58 48.78 43.18
CA ILE L 184 -30.42 50.12 42.62
C ILE L 184 -30.01 49.96 41.16
N MET L 185 -30.69 50.66 40.25
CA MET L 185 -30.35 50.68 38.83
C MET L 185 -29.82 52.08 38.57
N ASP L 186 -28.54 52.22 38.20
CA ASP L 186 -27.93 53.54 37.98
C ASP L 186 -27.38 53.76 36.56
N LYS L 187 -27.74 52.87 35.62
CA LYS L 187 -27.41 52.98 34.20
C LYS L 187 -28.71 52.71 33.45
N ASP L 188 -28.85 53.20 32.20
CA ASP L 188 -30.05 52.89 31.40
C ASP L 188 -29.95 51.42 30.87
N GLN L 189 -31.00 50.91 30.19
CA GLN L 189 -30.99 49.52 29.71
C GLN L 189 -29.87 49.21 28.70
N VAL L 190 -29.12 50.22 28.20
CA VAL L 190 -27.96 49.98 27.33
C VAL L 190 -26.62 50.33 28.05
N GLY L 191 -26.63 50.45 29.38
CA GLY L 191 -25.42 50.69 30.16
C GLY L 191 -24.84 52.09 30.18
N VAL L 192 -25.61 53.12 29.79
CA VAL L 192 -25.13 54.51 29.84
C VAL L 192 -25.27 54.99 31.27
N PRO L 193 -24.25 55.62 31.89
CA PRO L 193 -24.40 56.08 33.28
C PRO L 193 -25.49 57.14 33.44
N LEU L 194 -26.35 56.98 34.44
CA LEU L 194 -27.40 57.94 34.75
C LEU L 194 -26.90 58.97 35.76
N ASP L 195 -27.50 60.16 35.73
CA ASP L 195 -27.22 61.20 36.72
C ASP L 195 -28.03 60.97 38.04
N ARG L 196 -28.62 59.77 38.21
CA ARG L 196 -29.41 59.43 39.37
C ARG L 196 -29.31 57.92 39.68
N LYS L 197 -29.90 57.52 40.79
CA LYS L 197 -30.01 56.13 41.26
C LYS L 197 -31.51 55.80 41.37
N VAL L 198 -31.94 54.66 40.82
CA VAL L 198 -33.35 54.27 40.82
C VAL L 198 -33.57 53.05 41.70
N ASP L 199 -34.34 53.20 42.79
CA ASP L 199 -34.62 52.11 43.74
C ASP L 199 -35.75 51.19 43.28
N LEU L 200 -35.40 49.97 42.82
CA LEU L 200 -36.40 48.97 42.42
C LEU L 200 -36.87 48.10 43.61
N GLY L 201 -36.47 48.44 44.85
CA GLY L 201 -36.90 47.71 46.03
C GLY L 201 -36.13 46.44 46.30
N LYS L 202 -36.60 45.70 47.31
CA LYS L 202 -35.97 44.45 47.73
C LYS L 202 -36.26 43.31 46.74
N PRO L 203 -35.38 42.30 46.68
CA PRO L 203 -35.68 41.15 45.82
C PRO L 203 -36.72 40.24 46.43
N MET L 204 -37.31 39.36 45.61
CA MET L 204 -38.25 38.36 46.11
C MET L 204 -37.43 37.32 46.87
N SER L 205 -38.03 36.70 47.90
CA SER L 205 -37.37 35.60 48.60
C SER L 205 -37.35 34.39 47.64
N GLU L 206 -36.51 33.38 47.91
CA GLU L 206 -36.47 32.17 47.07
C GLU L 206 -37.85 31.47 47.06
N GLU L 207 -38.54 31.50 48.21
CA GLU L 207 -39.86 30.89 48.41
C GLU L 207 -40.93 31.62 47.60
N GLU L 208 -40.88 32.94 47.59
CA GLU L 208 -41.84 33.76 46.82
C GLU L 208 -41.61 33.54 45.33
N ALA L 209 -40.36 33.57 44.86
CA ALA L 209 -40.06 33.37 43.45
C ALA L 209 -40.55 31.98 42.98
N ALA L 210 -40.34 30.94 43.79
CA ALA L 210 -40.79 29.59 43.46
C ALA L 210 -42.33 29.50 43.35
N LYS L 211 -43.05 30.24 44.20
CA LYS L 211 -44.52 30.26 44.18
C LYS L 211 -45.09 31.11 43.04
N ARG L 212 -44.37 32.16 42.62
CA ARG L 212 -44.86 33.08 41.59
C ARG L 212 -44.34 32.78 40.18
N THR L 213 -43.38 31.86 40.03
CA THR L 213 -42.79 31.63 38.72
C THR L 213 -43.65 30.90 37.70
N THR L 214 -43.50 31.30 36.43
CA THR L 214 -44.12 30.67 35.27
C THR L 214 -43.13 29.63 34.63
N ILE L 215 -41.97 29.32 35.26
CA ILE L 215 -41.04 28.35 34.72
C ILE L 215 -41.16 27.06 35.51
N TYR L 216 -41.09 25.93 34.79
CA TYR L 216 -41.10 24.63 35.45
C TYR L 216 -39.65 24.29 35.81
N ARG L 217 -39.44 23.60 36.94
CA ARG L 217 -38.12 23.14 37.35
C ARG L 217 -38.29 21.83 38.11
N VAL L 218 -37.43 20.85 37.86
CA VAL L 218 -37.51 19.55 38.52
C VAL L 218 -37.43 19.67 40.05
N ASP L 219 -36.74 20.71 40.56
CA ASP L 219 -36.58 20.93 42.01
C ASP L 219 -37.61 21.91 42.59
N ASN L 220 -38.68 22.24 41.84
CA ASN L 220 -39.73 23.11 42.33
C ASN L 220 -41.07 22.49 41.87
N VAL L 221 -41.51 22.77 40.64
CA VAL L 221 -42.73 22.23 40.06
C VAL L 221 -42.25 21.59 38.76
N PRO L 222 -41.99 20.27 38.74
CA PRO L 222 -41.49 19.67 37.50
C PRO L 222 -42.47 19.76 36.34
N PHE L 223 -41.95 19.99 35.14
CA PHE L 223 -42.76 20.04 33.91
C PHE L 223 -43.54 18.71 33.75
N ARG L 224 -42.85 17.60 34.01
CA ARG L 224 -43.40 16.24 33.96
C ARG L 224 -44.67 16.10 34.81
N SER L 225 -44.76 16.83 35.95
CA SER L 225 -45.90 16.74 36.86
C SER L 225 -47.18 17.42 36.37
N ASP L 226 -47.10 18.35 35.39
CA ASP L 226 -48.31 19.01 34.90
C ASP L 226 -48.80 18.24 33.69
N SER L 227 -49.43 17.10 33.97
CA SER L 227 -49.92 16.15 32.97
C SER L 227 -50.69 16.79 31.82
N GLU L 228 -51.57 17.72 32.12
CA GLU L 228 -52.39 18.39 31.10
C GLU L 228 -51.54 19.12 30.07
N VAL L 229 -50.47 19.78 30.51
CA VAL L 229 -49.59 20.55 29.63
C VAL L 229 -48.84 19.59 28.71
N VAL L 230 -48.29 18.47 29.24
CA VAL L 230 -47.60 17.46 28.43
C VAL L 230 -48.59 16.89 27.40
N GLU L 231 -49.83 16.60 27.84
CA GLU L 231 -50.88 16.10 26.96
C GLU L 231 -51.19 17.11 25.86
N TRP L 232 -51.32 18.39 26.20
CA TRP L 232 -51.60 19.45 25.23
C TRP L 232 -50.52 19.51 24.16
N VAL L 233 -49.24 19.41 24.56
CA VAL L 233 -48.14 19.42 23.59
C VAL L 233 -48.27 18.24 22.62
N GLN L 234 -48.49 17.05 23.17
CA GLN L 234 -48.63 15.82 22.36
C GLN L 234 -49.82 15.91 21.42
N ARG L 235 -50.93 16.52 21.89
CA ARG L 235 -52.12 16.66 21.07
C ARG L 235 -51.87 17.61 19.90
N ILE L 236 -51.23 18.76 20.16
CA ILE L 236 -50.91 19.72 19.10
C ILE L 236 -49.96 19.06 18.10
N TRP L 237 -48.95 18.36 18.60
CA TRP L 237 -48.00 17.65 17.73
C TRP L 237 -48.73 16.62 16.84
N GLU L 238 -49.58 15.77 17.46
CA GLU L 238 -50.27 14.73 16.69
C GLU L 238 -51.22 15.31 15.65
N LEU L 239 -52.05 16.29 16.04
CA LEU L 239 -53.00 16.88 15.10
C LEU L 239 -52.29 17.65 13.99
N ARG L 240 -51.21 18.39 14.31
CA ARG L 240 -50.44 19.08 13.26
C ARG L 240 -49.85 18.06 12.28
N THR L 241 -49.32 16.95 12.83
CA THR L 241 -48.73 15.89 12.02
C THR L 241 -49.78 15.29 11.08
N ARG L 242 -50.96 14.93 11.61
CA ARG L 242 -52.00 14.30 10.81
C ARG L 242 -52.56 15.23 9.75
N TYR L 243 -52.87 16.48 10.13
CA TYR L 243 -53.44 17.43 9.17
C TYR L 243 -52.46 17.87 8.10
N GLY L 244 -51.15 17.84 8.39
CA GLY L 244 -50.15 18.15 7.39
C GLY L 244 -50.10 17.10 6.29
N PHE L 245 -50.44 15.84 6.64
CA PHE L 245 -50.54 14.75 5.69
C PHE L 245 -51.85 14.92 4.91
N GLN L 246 -52.99 14.96 5.64
CA GLN L 246 -54.31 15.15 5.05
C GLN L 246 -55.19 15.89 6.05
N PRO L 247 -55.63 17.13 5.71
CA PRO L 247 -56.43 17.91 6.66
C PRO L 247 -57.88 17.45 6.73
N GLN L 248 -58.09 16.33 7.41
CA GLN L 248 -59.37 15.66 7.61
C GLN L 248 -59.45 15.12 9.02
C1 GOL M . 39.14 -24.98 -40.51
O1 GOL M . 40.27 -25.20 -41.37
C2 GOL M . 37.90 -24.64 -41.35
O2 GOL M . 36.83 -25.48 -40.92
C3 GOL M . 37.52 -23.18 -41.13
O3 GOL M . 36.25 -22.89 -41.70
K K N . 13.90 -29.10 0.01
C1 COM O . 31.49 -13.73 -12.44
C2 COM O . 31.85 -13.12 -11.10
S1 COM O . 29.92 -14.57 -12.36
S2 COM O . 33.35 -12.16 -11.22
O1S COM O . 34.40 -13.00 -11.86
O2S COM O . 33.15 -10.98 -12.14
O3S COM O . 33.72 -11.73 -9.81
N TP7 P . 30.37 -19.56 -0.81
P TP7 P . 31.64 -17.21 2.95
O1P TP7 P . 30.55 -16.16 3.06
O2P TP7 P . 31.60 -18.26 4.04
O3P TP7 P . 33.02 -16.57 2.81
O4P TP7 P . 31.28 -17.95 1.55
CB TP7 P . 31.89 -19.17 1.13
C TP7 P . 29.71 -20.33 1.39
O TP7 P . 29.82 -21.24 2.25
OXT TP7 P . 28.68 -19.61 1.30
CA TP7 P . 30.87 -20.09 0.45
CG TP7 P . 33.05 -18.79 0.22
O1 TP7 P . 31.72 -20.85 -2.10
C1 TP7 P . 30.75 -20.09 -1.98
C2 TP7 P . 29.98 -19.61 -3.19
C3 TP7 P . 30.02 -20.64 -4.33
C4 TP7 P . 28.99 -20.39 -5.44
C5 TP7 P . 29.09 -19.01 -6.09
C6 TP7 P . 30.41 -18.79 -6.84
C7 TP7 P . 30.47 -19.62 -8.13
S7 TP7 P . 32.03 -19.29 -8.99
N TP7 Q . 17.20 -40.07 15.27
P TP7 Q . 20.90 -42.74 15.17
O1P TP7 Q . 20.63 -43.64 14.01
O2P TP7 Q . 22.03 -41.77 14.91
O3P TP7 Q . 21.12 -43.40 16.50
O4P TP7 Q . 19.56 -41.86 15.28
CB TP7 Q . 19.46 -40.69 16.10
C TP7 Q . 19.20 -39.37 14.01
O TP7 Q . 20.18 -38.56 13.93
OXT TP7 Q . 18.72 -39.94 13.00
CA TP7 Q . 18.60 -39.64 15.36
CG TP7 Q . 18.95 -41.08 17.49
O1 TP7 Q . 16.52 -38.77 17.00
C1 TP7 Q . 16.26 -39.48 16.02
C2 TP7 Q . 14.83 -39.82 15.66
C3 TP7 Q . 13.86 -38.70 16.11
C4 TP7 Q . 12.47 -38.82 15.45
C5 TP7 Q . 11.76 -40.17 15.63
C6 TP7 Q . 11.39 -40.47 17.10
C7 TP7 Q . 10.28 -39.54 17.61
S7 TP7 Q . 9.90 -39.90 19.37
NI F43 R . 3.82 -45.68 17.22
NA F43 R . 4.54 -45.57 15.28
CHA F43 R . 3.89 -43.25 15.07
C1A F43 R . 4.34 -44.58 14.51
C2A F43 R . 4.55 -44.89 13.02
C3A F43 R . 4.65 -46.43 13.06
C4A F43 R . 5.22 -46.62 14.50
C5A F43 R . 5.90 -44.28 12.54
C6A F43 R . 6.19 -44.56 11.07
O7A F43 R . 5.65 -43.93 10.15
N8A F43 R . 7.04 -45.48 10.81
C9A F43 R . 3.37 -44.29 12.25
CAA F43 R . 3.29 -47.17 12.88
CBA F43 R . 2.88 -47.24 11.41
CCA F43 R . 2.20 -48.53 11.07
ODA F43 R . 2.69 -49.17 10.11
OEA F43 R . 1.19 -48.92 11.73
NB F43 R . 4.83 -47.47 17.46
CHB F43 R . 5.05 -48.02 15.12
C1B F43 R . 5.75 -48.08 16.48
C2B F43 R . 6.02 -49.52 17.00
C3B F43 R . 4.90 -49.74 18.03
C4B F43 R . 4.52 -48.30 18.36
N5B F43 R . 7.10 -47.50 16.41
C6B F43 R . 8.03 -48.30 16.95
O7B F43 R . 9.25 -48.15 16.90
C8B F43 R . 7.37 -49.42 17.72
C9B F43 R . 6.19 -50.61 15.92
CAB F43 R . 3.68 -50.51 17.46
CBB F43 R . 2.49 -50.59 18.40
CCB F43 R . 1.59 -51.72 17.96
ODB F43 R . 2.08 -52.86 17.85
OEB F43 R . 0.39 -51.48 17.76
NC F43 R . 2.82 -45.88 19.00
CHC F43 R . 3.86 -47.94 19.61
C1C F43 R . 3.02 -46.92 19.82
C2C F43 R . 2.22 -46.82 21.09
C3C F43 R . 1.22 -45.73 20.73
C4C F43 R . 1.85 -45.09 19.51
C5C F43 R . 3.19 -46.34 22.18
C6C F43 R . 2.42 -46.33 23.48
O7C F43 R . 1.79 -47.37 23.80
O8C F43 R . 2.39 -45.29 24.19
C8C F43 R . -0.16 -46.29 20.36
C9C F43 R . -0.88 -46.90 21.56
CAC F43 R . -2.35 -47.24 21.31
OBC F43 R . -3.05 -47.53 22.30
OCC F43 R . -2.84 -47.19 20.14
ND F43 R . 2.55 -44.10 16.84
CHD F43 R . 1.38 -43.92 18.96
C5D F43 R . 0.36 -41.42 17.85
C6D F43 R . -0.35 -41.94 19.10
C7D F43 R . 0.51 -42.99 19.77
O8D F43 R . 0.39 -43.02 21.00
C9D F43 R . 0.86 -41.84 14.52
CAD F43 R . 0.30 -40.43 14.57
OBD F43 R . -0.68 -40.14 13.82
OCD F43 R . 0.83 -39.55 15.30
C1D F43 R . 1.63 -43.60 17.67
C2D F43 R . 0.77 -42.59 16.94
C3D F43 R . 1.67 -42.18 15.77
C4D F43 R . 2.46 -43.48 15.53
S SO4 S . 23.65 -14.05 16.52
O1 SO4 S . 24.63 -13.60 15.52
O2 SO4 S . 22.40 -13.25 16.39
O3 SO4 S . 24.23 -13.88 17.88
O4 SO4 S . 23.34 -15.48 16.27
C1 GOL T . 18.48 -4.55 16.49
O1 GOL T . 19.63 -3.68 16.44
C2 GOL T . 18.54 -5.33 17.80
O2 GOL T . 18.88 -4.42 18.86
C3 GOL T . 17.18 -5.94 18.10
O3 GOL T . 17.18 -6.46 19.43
C1 COM U . 5.94 -45.18 19.55
C2 COM U . 7.27 -45.90 19.43
S1 COM U . 5.69 -44.25 18.06
S2 COM U . 7.50 -47.04 20.78
O1S COM U . 8.92 -47.54 20.64
O2S COM U . 6.49 -48.17 20.75
O3S COM U . 7.45 -46.28 22.06
NI F43 V . 28.70 -12.91 -13.73
NA F43 V . 27.08 -12.99 -12.42
CHA F43 V . 26.47 -15.20 -13.14
C1A F43 V . 26.20 -13.89 -12.45
C2A F43 V . 24.90 -13.50 -11.78
C3A F43 V . 25.09 -11.99 -11.62
C4A F43 V . 26.64 -11.94 -11.47
C5A F43 V . 24.79 -14.13 -10.37
C6A F43 V . 23.48 -13.78 -9.66
O7A F43 V . 22.42 -14.34 -9.94
N8A F43 V . 23.55 -12.93 -8.72
C9A F43 V . 23.71 -13.97 -12.64
CAA F43 V . 24.55 -11.11 -12.79
CBA F43 V . 23.03 -10.93 -12.73
CCA F43 V . 22.59 -9.56 -13.17
ODA F43 V . 22.92 -9.14 -14.30
OEA F43 V . 21.87 -8.92 -12.36
NB F43 V . 29.41 -11.26 -12.69
CHB F43 V . 27.30 -10.58 -11.74
C1B F43 V . 28.79 -10.67 -11.47
C2B F43 V . 29.50 -9.28 -11.32
C3B F43 V . 30.18 -9.04 -12.68
C4B F43 V . 30.24 -10.44 -13.22
N5B F43 V . 29.11 -11.31 -10.20
C6B F43 V . 30.00 -10.66 -9.47
O7B F43 V . 30.33 -10.92 -8.31
C8B F43 V . 30.59 -9.52 -10.25
C9B F43 V . 28.63 -8.12 -10.78
CAB F43 V . 29.35 -8.15 -13.62
CBB F43 V . 29.95 -7.96 -15.01
CCB F43 V . 29.32 -6.75 -15.66
ODB F43 V . 28.74 -6.86 -16.77
OEB F43 V . 29.43 -5.62 -15.09
NC F43 V . 30.10 -12.70 -15.23
CHC F43 V . 31.16 -10.74 -14.34
C1C F43 V . 31.03 -11.73 -15.24
C2C F43 V . 32.01 -11.87 -16.36
C3C F43 V . 31.25 -12.84 -17.27
C4C F43 V . 30.20 -13.44 -16.37
C5C F43 V . 33.27 -12.53 -15.79
C6C F43 V . 34.33 -12.55 -16.87
O7C F43 V . 34.62 -11.50 -17.46
O8C F43 V . 34.92 -13.63 -17.16
C8C F43 V . 30.56 -12.11 -18.44
C9C F43 V . 31.55 -11.53 -19.46
CAC F43 V . 30.90 -11.11 -20.76
OBC F43 V . 31.66 -10.79 -21.71
OCC F43 V . 29.65 -11.09 -20.89
ND F43 V . 27.83 -14.32 -14.93
CHD F43 V . 29.45 -14.53 -16.70
C5D F43 V . 27.82 -16.84 -17.52
C6D F43 V . 28.87 -16.37 -18.51
C7D F43 V . 29.85 -15.46 -17.82
O8D F43 V . 30.98 -15.49 -18.26
C9D F43 V . 24.89 -16.27 -15.87
CAD F43 V . 24.62 -17.62 -16.55
OBD F43 V . 23.65 -17.73 -17.34
OCD F43 V . 25.38 -18.61 -16.35
C1D F43 V . 28.27 -14.80 -16.09
C2D F43 V . 27.21 -15.65 -16.76
C3D F43 V . 26.36 -16.04 -15.56
C4D F43 V . 26.49 -14.84 -14.63
S SO4 W . 38.36 -54.91 -13.08
O1 SO4 W . 38.71 -54.34 -14.41
O2 SO4 W . 36.88 -55.04 -12.98
O3 SO4 W . 38.97 -56.26 -12.98
O4 SO4 W . 38.88 -54.04 -11.99
C1 GOL X . 28.57 -54.98 -2.31
O1 GOL X . 28.73 -56.07 -1.38
C2 GOL X . 29.91 -54.78 -2.99
O2 GOL X . 30.93 -54.70 -1.99
C3 GOL X . 29.89 -53.49 -3.80
O3 GOL X . 31.22 -53.16 -4.26
S SO4 Y . 31.02 -46.03 3.28
O1 SO4 Y . 30.50 -46.66 2.05
O2 SO4 Y . 30.97 -44.54 3.19
O3 SO4 Y . 32.44 -46.42 3.51
O4 SO4 Y . 30.19 -46.45 4.44
K K Z . -13.00 29.23 -2.07
C1 COM AA . -7.07 24.08 -27.36
C2 COM AA . -8.31 23.22 -27.42
S1 COM AA . -6.66 24.34 -25.66
S2 COM AA . -8.62 22.71 -29.09
O1S COM AA . -8.84 23.96 -29.93
O2S COM AA . -9.86 21.81 -29.10
O3S COM AA . -7.54 21.84 -29.65
N TP7 BA . -17.92 25.05 -20.04
P TP7 BA . -21.26 21.96 -20.65
O1P TP7 BA . -21.57 21.81 -22.13
O2P TP7 BA . -20.67 20.72 -19.99
O3P TP7 BA . -22.35 22.62 -19.85
O4P TP7 BA . -20.00 23.00 -20.60
CB TP7 BA . -20.18 24.39 -20.82
C TP7 BA . -19.71 24.81 -18.39
O TP7 BA . -19.02 23.94 -17.80
OXT TP7 BA . -20.68 25.38 -17.84
CA TP7 BA . -19.35 25.19 -19.82
CG TP7 BA . -19.91 24.71 -22.29
O1 TP7 BA . -17.68 27.03 -21.10
C1 TP7 BA . -17.18 26.04 -20.55
C2 TP7 BA . -15.68 25.86 -20.46
C3 TP7 BA . -14.93 27.19 -20.56
C4 TP7 BA . -13.44 27.05 -20.27
C5 TP7 BA . -12.70 25.99 -21.09
C6 TP7 BA . -12.52 26.37 -22.56
C7 TP7 BA . -11.58 27.56 -22.71
S7 TP7 BA . -11.45 28.07 -24.45
N TP7 CA . -29.99 34.87 4.70
P TP7 CA . -31.99 38.36 2.55
O1P TP7 CA . -32.00 37.84 1.12
O2P TP7 CA . -33.38 38.57 3.12
O3P TP7 CA . -31.04 39.50 2.82
O4P TP7 CA . -31.33 37.17 3.40
CB TP7 CA . -31.80 35.82 3.29
C TP7 CA . -29.59 35.23 2.33
O TP7 CA . -28.60 35.94 2.65
OXT TP7 CA . -29.75 34.77 1.19
CA TP7 CA . -30.60 34.86 3.39
CG TP7 CA . -32.84 35.56 4.38
O1 TP7 CA . -30.91 32.98 5.43
C1 TP7 CA . -30.09 33.87 5.56
C2 TP7 CA . -29.17 33.94 6.76
C3 TP7 CA . -28.85 32.55 7.31
C4 TP7 CA . -27.69 32.52 8.31
C5 TP7 CA . -27.84 33.51 9.47
C6 TP7 CA . -29.01 33.20 10.41
C7 TP7 CA . -28.71 31.95 11.23
S7 TP7 CA . -30.11 31.55 12.31
NI F43 DA . -26.52 35.94 18.93
NA F43 DA . -25.19 36.67 17.58
CHA F43 DA . -24.36 34.44 17.16
C1A F43 DA . -24.27 35.94 17.09
C2A F43 DA . -23.12 36.73 16.53
C3A F43 DA . -23.49 38.14 17.04
C4A F43 DA . -25.01 38.04 17.09
C5A F43 DA . -23.18 36.68 14.99
C6A F43 DA . -22.15 37.57 14.32
O7A F43 DA . -20.98 37.21 14.22
N8A F43 DA . -22.57 38.66 13.82
C9A F43 DA . -21.81 36.12 17.02
CAA F43 DA . -22.86 38.56 18.38
CBA F43 DA . -21.40 38.95 18.23
CCA F43 DA . -21.09 40.07 19.17
ODA F43 DA . -20.55 41.11 18.72
OEA F43 DA . -21.42 39.94 20.36
NB F43 DA . -27.55 37.73 18.85
CHB F43 DA . -25.76 39.05 17.97
C1B F43 DA . -27.27 38.83 17.92
C2B F43 DA . -28.09 40.05 18.45
C3B F43 DA . -28.52 39.61 19.86
C4B F43 DA . -28.37 38.10 19.73
N5B F43 DA . -27.81 38.61 16.59
C6B F43 DA . -28.84 39.41 16.31
O7B F43 DA . -29.36 39.54 15.21
C8B F43 DA . -29.30 40.15 17.54
C9B F43 DA . -27.38 41.42 18.36
CAB F43 DA . -27.60 40.12 20.99
CBB F43 DA . -27.99 39.62 22.37
CCB F43 DA . -27.38 40.53 23.40
ODB F43 DA . -26.58 40.06 24.24
OEB F43 DA . -27.73 41.73 23.41
NC F43 DA . -27.68 35.28 20.48
CHC F43 DA . -29.14 37.16 20.54
C1C F43 DA . -28.68 35.99 20.98
C2C F43 DA . -29.37 35.30 22.10
C3C F43 DA . -28.40 34.18 22.41
C4C F43 DA . -27.50 34.16 21.20
C5C F43 DA . -30.66 34.76 21.48
C6C F43 DA . -31.49 34.17 22.59
O7C F43 DA . -31.69 34.89 23.60
O8C F43 DA . -31.92 33.00 22.47
C8C F43 DA . -27.55 34.51 23.64
C9C F43 DA . -28.31 34.26 24.93
CAC F43 DA . -27.42 34.38 26.15
OBC F43 DA . -26.19 34.69 26.05
OCC F43 DA . -27.96 34.16 27.23
ND F43 DA . -25.34 34.30 19.30
CHD F43 DA . -26.62 33.16 20.96
C5D F43 DA . -24.77 30.98 20.46
C6D F43 DA . -25.64 30.85 21.72
C7D F43 DA . -26.80 31.82 21.61
O8D F43 DA . -27.86 31.45 22.07
C9D F43 DA . -22.16 32.68 18.97
CAD F43 DA . -21.62 31.27 18.96
OBD F43 DA . -22.28 30.36 18.40
OCD F43 DA . -20.51 31.05 19.49
C1D F43 DA . -25.54 33.34 20.20
C2D F43 DA . -24.33 32.42 20.26
C3D F43 DA . -23.67 32.70 18.92
C4D F43 DA . -24.08 34.14 18.62
S SO4 EA . -28.92 12.60 -10.29
O1 SO4 EA . -28.27 12.52 -11.62
O2 SO4 EA . -30.34 12.21 -10.38
O3 SO4 EA . -28.84 14.00 -9.80
O4 SO4 EA . -28.20 11.71 -9.34
C1 COM FA . -29.51 35.21 17.67
C2 COM FA . -30.11 36.30 16.82
S1 COM FA . -27.89 34.80 17.07
S2 COM FA . -31.60 36.95 17.56
O1S COM FA . -32.40 37.72 16.55
O2S COM FA . -32.53 35.81 17.91
O3S COM FA . -31.29 37.79 18.78
NI F43 GA . -4.52 23.02 -25.72
NA F43 GA . -4.92 22.22 -23.84
CHA F43 GA . -4.48 24.32 -22.78
C1A F43 GA . -4.70 22.83 -22.77
C2A F43 GA . -4.62 21.91 -21.54
C3A F43 GA . -4.50 20.54 -22.23
C4A F43 GA . -5.33 20.85 -23.49
C5A F43 GA . -5.90 22.00 -20.71
C6A F43 GA . -5.91 21.05 -19.50
O7A F43 GA . -5.27 21.29 -18.49
N8A F43 GA . -6.65 20.01 -19.57
C9A F43 GA . -3.43 22.38 -20.68
CAA F43 GA . -3.07 20.04 -22.51
CBA F43 GA . -2.41 19.44 -21.26
CCA F43 GA . -1.56 18.24 -21.59
ODA F43 GA . -0.62 18.34 -22.40
OEA F43 GA . -1.82 17.20 -20.95
NB F43 GA . -5.37 21.36 -26.55
CHB F43 GA . -5.16 19.89 -24.66
C1B F43 GA . -6.06 20.28 -25.83
C2B F43 GA . -6.24 19.15 -26.88
C3B F43 GA . -5.28 19.55 -28.02
C4B F43 GA . -5.14 21.02 -27.76
N5B F43 GA . -7.45 20.59 -25.45
C6B F43 GA . -8.34 19.91 -26.15
O7B F43 GA . -9.54 19.78 -25.88
C8B F43 GA . -7.68 19.30 -27.35
C9B F43 GA . -6.11 17.70 -26.38
CAB F43 GA . -3.91 18.84 -27.97
CBB F43 GA . -2.92 19.34 -29.03
CCB F43 GA . -1.84 18.32 -29.25
ODB F43 GA . -0.63 18.68 -29.15
OEB F43 GA . -2.17 17.15 -29.56
NC F43 GA . -3.81 23.70 -27.52
CHC F43 GA . -4.77 21.96 -28.83
C1C F43 GA . -4.05 23.08 -28.68
C2C F43 GA . -3.50 23.82 -29.86
C3C F43 GA . -2.55 24.81 -29.20
C4C F43 GA . -3.00 24.77 -27.75
C5C F43 GA . -4.68 24.59 -30.49
C6C F43 GA . -4.23 25.23 -31.79
O7C F43 GA . -3.64 24.50 -32.63
O8C F43 GA . -4.45 26.44 -31.99
C8C F43 GA . -1.09 24.36 -29.33
C9C F43 GA . -0.50 24.74 -30.69
CAC F43 GA . 1.00 24.49 -30.77
OBC F43 GA . 1.64 24.03 -29.78
OCC F43 GA . 1.58 24.76 -31.85
ND F43 GA . -3.31 24.45 -24.88
CHD F43 GA . -2.59 25.67 -26.83
C5D F43 GA . -1.63 27.61 -24.90
C6D F43 GA . -1.10 27.77 -26.33
C7D F43 GA . -2.02 27.00 -27.24
O8D F43 GA . -2.27 27.55 -28.32
C9D F43 GA . -1.61 25.81 -21.98
CAD F43 GA . -1.20 27.17 -21.49
OBD F43 GA . -1.92 28.16 -21.72
OCD F43 GA . -0.12 27.27 -20.87
C1D F43 GA . -2.60 25.39 -25.51
C2D F43 GA . -1.73 26.13 -24.52
C3D F43 GA . -2.49 25.87 -23.22
C4D F43 GA . -3.12 24.50 -23.44
S SO4 HA . -26.94 47.82 -9.02
O1 SO4 HA . -27.68 48.36 -10.19
O2 SO4 HA . -25.80 48.71 -8.70
O3 SO4 HA . -26.44 46.46 -9.35
O4 SO4 HA . -27.85 47.73 -7.86
#